data_4DAL
#
_entry.id   4DAL
#
_cell.length_a   85.463
_cell.length_b   150.745
_cell.length_c   159.569
_cell.angle_alpha   90.000
_cell.angle_beta   102.130
_cell.angle_gamma   90.000
#
_symmetry.space_group_name_H-M   'P 1 21 1'
#
loop_
_entity.id
_entity.type
_entity.pdbx_description
1 polymer 'Putative aldehyde dehydrogenase'
2 non-polymer GLYCEROL
3 water water
#
_entity_poly.entity_id   1
_entity_poly.type   'polypeptide(L)'
_entity_poly.pdbx_seq_one_letter_code
;(MSE)HHHHHHSSGVDLGTENLYFQS(MSE)(MSE)DTQLLIGSRFEAGTEAEEHILNPRTGAGIIDLAEASHAQIDAAV
DAAERAFVGWSQTTPAERSNALLKIADAIEKEADEFAALEALNCGKPINAVKNDELPAIIDCWRFFAGAVRNLHAPAAGE
YLPGHTS(MSE)IRRDPIGIVGSIAPWNYPL(MSE)(MSE)(MSE)AWKLAPAIGGGNTVVFKPSEQTPLTALKLARLIA
DILPEGVVNVITGRGETVGNALINHPKVG(MSE)VSITGDIATGKKVLAAAAKTVKRTHLELGGKAPVIVYGDADLEAVV
NGIRTFGYYNAGQDCTAACRIYAEAGIYEKLVADLTSAVSTIRYNLDDDTENEIGPLISRRQRDRVASFVERAADQKHIE
ITTGGRTGSDEGFFFQPTVVAGATQEDEIVRREVFGPVVSVTRFTGKDDAVAWANDSDYGLASSVWTKDISKA(MSE)RA
ASRLQYGCTWINTHF(MSE)LTNE(MSE)PHGGIKQSGYGKD(MSE)SVYALEDYTAVRHI(MSE)INHG
;
_entity_poly.pdbx_strand_id   A,B,C,D,E,F,G,H
#
# COMPACT_ATOMS: atom_id res chain seq x y z
N ASP A 25 28.46 -42.75 -1.27
CA ASP A 25 27.40 -42.66 -0.29
C ASP A 25 26.23 -42.00 -0.95
N THR A 26 25.08 -42.65 -0.95
CA THR A 26 23.95 -42.21 -1.75
C THR A 26 22.68 -41.99 -0.94
N GLN A 27 22.74 -42.27 0.33
CA GLN A 27 21.54 -42.43 1.12
C GLN A 27 21.16 -41.33 2.07
N LEU A 28 19.88 -41.02 2.16
CA LEU A 28 19.41 -39.99 3.10
C LEU A 28 19.44 -40.49 4.54
N LEU A 29 19.94 -39.65 5.45
CA LEU A 29 19.91 -39.97 6.87
C LEU A 29 18.61 -39.49 7.50
N ILE A 30 17.80 -40.45 7.92
CA ILE A 30 16.53 -40.16 8.59
C ILE A 30 16.44 -40.96 9.89
N GLY A 31 16.64 -40.26 11.01
CA GLY A 31 16.61 -40.86 12.33
C GLY A 31 17.56 -42.03 12.43
N SER A 32 17.02 -43.20 12.75
CA SER A 32 17.82 -44.42 12.91
C SER A 32 18.54 -44.82 11.63
N ARG A 33 17.93 -44.53 10.49
CA ARG A 33 18.17 -45.32 9.28
C ARG A 33 18.62 -44.50 8.08
N PHE A 34 19.40 -45.17 7.23
CA PHE A 34 19.71 -44.66 5.91
C PHE A 34 18.74 -45.27 4.91
N GLU A 35 18.27 -44.45 3.98
CA GLU A 35 17.39 -44.90 2.90
C GLU A 35 17.53 -44.00 1.69
N ALA A 36 17.40 -44.60 0.51
CA ALA A 36 17.46 -43.87 -0.75
C ALA A 36 16.21 -43.00 -0.90
N GLY A 37 16.25 -42.06 -1.85
CA GLY A 37 15.07 -41.27 -2.22
C GLY A 37 13.95 -42.12 -2.82
N THR A 38 12.79 -41.49 -2.98
CA THR A 38 11.59 -42.17 -3.47
C THR A 38 11.02 -41.34 -4.63
N GLU A 39 11.48 -40.09 -4.73
CA GLU A 39 10.94 -39.15 -5.71
C GLU A 39 11.86 -38.92 -6.91
N ALA A 40 11.47 -37.99 -7.78
CA ALA A 40 12.21 -37.66 -9.00
C ALA A 40 13.72 -37.64 -8.73
N GLU A 41 14.47 -38.31 -9.60
CA GLU A 41 15.94 -38.31 -9.53
C GLU A 41 16.56 -36.99 -10.01
N GLU A 42 17.67 -36.61 -9.42
CA GLU A 42 18.40 -35.42 -9.85
C GLU A 42 19.70 -35.83 -10.51
N HIS A 43 20.09 -35.06 -11.52
CA HIS A 43 21.24 -35.36 -12.35
C HIS A 43 22.44 -34.60 -11.89
N ILE A 44 23.22 -35.21 -10.99
CA ILE A 44 24.47 -34.65 -10.44
C ILE A 44 25.54 -34.72 -11.53
N LEU A 45 25.93 -33.54 -12.01
CA LEU A 45 26.88 -33.40 -13.11
C LEU A 45 28.24 -33.01 -12.58
N ASN A 46 29.29 -33.45 -13.27
CA ASN A 46 30.66 -32.98 -13.04
C ASN A 46 30.89 -31.70 -13.86
N PRO A 47 30.96 -30.53 -13.21
CA PRO A 47 30.90 -29.29 -14.00
C PRO A 47 32.15 -28.97 -14.81
N ARG A 48 33.19 -29.78 -14.67
CA ARG A 48 34.38 -29.59 -15.50
C ARG A 48 34.13 -30.06 -16.95
N THR A 49 33.25 -31.03 -17.13
CA THR A 49 33.16 -31.74 -18.42
C THR A 49 31.72 -31.95 -18.88
N GLY A 50 30.79 -31.69 -17.97
CA GLY A 50 29.37 -31.77 -18.28
C GLY A 50 28.82 -33.17 -18.14
N ALA A 51 29.71 -34.15 -17.89
CA ALA A 51 29.29 -35.55 -17.77
C ALA A 51 28.60 -35.85 -16.43
N GLY A 52 27.71 -36.84 -16.42
CA GLY A 52 27.03 -37.26 -15.20
C GLY A 52 27.94 -37.98 -14.21
N ILE A 53 27.79 -37.67 -12.93
CA ILE A 53 28.43 -38.46 -11.89
C ILE A 53 27.44 -39.55 -11.44
N ILE A 54 26.32 -39.14 -10.85
CA ILE A 54 25.32 -40.07 -10.35
C ILE A 54 23.94 -39.43 -10.51
N ASP A 55 22.90 -40.25 -10.42
CA ASP A 55 21.53 -39.77 -10.33
C ASP A 55 21.00 -40.06 -8.94
N LEU A 56 20.51 -39.04 -8.27
CA LEU A 56 20.02 -39.18 -6.94
C LEU A 56 18.56 -38.82 -6.82
N ALA A 57 17.75 -39.74 -6.37
CA ALA A 57 16.32 -39.53 -6.13
C ALA A 57 16.07 -38.58 -4.94
N GLU A 58 15.22 -37.55 -5.15
CA GLU A 58 14.75 -36.68 -4.07
C GLU A 58 14.02 -37.44 -2.97
N ALA A 59 13.97 -36.84 -1.78
CA ALA A 59 13.12 -37.31 -0.68
C ALA A 59 11.66 -37.08 -1.01
N SER A 60 10.80 -38.02 -0.61
CA SER A 60 9.34 -37.84 -0.75
C SER A 60 8.84 -36.95 0.38
N HIS A 61 7.59 -36.50 0.27
CA HIS A 61 6.97 -35.66 1.31
C HIS A 61 6.93 -36.44 2.60
N ALA A 62 6.68 -37.74 2.46
CA ALA A 62 6.70 -38.69 3.57
C ALA A 62 8.07 -38.78 4.21
N GLN A 63 9.10 -38.81 3.36
CA GLN A 63 10.49 -38.87 3.82
C GLN A 63 10.85 -37.59 4.57
N ILE A 64 10.41 -36.44 4.04
CA ILE A 64 10.56 -35.16 4.75
C ILE A 64 9.87 -35.24 6.10
N ASP A 65 8.64 -35.74 6.14
CA ASP A 65 7.89 -35.81 7.40
C ASP A 65 8.55 -36.65 8.49
N ALA A 66 9.09 -37.81 8.13
CA ALA A 66 9.76 -38.68 9.08
C ALA A 66 11.06 -38.08 9.61
N ALA A 67 11.80 -37.37 8.75
CA ALA A 67 13.00 -36.66 9.18
C ALA A 67 12.66 -35.64 10.25
N VAL A 68 11.64 -34.82 10.01
CA VAL A 68 11.24 -33.79 10.97
C VAL A 68 10.80 -34.44 12.26
N ASP A 69 10.10 -35.56 12.13
CA ASP A 69 9.61 -36.32 13.28
C ASP A 69 10.77 -36.90 14.10
N ALA A 70 11.80 -37.41 13.43
CA ALA A 70 12.94 -37.99 14.14
C ALA A 70 13.70 -36.87 14.85
N ALA A 71 13.76 -35.71 14.21
CA ALA A 71 14.33 -34.53 14.83
C ALA A 71 13.50 -34.13 16.03
N GLU A 72 12.18 -34.29 15.94
CA GLU A 72 11.30 -33.89 17.03
C GLU A 72 11.51 -34.76 18.26
N ARG A 73 11.68 -36.05 18.05
CA ARG A 73 11.74 -36.94 19.19
C ARG A 73 13.15 -36.96 19.79
N ALA A 74 14.13 -36.56 18.99
CA ALA A 74 15.51 -36.50 19.43
C ALA A 74 15.77 -35.24 20.25
N PHE A 75 14.98 -34.19 20.00
CA PHE A 75 15.10 -32.93 20.72
C PHE A 75 14.85 -33.10 22.20
N VAL A 76 14.09 -34.13 22.56
CA VAL A 76 13.72 -34.39 23.93
C VAL A 76 14.98 -34.61 24.76
N GLY A 77 15.79 -35.60 24.36
CA GLY A 77 17.09 -35.84 24.98
C GLY A 77 18.16 -34.80 24.67
N TRP A 78 18.26 -34.40 23.40
CA TRP A 78 19.38 -33.57 22.97
C TRP A 78 19.41 -32.20 23.56
N SER A 79 18.23 -31.61 23.73
CA SER A 79 18.13 -30.28 24.33
C SER A 79 18.45 -30.28 25.80
N GLN A 80 18.51 -31.47 26.41
CA GLN A 80 18.75 -31.54 27.84
C GLN A 80 20.19 -31.90 28.15
N THR A 81 21.02 -31.95 27.12
CA THR A 81 22.44 -32.26 27.28
C THR A 81 23.23 -31.04 27.80
N THR A 82 24.35 -31.29 28.45
CA THR A 82 25.21 -30.25 29.01
C THR A 82 26.10 -29.68 27.91
N PRO A 83 26.62 -28.45 28.09
CA PRO A 83 27.48 -27.98 27.03
C PRO A 83 28.70 -28.88 26.78
N ALA A 84 29.23 -29.50 27.83
CA ALA A 84 30.39 -30.38 27.70
C ALA A 84 30.07 -31.60 26.84
N GLU A 85 28.88 -32.15 27.03
CA GLU A 85 28.43 -33.28 26.21
C GLU A 85 28.35 -32.89 24.73
N ARG A 86 27.75 -31.74 24.44
CA ARG A 86 27.62 -31.28 23.06
C ARG A 86 28.95 -30.93 22.43
N SER A 87 29.82 -30.29 23.20
CA SER A 87 31.17 -29.94 22.76
C SER A 87 32.01 -31.16 22.36
N ASN A 88 31.98 -32.20 23.16
CA ASN A 88 32.70 -33.43 22.82
C ASN A 88 32.22 -34.06 21.53
N ALA A 89 30.91 -33.96 21.27
CA ALA A 89 30.33 -34.47 20.04
C ALA A 89 30.95 -33.77 18.85
N LEU A 90 31.03 -32.44 18.94
CA LEU A 90 31.59 -31.62 17.88
C LEU A 90 33.06 -31.92 17.63
N LEU A 91 33.81 -32.12 18.69
CA LEU A 91 35.23 -32.48 18.58
C LEU A 91 35.37 -33.76 17.83
N LYS A 92 34.48 -34.70 18.11
CA LYS A 92 34.49 -36.00 17.44
C LYS A 92 34.23 -35.83 15.95
N ILE A 93 33.21 -35.04 15.63
CA ILE A 93 32.86 -34.79 14.23
C ILE A 93 34.09 -34.24 13.52
N ALA A 94 34.78 -33.31 14.17
CA ALA A 94 36.03 -32.75 13.65
C ALA A 94 37.11 -33.81 13.39
N ASP A 95 37.34 -34.68 14.39
CA ASP A 95 38.25 -35.82 14.25
C ASP A 95 37.86 -36.67 13.06
N ALA A 96 36.56 -36.81 12.83
CA ALA A 96 36.09 -37.71 11.77
C ALA A 96 36.42 -37.12 10.39
N ILE A 97 36.08 -35.85 10.20
CA ILE A 97 36.36 -35.14 8.96
C ILE A 97 37.86 -35.12 8.71
N GLU A 98 38.63 -34.86 9.76
CA GLU A 98 40.10 -34.79 9.67
C GLU A 98 40.71 -36.10 9.16
N LYS A 99 40.24 -37.23 9.69
CA LYS A 99 40.65 -38.57 9.23
C LYS A 99 40.41 -38.78 7.74
N GLU A 100 39.29 -38.27 7.24
CA GLU A 100 38.92 -38.47 5.84
C GLU A 100 39.09 -37.19 5.01
N ALA A 101 39.93 -36.28 5.49
CA ALA A 101 40.11 -34.97 4.84
C ALA A 101 40.36 -35.08 3.33
N ASP A 102 41.25 -36.00 2.95
CA ASP A 102 41.61 -36.21 1.56
C ASP A 102 40.46 -36.70 0.68
N GLU A 103 39.66 -37.61 1.23
CA GLU A 103 38.51 -38.16 0.53
C GLU A 103 37.44 -37.08 0.40
N PHE A 104 37.21 -36.33 1.48
CA PHE A 104 36.25 -35.24 1.40
C PHE A 104 36.64 -34.23 0.34
N ALA A 105 37.94 -33.94 0.26
CA ALA A 105 38.46 -32.95 -0.69
C ALA A 105 38.20 -33.36 -2.13
N ALA A 106 38.56 -34.61 -2.44
CA ALA A 106 38.51 -35.16 -3.78
C ALA A 106 37.08 -35.21 -4.26
N LEU A 107 36.19 -35.63 -3.36
CA LEU A 107 34.75 -35.71 -3.62
C LEU A 107 34.09 -34.32 -3.81
N GLU A 108 34.64 -33.30 -3.16
CA GLU A 108 34.19 -31.91 -3.28
C GLU A 108 34.84 -31.27 -4.51
N ALA A 109 35.99 -31.82 -4.90
CA ALA A 109 36.67 -31.37 -6.10
C ALA A 109 35.97 -31.93 -7.34
N LEU A 110 35.43 -33.13 -7.22
CA LEU A 110 34.59 -33.69 -8.23
C LEU A 110 33.24 -33.00 -8.41
N ASN A 111 32.55 -32.78 -7.30
CA ASN A 111 31.22 -32.25 -7.33
C ASN A 111 31.21 -30.85 -7.90
N CYS A 112 32.20 -30.05 -7.53
CA CYS A 112 32.25 -28.65 -7.90
C CYS A 112 33.34 -28.28 -8.86
N GLY A 113 34.24 -29.19 -9.14
CA GLY A 113 35.32 -28.91 -10.09
C GLY A 113 36.30 -27.88 -9.54
N LYS A 114 36.35 -27.75 -8.22
CA LYS A 114 37.29 -26.88 -7.56
C LYS A 114 38.66 -27.51 -7.73
N PRO A 115 39.69 -26.69 -8.01
CA PRO A 115 41.02 -27.28 -8.10
C PRO A 115 41.35 -28.00 -6.80
N ILE A 116 41.91 -29.21 -6.91
CA ILE A 116 42.11 -30.08 -5.73
C ILE A 116 42.92 -29.45 -4.57
N ASN A 117 43.96 -28.70 -4.90
CA ASN A 117 44.86 -28.21 -3.86
C ASN A 117 44.28 -27.04 -3.10
N ALA A 118 43.47 -26.23 -3.80
CA ALA A 118 42.67 -25.19 -3.17
C ALA A 118 41.68 -25.77 -2.12
N VAL A 119 41.17 -26.97 -2.38
CA VAL A 119 40.28 -27.65 -1.46
C VAL A 119 41.05 -28.29 -0.30
N LYS A 120 42.14 -28.99 -0.63
CA LYS A 120 42.96 -29.69 0.38
C LYS A 120 43.51 -28.71 1.42
N ASN A 121 43.90 -27.53 0.94
CA ASN A 121 44.65 -26.54 1.71
C ASN A 121 43.79 -25.43 2.29
N ASP A 122 42.78 -24.99 1.56
CA ASP A 122 42.01 -23.86 2.04
C ASP A 122 40.75 -24.31 2.75
N GLU A 123 39.95 -25.16 2.09
CA GLU A 123 38.61 -25.47 2.60
C GLU A 123 38.60 -26.45 3.75
N LEU A 124 39.14 -27.64 3.54
CA LEU A 124 39.14 -28.66 4.61
C LEU A 124 39.67 -28.17 5.97
N PRO A 125 40.85 -27.52 5.99
CA PRO A 125 41.27 -27.09 7.31
C PRO A 125 40.36 -26.04 7.95
N ALA A 126 39.79 -25.12 7.17
CA ALA A 126 38.83 -24.19 7.77
C ALA A 126 37.64 -24.94 8.31
N ILE A 127 37.18 -25.93 7.55
CA ILE A 127 36.02 -26.74 7.87
C ILE A 127 36.20 -27.47 9.21
N ILE A 128 37.31 -28.20 9.30
CA ILE A 128 37.70 -28.89 10.53
C ILE A 128 37.90 -27.92 11.67
N ASP A 129 38.65 -26.83 11.44
CA ASP A 129 38.78 -25.75 12.44
C ASP A 129 37.42 -25.19 12.90
N CYS A 130 36.42 -25.27 12.03
CA CYS A 130 35.10 -24.69 12.35
C CYS A 130 34.37 -25.54 13.37
N TRP A 131 34.36 -26.85 13.14
CA TRP A 131 33.77 -27.79 14.07
C TRP A 131 34.43 -27.63 15.40
N ARG A 132 35.73 -27.38 15.39
CA ARG A 132 36.50 -27.22 16.62
C ARG A 132 36.25 -25.88 17.25
N PHE A 133 36.18 -24.81 16.46
CA PHE A 133 35.77 -23.51 17.10
C PHE A 133 34.50 -23.70 17.89
N PHE A 134 33.49 -24.34 17.29
CA PHE A 134 32.18 -24.36 17.96
C PHE A 134 32.13 -25.26 19.19
N ALA A 135 32.95 -26.32 19.21
CA ALA A 135 33.17 -27.10 20.43
C ALA A 135 33.54 -26.15 21.60
N GLY A 136 34.37 -25.15 21.31
CA GLY A 136 34.79 -24.22 22.35
C GLY A 136 33.68 -23.24 22.68
N ALA A 137 33.07 -22.68 21.63
CA ALA A 137 32.06 -21.62 21.81
C ALA A 137 30.88 -22.08 22.67
N VAL A 138 30.47 -23.33 22.48
CA VAL A 138 29.40 -23.99 23.23
C VAL A 138 29.59 -23.91 24.75
N ARG A 139 30.82 -24.14 25.20
CA ARG A 139 31.09 -24.08 26.63
C ARG A 139 31.41 -22.66 27.08
N ASN A 140 31.23 -21.64 26.23
CA ASN A 140 31.71 -20.30 26.61
C ASN A 140 30.78 -19.12 26.39
N LEU A 141 29.48 -19.36 26.37
CA LEU A 141 28.47 -18.27 26.26
C LEU A 141 28.39 -17.37 27.48
N HIS A 142 28.25 -16.07 27.27
CA HIS A 142 28.11 -15.11 28.38
C HIS A 142 26.74 -14.53 28.43
N ALA A 143 26.44 -13.77 29.49
CA ALA A 143 25.15 -13.13 29.66
C ALA A 143 25.28 -12.18 30.84
N PRO A 144 24.30 -11.29 31.05
CA PRO A 144 24.38 -10.42 32.21
C PRO A 144 24.42 -11.27 33.47
N ALA A 145 25.16 -10.82 34.48
CA ALA A 145 25.46 -11.58 35.67
C ALA A 145 24.21 -11.91 36.50
N ALA A 146 24.22 -13.08 37.15
CA ALA A 146 23.15 -13.42 38.10
C ALA A 146 23.24 -12.50 39.32
N GLY A 147 22.08 -12.15 39.90
CA GLY A 147 22.09 -11.33 41.12
C GLY A 147 20.71 -10.80 41.44
N GLU A 148 20.64 -9.97 42.47
CA GLU A 148 19.40 -9.35 42.88
C GLU A 148 19.22 -7.99 42.20
N TYR A 149 18.56 -7.96 41.07
CA TYR A 149 18.12 -6.72 40.45
C TYR A 149 16.94 -6.04 41.14
N LEU A 150 16.03 -6.83 41.65
CA LEU A 150 14.99 -6.39 42.54
C LEU A 150 15.33 -6.94 43.88
N PRO A 151 14.98 -6.24 44.94
CA PRO A 151 15.23 -6.75 46.28
C PRO A 151 14.53 -8.06 46.56
N GLY A 152 15.24 -9.00 47.11
CA GLY A 152 14.65 -10.29 47.45
C GLY A 152 14.39 -11.19 46.25
N HIS A 153 14.91 -10.85 45.07
CA HIS A 153 14.72 -11.68 43.89
C HIS A 153 16.02 -11.90 43.18
N THR A 154 16.44 -13.16 43.04
CA THR A 154 17.64 -13.49 42.30
C THR A 154 17.29 -13.82 40.88
N SER A 155 17.83 -13.03 39.95
CA SER A 155 17.70 -13.28 38.54
C SER A 155 18.96 -13.86 37.97
N ILE A 157 20.42 -15.32 33.75
CA ILE A 157 20.08 -15.53 32.36
C ILE A 157 20.65 -16.86 31.84
N ARG A 158 19.83 -17.65 31.14
CA ARG A 158 20.27 -18.84 30.42
C ARG A 158 20.18 -18.66 28.89
N ARG A 159 20.86 -19.50 28.14
CA ARG A 159 20.58 -19.65 26.71
C ARG A 159 20.18 -21.08 26.40
N ASP A 160 18.90 -21.29 26.15
CA ASP A 160 18.39 -22.64 25.88
C ASP A 160 18.30 -22.94 24.38
N PRO A 161 18.07 -24.22 24.01
CA PRO A 161 17.79 -24.51 22.59
C PRO A 161 16.52 -23.83 22.10
N ILE A 162 16.31 -23.85 20.78
CA ILE A 162 15.14 -23.23 20.21
C ILE A 162 14.10 -24.25 19.82
N GLY A 163 14.52 -25.31 19.14
CA GLY A 163 13.60 -26.32 18.68
C GLY A 163 14.24 -27.07 17.54
N ILE A 164 13.44 -27.29 16.49
CA ILE A 164 13.87 -27.98 15.31
C ILE A 164 14.22 -26.96 14.20
N VAL A 165 15.40 -27.15 13.62
CA VAL A 165 15.93 -26.26 12.61
C VAL A 165 15.87 -26.93 11.23
N GLY A 166 15.28 -26.22 10.27
CA GLY A 166 15.37 -26.57 8.86
C GLY A 166 16.47 -25.72 8.23
N SER A 167 17.49 -26.38 7.68
CA SER A 167 18.69 -25.73 7.15
C SER A 167 18.92 -26.09 5.71
N ILE A 168 19.18 -25.06 4.91
CA ILE A 168 19.45 -25.23 3.47
C ILE A 168 20.78 -24.57 3.08
N ALA A 169 21.65 -25.36 2.47
CA ALA A 169 22.94 -24.89 2.00
C ALA A 169 22.91 -24.65 0.50
N PRO A 170 23.76 -23.72 0.02
CA PRO A 170 23.92 -23.48 -1.41
C PRO A 170 25.04 -24.39 -1.96
N TRP A 171 25.40 -24.22 -3.25
CA TRP A 171 26.29 -25.18 -3.90
CA TRP A 171 26.28 -25.16 -3.94
C TRP A 171 27.72 -24.75 -3.94
N ASN A 172 27.99 -23.50 -3.54
CA ASN A 172 29.31 -22.94 -3.75
C ASN A 172 30.44 -23.46 -2.86
N TYR A 173 30.14 -23.71 -1.58
CA TYR A 173 31.06 -24.45 -0.69
C TYR A 173 30.26 -25.47 0.13
N PRO A 174 29.88 -26.58 -0.51
CA PRO A 174 28.94 -27.52 0.08
C PRO A 174 29.28 -27.89 1.54
N LEU A 175 30.44 -28.53 1.75
CA LEU A 175 30.81 -29.08 3.04
C LEU A 175 31.05 -28.00 4.09
N ALA A 179 28.99 -27.33 7.72
CA ALA A 179 29.58 -26.99 9.00
C ALA A 179 28.98 -25.70 9.60
N TRP A 180 28.83 -24.67 8.77
CA TRP A 180 28.26 -23.39 9.25
C TRP A 180 26.87 -23.54 9.73
N LYS A 181 26.11 -24.46 9.13
CA LYS A 181 24.73 -24.62 9.50
C LYS A 181 24.52 -25.61 10.65
N LEU A 182 25.26 -26.71 10.65
CA LEU A 182 25.06 -27.76 11.64
C LEU A 182 25.64 -27.45 13.01
N ALA A 183 26.94 -27.12 13.03
CA ALA A 183 27.69 -26.97 14.27
C ALA A 183 27.01 -26.00 15.29
N PRO A 184 26.68 -24.75 14.87
CA PRO A 184 26.05 -23.91 15.91
C PRO A 184 24.65 -24.39 16.31
N ALA A 185 23.83 -24.81 15.39
CA ALA A 185 22.52 -25.27 15.77
C ALA A 185 22.52 -26.52 16.64
N ILE A 186 23.33 -27.49 16.29
CA ILE A 186 23.53 -28.64 17.13
C ILE A 186 24.20 -28.30 18.42
N GLY A 187 25.15 -27.41 18.37
CA GLY A 187 25.81 -26.95 19.54
C GLY A 187 24.91 -26.26 20.50
N GLY A 188 23.94 -25.54 19.98
CA GLY A 188 22.91 -24.87 20.78
C GLY A 188 21.90 -25.84 21.41
N GLY A 189 21.99 -27.12 21.07
CA GLY A 189 21.08 -28.09 21.66
C GLY A 189 19.81 -28.26 20.84
N ASN A 190 19.85 -27.74 19.61
CA ASN A 190 18.80 -27.98 18.65
C ASN A 190 18.99 -29.27 17.87
N THR A 191 17.92 -29.69 17.20
CA THR A 191 18.05 -30.79 16.26
C THR A 191 17.84 -30.22 14.86
N VAL A 192 18.37 -30.90 13.85
CA VAL A 192 18.36 -30.30 12.52
C VAL A 192 17.97 -31.27 11.43
N VAL A 193 17.16 -30.75 10.49
CA VAL A 193 16.96 -31.34 9.19
C VAL A 193 17.65 -30.48 8.11
N PHE A 194 18.67 -31.06 7.50
CA PHE A 194 19.52 -30.36 6.58
C PHE A 194 19.32 -30.84 5.14
N LYS A 195 19.29 -29.88 4.22
CA LYS A 195 19.18 -30.13 2.80
C LYS A 195 20.27 -29.36 2.05
N PRO A 196 21.21 -30.08 1.42
CA PRO A 196 22.20 -29.47 0.56
C PRO A 196 21.58 -29.03 -0.77
N SER A 197 22.36 -28.30 -1.57
CA SER A 197 21.84 -27.80 -2.81
C SER A 197 21.59 -29.00 -3.69
N GLU A 198 20.64 -28.85 -4.62
CA GLU A 198 20.23 -29.95 -5.50
C GLU A 198 21.40 -30.60 -6.26
N GLN A 199 22.39 -29.80 -6.63
CA GLN A 199 23.54 -30.26 -7.44
C GLN A 199 24.81 -30.68 -6.67
N THR A 200 24.88 -30.34 -5.40
CA THR A 200 26.05 -30.65 -4.58
C THR A 200 25.69 -31.40 -3.29
N PRO A 201 24.90 -32.49 -3.39
CA PRO A 201 24.59 -33.20 -2.17
C PRO A 201 25.69 -34.16 -1.68
N LEU A 202 26.74 -34.33 -2.46
CA LEU A 202 27.64 -35.48 -2.25
C LEU A 202 28.38 -35.53 -0.94
N THR A 203 29.03 -34.42 -0.56
CA THR A 203 29.82 -34.43 0.66
C THR A 203 28.91 -34.52 1.87
N ALA A 204 27.66 -34.08 1.71
CA ALA A 204 26.71 -34.05 2.81
C ALA A 204 26.21 -35.46 3.14
N LEU A 205 26.10 -36.29 2.12
CA LEU A 205 25.73 -37.69 2.34
C LEU A 205 26.91 -38.49 2.89
N LYS A 206 28.12 -38.17 2.47
CA LYS A 206 29.27 -38.82 3.07
C LYS A 206 29.40 -38.42 4.55
N LEU A 207 29.21 -37.12 4.83
CA LEU A 207 29.28 -36.63 6.20
C LEU A 207 28.20 -37.26 7.07
N ALA A 208 26.99 -37.30 6.54
CA ALA A 208 25.86 -37.94 7.20
C ALA A 208 26.26 -39.29 7.82
N ARG A 209 27.01 -40.08 7.08
CA ARG A 209 27.44 -41.40 7.50
C ARG A 209 28.28 -41.33 8.77
N LEU A 210 29.26 -40.44 8.78
CA LEU A 210 30.16 -40.29 9.93
C LEU A 210 29.42 -39.73 11.14
N ILE A 211 28.62 -38.70 10.89
CA ILE A 211 27.79 -38.11 11.91
C ILE A 211 26.87 -39.16 12.56
N ALA A 212 26.29 -40.02 11.75
CA ALA A 212 25.38 -41.07 12.24
C ALA A 212 25.99 -41.94 13.32
N ASP A 213 27.30 -42.18 13.22
CA ASP A 213 28.07 -42.95 14.19
C ASP A 213 28.40 -42.20 15.48
N ILE A 214 28.29 -40.87 15.43
CA ILE A 214 28.70 -40.01 16.55
C ILE A 214 27.51 -39.48 17.35
N LEU A 215 26.52 -38.92 16.65
CA LEU A 215 25.36 -38.31 17.33
C LEU A 215 24.25 -39.30 17.66
N PRO A 216 23.37 -38.96 18.64
CA PRO A 216 22.20 -39.82 18.77
C PRO A 216 21.34 -39.66 17.51
N GLU A 217 20.70 -40.74 17.09
CA GLU A 217 19.73 -40.74 15.99
C GLU A 217 18.80 -39.50 15.99
N GLY A 218 18.69 -38.86 14.82
CA GLY A 218 17.71 -37.80 14.63
C GLY A 218 18.12 -36.42 15.08
N VAL A 219 19.32 -36.29 15.63
CA VAL A 219 19.83 -34.97 16.00
C VAL A 219 20.22 -34.20 14.74
N VAL A 220 20.87 -34.90 13.82
CA VAL A 220 21.06 -34.43 12.44
C VAL A 220 20.35 -35.40 11.48
N ASN A 221 19.52 -34.85 10.60
CA ASN A 221 18.91 -35.63 9.51
C ASN A 221 19.25 -34.93 8.21
N VAL A 222 19.49 -35.70 7.16
CA VAL A 222 19.90 -35.12 5.90
C VAL A 222 19.01 -35.63 4.77
N ILE A 223 18.21 -34.71 4.22
CA ILE A 223 17.36 -34.97 3.04
C ILE A 223 17.95 -34.27 1.83
N THR A 224 17.66 -34.76 0.62
CA THR A 224 18.13 -34.08 -0.62
C THR A 224 16.95 -33.72 -1.53
N GLY A 225 17.20 -32.88 -2.54
CA GLY A 225 16.19 -32.54 -3.54
C GLY A 225 16.18 -31.08 -3.97
N ARG A 226 15.30 -30.76 -4.93
CA ARG A 226 15.16 -29.40 -5.44
C ARG A 226 14.49 -28.51 -4.42
N GLY A 227 14.86 -27.23 -4.42
CA GLY A 227 14.26 -26.26 -3.51
C GLY A 227 12.77 -26.03 -3.70
N GLU A 228 12.32 -26.06 -4.94
CA GLU A 228 10.92 -25.80 -5.28
C GLU A 228 10.00 -26.82 -4.64
N THR A 229 10.53 -28.02 -4.40
CA THR A 229 9.73 -29.12 -3.93
C THR A 229 10.11 -29.56 -2.50
N VAL A 230 11.37 -29.93 -2.30
CA VAL A 230 11.86 -30.43 -1.01
C VAL A 230 12.16 -29.26 -0.07
N GLY A 231 12.83 -28.25 -0.59
CA GLY A 231 13.13 -27.07 0.20
C GLY A 231 11.86 -26.45 0.73
N ASN A 232 10.90 -26.27 -0.17
CA ASN A 232 9.64 -25.62 0.13
C ASN A 232 8.85 -26.35 1.20
N ALA A 233 8.81 -27.68 1.12
CA ALA A 233 8.06 -28.45 2.10
C ALA A 233 8.70 -28.40 3.49
N LEU A 234 10.03 -28.33 3.50
CA LEU A 234 10.77 -28.23 4.77
C LEU A 234 10.52 -26.89 5.49
N ILE A 235 10.65 -25.79 4.75
CA ILE A 235 10.51 -24.46 5.33
C ILE A 235 9.06 -24.13 5.72
N ASN A 236 8.12 -24.93 5.20
CA ASN A 236 6.70 -24.72 5.43
C ASN A 236 6.11 -25.71 6.43
N HIS A 237 6.94 -26.65 6.87
CA HIS A 237 6.52 -27.67 7.80
C HIS A 237 6.24 -27.06 9.15
N PRO A 238 5.03 -27.30 9.70
CA PRO A 238 4.60 -26.64 10.94
C PRO A 238 5.50 -26.87 12.17
N LYS A 239 6.19 -28.01 12.22
CA LYS A 239 6.99 -28.38 13.41
C LYS A 239 8.34 -27.66 13.53
N VAL A 240 8.76 -27.03 12.43
CA VAL A 240 10.07 -26.40 12.30
C VAL A 240 10.00 -24.98 12.85
N GLY A 241 10.84 -24.68 13.84
CA GLY A 241 10.79 -23.40 14.56
C GLY A 241 11.74 -22.35 14.02
N VAL A 243 14.44 -21.49 10.50
CA VAL A 243 14.93 -21.84 9.20
C VAL A 243 16.14 -20.98 8.93
N SER A 244 17.19 -21.63 8.52
CA SER A 244 18.40 -20.95 8.14
C SER A 244 18.75 -21.30 6.72
N ILE A 245 18.97 -20.30 5.92
CA ILE A 245 19.32 -20.47 4.55
C ILE A 245 20.46 -19.56 4.16
N THR A 246 21.33 -20.06 3.31
CA THR A 246 22.26 -19.26 2.57
C THR A 246 21.94 -19.49 1.13
N GLY A 247 21.63 -18.43 0.40
CA GLY A 247 21.37 -18.49 -1.04
C GLY A 247 21.23 -17.09 -1.60
N ASP A 248 20.39 -16.95 -2.62
CA ASP A 248 20.13 -15.66 -3.22
C ASP A 248 18.87 -15.03 -2.64
N ILE A 249 18.69 -13.74 -2.93
CA ILE A 249 17.62 -12.92 -2.40
C ILE A 249 16.24 -13.50 -2.72
N ALA A 250 16.03 -13.90 -3.96
CA ALA A 250 14.76 -14.48 -4.37
C ALA A 250 14.28 -15.51 -3.33
N THR A 251 15.21 -16.36 -2.90
CA THR A 251 14.91 -17.50 -2.03
C THR A 251 14.73 -17.07 -0.58
N GLY A 252 15.47 -16.05 -0.20
CA GLY A 252 15.36 -15.44 1.10
C GLY A 252 13.98 -14.88 1.28
N LYS A 253 13.44 -14.30 0.20
CA LYS A 253 12.07 -13.76 0.24
C LYS A 253 11.05 -14.87 0.39
N LYS A 254 11.20 -15.95 -0.38
CA LYS A 254 10.39 -17.15 -0.19
C LYS A 254 10.44 -17.69 1.23
N VAL A 255 11.63 -17.84 1.78
CA VAL A 255 11.76 -18.33 3.16
C VAL A 255 11.02 -17.38 4.09
N LEU A 256 11.26 -16.09 3.90
CA LEU A 256 10.68 -15.09 4.79
C LEU A 256 9.18 -15.04 4.68
N ALA A 257 8.65 -15.33 3.50
CA ALA A 257 7.20 -15.34 3.29
C ALA A 257 6.59 -16.57 3.93
N ALA A 258 7.34 -17.67 3.88
CA ALA A 258 6.92 -18.91 4.52
C ALA A 258 6.93 -18.82 6.03
N ALA A 259 7.86 -18.04 6.58
CA ALA A 259 7.94 -17.84 8.02
C ALA A 259 6.75 -17.04 8.54
N ALA A 260 6.19 -16.18 7.68
CA ALA A 260 5.08 -15.31 8.05
C ALA A 260 3.87 -16.11 8.46
N LYS A 261 3.82 -17.37 8.03
CA LYS A 261 2.72 -18.29 8.33
C LYS A 261 2.66 -18.69 9.80
N THR A 262 3.76 -19.20 10.35
CA THR A 262 3.74 -19.75 11.69
C THR A 262 4.71 -19.07 12.65
N VAL A 263 5.18 -17.88 12.25
CA VAL A 263 6.13 -17.06 13.01
C VAL A 263 7.42 -17.80 13.35
N LYS A 264 8.04 -18.39 12.34
CA LYS A 264 9.34 -19.06 12.50
C LYS A 264 10.47 -18.06 12.55
N ARG A 265 11.44 -18.31 13.42
CA ARG A 265 12.71 -17.62 13.39
C ARG A 265 13.44 -17.88 12.06
N THR A 266 14.17 -16.87 11.61
CA THR A 266 14.87 -16.96 10.35
C THR A 266 16.33 -16.50 10.52
N HIS A 267 17.18 -17.06 9.67
CA HIS A 267 18.61 -16.81 9.65
C HIS A 267 19.02 -16.82 8.19
N LEU A 268 19.36 -15.65 7.65
CA LEU A 268 19.40 -15.44 6.21
C LEU A 268 20.69 -14.82 5.79
N GLU A 269 21.37 -15.49 4.88
CA GLU A 269 22.59 -14.94 4.29
C GLU A 269 22.37 -14.96 2.79
N LEU A 270 22.14 -13.79 2.22
CA LEU A 270 21.64 -13.74 0.84
C LEU A 270 22.58 -13.13 -0.19
N GLY A 271 23.87 -13.15 0.10
CA GLY A 271 24.84 -12.76 -0.92
C GLY A 271 25.25 -11.32 -0.79
N GLY A 272 26.22 -10.92 -1.60
CA GLY A 272 26.77 -9.59 -1.50
C GLY A 272 27.31 -9.10 -2.81
N LYS A 273 27.82 -7.88 -2.76
CA LYS A 273 28.44 -7.24 -3.87
C LYS A 273 29.51 -6.40 -3.22
N ALA A 274 30.57 -7.06 -2.80
CA ALA A 274 31.59 -6.43 -1.95
C ALA A 274 32.30 -5.29 -2.68
N PRO A 275 32.18 -4.07 -2.13
CA PRO A 275 32.93 -2.93 -2.64
C PRO A 275 34.38 -3.03 -2.20
N VAL A 276 35.28 -2.55 -3.05
CA VAL A 276 36.72 -2.62 -2.80
C VAL A 276 37.16 -1.21 -3.11
N ILE A 277 37.33 -0.38 -2.09
CA ILE A 277 37.73 1.00 -2.35
C ILE A 277 39.25 1.05 -2.41
N VAL A 278 39.75 1.49 -3.56
CA VAL A 278 41.16 1.59 -3.84
C VAL A 278 41.53 3.05 -4.01
N TYR A 279 42.20 3.62 -3.00
CA TYR A 279 42.65 5.02 -3.03
C TYR A 279 43.98 5.20 -3.75
N GLY A 280 44.30 6.46 -4.06
CA GLY A 280 45.48 6.82 -4.86
C GLY A 280 46.76 6.29 -4.26
N ASP A 281 46.79 6.22 -2.93
CA ASP A 281 48.00 5.86 -2.22
C ASP A 281 48.05 4.38 -1.77
N ALA A 282 47.22 3.53 -2.36
CA ALA A 282 47.25 2.09 -2.08
C ALA A 282 48.49 1.44 -2.66
N ASP A 283 48.97 0.36 -2.03
CA ASP A 283 49.98 -0.48 -2.65
C ASP A 283 49.36 -1.18 -3.85
N LEU A 284 49.47 -0.55 -5.02
CA LEU A 284 48.77 -1.00 -6.20
C LEU A 284 49.16 -2.40 -6.67
N GLU A 285 50.36 -2.85 -6.32
CA GLU A 285 50.79 -4.19 -6.70
C GLU A 285 49.99 -5.23 -5.91
N ALA A 286 49.86 -4.98 -4.62
CA ALA A 286 49.11 -5.85 -3.70
C ALA A 286 47.59 -5.82 -3.96
N VAL A 287 47.10 -4.71 -4.49
CA VAL A 287 45.70 -4.57 -4.84
C VAL A 287 45.39 -5.47 -6.03
N VAL A 288 46.17 -5.31 -7.09
CA VAL A 288 46.04 -6.14 -8.28
C VAL A 288 46.14 -7.62 -7.93
N ASN A 289 47.12 -8.00 -7.13
CA ASN A 289 47.16 -9.39 -6.68
C ASN A 289 45.97 -9.82 -5.80
N GLY A 290 45.42 -8.87 -5.02
CA GLY A 290 44.27 -9.19 -4.20
C GLY A 290 43.03 -9.51 -5.01
N ILE A 291 42.83 -8.77 -6.10
CA ILE A 291 41.63 -8.93 -6.90
C ILE A 291 41.80 -10.15 -7.79
N ARG A 292 43.03 -10.40 -8.21
CA ARG A 292 43.32 -11.56 -9.04
C ARG A 292 42.89 -12.83 -8.34
N THR A 293 43.22 -12.93 -7.06
CA THR A 293 42.86 -14.11 -6.29
C THR A 293 41.39 -14.01 -5.87
N PHE A 294 41.03 -12.94 -5.17
CA PHE A 294 39.77 -12.86 -4.43
C PHE A 294 38.56 -12.38 -5.23
N GLY A 295 38.80 -11.84 -6.42
CA GLY A 295 37.70 -11.52 -7.32
C GLY A 295 37.27 -12.76 -8.07
N TYR A 296 38.19 -13.74 -8.17
CA TYR A 296 37.99 -14.91 -9.06
C TYR A 296 37.93 -16.28 -8.40
N TYR A 297 38.42 -16.38 -7.17
CA TYR A 297 38.38 -17.64 -6.41
C TYR A 297 37.00 -18.28 -6.47
N ASN A 298 36.97 -19.58 -6.72
CA ASN A 298 35.73 -20.33 -6.83
C ASN A 298 34.89 -19.83 -8.02
N ALA A 299 35.61 -19.34 -9.04
CA ALA A 299 35.03 -18.68 -10.21
C ALA A 299 34.03 -17.63 -9.80
N GLY A 300 34.40 -16.85 -8.80
CA GLY A 300 33.57 -15.76 -8.32
C GLY A 300 32.30 -16.23 -7.63
N GLN A 301 32.20 -17.54 -7.41
CA GLN A 301 31.01 -18.08 -6.75
C GLN A 301 31.24 -18.09 -5.25
N ASP A 302 31.35 -16.88 -4.71
CA ASP A 302 31.60 -16.67 -3.32
C ASP A 302 30.94 -15.34 -3.07
N CYS A 303 30.22 -15.26 -1.96
CA CYS A 303 29.37 -14.11 -1.65
C CYS A 303 30.17 -12.93 -1.07
N THR A 304 31.47 -13.16 -0.79
CA THR A 304 32.41 -12.10 -0.45
C THR A 304 33.36 -11.73 -1.59
N ALA A 305 33.18 -12.32 -2.77
CA ALA A 305 34.05 -12.05 -3.94
C ALA A 305 34.37 -10.56 -4.07
N ALA A 306 35.62 -10.26 -4.42
CA ALA A 306 36.07 -8.88 -4.59
C ALA A 306 35.70 -8.41 -5.99
N CYS A 307 34.48 -7.90 -6.15
CA CYS A 307 33.85 -7.79 -7.47
C CYS A 307 33.44 -6.38 -7.91
N ARG A 308 33.25 -5.47 -6.96
CA ARG A 308 32.81 -4.12 -7.28
C ARG A 308 33.88 -3.19 -6.80
N ILE A 309 34.70 -2.74 -7.73
CA ILE A 309 35.88 -2.00 -7.36
C ILE A 309 35.67 -0.52 -7.57
N TYR A 310 36.08 0.28 -6.60
CA TYR A 310 36.15 1.72 -6.77
C TYR A 310 37.59 2.15 -6.72
N ALA A 311 38.06 2.65 -7.87
CA ALA A 311 39.45 3.10 -8.05
C ALA A 311 39.48 4.61 -8.17
N GLU A 312 40.37 5.24 -7.40
CA GLU A 312 40.51 6.68 -7.45
C GLU A 312 41.10 7.13 -8.78
N ALA A 313 40.66 8.31 -9.22
CA ALA A 313 41.03 8.92 -10.51
C ALA A 313 42.48 8.75 -10.95
N GLY A 314 43.42 9.04 -10.04
CA GLY A 314 44.87 8.97 -10.29
C GLY A 314 45.44 7.63 -10.70
N ILE A 315 45.07 6.59 -9.97
CA ILE A 315 45.54 5.23 -10.23
C ILE A 315 44.62 4.38 -11.13
N TYR A 316 43.49 4.94 -11.53
CA TYR A 316 42.42 4.21 -12.20
C TYR A 316 42.89 3.47 -13.47
N GLU A 317 43.46 4.22 -14.42
CA GLU A 317 43.99 3.63 -15.64
C GLU A 317 45.11 2.63 -15.42
N LYS A 318 46.01 2.96 -14.49
CA LYS A 318 47.06 2.04 -14.10
C LYS A 318 46.45 0.71 -13.60
N LEU A 319 45.42 0.82 -12.75
CA LEU A 319 44.77 -0.35 -12.14
C LEU A 319 44.08 -1.25 -13.15
N VAL A 320 43.32 -0.62 -14.04
CA VAL A 320 42.56 -1.36 -15.03
C VAL A 320 43.51 -2.19 -15.89
N ALA A 321 44.60 -1.57 -16.35
CA ALA A 321 45.59 -2.24 -17.20
C ALA A 321 46.34 -3.34 -16.46
N ASP A 322 46.92 -3.00 -15.31
CA ASP A 322 47.65 -3.96 -14.49
C ASP A 322 46.80 -5.15 -14.05
N LEU A 323 45.54 -4.89 -13.70
CA LEU A 323 44.61 -5.96 -13.33
C LEU A 323 44.22 -6.78 -14.53
N THR A 324 44.05 -6.12 -15.68
CA THR A 324 43.66 -6.79 -16.91
C THR A 324 44.75 -7.79 -17.24
N SER A 325 45.98 -7.29 -17.29
CA SER A 325 47.17 -8.10 -17.49
C SER A 325 47.21 -9.29 -16.53
N ALA A 326 46.93 -9.06 -15.25
CA ALA A 326 46.95 -10.10 -14.20
C ALA A 326 45.85 -11.15 -14.33
N VAL A 327 44.63 -10.70 -14.60
CA VAL A 327 43.48 -11.58 -14.73
C VAL A 327 43.64 -12.54 -15.92
N SER A 328 44.24 -12.07 -17.01
CA SER A 328 44.37 -12.87 -18.25
C SER A 328 45.27 -14.08 -18.06
N THR A 329 46.04 -14.08 -16.98
CA THR A 329 47.00 -15.15 -16.73
C THR A 329 46.42 -16.27 -15.86
N ILE A 330 45.22 -16.05 -15.29
CA ILE A 330 44.59 -17.02 -14.37
C ILE A 330 44.35 -18.36 -15.05
N ARG A 331 44.91 -19.43 -14.46
CA ARG A 331 44.89 -20.76 -15.05
C ARG A 331 43.65 -21.52 -14.60
N TYR A 332 42.92 -22.06 -15.57
CA TYR A 332 41.75 -22.89 -15.33
C TYR A 332 41.61 -23.90 -16.45
N ASN A 333 41.03 -25.05 -16.10
CA ASN A 333 40.69 -26.13 -17.03
C ASN A 333 41.88 -26.85 -17.66
N LEU A 334 43.01 -26.90 -16.96
CA LEU A 334 44.16 -27.66 -17.47
C LEU A 334 44.00 -29.12 -17.07
N ASP A 335 44.66 -30.01 -17.81
CA ASP A 335 44.62 -31.45 -17.55
C ASP A 335 45.10 -31.78 -16.13
N ASP A 336 46.14 -31.07 -15.68
CA ASP A 336 46.76 -31.28 -14.37
C ASP A 336 46.14 -30.33 -13.34
N ASP A 337 45.29 -30.87 -12.47
CA ASP A 337 44.45 -30.04 -11.59
C ASP A 337 45.23 -29.22 -10.57
N THR A 338 46.47 -29.63 -10.30
CA THR A 338 47.33 -28.91 -9.34
C THR A 338 47.77 -27.55 -9.91
N GLU A 339 47.65 -27.40 -11.22
CA GLU A 339 48.04 -26.18 -11.92
C GLU A 339 46.86 -25.22 -12.14
N ASN A 340 45.63 -25.72 -11.99
CA ASN A 340 44.42 -24.90 -12.11
C ASN A 340 44.26 -24.01 -10.91
N GLU A 341 43.97 -22.74 -11.15
CA GLU A 341 43.73 -21.80 -10.03
C GLU A 341 42.25 -21.67 -9.73
N ILE A 342 41.44 -21.92 -10.75
CA ILE A 342 39.99 -21.64 -10.76
C ILE A 342 39.23 -22.80 -11.40
N GLY A 343 38.12 -23.18 -10.78
CA GLY A 343 37.22 -24.16 -11.37
C GLY A 343 36.11 -23.53 -12.22
N PRO A 344 35.17 -24.37 -12.71
CA PRO A 344 34.08 -23.87 -13.53
C PRO A 344 32.92 -23.35 -12.67
N LEU A 345 31.88 -22.82 -13.31
CA LEU A 345 30.62 -22.52 -12.62
C LEU A 345 29.88 -23.83 -12.41
N ILE A 346 28.96 -23.88 -11.44
CA ILE A 346 28.33 -25.16 -11.07
C ILE A 346 27.53 -25.86 -12.19
N SER A 347 26.71 -25.09 -12.92
CA SER A 347 25.80 -25.60 -13.95
C SER A 347 25.85 -24.76 -15.23
N ARG A 348 25.19 -25.24 -16.26
CA ARG A 348 25.00 -24.46 -17.46
C ARG A 348 24.09 -23.26 -17.26
N ARG A 349 23.01 -23.43 -16.53
CA ARG A 349 22.14 -22.28 -16.26
C ARG A 349 22.93 -21.15 -15.59
N GLN A 350 23.88 -21.53 -14.74
CA GLN A 350 24.65 -20.54 -14.01
C GLN A 350 25.68 -19.84 -14.90
N ARG A 351 26.34 -20.60 -15.78
CA ARG A 351 27.24 -20.00 -16.75
C ARG A 351 26.50 -19.02 -17.68
N ASP A 352 25.32 -19.40 -18.12
CA ASP A 352 24.50 -18.61 -19.00
C ASP A 352 24.04 -17.34 -18.38
N ARG A 353 23.79 -17.42 -17.09
CA ARG A 353 23.39 -16.27 -16.30
C ARG A 353 24.56 -15.30 -16.25
N VAL A 354 25.77 -15.82 -16.07
CA VAL A 354 26.99 -15.02 -16.02
C VAL A 354 27.27 -14.39 -17.38
N ALA A 355 27.26 -15.23 -18.43
CA ALA A 355 27.47 -14.80 -19.80
C ALA A 355 26.51 -13.65 -20.12
N SER A 356 25.27 -13.84 -19.68
CA SER A 356 24.18 -12.92 -19.90
C SER A 356 24.45 -11.56 -19.27
N PHE A 357 24.92 -11.54 -18.03
CA PHE A 357 25.19 -10.30 -17.29
C PHE A 357 26.22 -9.46 -18.03
N VAL A 358 27.28 -10.13 -18.41
CA VAL A 358 28.42 -9.53 -19.08
C VAL A 358 28.01 -8.96 -20.43
N GLU A 359 27.28 -9.75 -21.20
CA GLU A 359 26.86 -9.35 -22.53
C GLU A 359 26.11 -8.03 -22.45
N ARG A 360 25.13 -7.97 -21.56
CA ARG A 360 24.38 -6.74 -21.34
C ARG A 360 25.30 -5.55 -20.97
N ALA A 361 26.32 -5.80 -20.15
CA ALA A 361 27.28 -4.78 -19.78
C ALA A 361 28.15 -4.33 -20.97
N ALA A 362 28.67 -5.30 -21.74
CA ALA A 362 29.47 -5.01 -22.94
C ALA A 362 28.67 -4.23 -23.97
N ASP A 363 27.36 -4.30 -23.84
CA ASP A 363 26.45 -3.61 -24.72
C ASP A 363 26.46 -2.09 -24.42
N GLN A 364 26.55 -1.74 -23.14
CA GLN A 364 26.63 -0.34 -22.71
C GLN A 364 27.86 0.37 -23.30
N LYS A 365 27.63 1.50 -23.97
CA LYS A 365 28.69 2.13 -24.77
C LYS A 365 29.87 2.66 -23.93
N HIS A 366 29.59 3.00 -22.68
CA HIS A 366 30.63 3.54 -21.81
C HIS A 366 31.43 2.49 -21.09
N ILE A 367 31.17 1.23 -21.40
CA ILE A 367 31.85 0.13 -20.74
C ILE A 367 32.79 -0.62 -21.67
N GLU A 368 33.90 -1.10 -21.14
CA GLU A 368 34.82 -1.94 -21.92
C GLU A 368 35.07 -3.26 -21.24
N ILE A 369 35.06 -4.34 -22.01
CA ILE A 369 35.53 -5.61 -21.53
C ILE A 369 36.99 -5.75 -21.96
N THR A 370 37.90 -5.65 -21.01
CA THR A 370 39.34 -5.56 -21.30
C THR A 370 40.05 -6.91 -21.42
N THR A 371 39.48 -7.94 -20.78
CA THR A 371 39.89 -9.34 -20.94
C THR A 371 38.69 -10.24 -20.63
N GLY A 372 38.77 -11.50 -21.06
CA GLY A 372 37.68 -12.46 -20.92
C GLY A 372 36.40 -12.04 -21.63
N GLY A 373 35.26 -12.34 -20.99
CA GLY A 373 33.94 -11.92 -21.47
C GLY A 373 33.11 -12.99 -22.18
N ARG A 374 33.72 -14.11 -22.52
CA ARG A 374 33.01 -15.16 -23.25
C ARG A 374 33.07 -16.44 -22.45
N THR A 375 32.44 -17.50 -22.97
CA THR A 375 32.52 -18.80 -22.32
C THR A 375 33.92 -19.33 -22.53
N GLY A 376 34.47 -20.03 -21.55
CA GLY A 376 35.86 -20.43 -21.58
C GLY A 376 36.06 -21.91 -21.81
N SER A 377 35.02 -22.58 -22.31
CA SER A 377 35.01 -24.03 -22.31
C SER A 377 34.31 -24.64 -23.52
N ASP A 378 34.96 -25.64 -24.11
CA ASP A 378 34.29 -26.51 -25.07
C ASP A 378 33.27 -27.39 -24.37
N GLU A 379 33.71 -28.13 -23.36
CA GLU A 379 32.79 -28.92 -22.54
C GLU A 379 32.80 -28.41 -21.10
N GLY A 380 31.75 -28.71 -20.35
CA GLY A 380 31.67 -28.22 -18.98
C GLY A 380 31.40 -26.73 -18.92
N PHE A 381 31.45 -26.16 -17.71
CA PHE A 381 30.82 -24.85 -17.46
C PHE A 381 31.73 -23.69 -17.07
N PHE A 382 32.96 -23.72 -17.58
CA PHE A 382 33.93 -22.65 -17.35
C PHE A 382 33.54 -21.33 -17.99
N PHE A 383 33.91 -20.25 -17.34
CA PHE A 383 33.74 -18.93 -17.92
C PHE A 383 35.08 -18.24 -17.88
N GLN A 384 35.30 -17.35 -18.85
CA GLN A 384 36.52 -16.54 -18.91
C GLN A 384 36.57 -15.50 -17.78
N PRO A 385 37.66 -15.52 -16.99
CA PRO A 385 37.88 -14.46 -16.02
C PRO A 385 37.77 -13.13 -16.73
N THR A 386 36.99 -12.21 -16.18
CA THR A 386 36.55 -11.04 -16.91
C THR A 386 36.76 -9.74 -16.14
N VAL A 387 37.11 -8.69 -16.87
CA VAL A 387 37.23 -7.36 -16.27
C VAL A 387 36.34 -6.35 -17.00
N VAL A 388 35.44 -5.73 -16.25
CA VAL A 388 34.51 -4.76 -16.79
C VAL A 388 34.95 -3.37 -16.38
N ALA A 389 35.44 -2.59 -17.34
CA ALA A 389 35.95 -1.26 -17.02
C ALA A 389 34.98 -0.15 -17.38
N GLY A 390 34.96 0.89 -16.56
CA GLY A 390 34.23 2.11 -16.85
C GLY A 390 32.79 2.11 -16.40
N ALA A 391 32.43 1.17 -15.55
CA ALA A 391 31.05 1.03 -15.08
C ALA A 391 30.66 2.12 -14.08
N THR A 392 29.41 2.56 -14.18
CA THR A 392 28.80 3.60 -13.34
C THR A 392 28.05 3.01 -12.12
N GLN A 393 27.70 3.86 -11.17
CA GLN A 393 26.80 3.51 -10.08
C GLN A 393 25.42 3.04 -10.61
N GLU A 394 25.05 3.45 -11.82
CA GLU A 394 23.73 3.15 -12.38
C GLU A 394 23.68 1.82 -13.12
N ASP A 395 24.84 1.25 -13.41
CA ASP A 395 24.92 0.03 -14.22
C ASP A 395 24.48 -1.21 -13.46
N GLU A 396 23.77 -2.07 -14.19
CA GLU A 396 23.35 -3.35 -13.66
C GLU A 396 24.55 -4.13 -13.10
N ILE A 397 25.66 -4.14 -13.84
CA ILE A 397 26.89 -4.81 -13.40
C ILE A 397 27.40 -4.34 -12.02
N VAL A 398 27.03 -3.11 -11.64
CA VAL A 398 27.44 -2.58 -10.36
C VAL A 398 26.34 -2.80 -9.29
N ARG A 399 25.09 -2.82 -9.71
CA ARG A 399 23.97 -2.93 -8.79
C ARG A 399 23.70 -4.38 -8.37
N ARG A 400 24.15 -5.33 -9.17
CA ARG A 400 23.63 -6.71 -9.14
C ARG A 400 24.72 -7.73 -8.93
N GLU A 401 24.47 -8.67 -8.03
CA GLU A 401 25.32 -9.85 -7.83
C GLU A 401 25.37 -10.70 -9.10
N VAL A 402 26.56 -10.90 -9.63
CA VAL A 402 26.77 -11.73 -10.82
C VAL A 402 27.19 -13.16 -10.47
N PHE A 403 27.87 -13.34 -9.34
CA PHE A 403 28.24 -14.68 -8.86
C PHE A 403 28.95 -15.43 -9.99
N GLY A 404 30.05 -14.84 -10.45
CA GLY A 404 30.87 -15.40 -11.54
C GLY A 404 32.25 -14.79 -11.61
N PRO A 405 33.16 -15.40 -12.41
CA PRO A 405 34.52 -14.86 -12.46
C PRO A 405 34.55 -13.51 -13.18
N VAL A 406 33.97 -12.49 -12.54
CA VAL A 406 33.76 -11.20 -13.17
C VAL A 406 33.95 -10.07 -12.17
N VAL A 407 34.78 -9.09 -12.54
CA VAL A 407 35.05 -7.92 -11.69
C VAL A 407 34.84 -6.63 -12.47
N SER A 408 34.09 -5.69 -11.88
CA SER A 408 33.87 -4.38 -12.50
C SER A 408 34.67 -3.32 -11.78
N VAL A 409 35.05 -2.27 -12.50
CA VAL A 409 35.83 -1.15 -11.93
C VAL A 409 35.16 0.16 -12.24
N THR A 410 34.95 0.97 -11.20
CA THR A 410 34.30 2.29 -11.28
C THR A 410 35.27 3.36 -10.80
N ARG A 411 35.43 4.44 -11.55
CA ARG A 411 36.31 5.53 -11.11
C ARG A 411 35.59 6.55 -10.23
N PHE A 412 36.29 7.09 -9.23
CA PHE A 412 35.77 8.21 -8.41
C PHE A 412 36.77 9.35 -8.25
N THR A 413 36.25 10.58 -8.08
CA THR A 413 37.08 11.82 -8.00
C THR A 413 37.46 12.10 -6.56
N GLY A 414 38.38 13.06 -6.38
CA GLY A 414 38.64 13.65 -5.08
C GLY A 414 37.38 14.31 -4.57
N LYS A 415 36.56 14.83 -5.48
CA LYS A 415 35.27 15.44 -5.13
C LYS A 415 34.16 14.44 -4.79
N ASP A 416 34.49 13.15 -4.84
CA ASP A 416 33.52 12.06 -4.68
C ASP A 416 33.73 11.33 -3.37
N ASP A 417 32.65 11.01 -2.68
CA ASP A 417 32.75 10.23 -1.45
C ASP A 417 32.61 8.75 -1.79
N ALA A 418 33.74 8.05 -1.84
CA ALA A 418 33.75 6.66 -2.31
C ALA A 418 33.09 5.75 -1.30
N VAL A 419 33.07 6.16 -0.04
CA VAL A 419 32.39 5.40 1.00
C VAL A 419 30.87 5.47 0.79
N ALA A 420 30.35 6.68 0.60
CA ALA A 420 28.93 6.85 0.29
C ALA A 420 28.55 6.07 -0.96
N TRP A 421 29.36 6.11 -2.01
CA TRP A 421 29.10 5.31 -3.22
C TRP A 421 29.01 3.87 -2.82
N ALA A 422 29.91 3.44 -1.95
CA ALA A 422 29.93 2.04 -1.55
C ALA A 422 28.68 1.66 -0.74
N ASN A 423 28.20 2.59 0.09
CA ASN A 423 27.00 2.38 0.92
C ASN A 423 25.68 2.49 0.19
N ASP A 424 25.71 3.10 -0.99
CA ASP A 424 24.51 3.22 -1.79
C ASP A 424 24.32 1.90 -2.51
N SER A 425 23.83 0.91 -1.78
CA SER A 425 23.72 -0.44 -2.28
C SER A 425 22.66 -1.24 -1.52
N ASP A 426 22.15 -2.28 -2.18
CA ASP A 426 21.18 -3.18 -1.55
C ASP A 426 21.90 -4.18 -0.66
N TYR A 427 23.17 -4.42 -0.97
CA TYR A 427 23.95 -5.47 -0.32
C TYR A 427 24.74 -4.89 0.85
N GLY A 428 25.14 -5.74 1.79
CA GLY A 428 25.89 -5.27 2.95
C GLY A 428 26.69 -6.34 3.64
N LEU A 429 27.23 -7.27 2.88
CA LEU A 429 27.87 -8.43 3.49
C LEU A 429 29.33 -8.15 3.83
N ALA A 430 30.13 -7.79 2.83
CA ALA A 430 31.58 -7.62 3.03
C ALA A 430 32.17 -6.57 2.10
N SER A 431 33.38 -6.11 2.40
CA SER A 431 33.99 -4.98 1.72
C SER A 431 35.45 -4.88 2.09
N SER A 432 36.21 -4.08 1.34
CA SER A 432 37.60 -3.88 1.69
C SER A 432 38.03 -2.48 1.26
N VAL A 433 39.07 -1.95 1.93
CA VAL A 433 39.62 -0.62 1.62
C VAL A 433 41.15 -0.71 1.51
N TRP A 434 41.71 -0.14 0.44
CA TRP A 434 43.16 -0.19 0.24
C TRP A 434 43.82 1.17 0.20
N THR A 435 44.71 1.40 1.17
CA THR A 435 45.44 2.67 1.33
C THR A 435 46.61 2.45 2.32
N LYS A 436 47.68 3.22 2.15
CA LYS A 436 48.74 3.22 3.14
C LYS A 436 48.33 4.12 4.30
N ASP A 437 47.37 5.00 4.05
CA ASP A 437 46.99 6.04 4.99
C ASP A 437 46.13 5.51 6.12
N ILE A 438 46.39 5.99 7.35
CA ILE A 438 45.62 5.63 8.53
C ILE A 438 44.28 6.34 8.60
N SER A 439 44.28 7.65 8.43
CA SER A 439 43.05 8.45 8.43
C SER A 439 41.97 7.91 7.48
N LYS A 440 42.34 7.63 6.23
CA LYS A 440 41.37 7.14 5.25
C LYS A 440 40.94 5.70 5.53
N ALA A 441 41.87 4.87 5.98
CA ALA A 441 41.54 3.49 6.29
C ALA A 441 40.54 3.42 7.45
N ARG A 443 38.57 5.83 8.76
CA ARG A 443 37.33 6.57 8.55
C ARG A 443 36.40 5.80 7.66
N ALA A 444 36.95 5.08 6.69
CA ALA A 444 36.16 4.23 5.84
C ALA A 444 35.64 3.05 6.68
N ALA A 445 36.52 2.43 7.46
CA ALA A 445 36.16 1.30 8.31
C ALA A 445 35.05 1.65 9.31
N SER A 446 34.99 2.88 9.80
CA SER A 446 33.92 3.24 10.72
C SER A 446 32.60 3.52 10.02
N ARG A 447 32.65 3.87 8.75
CA ARG A 447 31.47 4.36 8.03
C ARG A 447 30.87 3.34 7.08
N LEU A 448 31.65 2.35 6.67
CA LEU A 448 31.12 1.33 5.74
C LEU A 448 30.01 0.52 6.37
N GLN A 449 28.92 0.37 5.63
CA GLN A 449 27.74 -0.33 6.09
C GLN A 449 27.79 -1.79 5.63
N TYR A 450 28.80 -2.51 6.10
CA TYR A 450 29.06 -3.89 5.68
C TYR A 450 29.36 -4.80 6.90
N GLY A 451 28.90 -6.05 6.85
CA GLY A 451 29.17 -7.00 7.91
C GLY A 451 30.68 -7.09 8.17
N CYS A 452 31.44 -6.95 7.11
CA CYS A 452 32.87 -7.11 7.21
C CYS A 452 33.55 -6.01 6.42
N THR A 453 34.62 -5.45 6.97
CA THR A 453 35.51 -4.54 6.24
C THR A 453 36.95 -4.95 6.47
N TRP A 454 37.63 -5.34 5.39
CA TRP A 454 39.08 -5.63 5.40
C TRP A 454 39.84 -4.39 5.01
N ILE A 455 41.03 -4.24 5.58
CA ILE A 455 41.92 -3.15 5.23
C ILE A 455 43.21 -3.75 4.71
N ASN A 456 43.56 -3.36 3.47
CA ASN A 456 44.74 -3.86 2.76
C ASN A 456 44.80 -5.38 2.58
N THR A 457 43.63 -6.00 2.56
CA THR A 457 43.43 -7.37 2.11
C THR A 457 41.94 -7.56 1.79
N HIS A 458 41.52 -8.80 1.57
CA HIS A 458 40.14 -9.11 1.26
C HIS A 458 39.93 -10.57 1.51
N PHE A 459 38.69 -11.00 1.77
CA PHE A 459 38.33 -12.43 1.71
C PHE A 459 38.70 -13.25 2.96
N LEU A 461 38.90 -15.07 6.17
CA LEU A 461 37.94 -15.43 7.21
C LEU A 461 38.65 -16.10 8.36
N THR A 462 38.02 -16.07 9.53
CA THR A 462 38.54 -16.79 10.67
C THR A 462 37.35 -17.15 11.56
N ASN A 463 37.35 -18.39 12.02
CA ASN A 463 36.19 -18.98 12.67
C ASN A 463 35.74 -18.31 13.96
N GLU A 464 36.61 -17.51 14.56
CA GLU A 464 36.22 -16.70 15.70
C GLU A 464 35.47 -15.45 15.34
N PRO A 466 32.68 -13.23 13.08
CA PRO A 466 31.35 -13.38 12.49
C PRO A 466 31.28 -12.91 11.05
N HIS A 467 30.52 -13.68 10.26
CA HIS A 467 30.25 -13.42 8.85
C HIS A 467 28.75 -13.26 8.65
N GLY A 468 28.33 -12.12 8.15
CA GLY A 468 26.89 -11.91 7.93
C GLY A 468 26.58 -10.46 7.65
N GLY A 469 25.53 -10.21 6.89
CA GLY A 469 25.36 -8.88 6.33
C GLY A 469 24.30 -8.03 7.01
N ILE A 470 24.00 -6.91 6.37
CA ILE A 470 22.82 -6.14 6.70
C ILE A 470 22.09 -5.83 5.40
N LYS A 471 20.99 -5.07 5.51
CA LYS A 471 20.15 -4.74 4.38
C LYS A 471 19.70 -6.03 3.65
N GLN A 472 19.84 -6.04 2.33
CA GLN A 472 19.32 -7.11 1.48
C GLN A 472 20.21 -8.37 1.49
N SER A 473 21.41 -8.28 2.09
CA SER A 473 22.26 -9.44 2.34
C SER A 473 21.71 -10.25 3.52
N GLY A 474 20.74 -9.69 4.25
CA GLY A 474 20.07 -10.45 5.32
C GLY A 474 20.64 -10.23 6.70
N TYR A 475 20.40 -11.15 7.63
CA TYR A 475 20.78 -10.96 9.05
C TYR A 475 21.15 -12.31 9.67
N GLY A 476 21.79 -12.27 10.83
CA GLY A 476 22.29 -13.50 11.43
C GLY A 476 23.73 -13.71 11.01
N LYS A 477 24.49 -14.32 11.91
CA LYS A 477 25.90 -14.56 11.64
C LYS A 477 26.23 -16.02 11.38
N ASP A 478 27.33 -16.21 10.70
CA ASP A 478 27.96 -17.49 10.56
C ASP A 478 29.36 -17.41 11.08
N SER A 480 31.88 -17.72 14.64
CA SER A 480 31.94 -16.91 15.83
C SER A 480 30.88 -17.29 16.83
N VAL A 481 31.02 -16.80 18.03
CA VAL A 481 30.03 -17.05 19.05
C VAL A 481 28.64 -16.50 18.66
N TYR A 482 28.59 -15.53 17.74
CA TYR A 482 27.29 -14.94 17.41
C TYR A 482 26.42 -15.94 16.66
N ALA A 483 27.07 -16.93 16.03
CA ALA A 483 26.33 -17.90 15.23
C ALA A 483 25.58 -18.75 16.19
N LEU A 484 26.27 -19.10 17.27
CA LEU A 484 25.69 -19.90 18.31
C LEU A 484 24.63 -19.12 19.10
N GLU A 485 24.82 -17.82 19.29
CA GLU A 485 23.78 -17.01 19.93
C GLU A 485 22.48 -16.98 19.09
N ASP A 486 22.62 -17.01 17.74
CA ASP A 486 21.47 -17.03 16.84
C ASP A 486 20.64 -18.31 17.03
N TYR A 487 21.28 -19.44 17.36
CA TYR A 487 20.59 -20.70 17.57
C TYR A 487 20.18 -21.00 19.01
N THR A 488 20.20 -19.99 19.87
CA THR A 488 19.76 -20.18 21.25
C THR A 488 18.73 -19.13 21.63
N ALA A 489 17.96 -19.42 22.68
CA ALA A 489 16.97 -18.45 23.18
C ALA A 489 17.41 -17.92 24.54
N VAL A 490 17.50 -16.60 24.68
CA VAL A 490 17.84 -15.99 25.96
C VAL A 490 16.65 -16.14 26.91
N ARG A 491 16.86 -16.66 28.11
CA ARG A 491 15.76 -16.80 29.07
C ARG A 491 16.08 -16.12 30.41
N HIS A 492 15.11 -15.39 30.97
CA HIS A 492 15.29 -14.78 32.28
C HIS A 492 14.59 -15.64 33.32
N ILE A 493 15.29 -16.01 34.40
CA ILE A 493 14.68 -16.78 35.48
C ILE A 493 14.78 -15.94 36.74
N ILE A 495 13.85 -15.77 40.89
CA ILE A 495 13.36 -16.48 42.07
C ILE A 495 13.12 -15.49 43.18
N ASN A 496 11.88 -15.41 43.64
CA ASN A 496 11.53 -14.64 44.81
C ASN A 496 12.03 -15.34 46.07
N HIS A 497 12.65 -14.60 46.99
CA HIS A 497 13.15 -15.19 48.23
C HIS A 497 12.09 -15.39 49.28
N GLY A 498 10.82 -15.29 48.89
CA GLY A 498 9.68 -15.52 49.77
C GLY A 498 9.67 -14.62 51.00
N ASP B 25 -1.24 18.47 23.77
CA ASP B 25 -0.25 18.06 22.77
C ASP B 25 -0.87 17.20 21.69
N THR B 26 -0.98 17.78 20.50
CA THR B 26 -1.87 17.29 19.45
C THR B 26 -1.14 17.07 18.11
N GLN B 27 0.02 17.67 17.97
CA GLN B 27 0.74 17.70 16.69
C GLN B 27 1.71 16.51 16.50
N LEU B 28 1.91 16.13 15.24
CA LEU B 28 2.89 15.10 14.88
C LEU B 28 4.29 15.72 14.85
N LEU B 29 5.30 14.89 14.99
CA LEU B 29 6.68 15.34 14.94
C LEU B 29 7.31 14.82 13.67
N ILE B 30 7.48 15.70 12.70
CA ILE B 30 8.07 15.30 11.43
C ILE B 30 9.31 16.17 11.19
N GLY B 31 10.48 15.58 11.36
CA GLY B 31 11.74 16.32 11.28
C GLY B 31 11.80 17.47 12.27
N SER B 32 11.89 18.68 11.73
CA SER B 32 11.89 19.88 12.55
C SER B 32 10.52 20.54 12.54
N ARG B 33 9.56 19.86 11.94
CA ARG B 33 8.17 20.32 11.83
C ARG B 33 7.26 19.62 12.85
N PHE B 34 6.49 20.42 13.60
CA PHE B 34 5.34 19.94 14.33
C PHE B 34 4.11 20.22 13.48
N GLU B 35 3.22 19.25 13.37
CA GLU B 35 2.26 19.23 12.28
C GLU B 35 1.05 18.42 12.68
N ALA B 36 -0.14 18.95 12.47
CA ALA B 36 -1.38 18.20 12.66
C ALA B 36 -1.56 17.29 11.45
N GLY B 37 -2.01 16.06 11.67
CA GLY B 37 -2.35 15.16 10.56
C GLY B 37 -3.39 15.77 9.63
N THR B 38 -3.44 15.29 8.40
CA THR B 38 -4.34 15.91 7.41
C THR B 38 -5.36 14.88 6.89
N GLU B 39 -5.30 13.65 7.41
CA GLU B 39 -6.21 12.58 6.99
C GLU B 39 -7.34 12.33 7.99
N ALA B 40 -8.01 11.18 7.86
CA ALA B 40 -9.19 10.83 8.66
C ALA B 40 -8.96 10.94 10.16
N GLU B 41 -9.95 11.45 10.88
CA GLU B 41 -9.85 11.62 12.31
C GLU B 41 -10.16 10.37 13.10
N GLU B 42 -9.47 10.19 14.22
CA GLU B 42 -9.78 9.15 15.19
C GLU B 42 -10.46 9.76 16.38
N HIS B 43 -11.43 9.02 16.92
CA HIS B 43 -12.13 9.46 18.12
C HIS B 43 -11.49 8.81 19.32
N ILE B 44 -10.64 9.56 20.02
CA ILE B 44 -9.98 9.04 21.20
C ILE B 44 -10.90 9.21 22.40
N LEU B 45 -11.25 8.07 22.98
CA LEU B 45 -12.27 8.01 24.00
C LEU B 45 -11.67 7.81 25.38
N ASN B 46 -12.29 8.44 26.37
CA ASN B 46 -12.09 8.12 27.76
C ASN B 46 -12.74 6.76 28.00
N PRO B 47 -11.94 5.69 28.09
CA PRO B 47 -12.56 4.37 28.19
C PRO B 47 -13.20 4.07 29.55
N ARG B 48 -13.10 5.01 30.49
CA ARG B 48 -13.88 4.91 31.72
C ARG B 48 -15.33 5.31 31.43
N THR B 49 -15.53 6.33 30.59
CA THR B 49 -16.87 6.95 30.40
C THR B 49 -17.40 6.82 28.98
N GLY B 50 -16.51 6.50 28.04
CA GLY B 50 -16.91 6.36 26.66
C GLY B 50 -17.01 7.71 25.97
N ALA B 51 -16.80 8.78 26.72
CA ALA B 51 -16.86 10.15 26.19
C ALA B 51 -15.64 10.42 25.30
N GLY B 52 -15.86 11.23 24.27
CA GLY B 52 -14.78 11.66 23.41
C GLY B 52 -13.82 12.59 24.14
N ILE B 53 -12.54 12.21 24.19
CA ILE B 53 -11.53 13.13 24.73
C ILE B 53 -11.20 14.14 23.63
N ILE B 54 -10.87 13.63 22.44
CA ILE B 54 -10.39 14.47 21.35
C ILE B 54 -10.43 13.72 20.02
N ASP B 55 -10.50 14.48 18.93
CA ASP B 55 -10.45 13.92 17.59
C ASP B 55 -9.11 14.24 16.94
N LEU B 56 -8.38 13.20 16.55
CA LEU B 56 -7.03 13.34 16.00
C LEU B 56 -6.93 12.91 14.53
N ALA B 57 -6.67 13.88 13.65
CA ALA B 57 -6.43 13.59 12.26
C ALA B 57 -5.17 12.74 12.10
N GLU B 58 -5.23 11.65 11.33
CA GLU B 58 -4.03 10.83 11.20
C GLU B 58 -3.07 11.34 10.13
N ALA B 59 -1.86 10.79 10.16
CA ALA B 59 -0.81 11.05 9.18
C ALA B 59 -1.32 10.77 7.77
N SER B 60 -1.12 11.72 6.86
CA SER B 60 -1.29 11.45 5.43
C SER B 60 -0.12 10.62 4.91
N HIS B 61 -0.25 10.12 3.70
CA HIS B 61 0.84 9.38 3.07
C HIS B 61 2.06 10.24 2.92
N ALA B 62 1.86 11.51 2.60
CA ALA B 62 2.97 12.43 2.42
C ALA B 62 3.68 12.74 3.75
N GLN B 63 2.93 12.80 4.84
CA GLN B 63 3.53 13.03 6.15
C GLN B 63 4.30 11.80 6.60
N ILE B 64 3.77 10.61 6.29
CA ILE B 64 4.53 9.39 6.52
C ILE B 64 5.86 9.51 5.77
N ASP B 65 5.80 9.94 4.52
CA ASP B 65 7.01 10.06 3.71
C ASP B 65 8.02 11.09 4.26
N ALA B 66 7.52 12.25 4.66
CA ALA B 66 8.37 13.27 5.26
C ALA B 66 9.05 12.80 6.55
N ALA B 67 8.35 11.97 7.33
CA ALA B 67 8.90 11.49 8.58
C ALA B 67 10.07 10.56 8.28
N VAL B 68 9.83 9.58 7.39
CA VAL B 68 10.88 8.65 7.00
C VAL B 68 12.05 9.42 6.39
N ASP B 69 11.76 10.44 5.59
CA ASP B 69 12.79 11.27 4.96
C ASP B 69 13.57 12.09 5.97
N ALA B 70 12.91 12.57 7.03
CA ALA B 70 13.65 13.23 8.11
C ALA B 70 14.53 12.20 8.86
N ALA B 71 14.01 11.00 9.07
CA ALA B 71 14.80 9.93 9.66
C ALA B 71 16.08 9.67 8.87
N GLU B 72 15.94 9.63 7.54
CA GLU B 72 17.08 9.36 6.64
C GLU B 72 18.15 10.45 6.73
N ARG B 73 17.72 11.71 6.67
CA ARG B 73 18.62 12.86 6.80
C ARG B 73 19.32 12.87 8.15
N ALA B 74 18.57 12.56 9.21
CA ALA B 74 19.15 12.56 10.55
C ALA B 74 20.15 11.41 10.75
N PHE B 75 19.94 10.28 10.08
CA PHE B 75 20.83 9.10 10.20
C PHE B 75 22.30 9.46 9.96
N VAL B 76 22.56 10.23 8.91
CA VAL B 76 23.91 10.64 8.50
C VAL B 76 24.74 11.12 9.71
N GLY B 77 24.29 12.20 10.36
CA GLY B 77 24.91 12.66 11.60
C GLY B 77 24.73 11.68 12.75
N TRP B 78 23.47 11.38 13.08
CA TRP B 78 23.20 10.60 14.28
C TRP B 78 23.95 9.27 14.37
N SER B 79 24.09 8.59 13.25
CA SER B 79 24.81 7.30 13.23
C SER B 79 26.32 7.42 13.54
N GLN B 80 26.86 8.63 13.47
CA GLN B 80 28.29 8.84 13.69
C GLN B 80 28.55 9.45 15.07
N THR B 81 27.52 9.55 15.91
CA THR B 81 27.71 10.00 17.28
C THR B 81 28.43 8.97 18.12
N THR B 82 29.01 9.42 19.22
CA THR B 82 29.66 8.50 20.17
C THR B 82 28.67 7.91 21.18
N PRO B 83 29.04 6.79 21.81
CA PRO B 83 28.19 6.27 22.86
C PRO B 83 27.93 7.30 23.97
N ALA B 84 28.93 8.10 24.36
CA ALA B 84 28.67 9.14 25.39
C ALA B 84 27.62 10.20 25.00
N GLU B 85 27.61 10.62 23.73
CA GLU B 85 26.65 11.63 23.28
C GLU B 85 25.25 11.05 23.32
N ARG B 86 25.11 9.82 22.82
CA ARG B 86 23.81 9.21 22.80
C ARG B 86 23.30 8.89 24.22
N SER B 87 24.17 8.31 25.04
CA SER B 87 23.92 8.21 26.48
C SER B 87 23.45 9.51 27.16
N ASN B 88 24.11 10.63 26.88
CA ASN B 88 23.71 11.89 27.53
C ASN B 88 22.35 12.33 27.06
N ALA B 89 22.00 12.02 25.81
CA ALA B 89 20.70 12.39 25.24
C ALA B 89 19.61 11.63 25.98
N LEU B 90 19.83 10.33 26.11
CA LEU B 90 18.95 9.46 26.86
C LEU B 90 18.80 9.87 28.34
N LEU B 91 19.88 10.34 28.96
CA LEU B 91 19.77 10.86 30.32
C LEU B 91 18.83 12.05 30.43
N LYS B 92 18.81 12.88 29.39
CA LYS B 92 18.00 14.09 29.39
C LYS B 92 16.52 13.81 29.22
N ILE B 93 16.19 12.89 28.32
CA ILE B 93 14.80 12.48 28.14
C ILE B 93 14.22 12.00 29.47
N ALA B 94 14.93 11.09 30.14
CA ALA B 94 14.53 10.64 31.48
C ALA B 94 14.26 11.84 32.43
N ASP B 95 15.16 12.82 32.42
CA ASP B 95 15.01 14.01 33.25
C ASP B 95 13.71 14.69 32.86
N ALA B 96 13.51 14.90 31.56
CA ALA B 96 12.33 15.61 31.03
C ALA B 96 11.03 14.92 31.44
N ILE B 97 11.02 13.59 31.25
CA ILE B 97 9.90 12.76 31.72
C ILE B 97 9.72 12.93 33.23
N GLU B 98 10.81 12.84 33.97
CA GLU B 98 10.81 12.91 35.42
C GLU B 98 10.25 14.24 35.88
N LYS B 99 10.64 15.32 35.20
CA LYS B 99 10.17 16.63 35.54
C LYS B 99 8.65 16.70 35.38
N GLU B 100 8.14 15.93 34.42
CA GLU B 100 6.69 15.95 34.14
C GLU B 100 6.01 14.61 34.44
N ALA B 101 6.47 13.93 35.47
CA ALA B 101 5.89 12.63 35.79
C ALA B 101 4.40 12.75 36.16
N ASP B 102 4.05 13.76 36.95
CA ASP B 102 2.68 13.96 37.35
C ASP B 102 1.75 14.07 36.16
N GLU B 103 2.17 14.87 35.19
CA GLU B 103 1.34 15.20 34.05
C GLU B 103 1.28 14.02 33.07
N PHE B 104 2.39 13.35 32.87
CA PHE B 104 2.35 12.13 32.06
C PHE B 104 1.41 11.09 32.66
N ALA B 105 1.51 10.86 33.97
CA ALA B 105 0.67 9.87 34.63
C ALA B 105 -0.82 10.21 34.49
N ALA B 106 -1.17 11.48 34.72
CA ALA B 106 -2.58 11.96 34.61
C ALA B 106 -3.13 11.83 33.19
N LEU B 107 -2.26 12.05 32.20
CA LEU B 107 -2.62 11.91 30.80
C LEU B 107 -2.89 10.45 30.39
N GLU B 108 -2.03 9.55 30.86
CA GLU B 108 -2.16 8.12 30.57
C GLU B 108 -3.36 7.52 31.31
N ALA B 109 -3.67 8.02 32.51
CA ALA B 109 -4.82 7.56 33.27
C ALA B 109 -6.12 7.86 32.54
N LEU B 110 -6.21 9.08 32.01
CA LEU B 110 -7.34 9.55 31.24
C LEU B 110 -7.46 8.71 29.97
N ASN B 111 -6.37 8.60 29.23
CA ASN B 111 -6.38 7.92 27.92
C ASN B 111 -6.67 6.40 28.02
N CYS B 112 -6.16 5.78 29.08
CA CYS B 112 -6.24 4.31 29.20
C CYS B 112 -7.13 3.84 30.34
N GLY B 113 -7.58 4.77 31.18
CA GLY B 113 -8.41 4.42 32.34
C GLY B 113 -7.69 3.74 33.50
N LYS B 114 -6.35 3.62 33.42
CA LYS B 114 -5.56 3.08 34.52
C LYS B 114 -5.73 3.91 35.79
N PRO B 115 -5.89 3.23 36.94
CA PRO B 115 -5.95 3.91 38.25
C PRO B 115 -4.72 4.80 38.46
N ILE B 116 -4.93 6.09 38.71
CA ILE B 116 -3.86 7.12 38.76
C ILE B 116 -2.61 6.74 39.58
N ASN B 117 -2.79 6.18 40.78
CA ASN B 117 -1.64 5.78 41.60
C ASN B 117 -0.85 4.59 41.06
N ALA B 118 -1.53 3.73 40.30
CA ALA B 118 -0.84 2.61 39.66
C ALA B 118 0.15 3.14 38.62
N VAL B 119 -0.26 4.17 37.90
CA VAL B 119 0.54 4.78 36.85
C VAL B 119 1.69 5.55 37.50
N LYS B 120 1.37 6.29 38.57
CA LYS B 120 2.34 7.09 39.30
C LYS B 120 3.45 6.26 39.96
N ASN B 121 3.08 5.21 40.67
CA ASN B 121 4.05 4.43 41.46
C ASN B 121 4.67 3.29 40.68
N ASP B 122 3.92 2.68 39.76
CA ASP B 122 4.43 1.54 39.01
C ASP B 122 5.02 1.94 37.66
N GLU B 123 4.28 2.71 36.87
CA GLU B 123 4.63 2.91 35.47
C GLU B 123 5.71 3.97 35.23
N LEU B 124 5.44 5.21 35.65
CA LEU B 124 6.40 6.30 35.48
C LEU B 124 7.82 6.01 35.99
N PRO B 125 7.98 5.57 37.26
CA PRO B 125 9.33 5.21 37.75
C PRO B 125 10.03 4.13 36.91
N ALA B 126 9.29 3.15 36.41
CA ALA B 126 9.87 2.15 35.52
C ALA B 126 10.22 2.73 34.14
N ILE B 127 9.42 3.69 33.66
CA ILE B 127 9.68 4.32 32.36
C ILE B 127 10.96 5.16 32.44
N ILE B 128 11.06 5.99 33.48
CA ILE B 128 12.22 6.84 33.71
C ILE B 128 13.48 5.97 33.92
N ASP B 129 13.30 4.87 34.64
CA ASP B 129 14.38 3.97 34.88
C ASP B 129 14.82 3.34 33.57
N CYS B 130 13.89 3.17 32.62
CA CYS B 130 14.20 2.47 31.36
C CYS B 130 15.18 3.32 30.53
N TRP B 131 14.85 4.60 30.42
CA TRP B 131 15.64 5.58 29.68
C TRP B 131 16.98 5.69 30.31
N ARG B 132 17.01 5.56 31.63
CA ARG B 132 18.26 5.70 32.33
C ARG B 132 19.03 4.44 32.17
N PHE B 133 18.35 3.29 32.13
CA PHE B 133 19.04 2.04 31.99
C PHE B 133 19.80 2.04 30.70
N PHE B 134 19.10 2.27 29.58
CA PHE B 134 19.70 2.29 28.25
C PHE B 134 20.84 3.30 28.06
N ALA B 135 20.76 4.46 28.70
CA ALA B 135 21.89 5.41 28.75
C ALA B 135 23.19 4.71 29.23
N GLY B 136 23.05 3.79 30.18
CA GLY B 136 24.18 3.06 30.68
C GLY B 136 24.51 1.94 29.72
N ALA B 137 23.50 1.21 29.25
CA ALA B 137 23.74 0.13 28.31
C ALA B 137 24.47 0.57 27.04
N VAL B 138 24.16 1.78 26.56
CA VAL B 138 24.78 2.38 25.36
C VAL B 138 26.31 2.43 25.43
N ARG B 139 26.84 2.70 26.61
CA ARG B 139 28.28 2.80 26.83
C ARG B 139 28.96 1.49 27.27
N ASN B 140 28.23 0.38 27.26
CA ASN B 140 28.69 -0.87 27.87
C ASN B 140 28.53 -2.13 27.02
N LEU B 141 28.61 -2.02 25.70
CA LEU B 141 28.51 -3.16 24.82
C LEU B 141 29.80 -3.95 24.77
N HIS B 142 29.68 -5.27 24.80
CA HIS B 142 30.84 -6.14 24.78
C HIS B 142 30.84 -6.89 23.52
N ALA B 143 31.98 -7.46 23.16
CA ALA B 143 32.13 -8.25 21.94
C ALA B 143 33.41 -9.09 22.08
N PRO B 144 33.62 -10.11 21.20
CA PRO B 144 34.93 -10.80 21.28
C PRO B 144 36.10 -9.84 21.20
N ALA B 145 37.15 -10.13 21.97
CA ALA B 145 38.30 -9.24 22.10
C ALA B 145 39.02 -9.05 20.76
N ALA B 146 39.62 -7.87 20.61
CA ALA B 146 40.42 -7.54 19.42
C ALA B 146 41.77 -8.25 19.49
N GLY B 147 42.35 -8.55 18.34
CA GLY B 147 43.60 -9.29 18.35
C GLY B 147 43.92 -9.91 17.00
N GLU B 148 45.01 -10.65 16.97
CA GLU B 148 45.44 -11.29 15.75
C GLU B 148 44.91 -12.71 15.78
N TYR B 149 43.80 -12.96 15.09
CA TYR B 149 43.28 -14.32 15.00
C TYR B 149 43.87 -15.06 13.81
N LEU B 150 44.14 -14.29 12.77
CA LEU B 150 44.97 -14.75 11.68
C LEU B 150 46.29 -14.01 11.82
N PRO B 151 47.43 -14.71 11.60
CA PRO B 151 48.76 -14.08 11.74
C PRO B 151 48.86 -12.78 10.93
N GLY B 152 49.40 -11.72 11.52
CA GLY B 152 49.57 -10.44 10.82
C GLY B 152 48.30 -9.67 10.44
N HIS B 153 47.17 -10.02 11.07
CA HIS B 153 45.90 -9.37 10.82
C HIS B 153 45.24 -9.08 12.14
N THR B 154 45.00 -7.80 12.43
CA THR B 154 44.31 -7.44 13.67
C THR B 154 42.85 -7.36 13.37
N SER B 155 42.06 -8.09 14.15
CA SER B 155 40.62 -8.04 14.01
C SER B 155 40.02 -7.35 15.20
N ILE B 157 35.77 -6.17 16.63
CA ILE B 157 34.34 -6.22 16.39
C ILE B 157 33.74 -4.91 16.89
N ARG B 158 32.90 -4.30 16.07
CA ARG B 158 32.14 -3.11 16.44
C ARG B 158 30.68 -3.47 16.48
N ARG B 159 29.87 -2.61 17.09
CA ARG B 159 28.43 -2.71 17.01
C ARG B 159 27.86 -1.41 16.52
N ASP B 160 27.56 -1.36 15.22
CA ASP B 160 27.10 -0.15 14.55
C ASP B 160 25.59 -0.05 14.41
N PRO B 161 25.07 1.17 14.09
CA PRO B 161 23.63 1.36 13.88
C PRO B 161 23.18 0.53 12.66
N ILE B 162 21.91 0.19 12.61
CA ILE B 162 21.35 -0.58 11.49
C ILE B 162 20.77 0.38 10.45
N GLY B 163 20.05 1.41 10.89
CA GLY B 163 19.40 2.28 9.92
C GLY B 163 18.14 2.92 10.43
N ILE B 164 17.12 2.93 9.58
CA ILE B 164 15.83 3.54 9.94
C ILE B 164 14.87 2.48 10.46
N VAL B 165 14.44 2.70 11.71
CA VAL B 165 13.46 1.84 12.37
C VAL B 165 12.07 2.43 12.23
N GLY B 166 11.14 1.60 11.78
CA GLY B 166 9.71 1.88 12.00
C GLY B 166 9.24 1.06 13.20
N SER B 167 8.71 1.74 14.21
CA SER B 167 8.22 1.06 15.42
C SER B 167 6.77 1.33 15.65
N ILE B 168 6.07 0.29 16.08
CA ILE B 168 4.66 0.42 16.36
C ILE B 168 4.35 -0.13 17.73
N ALA B 169 3.71 0.72 18.52
CA ALA B 169 3.28 0.40 19.88
C ALA B 169 1.79 -0.05 19.97
N PRO B 170 1.47 -0.93 20.95
CA PRO B 170 0.10 -1.28 21.27
C PRO B 170 -0.42 -0.31 22.34
N TRP B 171 -1.62 -0.57 22.80
CA TRP B 171 -2.34 0.42 23.57
C TRP B 171 -2.33 0.13 25.03
N ASN B 172 -1.82 -1.04 25.43
CA ASN B 172 -1.92 -1.39 26.83
C ASN B 172 -0.99 -0.62 27.78
N TYR B 173 0.16 -0.19 27.29
CA TYR B 173 1.10 0.66 28.06
C TYR B 173 1.71 1.70 27.11
N PRO B 174 0.91 2.68 26.68
CA PRO B 174 1.41 3.49 25.56
C PRO B 174 2.80 4.08 25.82
N LEU B 175 2.99 4.74 26.96
CA LEU B 175 4.25 5.44 27.24
C LEU B 175 5.43 4.51 27.50
N ALA B 179 9.08 3.86 25.41
CA ALA B 179 10.41 3.87 25.99
C ALA B 179 11.17 2.65 25.48
N TRP B 180 10.56 1.48 25.61
CA TRP B 180 11.08 0.23 25.11
C TRP B 180 11.38 0.31 23.65
N LYS B 181 10.47 0.89 22.87
CA LYS B 181 10.68 0.98 21.41
C LYS B 181 11.77 1.97 21.03
N LEU B 182 11.73 3.17 21.62
CA LEU B 182 12.67 4.25 21.29
C LEU B 182 14.08 4.14 21.91
N ALA B 183 14.16 3.97 23.22
CA ALA B 183 15.45 4.09 23.89
C ALA B 183 16.52 3.21 23.24
N PRO B 184 16.29 1.90 23.07
CA PRO B 184 17.35 1.07 22.44
C PRO B 184 17.54 1.34 20.94
N ALA B 185 16.55 1.91 20.28
CA ALA B 185 16.71 2.18 18.84
C ALA B 185 17.57 3.41 18.60
N ILE B 186 17.22 4.48 19.31
CA ILE B 186 17.98 5.73 19.39
C ILE B 186 19.40 5.52 19.93
N GLY B 187 19.50 4.84 21.07
CA GLY B 187 20.79 4.53 21.70
C GLY B 187 21.74 3.69 20.84
N GLY B 188 21.18 2.93 19.91
CA GLY B 188 21.98 2.17 18.96
C GLY B 188 22.48 3.08 17.84
N GLY B 189 21.99 4.32 17.83
CA GLY B 189 22.42 5.25 16.78
C GLY B 189 21.55 5.12 15.56
N ASN B 190 20.37 4.49 15.74
CA ASN B 190 19.35 4.45 14.69
C ASN B 190 18.45 5.71 14.76
N THR B 191 17.78 6.00 13.64
CA THR B 191 16.71 7.00 13.64
C THR B 191 15.37 6.29 13.52
N VAL B 192 14.32 6.93 14.02
CA VAL B 192 13.07 6.23 14.24
C VAL B 192 11.85 6.97 13.74
N VAL B 193 10.97 6.23 13.06
CA VAL B 193 9.60 6.67 12.85
C VAL B 193 8.71 5.81 13.74
N PHE B 194 8.06 6.47 14.69
CA PHE B 194 7.29 5.75 15.69
C PHE B 194 5.80 6.05 15.57
N LYS B 195 4.97 5.02 15.71
CA LYS B 195 3.50 5.19 15.72
C LYS B 195 2.89 4.53 16.95
N PRO B 196 2.23 5.34 17.80
CA PRO B 196 1.47 4.78 18.90
C PRO B 196 0.22 4.14 18.30
N SER B 197 -0.49 3.34 19.07
CA SER B 197 -1.68 2.72 18.54
C SER B 197 -2.73 3.80 18.35
N GLU B 198 -3.75 3.49 17.55
CA GLU B 198 -4.80 4.45 17.20
C GLU B 198 -5.55 4.97 18.42
N GLN B 199 -5.78 4.13 19.41
CA GLN B 199 -6.58 4.59 20.56
C GLN B 199 -5.78 5.36 21.63
N THR B 200 -4.46 5.22 21.65
CA THR B 200 -3.64 5.80 22.73
C THR B 200 -2.44 6.65 22.27
N PRO B 201 -2.68 7.68 21.46
CA PRO B 201 -1.55 8.46 20.97
C PRO B 201 -1.07 9.60 21.88
N LEU B 202 -1.81 9.90 22.96
CA LEU B 202 -1.64 11.16 23.69
C LEU B 202 -0.33 11.35 24.47
N THR B 203 0.09 10.32 25.22
CA THR B 203 1.35 10.47 25.95
C THR B 203 2.50 10.54 24.99
N ALA B 204 2.33 9.92 23.83
CA ALA B 204 3.36 9.91 22.79
C ALA B 204 3.51 11.29 22.16
N LEU B 205 2.40 11.97 21.92
CA LEU B 205 2.49 13.30 21.34
C LEU B 205 3.14 14.23 22.34
N LYS B 206 2.75 14.12 23.61
CA LYS B 206 3.37 14.86 24.67
C LYS B 206 4.89 14.65 24.76
N LEU B 207 5.32 13.39 24.73
CA LEU B 207 6.74 13.08 24.84
C LEU B 207 7.49 13.65 23.62
N ALA B 208 6.83 13.61 22.47
CA ALA B 208 7.44 14.09 21.24
C ALA B 208 7.84 15.57 21.36
N ARG B 209 7.03 16.34 22.07
CA ARG B 209 7.31 17.77 22.29
C ARG B 209 8.63 17.92 23.04
N LEU B 210 8.82 17.09 24.06
CA LEU B 210 9.97 17.24 24.93
C LEU B 210 11.23 16.75 24.25
N ILE B 211 11.12 15.63 23.53
CA ILE B 211 12.22 15.06 22.75
C ILE B 211 12.74 16.01 21.66
N ALA B 212 11.82 16.74 21.02
CA ALA B 212 12.18 17.70 19.97
C ALA B 212 13.24 18.69 20.45
N ASP B 213 13.17 19.05 21.74
CA ASP B 213 14.08 20.04 22.33
C ASP B 213 15.38 19.42 22.80
N ILE B 214 15.53 18.11 22.62
CA ILE B 214 16.67 17.40 23.15
C ILE B 214 17.48 16.76 22.04
N LEU B 215 16.81 16.09 21.10
CA LEU B 215 17.53 15.37 20.06
C LEU B 215 17.68 16.25 18.83
N PRO B 216 18.69 15.95 18.00
CA PRO B 216 18.69 16.60 16.68
C PRO B 216 17.41 16.20 15.97
N GLU B 217 16.84 17.09 15.20
CA GLU B 217 15.58 16.79 14.56
C GLU B 217 15.73 15.69 13.54
N GLY B 218 14.70 14.89 13.39
CA GLY B 218 14.76 13.72 12.52
C GLY B 218 15.24 12.42 13.14
N VAL B 219 15.78 12.45 14.37
CA VAL B 219 16.21 11.20 15.03
C VAL B 219 14.98 10.44 15.48
N VAL B 220 14.02 11.16 16.05
CA VAL B 220 12.74 10.58 16.45
C VAL B 220 11.63 11.36 15.76
N ASN B 221 10.75 10.62 15.08
CA ASN B 221 9.56 11.23 14.46
C ASN B 221 8.35 10.44 14.89
N VAL B 222 7.24 11.14 15.13
CA VAL B 222 6.03 10.48 15.62
C VAL B 222 4.81 10.75 14.71
N ILE B 223 4.22 9.66 14.20
CA ILE B 223 3.00 9.73 13.37
C ILE B 223 1.86 9.03 14.09
N THR B 224 0.64 9.46 13.84
CA THR B 224 -0.53 8.76 14.36
C THR B 224 -1.36 8.12 13.25
N GLY B 225 -2.14 7.10 13.59
CA GLY B 225 -3.09 6.52 12.66
C GLY B 225 -3.38 5.06 12.85
N ARG B 226 -4.31 4.57 12.01
CA ARG B 226 -4.75 3.17 12.00
C ARG B 226 -3.68 2.22 11.45
N GLY B 227 -3.68 0.99 11.95
CA GLY B 227 -2.79 -0.07 11.42
C GLY B 227 -2.94 -0.37 9.94
N GLU B 228 -4.15 -0.50 9.48
CA GLU B 228 -4.45 -0.77 8.10
C GLU B 228 -3.99 0.35 7.15
N THR B 229 -3.95 1.58 7.62
CA THR B 229 -3.48 2.65 6.77
C THR B 229 -2.08 3.14 7.05
N VAL B 230 -1.92 3.91 8.12
CA VAL B 230 -0.63 4.48 8.48
C VAL B 230 0.40 3.43 8.85
N GLY B 231 0.02 2.49 9.69
CA GLY B 231 0.90 1.39 10.06
C GLY B 231 1.38 0.65 8.84
N ASN B 232 0.45 0.31 7.94
CA ASN B 232 0.76 -0.45 6.73
C ASN B 232 1.76 0.27 5.80
N ALA B 233 1.61 1.58 5.68
CA ALA B 233 2.51 2.35 4.83
C ALA B 233 3.90 2.41 5.48
N LEU B 234 3.92 2.62 6.79
CA LEU B 234 5.17 2.67 7.55
C LEU B 234 6.02 1.40 7.38
N ILE B 235 5.42 0.23 7.56
CA ILE B 235 6.15 -1.02 7.54
C ILE B 235 6.53 -1.50 6.14
N ASN B 236 5.87 -0.95 5.11
CA ASN B 236 6.16 -1.31 3.72
C ASN B 236 7.06 -0.29 3.03
N HIS B 237 7.52 0.71 3.78
CA HIS B 237 8.35 1.78 3.19
C HIS B 237 9.75 1.28 2.88
N PRO B 238 10.15 1.40 1.59
CA PRO B 238 11.43 0.87 1.10
C PRO B 238 12.62 1.35 1.95
N LYS B 239 12.55 2.56 2.49
CA LYS B 239 13.69 3.12 3.21
C LYS B 239 13.78 2.66 4.66
N VAL B 240 12.74 1.97 5.14
CA VAL B 240 12.74 1.41 6.49
C VAL B 240 13.48 0.06 6.51
N GLY B 241 14.48 -0.03 7.39
CA GLY B 241 15.40 -1.18 7.38
C GLY B 241 15.04 -2.26 8.38
N VAL B 243 11.69 -3.27 11.29
CA VAL B 243 10.38 -2.98 11.86
C VAL B 243 10.25 -3.65 13.21
N SER B 244 9.85 -2.88 14.22
CA SER B 244 9.55 -3.45 15.52
C SER B 244 8.13 -3.17 15.95
N ILE B 245 7.42 -4.23 16.37
CA ILE B 245 6.04 -4.13 16.78
C ILE B 245 5.77 -5.00 18.01
N THR B 246 4.99 -4.45 18.92
CA THR B 246 4.32 -5.22 19.95
C THR B 246 2.83 -5.11 19.68
N GLY B 247 2.21 -6.25 19.44
CA GLY B 247 0.78 -6.38 19.28
C GLY B 247 0.40 -7.85 19.28
N ASP B 248 -0.64 -8.20 18.54
CA ASP B 248 -1.13 -9.58 18.51
C ASP B 248 -0.53 -10.38 17.37
N ILE B 249 -0.82 -11.68 17.38
CA ILE B 249 -0.29 -12.65 16.41
C ILE B 249 -0.63 -12.29 14.96
N ALA B 250 -1.86 -11.86 14.71
CA ALA B 250 -2.26 -11.47 13.36
C ALA B 250 -1.41 -10.32 12.81
N THR B 251 -1.18 -9.30 13.63
CA THR B 251 -0.37 -8.16 13.21
C THR B 251 1.10 -8.55 12.94
N GLY B 252 1.63 -9.47 13.74
CA GLY B 252 2.99 -9.96 13.52
C GLY B 252 3.12 -10.68 12.20
N LYS B 253 2.15 -11.55 11.93
CA LYS B 253 2.11 -12.27 10.66
C LYS B 253 2.00 -11.31 9.48
N LYS B 254 1.39 -10.16 9.75
CA LYS B 254 1.28 -9.09 8.77
C LYS B 254 2.65 -8.44 8.50
N VAL B 255 3.34 -8.11 9.59
CA VAL B 255 4.63 -7.45 9.52
C VAL B 255 5.67 -8.35 8.85
N LEU B 256 5.70 -9.62 9.24
CA LEU B 256 6.57 -10.59 8.58
C LEU B 256 6.26 -10.71 7.09
N ALA B 257 4.98 -10.67 6.73
CA ALA B 257 4.59 -10.76 5.32
C ALA B 257 5.09 -9.55 4.52
N ALA B 258 4.98 -8.35 5.09
CA ALA B 258 5.54 -7.14 4.50
C ALA B 258 7.04 -7.22 4.31
N ALA B 259 7.78 -7.35 5.41
CA ALA B 259 9.25 -7.51 5.40
C ALA B 259 9.77 -8.56 4.39
N ALA B 260 8.95 -9.56 4.07
CA ALA B 260 9.32 -10.57 3.09
C ALA B 260 9.57 -9.93 1.74
N LYS B 261 9.00 -8.74 1.53
CA LYS B 261 9.08 -8.09 0.22
C LYS B 261 10.45 -7.44 0.04
N THR B 262 11.07 -7.03 1.14
CA THR B 262 12.32 -6.30 1.07
C THR B 262 13.38 -6.75 2.07
N VAL B 263 13.18 -7.90 2.70
CA VAL B 263 14.14 -8.44 3.67
C VAL B 263 14.44 -7.47 4.85
N LYS B 264 13.44 -6.71 5.27
CA LYS B 264 13.55 -5.91 6.49
C LYS B 264 13.79 -6.80 7.71
N ARG B 265 14.63 -6.34 8.63
CA ARG B 265 14.82 -6.99 9.94
C ARG B 265 13.54 -6.73 10.72
N THR B 266 13.20 -7.64 11.63
CA THR B 266 11.96 -7.59 12.38
C THR B 266 12.23 -7.91 13.84
N HIS B 267 11.41 -7.31 14.69
CA HIS B 267 11.53 -7.40 16.12
C HIS B 267 10.08 -7.46 16.58
N LEU B 268 9.69 -8.63 17.07
CA LEU B 268 8.31 -9.02 17.20
C LEU B 268 8.00 -9.54 18.60
N GLU B 269 7.10 -8.84 19.28
CA GLU B 269 6.53 -9.31 20.56
C GLU B 269 5.03 -9.39 20.39
N LEU B 270 4.53 -10.62 20.36
CA LEU B 270 3.19 -10.93 19.82
C LEU B 270 2.17 -11.46 20.83
N GLY B 271 2.50 -11.33 22.11
CA GLY B 271 1.57 -11.75 23.15
C GLY B 271 1.95 -13.09 23.71
N GLY B 272 1.25 -13.47 24.77
CA GLY B 272 1.46 -14.72 25.42
C GLY B 272 0.25 -15.16 26.21
N LYS B 273 0.38 -16.32 26.82
CA LYS B 273 -0.68 -16.93 27.60
C LYS B 273 0.06 -17.60 28.76
N ALA B 274 0.52 -16.77 29.69
CA ALA B 274 1.50 -17.19 30.69
C ALA B 274 0.97 -18.33 31.56
N PRO B 275 1.64 -19.50 31.51
CA PRO B 275 1.23 -20.58 32.38
C PRO B 275 1.72 -20.33 33.80
N VAL B 276 0.90 -20.70 34.77
CA VAL B 276 1.22 -20.58 36.19
C VAL B 276 1.08 -22.00 36.76
N ILE B 277 2.20 -22.70 37.01
CA ILE B 277 2.13 -24.04 37.55
C ILE B 277 2.12 -23.98 39.08
N VAL B 278 1.04 -24.46 39.68
CA VAL B 278 0.92 -24.47 41.14
C VAL B 278 0.95 -25.90 41.68
N TYR B 279 2.07 -26.27 42.29
CA TYR B 279 2.23 -27.59 42.87
C TYR B 279 1.54 -27.62 44.22
N GLY B 280 1.36 -28.83 44.74
CA GLY B 280 0.63 -29.06 45.98
C GLY B 280 1.28 -28.42 47.20
N ASP B 281 2.62 -28.40 47.21
CA ASP B 281 3.33 -27.85 48.34
C ASP B 281 3.56 -26.35 48.22
N ALA B 282 2.78 -25.70 47.37
CA ALA B 282 2.87 -24.26 47.20
C ALA B 282 2.31 -23.55 48.42
N ASP B 283 2.91 -22.42 48.79
CA ASP B 283 2.28 -21.44 49.69
C ASP B 283 1.01 -20.88 49.03
N LEU B 284 -0.13 -21.50 49.33
CA LEU B 284 -1.41 -21.22 48.66
C LEU B 284 -1.92 -19.79 48.82
N GLU B 285 -1.67 -19.17 49.97
CA GLU B 285 -2.05 -17.75 50.15
C GLU B 285 -1.31 -16.88 49.16
N ALA B 286 0.01 -16.95 49.18
CA ALA B 286 0.87 -16.18 48.27
C ALA B 286 0.51 -16.32 46.78
N VAL B 287 0.09 -17.53 46.39
CA VAL B 287 -0.34 -17.84 45.05
C VAL B 287 -1.61 -17.05 44.73
N VAL B 288 -2.55 -17.07 45.66
CA VAL B 288 -3.82 -16.37 45.53
C VAL B 288 -3.59 -14.87 45.41
N ASN B 289 -2.77 -14.31 46.28
CA ASN B 289 -2.48 -12.89 46.23
C ASN B 289 -1.77 -12.48 44.93
N GLY B 290 -0.78 -13.26 44.52
CA GLY B 290 -0.12 -13.05 43.25
C GLY B 290 -1.10 -12.96 42.10
N ILE B 291 -1.86 -14.03 41.89
CA ILE B 291 -2.82 -14.10 40.79
C ILE B 291 -3.83 -12.94 40.88
N ARG B 292 -4.29 -12.62 42.09
CA ARG B 292 -5.21 -11.50 42.30
C ARG B 292 -4.67 -10.21 41.69
N THR B 293 -3.39 -9.97 41.88
CA THR B 293 -2.75 -8.82 41.26
C THR B 293 -2.43 -9.07 39.77
N PHE B 294 -1.66 -10.11 39.50
CA PHE B 294 -0.99 -10.25 38.21
C PHE B 294 -1.82 -10.97 37.16
N GLY B 295 -2.97 -11.48 37.56
CA GLY B 295 -3.92 -11.99 36.59
C GLY B 295 -4.81 -10.88 36.06
N TYR B 296 -4.87 -9.76 36.80
CA TYR B 296 -5.93 -8.77 36.60
C TYR B 296 -5.45 -7.33 36.47
N TYR B 297 -4.20 -7.08 36.81
CA TYR B 297 -3.57 -5.77 36.63
C TYR B 297 -3.78 -5.25 35.21
N ASN B 298 -4.05 -3.94 35.09
CA ASN B 298 -4.31 -3.34 33.78
C ASN B 298 -5.44 -4.07 33.08
N ALA B 299 -6.34 -4.62 33.89
CA ALA B 299 -7.52 -5.36 33.43
C ALA B 299 -7.14 -6.51 32.53
N GLY B 300 -6.04 -7.19 32.87
CA GLY B 300 -5.55 -8.31 32.10
C GLY B 300 -5.02 -7.91 30.74
N GLN B 301 -4.84 -6.61 30.50
CA GLN B 301 -4.30 -6.15 29.21
C GLN B 301 -2.79 -6.02 29.34
N ASP B 302 -2.16 -7.19 29.28
CA ASP B 302 -0.75 -7.35 29.61
C ASP B 302 -0.37 -8.73 29.12
N CYS B 303 0.63 -8.72 28.25
CA CYS B 303 1.29 -9.86 27.63
CA CYS B 303 1.07 -9.96 27.63
C CYS B 303 1.71 -10.95 28.63
N THR B 304 2.03 -10.53 29.86
CA THR B 304 2.55 -11.48 30.87
C THR B 304 1.56 -11.88 31.98
N ALA B 305 0.29 -11.46 31.83
CA ALA B 305 -0.79 -11.75 32.81
C ALA B 305 -0.88 -13.20 33.27
N ALA B 306 -1.02 -13.37 34.59
CA ALA B 306 -1.15 -14.67 35.25
C ALA B 306 -2.52 -15.29 34.97
N CYS B 307 -2.66 -15.90 33.80
CA CYS B 307 -3.98 -16.17 33.27
C CYS B 307 -4.25 -17.64 32.95
N ARG B 308 -3.23 -18.47 32.86
CA ARG B 308 -3.42 -19.88 32.52
C ARG B 308 -2.86 -20.71 33.66
N ILE B 309 -3.70 -20.96 34.66
CA ILE B 309 -3.26 -21.67 35.84
C ILE B 309 -3.41 -23.17 35.75
N TYR B 310 -2.32 -23.86 36.04
CA TYR B 310 -2.31 -25.29 36.19
C TYR B 310 -2.22 -25.58 37.68
N ALA B 311 -3.17 -26.35 38.21
CA ALA B 311 -3.13 -26.73 39.62
C ALA B 311 -3.24 -28.23 39.94
N GLU B 312 -2.26 -28.72 40.69
CA GLU B 312 -2.19 -30.10 41.11
C GLU B 312 -3.49 -30.51 41.80
N ALA B 313 -3.87 -31.78 41.59
CA ALA B 313 -5.13 -32.34 42.09
C ALA B 313 -5.33 -32.07 43.59
N GLY B 314 -4.29 -32.34 44.38
CA GLY B 314 -4.32 -32.07 45.82
C GLY B 314 -4.83 -30.69 46.22
N ILE B 315 -4.56 -29.67 45.41
CA ILE B 315 -4.83 -28.29 45.87
C ILE B 315 -5.87 -27.55 45.04
N TYR B 316 -6.26 -28.16 43.92
CA TYR B 316 -7.14 -27.55 42.95
C TYR B 316 -8.37 -26.87 43.56
N GLU B 317 -9.11 -27.63 44.35
CA GLU B 317 -10.41 -27.17 44.84
C GLU B 317 -10.25 -25.98 45.79
N LYS B 318 -9.27 -26.07 46.70
CA LYS B 318 -9.03 -24.98 47.64
C LYS B 318 -8.64 -23.72 46.86
N LEU B 319 -7.68 -23.86 45.95
CA LEU B 319 -7.22 -22.77 45.11
C LEU B 319 -8.37 -22.09 44.37
N VAL B 320 -9.21 -22.90 43.73
CA VAL B 320 -10.37 -22.36 43.03
C VAL B 320 -11.23 -21.46 43.95
N ALA B 321 -11.58 -21.92 45.15
CA ALA B 321 -12.41 -21.14 46.08
C ALA B 321 -11.75 -19.88 46.67
N ASP B 322 -10.48 -19.96 47.03
CA ASP B 322 -9.77 -18.81 47.62
C ASP B 322 -9.49 -17.71 46.59
N LEU B 323 -9.13 -18.12 45.38
CA LEU B 323 -8.92 -17.18 44.30
C LEU B 323 -10.25 -16.53 43.94
N THR B 324 -11.30 -17.36 43.87
CA THR B 324 -12.66 -16.91 43.57
C THR B 324 -13.06 -15.78 44.51
N SER B 325 -12.85 -16.00 45.79
CA SER B 325 -13.26 -15.05 46.80
C SER B 325 -12.42 -13.76 46.73
N ALA B 326 -11.12 -13.94 46.46
CA ALA B 326 -10.15 -12.84 46.40
C ALA B 326 -10.36 -11.96 45.17
N VAL B 327 -10.62 -12.59 44.04
CA VAL B 327 -10.90 -11.90 42.78
C VAL B 327 -12.14 -11.01 42.91
N SER B 328 -13.12 -11.47 43.68
CA SER B 328 -14.40 -10.76 43.78
C SER B 328 -14.35 -9.43 44.54
N THR B 329 -13.26 -9.19 45.29
CA THR B 329 -13.10 -7.94 46.03
C THR B 329 -12.27 -6.89 45.26
N ILE B 330 -11.77 -7.25 44.06
CA ILE B 330 -11.03 -6.30 43.22
C ILE B 330 -11.90 -5.10 42.86
N ARG B 331 -11.42 -3.92 43.23
CA ARG B 331 -12.18 -2.68 43.11
C ARG B 331 -11.90 -2.00 41.76
N TYR B 332 -12.90 -1.26 41.25
CA TYR B 332 -12.77 -0.53 39.98
C TYR B 332 -13.96 0.37 39.69
N ASN B 333 -13.67 1.39 38.88
CA ASN B 333 -14.65 2.41 38.50
C ASN B 333 -15.28 3.11 39.68
N LEU B 334 -14.47 3.36 40.71
CA LEU B 334 -14.89 4.17 41.83
C LEU B 334 -14.57 5.62 41.49
N ASP B 335 -15.37 6.53 42.04
CA ASP B 335 -15.13 7.97 41.93
C ASP B 335 -13.76 8.38 42.46
N ASP B 336 -13.38 7.82 43.61
CA ASP B 336 -12.06 8.09 44.18
C ASP B 336 -11.09 7.17 43.47
N ASP B 337 -10.43 7.69 42.43
CA ASP B 337 -9.50 6.91 41.60
C ASP B 337 -8.37 6.25 42.42
N THR B 338 -8.02 6.90 43.53
CA THR B 338 -7.15 6.37 44.58
C THR B 338 -7.48 4.92 44.98
N GLU B 339 -8.78 4.61 44.99
CA GLU B 339 -9.34 3.37 45.51
C GLU B 339 -9.52 2.27 44.44
N ASN B 340 -9.24 2.61 43.18
CA ASN B 340 -9.32 1.64 42.06
C ASN B 340 -8.06 0.76 41.93
N GLU B 341 -8.24 -0.52 41.67
CA GLU B 341 -7.10 -1.43 41.50
C GLU B 341 -6.84 -1.80 40.04
N ILE B 342 -7.89 -1.80 39.21
CA ILE B 342 -7.74 -1.96 37.76
C ILE B 342 -8.65 -0.97 37.05
N GLY B 343 -8.36 -0.72 35.77
CA GLY B 343 -9.19 0.14 34.93
C GLY B 343 -9.99 -0.69 33.95
N PRO B 344 -10.54 -0.05 32.90
CA PRO B 344 -11.38 -0.73 31.90
C PRO B 344 -10.56 -1.32 30.76
N LEU B 345 -11.21 -2.07 29.88
CA LEU B 345 -10.61 -2.50 28.61
C LEU B 345 -10.57 -1.26 27.73
N ILE B 346 -9.77 -1.30 26.67
CA ILE B 346 -9.50 -0.05 25.96
C ILE B 346 -10.70 0.46 25.17
N SER B 347 -11.47 -0.47 24.60
CA SER B 347 -12.57 -0.10 23.72
C SER B 347 -13.73 -1.09 23.83
N ARG B 348 -14.91 -0.66 23.35
CA ARG B 348 -16.09 -1.50 23.19
C ARG B 348 -15.76 -2.85 22.55
N ARG B 349 -15.10 -2.80 21.40
CA ARG B 349 -14.75 -3.98 20.64
C ARG B 349 -13.96 -5.00 21.46
N GLN B 350 -13.06 -4.51 22.32
CA GLN B 350 -12.29 -5.39 23.21
C GLN B 350 -13.14 -6.03 24.32
N ARG B 351 -14.08 -5.25 24.86
CA ARG B 351 -14.96 -5.83 25.85
C ARG B 351 -15.80 -6.93 25.23
N ASP B 352 -16.39 -6.59 24.08
CA ASP B 352 -17.30 -7.50 23.37
C ASP B 352 -16.60 -8.82 23.09
N ARG B 353 -15.32 -8.72 22.73
CA ARG B 353 -14.49 -9.86 22.41
C ARG B 353 -14.19 -10.70 23.66
N VAL B 354 -13.78 -10.04 24.75
CA VAL B 354 -13.57 -10.72 26.03
C VAL B 354 -14.86 -11.43 26.52
N ALA B 355 -15.99 -10.71 26.53
CA ALA B 355 -17.29 -11.28 26.85
C ALA B 355 -17.57 -12.61 26.12
N SER B 356 -17.26 -12.67 24.83
CA SER B 356 -17.51 -13.86 24.02
C SER B 356 -16.67 -15.07 24.38
N PHE B 357 -15.38 -14.85 24.58
CA PHE B 357 -14.52 -15.85 25.18
C PHE B 357 -15.18 -16.43 26.43
N VAL B 358 -15.61 -15.55 27.34
CA VAL B 358 -16.22 -15.98 28.59
C VAL B 358 -17.48 -16.81 28.32
N GLU B 359 -18.34 -16.30 27.45
CA GLU B 359 -19.59 -16.97 27.10
C GLU B 359 -19.39 -18.36 26.49
N ARG B 360 -18.57 -18.45 25.44
CA ARG B 360 -18.21 -19.73 24.83
C ARG B 360 -17.71 -20.74 25.86
N ALA B 361 -16.78 -20.31 26.73
CA ALA B 361 -16.28 -21.15 27.82
C ALA B 361 -17.36 -21.58 28.85
N ALA B 362 -18.20 -20.63 29.28
CA ALA B 362 -19.33 -20.95 30.17
C ALA B 362 -20.34 -21.92 29.54
N ASP B 363 -20.49 -21.85 28.22
CA ASP B 363 -21.28 -22.81 27.46
C ASP B 363 -20.84 -24.25 27.66
N GLN B 364 -19.59 -24.44 28.10
CA GLN B 364 -19.08 -25.79 28.30
C GLN B 364 -19.59 -26.41 29.60
N LYS B 365 -20.03 -27.67 29.49
CA LYS B 365 -20.62 -28.38 30.61
C LYS B 365 -19.65 -28.58 31.77
N HIS B 366 -18.38 -28.83 31.48
CA HIS B 366 -17.37 -29.08 32.52
C HIS B 366 -16.76 -27.83 33.13
N ILE B 367 -17.25 -26.66 32.71
CA ILE B 367 -16.69 -25.36 33.10
C ILE B 367 -17.63 -24.51 33.98
N GLU B 368 -17.07 -23.95 35.05
CA GLU B 368 -17.82 -23.07 35.95
C GLU B 368 -17.19 -21.67 36.09
N ILE B 369 -17.97 -20.64 35.76
CA ILE B 369 -17.57 -19.25 36.05
C ILE B 369 -17.89 -19.02 37.53
N THR B 370 -16.86 -19.02 38.35
CA THR B 370 -17.10 -18.92 39.79
C THR B 370 -17.36 -17.49 40.28
N THR B 371 -16.80 -16.49 39.60
CA THR B 371 -17.10 -15.08 39.90
C THR B 371 -16.93 -14.20 38.65
N GLY B 372 -17.66 -13.09 38.60
CA GLY B 372 -17.63 -12.16 37.46
C GLY B 372 -18.23 -12.70 36.18
N GLY B 373 -17.52 -12.50 35.07
CA GLY B 373 -17.97 -12.96 33.75
C GLY B 373 -19.03 -12.12 33.07
N ARG B 374 -19.31 -10.93 33.61
CA ARG B 374 -20.30 -10.01 33.02
C ARG B 374 -19.70 -8.61 32.88
N THR B 375 -20.39 -7.70 32.19
CA THR B 375 -19.87 -6.34 32.01
C THR B 375 -19.81 -5.62 33.36
N GLY B 376 -18.83 -4.75 33.55
CA GLY B 376 -18.64 -4.06 34.83
C GLY B 376 -19.02 -2.59 34.86
N SER B 377 -19.64 -2.10 33.78
CA SER B 377 -20.17 -0.73 33.72
C SER B 377 -21.17 -0.58 32.58
N ASP B 378 -22.05 0.42 32.65
CA ASP B 378 -22.90 0.77 31.48
C ASP B 378 -22.11 1.68 30.54
N GLU B 379 -21.63 2.79 31.09
CA GLU B 379 -20.69 3.66 30.39
C GLU B 379 -19.26 3.09 30.45
N GLY B 380 -18.45 3.35 29.43
CA GLY B 380 -17.09 2.84 29.40
C GLY B 380 -16.98 1.33 29.22
N PHE B 381 -15.76 0.79 29.35
CA PHE B 381 -15.52 -0.57 28.89
C PHE B 381 -14.96 -1.53 29.95
N PHE B 382 -15.54 -1.50 31.13
CA PHE B 382 -15.16 -2.44 32.21
C PHE B 382 -15.77 -3.83 31.99
N PHE B 383 -14.99 -4.86 32.29
CA PHE B 383 -15.51 -6.22 32.40
C PHE B 383 -15.18 -6.71 33.81
N GLN B 384 -15.99 -7.61 34.37
CA GLN B 384 -15.75 -8.06 35.73
C GLN B 384 -14.62 -9.07 35.80
N PRO B 385 -13.75 -8.92 36.81
CA PRO B 385 -12.69 -9.88 37.03
C PRO B 385 -13.31 -11.27 37.08
N THR B 386 -12.86 -12.15 36.22
CA THR B 386 -13.50 -13.45 36.04
C THR B 386 -12.56 -14.60 36.36
N VAL B 387 -13.10 -15.63 37.02
CA VAL B 387 -12.39 -16.89 37.26
C VAL B 387 -13.14 -18.01 36.52
N VAL B 388 -12.42 -18.77 35.70
CA VAL B 388 -13.00 -19.83 34.88
C VAL B 388 -12.40 -21.18 35.32
N ALA B 389 -13.18 -21.98 36.02
CA ALA B 389 -12.64 -23.20 36.61
C ALA B 389 -13.07 -24.44 35.83
N GLY B 390 -12.28 -25.49 35.95
CA GLY B 390 -12.63 -26.79 35.38
C GLY B 390 -12.23 -26.87 33.93
N ALA B 391 -11.52 -25.85 33.45
CA ALA B 391 -11.05 -25.80 32.08
C ALA B 391 -10.05 -26.91 31.79
N THR B 392 -10.01 -27.32 30.54
CA THR B 392 -9.27 -28.48 30.10
C THR B 392 -8.26 -27.99 29.04
N GLN B 393 -7.18 -28.74 28.82
CA GLN B 393 -6.16 -28.38 27.82
C GLN B 393 -6.69 -28.23 26.39
N GLU B 394 -7.87 -28.76 26.13
CA GLU B 394 -8.45 -28.65 24.81
C GLU B 394 -9.30 -27.39 24.70
N ASP B 395 -9.51 -26.70 25.81
CA ASP B 395 -10.45 -25.58 25.82
C ASP B 395 -9.88 -24.31 25.17
N GLU B 396 -10.73 -23.62 24.41
CA GLU B 396 -10.38 -22.36 23.77
C GLU B 396 -9.82 -21.38 24.82
N ILE B 397 -10.56 -21.20 25.90
CA ILE B 397 -10.13 -20.42 27.06
C ILE B 397 -8.71 -20.74 27.57
N VAL B 398 -8.21 -21.94 27.31
CA VAL B 398 -6.83 -22.29 27.71
C VAL B 398 -5.91 -22.08 26.52
N ARG B 399 -6.41 -22.38 25.32
CA ARG B 399 -5.60 -22.35 24.11
C ARG B 399 -5.29 -20.95 23.55
N ARG B 400 -6.20 -20.00 23.74
CA ARG B 400 -6.04 -18.71 23.07
C ARG B 400 -6.03 -17.52 24.02
N GLU B 401 -5.30 -16.48 23.63
CA GLU B 401 -5.14 -15.26 24.41
C GLU B 401 -6.46 -14.46 24.55
N VAL B 402 -6.86 -14.20 25.78
CA VAL B 402 -8.06 -13.42 26.08
C VAL B 402 -7.80 -11.90 26.12
N PHE B 403 -6.77 -11.48 26.85
CA PHE B 403 -6.43 -10.06 26.99
C PHE B 403 -7.56 -9.26 27.66
N GLY B 404 -8.09 -9.82 28.73
CA GLY B 404 -9.03 -9.14 29.61
C GLY B 404 -8.87 -9.70 31.01
N PRO B 405 -9.72 -9.24 31.97
CA PRO B 405 -9.61 -9.65 33.39
C PRO B 405 -10.16 -11.07 33.63
N VAL B 406 -9.48 -12.07 33.07
CA VAL B 406 -9.97 -13.45 33.08
C VAL B 406 -8.83 -14.44 33.31
N VAL B 407 -9.02 -15.30 34.30
CA VAL B 407 -8.02 -16.28 34.64
C VAL B 407 -8.71 -17.64 34.67
N SER B 408 -8.09 -18.64 34.04
CA SER B 408 -8.65 -19.99 34.03
C SER B 408 -7.80 -20.95 34.84
N VAL B 409 -8.46 -21.91 35.48
CA VAL B 409 -7.78 -22.95 36.24
C VAL B 409 -8.00 -24.36 35.67
N THR B 410 -6.88 -25.04 35.40
CA THR B 410 -6.88 -26.42 34.93
C THR B 410 -6.24 -27.32 35.97
N ARG B 411 -6.85 -28.48 36.18
CA ARG B 411 -6.35 -29.50 37.12
C ARG B 411 -5.32 -30.40 36.43
N PHE B 412 -4.23 -30.73 37.12
CA PHE B 412 -3.33 -31.79 36.66
C PHE B 412 -3.10 -32.81 37.75
N THR B 413 -2.97 -34.07 37.36
CA THR B 413 -2.85 -35.17 38.34
C THR B 413 -1.40 -35.61 38.43
N GLY B 414 -1.14 -36.58 39.31
CA GLY B 414 0.24 -37.03 39.53
C GLY B 414 0.89 -37.77 38.38
N LYS B 415 0.10 -38.35 37.48
CA LYS B 415 0.66 -39.04 36.31
C LYS B 415 0.77 -38.09 35.10
N ASP B 416 0.59 -36.80 35.39
CA ASP B 416 0.64 -35.76 34.39
C ASP B 416 1.89 -34.91 34.54
N ASP B 417 2.36 -34.37 33.44
CA ASP B 417 3.53 -33.50 33.46
C ASP B 417 3.11 -32.06 33.20
N ALA B 418 2.82 -31.33 34.28
CA ALA B 418 2.47 -29.91 34.22
C ALA B 418 3.43 -29.08 33.33
N VAL B 419 4.70 -29.46 33.31
CA VAL B 419 5.69 -28.77 32.48
C VAL B 419 5.41 -29.04 31.00
N ALA B 420 5.38 -30.33 30.60
CA ALA B 420 4.90 -30.71 29.27
C ALA B 420 3.61 -29.96 28.91
N TRP B 421 2.62 -29.97 29.82
CA TRP B 421 1.34 -29.31 29.53
C TRP B 421 1.53 -27.86 29.22
N ALA B 422 2.38 -27.19 29.99
CA ALA B 422 2.60 -25.76 29.79
C ALA B 422 3.35 -25.47 28.48
N ASN B 423 4.30 -26.35 28.14
CA ASN B 423 5.08 -26.24 26.91
C ASN B 423 4.26 -26.56 25.67
N ASP B 424 3.16 -27.27 25.86
CA ASP B 424 2.22 -27.55 24.78
C ASP B 424 1.37 -26.32 24.53
N SER B 425 1.98 -25.35 23.85
CA SER B 425 1.36 -24.08 23.60
C SER B 425 2.05 -23.40 22.43
N ASP B 426 1.29 -22.59 21.70
CA ASP B 426 1.85 -21.78 20.64
C ASP B 426 2.63 -20.62 21.22
N TYR B 427 2.38 -20.31 22.49
CA TYR B 427 2.99 -19.15 23.15
C TYR B 427 4.25 -19.52 23.92
N GLY B 428 5.08 -18.50 24.16
CA GLY B 428 6.38 -18.71 24.82
C GLY B 428 7.01 -17.48 25.43
N LEU B 429 6.17 -16.57 25.94
CA LEU B 429 6.67 -15.34 26.51
C LEU B 429 7.04 -15.42 27.98
N ALA B 430 6.11 -15.80 28.85
CA ALA B 430 6.38 -15.71 30.28
C ALA B 430 5.68 -16.82 31.04
N SER B 431 6.08 -17.07 32.28
CA SER B 431 5.53 -18.20 33.03
C SER B 431 5.87 -18.07 34.50
N SER B 432 5.13 -18.76 35.37
CA SER B 432 5.57 -18.92 36.77
C SER B 432 5.36 -20.31 37.35
N VAL B 433 6.16 -20.63 38.35
CA VAL B 433 6.06 -21.89 39.06
C VAL B 433 6.03 -21.63 40.57
N TRP B 434 5.10 -22.28 41.26
CA TRP B 434 4.93 -22.06 42.69
C TRP B 434 5.04 -23.33 43.47
N THR B 435 5.94 -23.31 44.44
CA THR B 435 6.33 -24.50 45.18
C THR B 435 7.28 -24.06 46.28
N LYS B 436 7.25 -24.76 47.41
CA LYS B 436 8.17 -24.48 48.47
C LYS B 436 9.45 -25.25 48.22
N ASP B 437 9.37 -26.23 47.32
CA ASP B 437 10.42 -27.20 47.02
C ASP B 437 11.40 -26.70 45.96
N ILE B 438 12.63 -26.41 46.40
CA ILE B 438 13.66 -25.88 45.48
C ILE B 438 13.92 -26.82 44.30
N SER B 439 13.84 -28.13 44.56
CA SER B 439 14.05 -29.13 43.51
C SER B 439 13.07 -29.02 42.34
N LYS B 440 11.78 -29.13 42.63
CA LYS B 440 10.75 -28.97 41.61
C LYS B 440 10.81 -27.63 40.86
N ALA B 441 11.09 -26.55 41.60
CA ALA B 441 11.24 -25.23 41.00
C ALA B 441 12.31 -25.19 39.90
N ARG B 443 13.86 -27.69 38.37
CA ARG B 443 13.54 -28.57 37.25
C ARG B 443 12.55 -27.89 36.33
N ALA B 444 11.46 -27.37 36.88
CA ALA B 444 10.51 -26.56 36.10
C ALA B 444 11.22 -25.44 35.35
N ALA B 445 11.93 -24.56 36.06
CA ALA B 445 12.62 -23.42 35.44
C ALA B 445 13.52 -23.83 34.27
N SER B 446 14.17 -25.00 34.38
CA SER B 446 15.12 -25.37 33.35
C SER B 446 14.42 -25.87 32.10
N ARG B 447 13.22 -26.40 32.26
CA ARG B 447 12.56 -27.06 31.14
C ARG B 447 11.50 -26.21 30.46
N LEU B 448 11.08 -25.12 31.10
CA LEU B 448 9.99 -24.34 30.54
C LEU B 448 10.44 -23.64 29.25
N GLN B 449 9.59 -23.66 28.24
CA GLN B 449 9.91 -23.11 26.93
C GLN B 449 9.27 -21.72 26.86
N TYR B 450 9.73 -20.84 27.75
CA TYR B 450 9.13 -19.54 28.00
C TYR B 450 10.23 -18.53 28.20
N GLY B 451 10.08 -17.37 27.57
CA GLY B 451 11.10 -16.31 27.64
C GLY B 451 11.49 -15.95 29.06
N CYS B 452 10.59 -16.20 29.99
CA CYS B 452 10.84 -15.80 31.35
C CYS B 452 10.09 -16.75 32.28
N THR B 453 10.71 -17.09 33.41
CA THR B 453 10.08 -17.93 34.42
C THR B 453 10.33 -17.30 35.78
N TRP B 454 9.26 -16.89 36.46
CA TRP B 454 9.36 -16.46 37.85
C TRP B 454 9.14 -17.66 38.73
N ILE B 455 9.82 -17.70 39.85
CA ILE B 455 9.53 -18.73 40.83
C ILE B 455 9.01 -18.05 42.07
N ASN B 456 7.81 -18.45 42.48
CA ASN B 456 7.10 -17.89 43.64
C ASN B 456 6.85 -16.40 43.59
N THR B 457 6.75 -15.90 42.36
CA THR B 457 6.10 -14.65 42.04
C THR B 457 5.66 -14.69 40.58
N HIS B 458 5.27 -13.53 40.05
CA HIS B 458 4.91 -13.39 38.66
C HIS B 458 5.05 -11.94 38.30
N PHE B 459 5.21 -11.64 37.01
CA PHE B 459 4.94 -10.30 36.47
C PHE B 459 6.08 -9.30 36.65
N LEU B 461 9.14 -7.13 36.56
CA LEU B 461 10.09 -6.71 35.55
C LEU B 461 11.18 -5.85 36.17
N THR B 462 12.37 -5.90 35.56
CA THR B 462 13.45 -4.99 35.92
C THR B 462 14.24 -4.69 34.64
N ASN B 463 14.53 -3.42 34.40
CA ASN B 463 15.06 -2.97 33.11
C ASN B 463 16.37 -3.65 32.62
N GLU B 464 17.14 -4.26 33.53
CA GLU B 464 18.35 -5.02 33.16
C GLU B 464 18.06 -6.42 32.63
N PRO B 466 15.86 -9.22 30.25
CA PRO B 466 15.21 -9.20 28.95
C PRO B 466 13.81 -9.74 29.01
N HIS B 467 12.94 -9.18 28.18
CA HIS B 467 11.59 -9.68 28.04
C HIS B 467 11.30 -9.93 26.57
N GLY B 468 10.69 -11.07 26.26
CA GLY B 468 10.63 -11.51 24.87
C GLY B 468 10.42 -13.02 24.81
N GLY B 469 9.77 -13.50 23.76
CA GLY B 469 9.35 -14.90 23.76
C GLY B 469 9.93 -15.82 22.73
N ILE B 470 9.35 -17.01 22.65
CA ILE B 470 9.75 -18.03 21.69
C ILE B 470 8.49 -18.39 20.93
N LYS B 471 8.63 -19.22 19.88
CA LYS B 471 7.51 -19.69 19.06
C LYS B 471 6.70 -18.50 18.59
N GLN B 472 5.38 -18.57 18.76
CA GLN B 472 4.51 -17.58 18.14
C GLN B 472 4.40 -16.29 18.94
N SER B 473 5.04 -16.26 20.11
CA SER B 473 5.20 -15.04 20.87
C SER B 473 6.15 -14.05 20.22
N GLY B 474 6.96 -14.55 19.28
CA GLY B 474 7.83 -13.71 18.50
C GLY B 474 9.26 -13.94 18.89
N TYR B 475 10.12 -12.95 18.63
CA TYR B 475 11.54 -13.00 19.00
C TYR B 475 12.05 -11.57 19.17
N GLY B 476 13.25 -11.42 19.72
CA GLY B 476 13.73 -10.11 20.11
C GLY B 476 13.33 -9.82 21.55
N LYS B 477 14.09 -8.96 22.21
CA LYS B 477 13.86 -8.66 23.62
C LYS B 477 13.57 -7.17 23.78
N ASP B 478 12.80 -6.84 24.80
CA ASP B 478 12.66 -5.46 25.28
C ASP B 478 13.32 -5.36 26.64
N SER B 480 16.94 -4.62 28.97
CA SER B 480 18.26 -5.27 28.95
C SER B 480 19.16 -4.82 27.82
N VAL B 481 20.42 -5.22 27.94
CA VAL B 481 21.39 -5.01 26.89
C VAL B 481 20.95 -5.68 25.61
N TYR B 482 20.12 -6.71 25.70
CA TYR B 482 19.76 -7.49 24.51
C TYR B 482 18.85 -6.72 23.52
N ALA B 483 18.03 -5.83 24.08
CA ALA B 483 17.17 -4.98 23.28
C ALA B 483 18.08 -4.16 22.38
N LEU B 484 19.14 -3.63 22.97
CA LEU B 484 20.09 -2.82 22.24
C LEU B 484 20.95 -3.61 21.25
N GLU B 485 21.27 -4.87 21.56
CA GLU B 485 21.94 -5.75 20.58
C GLU B 485 20.99 -6.05 19.40
N ASP B 486 19.70 -6.13 19.65
CA ASP B 486 18.77 -6.26 18.53
C ASP B 486 18.74 -5.07 17.58
N TYR B 487 19.25 -3.92 18.02
CA TYR B 487 19.19 -2.72 17.17
C TYR B 487 20.53 -2.25 16.64
N THR B 488 21.57 -3.04 16.85
CA THR B 488 22.87 -2.67 16.31
C THR B 488 23.34 -3.81 15.42
N ALA B 489 24.26 -3.51 14.49
CA ALA B 489 24.82 -4.51 13.60
C ALA B 489 26.25 -4.85 14.05
N VAL B 490 26.53 -6.15 14.17
CA VAL B 490 27.84 -6.62 14.51
C VAL B 490 28.74 -6.58 13.27
N ARG B 491 29.88 -5.89 13.38
CA ARG B 491 30.84 -5.71 12.28
C ARG B 491 32.23 -6.19 12.62
N HIS B 492 32.82 -6.96 11.73
CA HIS B 492 34.19 -7.43 11.87
C HIS B 492 35.10 -6.59 11.02
N ILE B 493 36.11 -6.00 11.64
CA ILE B 493 37.11 -5.23 10.93
C ILE B 493 38.45 -5.93 11.05
N ILE B 495 42.51 -5.85 9.81
CA ILE B 495 43.57 -5.04 9.22
C ILE B 495 44.80 -5.86 8.99
N ASN B 496 45.26 -5.83 7.75
CA ASN B 496 46.40 -6.62 7.37
C ASN B 496 47.68 -5.80 7.61
N HIS B 497 48.56 -6.25 8.51
CA HIS B 497 49.89 -5.64 8.63
C HIS B 497 50.77 -6.16 7.54
N GLY B 498 51.24 -7.40 7.72
CA GLY B 498 52.18 -8.05 6.80
C GLY B 498 53.30 -8.75 7.55
N ASP C 25 35.56 23.93 53.31
CA ASP C 25 35.20 22.64 53.87
C ASP C 25 36.39 21.97 54.53
N THR C 26 36.24 21.69 55.80
CA THR C 26 37.38 21.48 56.67
C THR C 26 37.32 20.15 57.40
N GLN C 27 36.13 19.58 57.49
CA GLN C 27 35.89 18.47 58.40
C GLN C 27 35.95 17.10 57.73
N LEU C 28 36.32 16.10 58.51
CA LEU C 28 36.39 14.75 58.00
C LEU C 28 34.98 14.14 58.03
N LEU C 29 34.72 13.24 57.10
CA LEU C 29 33.48 12.49 57.11
C LEU C 29 33.78 11.18 57.78
N ILE C 30 33.14 10.97 58.93
CA ILE C 30 33.27 9.74 59.70
C ILE C 30 31.85 9.27 60.05
N GLY C 31 31.30 8.37 59.23
CA GLY C 31 29.91 7.90 59.40
C GLY C 31 28.92 9.04 59.31
N SER C 32 28.14 9.24 60.37
CA SER C 32 27.12 10.29 60.34
C SER C 32 27.64 11.65 60.80
N ARG C 33 28.95 11.75 60.99
CA ARG C 33 29.55 12.91 61.66
C ARG C 33 30.65 13.60 60.83
N PHE C 34 30.58 14.93 60.77
CA PHE C 34 31.68 15.73 60.24
C PHE C 34 32.53 16.23 61.40
N GLU C 35 33.84 16.08 61.27
CA GLU C 35 34.73 16.29 62.40
C GLU C 35 36.03 16.96 61.96
N ALA C 36 36.52 17.91 62.76
CA ALA C 36 37.90 18.35 62.63
C ALA C 36 38.85 17.17 62.96
N GLY C 37 39.93 17.04 62.20
CA GLY C 37 41.01 16.10 62.55
C GLY C 37 41.67 16.41 63.89
N THR C 38 41.99 15.38 64.68
CA THR C 38 42.55 15.55 66.02
C THR C 38 44.07 15.77 66.01
N GLU C 39 44.76 15.12 65.08
CA GLU C 39 46.22 15.11 65.09
C GLU C 39 46.91 16.36 64.51
N ALA C 40 48.22 16.25 64.24
CA ALA C 40 49.01 17.37 63.78
C ALA C 40 48.51 17.90 62.42
N GLU C 41 48.91 19.13 62.13
CA GLU C 41 48.42 19.83 60.95
C GLU C 41 49.40 19.77 59.79
N GLU C 42 48.84 19.61 58.59
CA GLU C 42 49.59 19.78 57.35
C GLU C 42 49.55 21.25 56.95
N HIS C 43 50.64 21.75 56.36
CA HIS C 43 50.62 23.08 55.75
C HIS C 43 50.28 22.96 54.30
N ILE C 44 48.99 23.06 53.99
CA ILE C 44 48.53 23.09 52.62
C ILE C 44 48.92 24.41 51.98
N LEU C 45 49.78 24.29 50.97
CA LEU C 45 50.38 25.43 50.30
C LEU C 45 49.75 25.69 48.93
N ASN C 46 49.73 26.96 48.54
CA ASN C 46 49.46 27.35 47.15
C ASN C 46 50.76 27.15 46.38
N PRO C 47 50.77 26.24 45.39
CA PRO C 47 52.06 25.91 44.84
C PRO C 47 52.64 26.93 43.83
N ARG C 48 51.85 27.90 43.38
CA ARG C 48 52.42 28.91 42.49
C ARG C 48 52.95 30.17 43.19
N THR C 49 52.55 30.38 44.44
CA THR C 49 53.05 31.52 45.21
C THR C 49 53.91 31.07 46.41
N GLY C 50 53.76 29.81 46.81
CA GLY C 50 54.46 29.29 47.99
C GLY C 50 53.76 29.60 49.31
N ALA C 51 52.74 30.45 49.27
CA ALA C 51 52.01 30.90 50.46
C ALA C 51 51.07 29.82 50.98
N GLY C 52 50.78 29.85 52.28
CA GLY C 52 49.84 28.92 52.93
C GLY C 52 48.38 29.17 52.54
N ILE C 53 47.64 28.10 52.25
CA ILE C 53 46.20 28.23 52.05
C ILE C 53 45.48 27.93 53.37
N ILE C 54 45.77 26.77 53.95
CA ILE C 54 45.21 26.41 55.24
C ILE C 54 46.09 25.41 55.99
N ASP C 55 46.02 25.44 57.31
CA ASP C 55 46.61 24.40 58.11
C ASP C 55 45.49 23.42 58.48
N LEU C 56 45.68 22.14 58.12
CA LEU C 56 44.64 21.15 58.34
C LEU C 56 45.07 19.95 59.18
N ALA C 57 44.33 19.72 60.25
CA ALA C 57 44.62 18.65 61.21
C ALA C 57 44.34 17.27 60.62
N GLU C 58 45.32 16.37 60.77
CA GLU C 58 45.17 14.97 60.33
C GLU C 58 44.16 14.24 61.20
N ALA C 59 43.61 13.16 60.66
CA ALA C 59 42.81 12.21 61.43
C ALA C 59 43.68 11.54 62.47
N SER C 60 43.18 11.42 63.70
CA SER C 60 43.86 10.58 64.69
C SER C 60 43.63 9.09 64.39
N HIS C 61 44.34 8.22 65.11
CA HIS C 61 44.17 6.78 64.96
C HIS C 61 42.78 6.34 65.38
N ALA C 62 42.23 6.91 66.45
CA ALA C 62 40.87 6.58 66.85
C ALA C 62 39.86 6.97 65.78
N GLN C 63 40.17 8.06 65.08
CA GLN C 63 39.33 8.55 64.00
C GLN C 63 39.42 7.65 62.76
N ILE C 64 40.60 7.09 62.49
CA ILE C 64 40.75 6.08 61.44
C ILE C 64 40.00 4.81 61.79
N ASP C 65 40.09 4.38 63.04
CA ASP C 65 39.25 3.29 63.55
C ASP C 65 37.75 3.56 63.41
N ALA C 66 37.31 4.77 63.81
CA ALA C 66 35.88 5.12 63.71
C ALA C 66 35.36 5.17 62.27
N ALA C 67 36.23 5.53 61.33
CA ALA C 67 35.85 5.63 59.92
C ALA C 67 35.61 4.24 59.38
N VAL C 68 36.56 3.36 59.67
CA VAL C 68 36.51 1.99 59.23
C VAL C 68 35.35 1.24 59.92
N ASP C 69 35.13 1.48 61.21
CA ASP C 69 33.97 0.87 61.90
C ASP C 69 32.65 1.31 61.26
N ALA C 70 32.58 2.57 60.84
CA ALA C 70 31.36 3.12 60.25
C ALA C 70 31.13 2.56 58.85
N ALA C 71 32.23 2.22 58.20
CA ALA C 71 32.22 1.57 56.91
C ALA C 71 31.77 0.12 57.05
N GLU C 72 32.11 -0.50 58.17
CA GLU C 72 31.71 -1.88 58.46
C GLU C 72 30.21 -1.98 58.71
N ARG C 73 29.68 -1.01 59.47
CA ARG C 73 28.25 -0.96 59.74
C ARG C 73 27.48 -0.66 58.47
N ALA C 74 28.02 0.24 57.63
CA ALA C 74 27.35 0.64 56.39
C ALA C 74 27.28 -0.52 55.40
N PHE C 75 28.32 -1.36 55.39
CA PHE C 75 28.39 -2.51 54.47
C PHE C 75 27.18 -3.43 54.60
N VAL C 76 26.77 -3.74 55.84
CA VAL C 76 25.59 -4.59 56.09
C VAL C 76 24.46 -4.25 55.10
N GLY C 77 24.06 -2.98 55.10
CA GLY C 77 22.99 -2.49 54.23
C GLY C 77 23.43 -2.31 52.79
N TRP C 78 24.52 -1.56 52.60
CA TRP C 78 24.97 -1.23 51.24
C TRP C 78 25.28 -2.40 50.36
N SER C 79 25.86 -3.47 50.92
CA SER C 79 26.23 -4.65 50.10
C SER C 79 25.03 -5.40 49.55
N GLN C 80 23.85 -4.98 49.98
CA GLN C 80 22.60 -5.67 49.76
C GLN C 80 21.67 -4.83 48.90
N THR C 81 22.14 -3.67 48.49
CA THR C 81 21.36 -2.80 47.59
C THR C 81 21.45 -3.32 46.17
N THR C 82 20.51 -2.89 45.35
CA THR C 82 20.42 -3.34 43.97
C THR C 82 21.36 -2.51 43.08
N PRO C 83 21.75 -3.08 41.92
CA PRO C 83 22.48 -2.25 40.96
C PRO C 83 21.77 -0.91 40.69
N ALA C 84 20.44 -0.93 40.50
CA ALA C 84 19.67 0.29 40.26
C ALA C 84 19.81 1.34 41.37
N GLU C 85 19.83 0.89 42.62
CA GLU C 85 19.95 1.81 43.75
C GLU C 85 21.31 2.50 43.77
N ARG C 86 22.36 1.71 43.61
CA ARG C 86 23.71 2.23 43.55
C ARG C 86 23.91 3.15 42.38
N SER C 87 23.38 2.74 41.23
CA SER C 87 23.38 3.53 40.00
C SER C 87 22.70 4.90 40.15
N ASN C 88 21.48 4.92 40.68
CA ASN C 88 20.81 6.19 41.02
C ASN C 88 21.66 7.09 41.90
N ALA C 89 22.39 6.48 42.84
CA ALA C 89 23.26 7.22 43.76
C ALA C 89 24.46 7.87 43.04
N LEU C 90 25.11 7.12 42.15
CA LEU C 90 26.18 7.67 41.34
C LEU C 90 25.71 8.77 40.42
N LEU C 91 24.51 8.60 39.84
CA LEU C 91 23.92 9.68 39.04
C LEU C 91 23.70 10.96 39.85
N LYS C 92 23.22 10.82 41.09
CA LYS C 92 22.99 11.98 41.94
C LYS C 92 24.29 12.70 42.35
N ILE C 93 25.38 11.95 42.48
CA ILE C 93 26.68 12.54 42.77
C ILE C 93 27.19 13.31 41.53
N ALA C 94 27.16 12.66 40.36
CA ALA C 94 27.41 13.36 39.08
C ALA C 94 26.67 14.69 39.04
N ASP C 95 25.37 14.64 39.32
CA ASP C 95 24.50 15.82 39.33
C ASP C 95 25.02 16.90 40.29
N ALA C 96 25.55 16.45 41.44
CA ALA C 96 25.99 17.35 42.50
C ALA C 96 27.26 18.11 42.13
N ILE C 97 28.28 17.36 41.69
CA ILE C 97 29.51 17.92 41.17
C ILE C 97 29.24 18.87 40.02
N GLU C 98 28.30 18.53 39.15
CA GLU C 98 27.89 19.38 38.03
C GLU C 98 27.29 20.71 38.50
N LYS C 99 26.44 20.70 39.52
CA LYS C 99 25.89 21.94 40.08
C LYS C 99 26.95 22.94 40.58
N GLU C 100 28.08 22.41 41.04
CA GLU C 100 29.12 23.18 41.71
C GLU C 100 30.43 23.15 40.94
N ALA C 101 30.33 22.90 39.64
CA ALA C 101 31.49 22.64 38.77
C ALA C 101 32.52 23.77 38.82
N ASP C 102 32.08 25.00 38.58
CA ASP C 102 32.96 26.16 38.69
C ASP C 102 33.73 26.20 40.00
N GLU C 103 33.02 26.01 41.11
CA GLU C 103 33.60 26.11 42.44
C GLU C 103 34.61 24.98 42.67
N PHE C 104 34.30 23.77 42.20
CA PHE C 104 35.28 22.68 42.28
C PHE C 104 36.52 23.03 41.48
N ALA C 105 36.32 23.58 40.28
CA ALA C 105 37.43 23.95 39.42
C ALA C 105 38.37 24.92 40.12
N ALA C 106 37.81 26.03 40.59
CA ALA C 106 38.58 27.06 41.28
C ALA C 106 39.31 26.51 42.51
N LEU C 107 38.68 25.61 43.25
CA LEU C 107 39.31 25.08 44.46
C LEU C 107 40.48 24.14 44.06
N GLU C 108 40.29 23.40 42.97
CA GLU C 108 41.33 22.53 42.45
C GLU C 108 42.48 23.34 41.87
N ALA C 109 42.15 24.39 41.13
CA ALA C 109 43.16 25.33 40.58
C ALA C 109 44.06 25.94 41.67
N LEU C 110 43.42 26.58 42.65
CA LEU C 110 44.08 27.12 43.83
C LEU C 110 44.99 26.09 44.52
N ASN C 111 44.45 24.90 44.77
CA ASN C 111 45.18 23.86 45.47
C ASN C 111 46.41 23.36 44.70
N CYS C 112 46.29 23.27 43.38
CA CYS C 112 47.23 22.51 42.55
C CYS C 112 48.04 23.34 41.57
N GLY C 113 47.72 24.63 41.50
CA GLY C 113 48.35 25.53 40.54
C GLY C 113 47.89 25.37 39.10
N LYS C 114 46.96 24.44 38.86
CA LYS C 114 46.50 24.15 37.51
C LYS C 114 45.84 25.38 36.93
N PRO C 115 46.08 25.66 35.63
CA PRO C 115 45.39 26.80 35.00
C PRO C 115 43.88 26.61 35.08
N ILE C 116 43.19 27.64 35.58
CA ILE C 116 41.74 27.59 35.78
C ILE C 116 40.95 26.98 34.61
N ASN C 117 41.29 27.34 33.36
CA ASN C 117 40.50 26.83 32.21
C ASN C 117 40.79 25.39 31.80
N ALA C 118 41.96 24.87 32.18
CA ALA C 118 42.25 23.47 31.95
C ALA C 118 41.35 22.61 32.86
N VAL C 119 41.32 22.95 34.16
CA VAL C 119 40.41 22.32 35.14
C VAL C 119 38.94 22.40 34.71
N LYS C 120 38.52 23.57 34.24
CA LYS C 120 37.13 23.83 33.83
C LYS C 120 36.70 23.06 32.57
N ASN C 121 37.58 23.02 31.58
CA ASN C 121 37.23 22.45 30.28
C ASN C 121 37.66 21.01 30.12
N ASP C 122 38.69 20.61 30.85
CA ASP C 122 39.23 19.26 30.69
C ASP C 122 38.76 18.36 31.83
N GLU C 123 39.18 18.69 33.06
CA GLU C 123 38.95 17.82 34.22
C GLU C 123 37.50 17.71 34.69
N LEU C 124 36.83 18.84 34.96
CA LEU C 124 35.45 18.76 35.43
C LEU C 124 34.53 17.89 34.53
N PRO C 125 34.42 18.22 33.24
CA PRO C 125 33.55 17.40 32.43
C PRO C 125 33.93 15.91 32.49
N ALA C 126 35.22 15.61 32.54
CA ALA C 126 35.69 14.23 32.61
C ALA C 126 35.30 13.54 33.93
N ILE C 127 35.51 14.24 35.04
CA ILE C 127 35.07 13.79 36.36
C ILE C 127 33.56 13.48 36.40
N ILE C 128 32.75 14.47 36.01
CA ILE C 128 31.30 14.28 36.00
C ILE C 128 30.91 13.04 35.17
N ASP C 129 31.55 12.88 34.03
CA ASP C 129 31.20 11.83 33.11
C ASP C 129 31.69 10.46 33.66
N CYS C 130 32.62 10.50 34.60
CA CYS C 130 33.15 9.29 35.18
C CYS C 130 32.12 8.70 36.11
N TRP C 131 31.52 9.57 36.90
CA TRP C 131 30.44 9.18 37.78
C TRP C 131 29.25 8.66 37.00
N ARG C 132 28.92 9.34 35.91
CA ARG C 132 27.80 8.91 35.06
C ARG C 132 28.12 7.62 34.35
N PHE C 133 29.36 7.49 33.86
CA PHE C 133 29.78 6.22 33.23
C PHE C 133 29.54 5.06 34.16
N PHE C 134 30.13 5.13 35.35
CA PHE C 134 29.97 4.05 36.34
C PHE C 134 28.53 3.80 36.77
N ALA C 135 27.69 4.85 36.80
CA ALA C 135 26.25 4.62 37.02
C ALA C 135 25.64 3.58 36.05
N GLY C 136 26.11 3.60 34.81
CA GLY C 136 25.71 2.61 33.83
C GLY C 136 26.41 1.27 34.00
N ALA C 137 27.73 1.29 34.17
CA ALA C 137 28.54 0.07 34.29
C ALA C 137 28.02 -0.82 35.44
N VAL C 138 27.60 -0.17 36.51
CA VAL C 138 27.01 -0.85 37.67
C VAL C 138 25.88 -1.81 37.28
N ARG C 139 25.17 -1.48 36.20
CA ARG C 139 23.99 -2.21 35.78
C ARG C 139 24.29 -3.14 34.60
N ASN C 140 25.55 -3.26 34.22
CA ASN C 140 25.88 -3.98 32.98
C ASN C 140 27.05 -4.98 33.05
N LEU C 141 27.21 -5.59 34.21
CA LEU C 141 28.21 -6.65 34.35
C LEU C 141 27.75 -7.94 33.69
N HIS C 142 28.65 -8.61 32.97
CA HIS C 142 28.36 -9.92 32.37
C HIS C 142 29.09 -10.99 33.11
N ALA C 143 28.83 -12.26 32.77
CA ALA C 143 29.54 -13.44 33.31
C ALA C 143 29.09 -14.61 32.46
N PRO C 144 29.71 -15.81 32.61
CA PRO C 144 29.19 -16.97 31.86
C PRO C 144 27.70 -17.25 32.14
N ALA C 145 26.98 -17.71 31.13
CA ALA C 145 25.54 -17.90 31.23
C ALA C 145 25.23 -18.95 32.30
N ALA C 146 24.10 -18.77 33.00
CA ALA C 146 23.63 -19.79 33.93
C ALA C 146 23.09 -20.97 33.12
N GLY C 147 22.99 -22.12 33.77
CA GLY C 147 22.58 -23.32 33.03
C GLY C 147 23.11 -24.56 33.70
N GLU C 148 22.85 -25.71 33.06
CA GLU C 148 23.28 -26.98 33.60
C GLU C 148 24.62 -27.39 32.97
N TYR C 149 25.71 -27.06 33.64
CA TYR C 149 27.00 -27.52 33.15
C TYR C 149 27.27 -28.91 33.65
N LEU C 150 26.64 -29.24 34.78
CA LEU C 150 26.63 -30.61 35.28
C LEU C 150 25.18 -31.06 35.30
N PRO C 151 24.91 -32.31 34.83
CA PRO C 151 23.53 -32.78 34.75
C PRO C 151 22.84 -32.60 36.09
N GLY C 152 21.65 -32.00 36.08
CA GLY C 152 20.87 -31.89 37.30
C GLY C 152 21.32 -30.80 38.25
N HIS C 153 22.23 -29.95 37.78
CA HIS C 153 22.79 -28.91 38.63
C HIS C 153 22.72 -27.63 37.89
N THR C 154 22.18 -26.59 38.53
CA THR C 154 22.03 -25.31 37.87
C THR C 154 23.03 -24.38 38.50
N SER C 155 23.97 -23.93 37.66
CA SER C 155 25.01 -22.99 38.06
C SER C 155 24.68 -21.57 37.63
N ILE C 157 26.59 -17.31 37.80
CA ILE C 157 27.71 -16.52 38.26
C ILE C 157 27.22 -15.16 38.74
N ARG C 158 27.66 -14.78 39.94
CA ARG C 158 27.36 -13.50 40.55
C ARG C 158 28.66 -12.71 40.67
N ARG C 159 28.54 -11.38 40.71
CA ARG C 159 29.67 -10.53 41.09
C ARG C 159 29.29 -9.75 42.34
N ASP C 160 29.80 -10.18 43.48
CA ASP C 160 29.40 -9.62 44.75
C ASP C 160 30.42 -8.61 45.26
N PRO C 161 30.03 -7.83 46.28
CA PRO C 161 30.98 -6.90 46.89
C PRO C 161 32.11 -7.62 47.66
N ILE C 162 33.23 -6.95 47.82
CA ILE C 162 34.40 -7.53 48.47
C ILE C 162 34.44 -7.23 49.97
N GLY C 163 34.22 -5.99 50.33
CA GLY C 163 34.27 -5.64 51.73
C GLY C 163 34.45 -4.16 51.87
N ILE C 164 35.30 -3.80 52.83
CA ILE C 164 35.64 -2.41 53.06
C ILE C 164 36.90 -2.11 52.30
N VAL C 165 36.86 -1.01 51.55
CA VAL C 165 37.99 -0.58 50.74
C VAL C 165 38.67 0.60 51.42
N GLY C 166 39.98 0.49 51.59
CA GLY C 166 40.82 1.60 52.06
C GLY C 166 41.39 2.25 50.82
N SER C 167 41.05 3.51 50.58
CA SER C 167 41.41 4.09 49.30
C SER C 167 42.26 5.35 49.43
N ILE C 168 43.36 5.40 48.68
CA ILE C 168 44.31 6.51 48.77
C ILE C 168 44.63 7.14 47.42
N ALA C 169 44.50 8.46 47.37
CA ALA C 169 44.72 9.25 46.16
C ALA C 169 46.03 10.02 46.22
N PRO C 170 46.70 10.18 45.05
CA PRO C 170 47.85 11.05 44.87
C PRO C 170 47.40 12.50 44.67
N TRP C 171 48.37 13.40 44.67
CA TRP C 171 48.14 14.84 44.53
C TRP C 171 47.93 15.35 43.12
N ASN C 172 48.28 14.57 42.09
CA ASN C 172 48.22 15.10 40.72
C ASN C 172 46.84 15.59 40.23
N TYR C 173 45.82 14.75 40.33
CA TYR C 173 44.43 15.13 40.01
C TYR C 173 43.52 14.71 41.19
N PRO C 174 43.50 15.52 42.26
CA PRO C 174 42.80 15.16 43.50
C PRO C 174 41.33 14.70 43.31
N LEU C 175 40.52 15.54 42.69
CA LEU C 175 39.12 15.27 42.47
C LEU C 175 38.82 14.13 41.49
N ALA C 179 37.02 10.28 42.11
CA ALA C 179 36.09 9.61 41.22
C ALA C 179 36.58 8.20 40.82
N TRP C 180 37.81 8.08 40.34
CA TRP C 180 38.33 6.78 39.85
C TRP C 180 38.33 5.76 40.94
N LYS C 181 38.48 6.24 42.19
CA LYS C 181 38.54 5.35 43.35
C LYS C 181 37.21 5.10 44.06
N LEU C 182 36.40 6.15 44.23
CA LEU C 182 35.12 5.98 44.91
C LEU C 182 34.08 5.24 44.06
N ALA C 183 33.83 5.75 42.86
CA ALA C 183 32.70 5.29 42.02
C ALA C 183 32.67 3.79 41.69
N PRO C 184 33.77 3.20 41.16
CA PRO C 184 33.73 1.74 41.02
C PRO C 184 33.61 0.98 42.35
N ALA C 185 34.30 1.42 43.39
CA ALA C 185 34.19 0.75 44.66
C ALA C 185 32.82 0.81 45.32
N ILE C 186 32.25 1.99 45.36
CA ILE C 186 30.93 2.20 45.85
C ILE C 186 29.90 1.55 44.98
N GLY C 187 30.14 1.63 43.69
CA GLY C 187 29.30 1.05 42.71
C GLY C 187 29.21 -0.42 42.84
N GLY C 188 30.30 -1.06 43.19
CA GLY C 188 30.35 -2.51 43.33
C GLY C 188 29.69 -2.98 44.61
N GLY C 189 29.13 -2.04 45.38
CA GLY C 189 28.56 -2.38 46.67
C GLY C 189 29.54 -2.54 47.83
N ASN C 190 30.80 -2.16 47.64
CA ASN C 190 31.71 -1.97 48.76
C ASN C 190 31.46 -0.65 49.52
N THR C 191 31.90 -0.58 50.78
CA THR C 191 32.00 0.69 51.49
C THR C 191 33.47 1.14 51.53
N VAL C 192 33.69 2.42 51.78
CA VAL C 192 35.00 3.02 51.52
C VAL C 192 35.47 4.02 52.56
N VAL C 193 36.75 3.91 52.90
CA VAL C 193 37.44 4.90 53.70
C VAL C 193 38.54 5.48 52.82
N PHE C 194 38.35 6.74 52.44
CA PHE C 194 39.17 7.39 51.44
C PHE C 194 40.08 8.45 52.04
N LYS C 195 41.33 8.47 51.60
CA LYS C 195 42.28 9.50 51.99
C LYS C 195 42.85 10.18 50.75
N PRO C 196 42.60 11.49 50.61
CA PRO C 196 43.34 12.26 49.59
C PRO C 196 44.80 12.34 50.01
N SER C 197 45.63 12.81 49.09
CA SER C 197 47.00 13.11 49.41
C SER C 197 47.08 14.23 50.46
N GLU C 198 48.16 14.20 51.27
CA GLU C 198 48.34 15.21 52.32
C GLU C 198 48.37 16.67 51.80
N GLN C 199 48.93 16.88 50.61
CA GLN C 199 48.98 18.21 50.00
C GLN C 199 47.65 18.68 49.35
N THR C 200 46.72 17.76 49.07
CA THR C 200 45.52 18.14 48.30
C THR C 200 44.19 17.59 48.83
N PRO C 201 43.84 17.85 50.10
CA PRO C 201 42.58 17.33 50.62
C PRO C 201 41.35 18.19 50.30
N LEU C 202 41.57 19.39 49.77
CA LEU C 202 40.55 20.43 49.70
C LEU C 202 39.28 20.05 48.95
N THR C 203 39.41 19.60 47.71
CA THR C 203 38.22 19.25 46.95
C THR C 203 37.56 17.99 47.53
N ALA C 204 38.37 17.06 48.01
CA ALA C 204 37.85 15.84 48.64
C ALA C 204 36.89 16.13 49.80
N LEU C 205 37.17 17.19 50.57
CA LEU C 205 36.36 17.53 51.72
C LEU C 205 35.10 18.33 51.34
N LYS C 206 35.23 19.15 50.30
CA LYS C 206 34.08 19.82 49.66
C LYS C 206 33.13 18.77 49.06
N LEU C 207 33.71 17.75 48.40
CA LEU C 207 32.90 16.66 47.83
C LEU C 207 32.30 15.83 48.95
N ALA C 208 33.02 15.70 50.06
CA ALA C 208 32.57 14.86 51.15
C ALA C 208 31.21 15.32 51.69
N ARG C 209 31.03 16.63 51.84
CA ARG C 209 29.75 17.17 52.26
C ARG C 209 28.63 16.79 51.32
N LEU C 210 28.88 16.94 50.02
CA LEU C 210 27.90 16.64 48.98
C LEU C 210 27.44 15.19 48.97
N ILE C 211 28.43 14.29 49.03
CA ILE C 211 28.19 12.87 49.12
C ILE C 211 27.36 12.47 50.35
N ALA C 212 27.64 13.11 51.49
CA ALA C 212 26.94 12.85 52.77
C ALA C 212 25.43 13.02 52.71
N ASP C 213 24.97 13.94 51.86
CA ASP C 213 23.55 14.17 51.65
C ASP C 213 22.89 13.19 50.66
N ILE C 214 23.68 12.33 50.06
CA ILE C 214 23.17 11.37 49.11
C ILE C 214 23.26 9.92 49.55
N LEU C 215 24.35 9.53 50.14
CA LEU C 215 24.54 8.14 50.48
C LEU C 215 24.23 7.85 51.91
N PRO C 216 23.77 6.65 52.22
CA PRO C 216 23.59 6.27 53.62
C PRO C 216 24.90 6.54 54.40
N GLU C 217 24.79 6.94 55.66
CA GLU C 217 25.98 7.29 56.43
C GLU C 217 26.92 6.09 56.49
N GLY C 218 28.22 6.38 56.39
CA GLY C 218 29.26 5.36 56.52
C GLY C 218 29.66 4.68 55.22
N VAL C 219 28.87 4.86 54.15
CA VAL C 219 29.22 4.27 52.84
C VAL C 219 30.50 4.90 52.29
N VAL C 220 30.58 6.24 52.32
CA VAL C 220 31.85 6.96 52.05
C VAL C 220 32.36 7.63 53.31
N ASN C 221 33.64 7.42 53.57
CA ASN C 221 34.33 8.07 54.66
C ASN C 221 35.58 8.76 54.11
N VAL C 222 35.80 10.02 54.52
CA VAL C 222 36.96 10.78 54.08
C VAL C 222 37.81 11.21 55.27
N ILE C 223 39.08 10.81 55.26
CA ILE C 223 40.03 11.26 56.28
C ILE C 223 41.22 11.93 55.60
N THR C 224 41.95 12.74 56.36
CA THR C 224 43.13 13.45 55.85
C THR C 224 44.40 13.03 56.57
N GLY C 225 45.54 13.18 55.90
CA GLY C 225 46.82 12.92 56.55
C GLY C 225 47.93 12.35 55.69
N ARG C 226 49.04 12.04 56.36
CA ARG C 226 50.24 11.56 55.71
C ARG C 226 50.24 10.06 55.40
N GLY C 227 51.04 9.69 54.42
CA GLY C 227 51.20 8.29 54.06
C GLY C 227 51.77 7.48 55.22
N GLU C 228 52.81 7.98 55.85
CA GLU C 228 53.52 7.18 56.83
C GLU C 228 52.82 7.12 58.18
N THR C 229 51.77 7.93 58.33
CA THR C 229 50.97 7.91 59.55
C THR C 229 49.55 7.40 59.30
N VAL C 230 48.72 8.24 58.71
CA VAL C 230 47.31 7.93 58.47
C VAL C 230 47.19 6.85 57.41
N GLY C 231 47.94 6.98 56.32
CA GLY C 231 47.92 5.98 55.25
C GLY C 231 48.36 4.61 55.75
N ASN C 232 49.41 4.60 56.56
CA ASN C 232 49.88 3.37 57.15
C ASN C 232 48.80 2.72 58.01
N ALA C 233 48.20 3.51 58.89
CA ALA C 233 47.17 2.98 59.78
C ALA C 233 45.96 2.44 59.01
N LEU C 234 45.76 2.94 57.79
CA LEU C 234 44.61 2.52 57.01
C LEU C 234 44.92 1.23 56.24
N ILE C 235 46.09 1.20 55.62
CA ILE C 235 46.52 0.03 54.87
C ILE C 235 46.56 -1.23 55.75
N ASN C 236 46.96 -1.07 57.01
CA ASN C 236 47.15 -2.19 57.94
C ASN C 236 45.93 -2.64 58.76
N HIS C 237 44.86 -1.84 58.73
CA HIS C 237 43.67 -2.14 59.54
C HIS C 237 43.04 -3.46 59.18
N PRO C 238 42.86 -4.34 60.18
CA PRO C 238 42.45 -5.72 59.89
C PRO C 238 41.03 -5.87 59.35
N LYS C 239 40.24 -4.80 59.39
CA LYS C 239 38.88 -4.83 58.85
C LYS C 239 38.83 -4.41 57.36
N VAL C 240 39.94 -3.88 56.85
CA VAL C 240 40.01 -3.41 55.47
C VAL C 240 40.40 -4.62 54.65
N GLY C 241 39.58 -4.96 53.67
CA GLY C 241 39.78 -6.17 52.88
C GLY C 241 40.50 -5.87 51.57
N VAL C 243 42.88 -2.64 49.40
CA VAL C 243 43.57 -1.37 49.37
C VAL C 243 43.81 -0.94 47.94
N SER C 244 43.35 0.25 47.60
CA SER C 244 43.62 0.85 46.29
C SER C 244 44.45 2.12 46.43
N ILE C 245 45.57 2.15 45.71
CA ILE C 245 46.54 3.23 45.79
C ILE C 245 46.97 3.67 44.38
N THR C 246 47.09 4.97 44.20
CA THR C 246 47.77 5.48 43.02
C THR C 246 48.89 6.38 43.53
N GLY C 247 50.13 6.00 43.20
CA GLY C 247 51.33 6.66 43.74
C GLY C 247 52.58 6.22 42.99
N ASP C 248 53.71 6.17 43.68
CA ASP C 248 54.97 5.79 43.04
C ASP C 248 55.34 4.35 43.37
N ILE C 249 56.28 3.79 42.63
CA ILE C 249 56.75 2.43 42.86
C ILE C 249 57.07 2.17 44.33
N ALA C 250 57.66 3.17 44.98
CA ALA C 250 58.06 3.04 46.39
C ALA C 250 56.87 2.73 47.31
N THR C 251 55.77 3.45 47.15
CA THR C 251 54.61 3.32 48.02
C THR C 251 53.91 2.02 47.69
N GLY C 252 53.91 1.71 46.40
CA GLY C 252 53.36 0.45 45.93
C GLY C 252 54.01 -0.74 46.61
N LYS C 253 55.33 -0.70 46.76
CA LYS C 253 56.04 -1.81 47.43
C LYS C 253 55.70 -1.86 48.90
N LYS C 254 55.57 -0.69 49.51
CA LYS C 254 55.16 -0.55 50.90
C LYS C 254 53.76 -1.14 51.12
N VAL C 255 52.83 -0.81 50.22
CA VAL C 255 51.46 -1.30 50.32
C VAL C 255 51.42 -2.81 50.13
N LEU C 256 52.14 -3.28 49.12
CA LEU C 256 52.24 -4.71 48.86
C LEU C 256 52.76 -5.47 50.09
N ALA C 257 53.84 -4.99 50.68
CA ALA C 257 54.40 -5.64 51.86
C ALA C 257 53.41 -5.62 53.04
N ALA C 258 52.75 -4.49 53.23
CA ALA C 258 51.76 -4.38 54.30
C ALA C 258 50.64 -5.37 54.09
N ALA C 259 50.24 -5.54 52.85
CA ALA C 259 49.12 -6.40 52.49
C ALA C 259 49.46 -7.86 52.69
N ALA C 260 50.72 -8.20 52.47
CA ALA C 260 51.25 -9.56 52.60
C ALA C 260 50.89 -10.21 53.94
N LYS C 261 50.91 -9.43 55.02
CA LYS C 261 50.77 -9.97 56.38
C LYS C 261 49.34 -10.42 56.69
N THR C 262 48.39 -9.91 55.90
CA THR C 262 46.95 -10.16 56.11
C THR C 262 46.26 -10.63 54.81
N VAL C 263 47.07 -10.93 53.80
CA VAL C 263 46.60 -11.31 52.46
C VAL C 263 45.51 -10.37 51.94
N LYS C 264 45.75 -9.07 51.96
CA LYS C 264 44.76 -8.12 51.46
C LYS C 264 44.79 -8.08 49.94
N ARG C 265 43.63 -7.88 49.32
CA ARG C 265 43.56 -7.57 47.90
CA ARG C 265 43.59 -7.59 47.90
C ARG C 265 44.13 -6.18 47.69
N THR C 266 44.82 -5.99 46.56
CA THR C 266 45.46 -4.73 46.24
C THR C 266 45.09 -4.28 44.83
N HIS C 267 45.00 -2.96 44.67
CA HIS C 267 44.71 -2.30 43.42
C HIS C 267 45.72 -1.16 43.26
N LEU C 268 46.71 -1.36 42.38
CA LEU C 268 47.91 -0.52 42.32
C LEU C 268 48.17 0.13 40.96
N GLU C 269 48.23 1.46 40.93
CA GLU C 269 48.70 2.18 39.72
C GLU C 269 49.92 3.01 40.12
N LEU C 270 51.10 2.55 39.71
CA LEU C 270 52.35 2.97 40.33
C LEU C 270 53.31 3.79 39.47
N GLY C 271 52.82 4.39 38.40
CA GLY C 271 53.67 5.24 37.61
C GLY C 271 53.90 4.67 36.23
N GLY C 272 54.40 5.50 35.35
CA GLY C 272 54.72 5.11 34.01
C GLY C 272 55.80 6.00 33.49
N LYS C 273 56.44 5.52 32.42
CA LYS C 273 57.43 6.28 31.69
C LYS C 273 57.06 6.06 30.23
N ALA C 274 56.04 6.78 29.78
CA ALA C 274 55.39 6.51 28.49
C ALA C 274 56.33 6.64 27.31
N PRO C 275 56.62 5.53 26.59
CA PRO C 275 57.47 5.62 25.41
C PRO C 275 56.71 6.19 24.23
N VAL C 276 57.32 7.11 23.49
CA VAL C 276 56.70 7.72 22.32
C VAL C 276 57.56 7.39 21.13
N ILE C 277 57.10 6.46 20.29
CA ILE C 277 57.91 6.09 19.15
C ILE C 277 57.54 6.94 17.94
N VAL C 278 58.52 7.62 17.38
CA VAL C 278 58.29 8.45 16.22
C VAL C 278 59.06 7.89 15.04
N TYR C 279 58.34 7.37 14.05
CA TYR C 279 58.99 6.87 12.83
C TYR C 279 59.23 7.98 11.81
N GLY C 280 60.01 7.63 10.79
CA GLY C 280 60.49 8.56 9.77
C GLY C 280 59.35 9.22 9.01
N ASP C 281 58.20 8.58 9.02
CA ASP C 281 57.07 9.04 8.23
C ASP C 281 55.95 9.59 9.09
N ALA C 282 56.32 10.08 10.26
CA ALA C 282 55.39 10.74 11.16
C ALA C 282 55.09 12.13 10.66
N ASP C 283 53.87 12.61 10.89
CA ASP C 283 53.56 14.02 10.78
C ASP C 283 54.26 14.75 11.94
N LEU C 284 55.48 15.22 11.68
CA LEU C 284 56.27 15.92 12.67
C LEU C 284 55.63 17.12 13.30
N GLU C 285 54.84 17.88 12.54
CA GLU C 285 54.08 18.98 13.11
C GLU C 285 53.14 18.45 14.19
N ALA C 286 52.45 17.35 13.90
CA ALA C 286 51.50 16.79 14.87
C ALA C 286 52.26 16.25 16.06
N VAL C 287 53.38 15.58 15.79
CA VAL C 287 54.19 14.97 16.84
C VAL C 287 54.64 16.03 17.82
N VAL C 288 55.17 17.12 17.29
CA VAL C 288 55.68 18.21 18.13
C VAL C 288 54.55 18.83 18.97
N ASN C 289 53.42 19.14 18.33
CA ASN C 289 52.28 19.65 19.09
C ASN C 289 51.71 18.67 20.13
N GLY C 290 51.72 17.38 19.78
CA GLY C 290 51.36 16.34 20.75
C GLY C 290 52.22 16.41 21.99
N ILE C 291 53.55 16.42 21.79
CA ILE C 291 54.48 16.39 22.92
C ILE C 291 54.50 17.70 23.67
N ARG C 292 54.36 18.81 22.95
CA ARG C 292 54.31 20.14 23.55
C ARG C 292 53.20 20.18 24.59
N THR C 293 52.14 19.45 24.31
CA THR C 293 50.98 19.51 25.15
C THR C 293 51.06 18.42 26.20
N PHE C 294 51.34 17.20 25.74
CA PHE C 294 51.20 16.03 26.58
C PHE C 294 52.42 15.68 27.42
N GLY C 295 53.59 16.20 27.04
CA GLY C 295 54.76 16.06 27.91
C GLY C 295 54.73 17.06 29.07
N TYR C 296 53.82 18.03 28.99
CA TYR C 296 53.90 19.21 29.86
C TYR C 296 52.62 19.53 30.60
N TYR C 297 51.51 18.91 30.17
CA TYR C 297 50.25 19.07 30.85
C TYR C 297 50.39 18.77 32.34
N ASN C 298 49.77 19.61 33.17
CA ASN C 298 49.82 19.45 34.61
C ASN C 298 51.27 19.47 35.12
N ALA C 299 52.12 20.24 34.43
CA ALA C 299 53.56 20.27 34.71
C ALA C 299 54.21 18.88 34.68
N GLY C 300 53.74 18.01 33.77
CA GLY C 300 54.30 16.66 33.61
C GLY C 300 54.06 15.73 34.80
N GLN C 301 53.17 16.14 35.69
CA GLN C 301 52.82 15.35 36.88
C GLN C 301 51.64 14.48 36.50
N ASP C 302 51.96 13.47 35.72
CA ASP C 302 50.98 12.64 35.05
C ASP C 302 51.67 11.35 34.73
N CYS C 303 51.05 10.27 35.19
CA CYS C 303 51.49 8.90 34.98
CA CYS C 303 51.62 8.95 34.98
C CYS C 303 51.60 8.55 33.50
N THR C 304 50.88 9.30 32.66
CA THR C 304 50.81 9.07 31.21
C THR C 304 51.60 10.08 30.34
N ALA C 305 52.26 11.06 30.97
CA ALA C 305 52.99 12.12 30.25
C ALA C 305 53.88 11.59 29.14
N ALA C 306 53.90 12.29 28.01
CA ALA C 306 54.73 11.93 26.87
C ALA C 306 56.17 12.35 27.15
N CYS C 307 56.99 11.42 27.60
CA CYS C 307 58.26 11.82 28.18
C CYS C 307 59.46 11.09 27.65
N ARG C 308 59.28 9.86 27.16
CA ARG C 308 60.39 9.07 26.63
C ARG C 308 60.30 8.89 25.10
N ILE C 309 60.78 9.88 24.36
CA ILE C 309 60.68 9.85 22.91
C ILE C 309 61.78 9.03 22.28
N TYR C 310 61.38 8.14 21.40
CA TYR C 310 62.27 7.40 20.52
C TYR C 310 62.02 7.94 19.11
N ALA C 311 63.09 8.35 18.43
CA ALA C 311 62.98 9.09 17.17
C ALA C 311 63.92 8.51 16.13
N GLU C 312 63.35 8.04 15.03
CA GLU C 312 64.15 7.44 13.96
C GLU C 312 65.20 8.42 13.45
N ALA C 313 66.38 7.91 13.11
CA ALA C 313 67.53 8.74 12.78
C ALA C 313 67.26 9.79 11.70
N GLY C 314 66.42 9.44 10.73
CA GLY C 314 66.13 10.34 9.62
C GLY C 314 65.47 11.65 10.03
N ILE C 315 64.83 11.65 11.20
CA ILE C 315 64.05 12.82 11.62
C ILE C 315 64.42 13.31 13.01
N TYR C 316 65.38 12.60 13.61
CA TYR C 316 65.82 12.89 14.95
C TYR C 316 66.19 14.37 15.07
N GLU C 317 67.06 14.85 14.17
CA GLU C 317 67.57 16.23 14.20
C GLU C 317 66.45 17.27 14.17
N LYS C 318 65.62 17.20 13.13
CA LYS C 318 64.50 18.13 12.97
C LYS C 318 63.57 18.13 14.18
N LEU C 319 63.24 16.95 14.69
CA LEU C 319 62.33 16.82 15.84
C LEU C 319 62.85 17.51 17.09
N VAL C 320 64.11 17.26 17.44
CA VAL C 320 64.73 17.95 18.54
C VAL C 320 64.65 19.48 18.37
N ALA C 321 65.05 20.01 17.21
CA ALA C 321 64.99 21.46 16.96
C ALA C 321 63.57 22.03 16.99
N ASP C 322 62.64 21.33 16.36
CA ASP C 322 61.26 21.79 16.36
C ASP C 322 60.59 21.67 17.73
N LEU C 323 60.92 20.61 18.47
CA LEU C 323 60.41 20.44 19.83
C LEU C 323 60.93 21.53 20.76
N THR C 324 62.24 21.78 20.71
CA THR C 324 62.88 22.80 21.53
C THR C 324 62.14 24.15 21.40
N SER C 325 61.91 24.52 20.15
CA SER C 325 61.27 25.78 19.79
C SER C 325 59.83 25.90 20.34
N ALA C 326 58.99 24.90 20.07
CA ALA C 326 57.63 24.85 20.66
C ALA C 326 57.60 24.82 22.21
N VAL C 327 58.46 24.00 22.82
CA VAL C 327 58.54 23.87 24.29
C VAL C 327 59.00 25.17 25.00
N SER C 328 59.74 26.01 24.28
CA SER C 328 60.20 27.28 24.82
C SER C 328 59.09 28.35 24.82
N THR C 329 58.02 28.12 24.06
CA THR C 329 56.93 29.10 23.98
C THR C 329 55.83 28.82 25.04
N ILE C 330 55.98 27.70 25.75
CA ILE C 330 54.99 27.28 26.76
C ILE C 330 54.85 28.32 27.87
N ARG C 331 53.64 28.81 28.04
CA ARG C 331 53.35 29.86 29.02
C ARG C 331 53.01 29.27 30.40
N TYR C 332 53.50 29.94 31.44
CA TYR C 332 53.25 29.54 32.84
C TYR C 332 53.60 30.73 33.74
N ASN C 333 52.98 30.77 34.92
CA ASN C 333 53.28 31.78 35.95
C ASN C 333 52.85 33.21 35.59
N LEU C 334 51.90 33.34 34.67
CA LEU C 334 51.35 34.65 34.29
C LEU C 334 50.20 35.05 35.22
N ASP C 335 49.95 36.36 35.33
CA ASP C 335 48.84 36.88 36.14
C ASP C 335 47.47 36.56 35.54
N ASP C 336 47.35 36.67 34.22
CA ASP C 336 46.15 36.22 33.53
C ASP C 336 46.12 34.68 33.54
N ASP C 337 45.44 34.10 34.53
CA ASP C 337 45.43 32.63 34.63
C ASP C 337 44.84 31.89 33.43
N THR C 338 44.10 32.62 32.59
CA THR C 338 43.55 32.07 31.32
C THR C 338 44.64 31.95 30.26
N GLU C 339 45.72 32.70 30.45
CA GLU C 339 46.85 32.70 29.54
C GLU C 339 47.89 31.60 29.83
N ASN C 340 47.80 30.99 31.02
CA ASN C 340 48.73 29.94 31.43
C ASN C 340 48.35 28.61 30.79
N GLU C 341 49.36 27.83 30.42
CA GLU C 341 49.14 26.51 29.83
C GLU C 341 49.41 25.40 30.83
N ILE C 342 50.45 25.56 31.65
CA ILE C 342 50.77 24.64 32.76
C ILE C 342 51.02 25.37 34.09
N GLY C 343 50.89 24.61 35.17
CA GLY C 343 51.07 25.13 36.53
C GLY C 343 52.44 24.79 37.10
N PRO C 344 52.61 24.98 38.41
CA PRO C 344 53.85 24.59 39.10
C PRO C 344 53.81 23.13 39.52
N LEU C 345 54.95 22.60 39.97
CA LEU C 345 54.94 21.34 40.69
C LEU C 345 54.23 21.53 42.03
N ILE C 346 53.89 20.42 42.69
CA ILE C 346 53.05 20.48 43.90
C ILE C 346 53.77 21.11 45.11
N SER C 347 55.06 20.79 45.29
CA SER C 347 55.82 21.17 46.49
C SER C 347 57.24 21.63 46.13
N ARG C 348 57.93 22.28 47.06
CA ARG C 348 59.36 22.56 46.90
C ARG C 348 60.14 21.23 46.73
N ARG C 349 59.79 20.24 47.57
CA ARG C 349 60.36 18.88 47.55
C ARG C 349 60.34 18.26 46.16
N GLN C 350 59.19 18.32 45.50
CA GLN C 350 59.02 17.79 44.15
C GLN C 350 59.84 18.55 43.08
N ARG C 351 59.81 19.89 43.14
CA ARG C 351 60.61 20.71 42.23
C ARG C 351 62.09 20.38 42.32
N ASP C 352 62.60 20.31 43.55
CA ASP C 352 64.02 20.03 43.80
C ASP C 352 64.41 18.64 43.34
N ARG C 353 63.46 17.72 43.42
CA ARG C 353 63.63 16.34 42.96
C ARG C 353 63.74 16.34 41.44
N VAL C 354 62.83 17.08 40.79
CA VAL C 354 62.87 17.27 39.34
C VAL C 354 64.19 17.90 38.90
N ALA C 355 64.59 18.97 39.61
CA ALA C 355 65.81 19.72 39.31
C ALA C 355 67.09 18.86 39.39
N SER C 356 67.13 17.99 40.39
CA SER C 356 68.25 17.06 40.58
C SER C 356 68.32 16.02 39.45
N PHE C 357 67.16 15.55 38.98
CA PHE C 357 67.09 14.73 37.77
C PHE C 357 67.72 15.43 36.57
N VAL C 358 67.33 16.70 36.36
CA VAL C 358 67.76 17.47 35.20
C VAL C 358 69.26 17.77 35.26
N GLU C 359 69.75 18.13 36.44
CA GLU C 359 71.17 18.38 36.64
C GLU C 359 72.03 17.15 36.31
N ARG C 360 71.67 16.00 36.88
CA ARG C 360 72.38 14.75 36.58
C ARG C 360 72.41 14.39 35.09
N ALA C 361 71.28 14.59 34.41
CA ALA C 361 71.21 14.41 32.96
C ALA C 361 72.16 15.37 32.23
N ALA C 362 72.19 16.63 32.65
CA ALA C 362 73.13 17.67 32.17
C ALA C 362 74.61 17.34 32.38
N ASP C 363 74.91 16.46 33.34
CA ASP C 363 76.28 16.06 33.65
C ASP C 363 76.93 15.23 32.55
N GLN C 364 76.12 14.47 31.82
CA GLN C 364 76.62 13.58 30.77
C GLN C 364 77.11 14.36 29.56
N LYS C 365 78.31 13.99 29.08
CA LYS C 365 78.92 14.61 27.91
C LYS C 365 78.01 14.56 26.67
N HIS C 366 77.43 13.38 26.42
CA HIS C 366 76.61 13.16 25.22
C HIS C 366 75.23 13.79 25.27
N ILE C 367 74.81 14.22 26.46
CA ILE C 367 73.49 14.84 26.63
C ILE C 367 73.57 16.37 26.47
N GLU C 368 72.62 16.92 25.71
CA GLU C 368 72.47 18.36 25.54
C GLU C 368 71.06 18.79 25.98
N ILE C 369 70.99 19.79 26.84
CA ILE C 369 69.72 20.39 27.26
C ILE C 369 69.44 21.55 26.33
N THR C 370 68.43 21.41 25.48
CA THR C 370 68.20 22.40 24.42
C THR C 370 67.38 23.63 24.89
N THR C 371 66.67 23.49 25.99
CA THR C 371 65.86 24.58 26.55
C THR C 371 65.39 24.20 27.96
N GLY C 372 65.15 25.21 28.78
CA GLY C 372 64.78 25.01 30.18
C GLY C 372 65.95 24.54 31.00
N GLY C 373 65.70 23.57 31.89
CA GLY C 373 66.77 22.96 32.69
C GLY C 373 66.94 23.49 34.10
N ARG C 374 66.45 24.70 34.34
CA ARG C 374 66.51 25.33 35.66
C ARG C 374 65.10 25.59 36.18
N THR C 375 64.98 25.93 37.46
CA THR C 375 63.70 26.33 38.06
C THR C 375 63.15 27.57 37.34
N GLY C 376 61.83 27.74 37.39
CA GLY C 376 61.16 28.73 36.55
C GLY C 376 60.33 29.79 37.25
N SER C 377 60.62 30.01 38.54
CA SER C 377 59.98 31.08 39.30
C SER C 377 60.78 31.47 40.55
N ASP C 378 60.66 32.74 40.92
CA ASP C 378 61.21 33.24 42.19
C ASP C 378 60.27 32.83 43.34
N GLU C 379 58.96 32.90 43.05
CA GLU C 379 57.90 32.49 43.96
C GLU C 379 57.31 31.13 43.53
N GLY C 380 57.13 30.22 44.48
CA GLY C 380 56.41 28.98 44.21
C GLY C 380 57.27 27.93 43.53
N PHE C 381 56.61 26.90 43.02
CA PHE C 381 57.35 25.70 42.65
C PHE C 381 57.30 25.41 41.16
N PHE C 382 57.47 26.45 40.36
CA PHE C 382 57.51 26.30 38.90
C PHE C 382 58.83 25.72 38.42
N PHE C 383 58.76 24.82 37.44
CA PHE C 383 59.94 24.41 36.71
C PHE C 383 59.82 24.72 35.21
N GLN C 384 60.95 25.04 34.60
CA GLN C 384 61.01 25.37 33.17
C GLN C 384 60.77 24.11 32.35
N PRO C 385 59.81 24.18 31.42
CA PRO C 385 59.65 23.09 30.46
C PRO C 385 61.02 22.71 29.87
N THR C 386 61.34 21.42 29.89
CA THR C 386 62.70 20.99 29.57
C THR C 386 62.77 19.96 28.45
N VAL C 387 63.66 20.20 27.49
CA VAL C 387 64.00 19.20 26.47
C VAL C 387 65.42 18.69 26.74
N VAL C 388 65.56 17.36 26.74
CA VAL C 388 66.81 16.68 27.02
C VAL C 388 67.15 15.86 25.78
N ALA C 389 68.24 16.20 25.10
CA ALA C 389 68.57 15.56 23.83
C ALA C 389 69.72 14.57 23.91
N GLY C 390 69.63 13.50 23.13
CA GLY C 390 70.74 12.57 22.96
C GLY C 390 70.90 11.58 24.09
N ALA C 391 69.86 11.44 24.91
CA ALA C 391 69.84 10.47 25.98
C ALA C 391 69.80 9.07 25.39
N THR C 392 70.47 8.13 26.02
CA THR C 392 70.44 6.76 25.53
C THR C 392 69.70 5.84 26.50
N GLN C 393 69.63 4.57 26.11
CA GLN C 393 68.88 3.52 26.79
C GLN C 393 69.34 3.25 28.24
N GLU C 394 70.64 3.38 28.51
CA GLU C 394 71.16 3.17 29.87
C GLU C 394 71.19 4.42 30.77
N ASP C 395 70.75 5.56 30.24
CA ASP C 395 70.70 6.78 31.04
C ASP C 395 69.51 6.81 31.99
N GLU C 396 69.77 7.34 33.17
CA GLU C 396 68.76 7.53 34.21
C GLU C 396 67.55 8.35 33.74
N ILE C 397 67.78 9.40 32.96
CA ILE C 397 66.69 10.23 32.46
C ILE C 397 65.70 9.45 31.56
N VAL C 398 66.16 8.33 31.01
CA VAL C 398 65.30 7.41 30.27
C VAL C 398 64.71 6.33 31.20
N ARG C 399 65.56 5.73 32.04
CA ARG C 399 65.17 4.63 32.93
C ARG C 399 64.11 4.98 33.99
N ARG C 400 64.14 6.19 34.53
CA ARG C 400 63.29 6.53 35.68
C ARG C 400 62.26 7.65 35.47
N GLU C 401 61.12 7.54 36.14
CA GLU C 401 60.06 8.53 36.05
C GLU C 401 60.45 9.86 36.74
N VAL C 402 60.39 10.95 35.98
CA VAL C 402 60.75 12.25 36.50
C VAL C 402 59.54 12.90 37.17
N PHE C 403 58.39 12.87 36.50
CA PHE C 403 57.17 13.49 37.03
C PHE C 403 57.35 15.01 37.13
N GLY C 404 58.01 15.57 36.11
CA GLY C 404 58.21 17.00 35.94
C GLY C 404 58.03 17.39 34.48
N PRO C 405 57.99 18.71 34.20
CA PRO C 405 57.78 19.12 32.81
C PRO C 405 59.09 18.96 32.04
N VAL C 406 59.41 17.72 31.67
CA VAL C 406 60.73 17.28 31.18
C VAL C 406 60.55 16.13 30.21
N VAL C 407 61.14 16.26 29.04
CA VAL C 407 61.04 15.21 28.03
C VAL C 407 62.42 14.88 27.50
N SER C 408 62.78 13.60 27.46
CA SER C 408 64.04 13.18 26.82
C SER C 408 63.80 12.71 25.38
N VAL C 409 64.80 12.83 24.50
CA VAL C 409 64.72 12.30 23.12
C VAL C 409 65.91 11.39 22.80
N THR C 410 65.64 10.23 22.22
CA THR C 410 66.62 9.16 22.05
C THR C 410 66.50 8.67 20.62
N ARG C 411 67.63 8.39 19.97
CA ARG C 411 67.65 8.03 18.55
C ARG C 411 67.77 6.54 18.33
N PHE C 412 67.01 6.04 17.37
CA PHE C 412 67.15 4.67 16.87
C PHE C 412 67.31 4.68 15.35
N THR C 413 68.02 3.67 14.85
CA THR C 413 68.36 3.57 13.45
C THR C 413 67.57 2.40 12.88
N GLY C 414 67.72 2.14 11.59
CA GLY C 414 67.13 0.98 10.94
C GLY C 414 67.57 -0.35 11.53
N LYS C 415 68.78 -0.38 12.10
CA LYS C 415 69.32 -1.56 12.80
C LYS C 415 68.45 -1.92 14.01
N ASP C 416 67.85 -0.89 14.61
CA ASP C 416 67.19 -1.00 15.91
C ASP C 416 65.70 -1.35 15.81
N ASP C 417 65.23 -2.18 16.73
CA ASP C 417 63.81 -2.52 16.87
C ASP C 417 63.17 -1.64 17.92
N ALA C 418 62.64 -0.50 17.47
CA ALA C 418 62.20 0.57 18.36
C ALA C 418 61.25 0.06 19.42
N VAL C 419 60.49 -0.97 19.08
CA VAL C 419 59.47 -1.51 19.98
C VAL C 419 60.14 -2.31 21.10
N ALA C 420 61.12 -3.14 20.72
CA ALA C 420 61.91 -3.92 21.67
C ALA C 420 62.56 -3.00 22.70
N TRP C 421 63.01 -1.84 22.23
CA TRP C 421 63.60 -0.83 23.08
C TRP C 421 62.60 -0.30 24.05
N ALA C 422 61.45 0.14 23.56
CA ALA C 422 60.38 0.64 24.40
C ALA C 422 60.01 -0.39 25.48
N ASN C 423 59.87 -1.66 25.07
CA ASN C 423 59.48 -2.78 25.95
C ASN C 423 60.52 -3.13 27.01
N ASP C 424 61.78 -2.81 26.72
CA ASP C 424 62.87 -2.93 27.70
C ASP C 424 62.71 -1.87 28.80
N SER C 425 61.73 -2.09 29.68
CA SER C 425 61.40 -1.12 30.72
C SER C 425 60.70 -1.80 31.89
N ASP C 426 60.91 -1.27 33.10
CA ASP C 426 60.16 -1.75 34.28
C ASP C 426 58.70 -1.25 34.26
N TYR C 427 58.45 -0.21 33.45
CA TYR C 427 57.16 0.42 33.34
C TYR C 427 56.27 -0.25 32.30
N GLY C 428 54.95 -0.06 32.40
CA GLY C 428 53.99 -0.73 31.50
C GLY C 428 52.62 -0.07 31.34
N LEU C 429 52.54 1.22 31.63
CA LEU C 429 51.27 1.91 31.69
C LEU C 429 50.69 2.40 30.34
N ALA C 430 51.41 3.24 29.63
CA ALA C 430 50.88 3.91 28.43
C ALA C 430 52.00 4.08 27.44
N SER C 431 51.62 4.32 26.17
CA SER C 431 52.58 4.51 25.08
C SER C 431 51.91 5.18 23.90
N SER C 432 52.68 5.67 22.93
CA SER C 432 52.13 6.08 21.65
C SER C 432 53.06 5.83 20.51
N VAL C 433 52.51 5.73 19.30
CA VAL C 433 53.31 5.44 18.13
C VAL C 433 52.86 6.41 17.07
N TRP C 434 53.79 7.03 16.35
CA TRP C 434 53.46 8.08 15.39
C TRP C 434 53.99 7.74 14.03
N THR C 435 53.11 7.58 13.07
CA THR C 435 53.51 7.22 11.72
C THR C 435 52.28 7.42 10.86
N LYS C 436 52.47 7.60 9.56
CA LYS C 436 51.31 7.68 8.66
C LYS C 436 51.09 6.33 8.03
N ASP C 437 51.99 5.37 8.31
CA ASP C 437 51.90 4.02 7.77
C ASP C 437 51.07 3.07 8.63
N ILE C 438 49.92 2.66 8.10
CA ILE C 438 49.00 1.77 8.80
C ILE C 438 49.71 0.49 9.29
N SER C 439 50.52 -0.09 8.42
CA SER C 439 51.26 -1.31 8.75
C SER C 439 52.17 -1.23 9.98
N LYS C 440 53.14 -0.32 9.97
CA LYS C 440 54.03 -0.10 11.13
C LYS C 440 53.27 0.19 12.42
N ALA C 441 52.18 0.94 12.32
CA ALA C 441 51.37 1.38 13.46
C ALA C 441 50.70 0.20 14.18
N ARG C 443 51.54 -2.96 13.90
CA ARG C 443 52.55 -3.91 14.35
C ARG C 443 53.09 -3.46 15.69
N ALA C 444 53.35 -2.16 15.80
CA ALA C 444 53.76 -1.59 17.07
C ALA C 444 52.69 -1.85 18.15
N ALA C 445 51.43 -1.62 17.80
CA ALA C 445 50.32 -1.69 18.73
C ALA C 445 50.13 -3.11 19.25
N SER C 446 50.37 -4.05 18.37
CA SER C 446 50.30 -5.47 18.68
C SER C 446 51.38 -5.90 19.70
N ARG C 447 52.59 -5.38 19.52
CA ARG C 447 53.75 -5.81 20.31
C ARG C 447 54.11 -4.95 21.55
N LEU C 448 53.54 -3.75 21.68
CA LEU C 448 53.90 -2.90 22.82
C LEU C 448 53.41 -3.48 24.15
N GLN C 449 54.27 -3.48 25.16
CA GLN C 449 53.95 -4.09 26.46
C GLN C 449 53.43 -3.02 27.45
N TYR C 450 52.26 -2.47 27.15
CA TYR C 450 51.76 -1.27 27.84
C TYR C 450 50.27 -1.31 27.84
N GLY C 451 49.70 -0.87 28.96
CA GLY C 451 48.28 -0.96 29.17
C GLY C 451 47.51 -0.23 28.11
N CYS C 452 48.16 0.75 27.50
CA CYS C 452 47.50 1.58 26.53
C CYS C 452 48.49 2.04 25.49
N THR C 453 48.06 2.05 24.22
CA THR C 453 48.86 2.56 23.12
C THR C 453 48.02 3.45 22.26
N TRP C 454 48.38 4.73 22.19
CA TRP C 454 47.71 5.65 21.29
C TRP C 454 48.48 5.70 20.01
N ILE C 455 47.78 5.88 18.89
CA ILE C 455 48.47 6.03 17.64
C ILE C 455 48.14 7.37 17.05
N ASN C 456 49.17 8.16 16.79
CA ASN C 456 49.05 9.53 16.26
C ASN C 456 48.27 10.47 17.16
N THR C 457 48.30 10.13 18.45
CA THR C 457 47.92 11.03 19.52
C THR C 457 48.54 10.50 20.78
N HIS C 458 48.17 11.10 21.91
CA HIS C 458 48.68 10.67 23.20
C HIS C 458 47.77 11.26 24.22
N PHE C 459 47.76 10.68 25.42
CA PHE C 459 47.14 11.32 26.59
C PHE C 459 45.64 11.15 26.64
N LEU C 461 42.01 10.12 27.08
CA LEU C 461 41.31 9.12 27.89
C LEU C 461 39.83 9.22 27.64
N THR C 462 39.12 8.10 27.81
CA THR C 462 37.66 8.07 27.70
C THR C 462 37.10 7.12 28.77
N ASN C 463 36.01 7.52 29.43
CA ASN C 463 35.62 6.76 30.62
C ASN C 463 35.26 5.27 30.42
N GLU C 464 34.96 4.87 29.19
CA GLU C 464 34.62 3.47 28.89
C GLU C 464 35.86 2.59 28.71
N PRO C 466 39.79 1.43 29.63
CA PRO C 466 40.54 1.18 30.85
C PRO C 466 41.88 1.82 30.85
N HIS C 467 42.26 2.35 32.00
CA HIS C 467 43.64 2.80 32.20
C HIS C 467 44.35 1.97 33.26
N GLY C 468 45.50 1.40 32.93
CA GLY C 468 46.22 0.57 33.91
C GLY C 468 47.44 -0.14 33.35
N GLY C 469 48.42 -0.38 34.20
CA GLY C 469 49.70 -0.91 33.70
C GLY C 469 49.91 -2.42 33.76
N ILE C 470 51.02 -2.85 33.20
CA ILE C 470 51.56 -4.16 33.49
C ILE C 470 52.93 -3.89 34.10
N LYS C 471 53.62 -4.97 34.41
CA LYS C 471 54.92 -4.92 35.07
C LYS C 471 54.88 -4.04 36.32
N GLN C 472 55.81 -3.10 36.40
CA GLN C 472 56.01 -2.44 37.68
C GLN C 472 55.14 -1.18 37.81
N SER C 473 54.31 -0.92 36.79
CA SER C 473 53.30 0.13 36.88
C SER C 473 52.14 -0.37 37.73
N GLY C 474 52.19 -1.65 38.07
CA GLY C 474 51.15 -2.25 38.89
C GLY C 474 50.17 -2.93 37.98
N TYR C 475 48.93 -3.06 38.44
CA TYR C 475 47.90 -3.81 37.72
C TYR C 475 46.54 -3.32 38.19
N GLY C 476 45.47 -3.84 37.61
CA GLY C 476 44.17 -3.32 37.95
C GLY C 476 43.95 -2.03 37.19
N LYS C 477 42.68 -1.65 37.08
CA LYS C 477 42.27 -0.67 36.08
C LYS C 477 41.51 0.52 36.66
N ASP C 478 41.61 1.66 36.01
CA ASP C 478 40.69 2.73 36.34
C ASP C 478 39.91 3.16 35.10
N SER C 480 36.32 2.40 32.84
CA SER C 480 35.78 1.18 32.28
C SER C 480 35.10 0.26 33.35
N VAL C 481 34.37 -0.72 32.82
CA VAL C 481 33.80 -1.80 33.60
C VAL C 481 34.90 -2.67 34.29
N TYR C 482 36.11 -2.68 33.76
CA TYR C 482 37.20 -3.43 34.41
C TYR C 482 37.57 -2.88 35.76
N ALA C 483 37.39 -1.57 35.95
CA ALA C 483 37.58 -0.98 37.28
C ALA C 483 36.58 -1.62 38.23
N LEU C 484 35.33 -1.67 37.78
CA LEU C 484 34.26 -2.22 38.60
C LEU C 484 34.42 -3.71 38.85
N GLU C 485 34.86 -4.44 37.83
CA GLU C 485 35.25 -5.85 38.03
C GLU C 485 36.33 -6.01 39.12
N ASP C 486 37.29 -5.09 39.17
CA ASP C 486 38.34 -5.17 40.19
C ASP C 486 37.82 -5.11 41.62
N TYR C 487 36.68 -4.43 41.81
CA TYR C 487 36.11 -4.19 43.11
C TYR C 487 34.93 -5.11 43.40
N THR C 488 34.81 -6.17 42.60
CA THR C 488 33.79 -7.20 42.85
C THR C 488 34.44 -8.61 42.90
N ALA C 489 33.80 -9.52 43.64
CA ALA C 489 34.22 -10.94 43.72
C ALA C 489 33.28 -11.80 42.90
N VAL C 490 33.85 -12.59 41.99
CA VAL C 490 33.07 -13.50 41.17
C VAL C 490 32.67 -14.65 42.09
N ARG C 491 31.40 -15.06 42.03
CA ARG C 491 30.93 -16.20 42.83
C ARG C 491 30.12 -17.18 41.98
N HIS C 492 30.35 -18.47 42.25
CA HIS C 492 29.66 -19.58 41.61
C HIS C 492 28.64 -20.15 42.55
N ILE C 493 27.37 -20.11 42.14
CA ILE C 493 26.31 -20.75 42.91
C ILE C 493 25.88 -21.96 42.11
N ILE C 495 23.13 -25.27 42.20
CA ILE C 495 21.95 -25.82 42.86
C ILE C 495 21.67 -27.21 42.32
N ASN C 496 21.61 -28.18 43.22
CA ASN C 496 21.30 -29.56 42.87
C ASN C 496 19.79 -29.72 42.72
N HIS C 497 19.32 -30.25 41.59
CA HIS C 497 17.89 -30.52 41.33
C HIS C 497 17.43 -31.80 41.93
N GLY C 498 18.25 -32.85 41.83
CA GLY C 498 17.90 -34.19 42.30
C GLY C 498 17.60 -34.28 43.79
N ASP D 25 59.81 -41.82 34.42
CA ASP D 25 60.32 -40.52 33.96
C ASP D 25 60.83 -39.72 35.14
N THR D 26 62.10 -39.34 35.11
CA THR D 26 62.78 -38.73 36.28
C THR D 26 63.50 -37.45 35.92
N GLN D 27 63.50 -37.11 34.63
CA GLN D 27 64.32 -36.03 34.11
C GLN D 27 63.56 -34.70 34.18
N LEU D 28 64.23 -33.60 34.53
CA LEU D 28 63.59 -32.26 34.44
C LEU D 28 63.53 -31.77 32.99
N LEU D 29 62.63 -30.84 32.70
CA LEU D 29 62.51 -30.29 31.34
C LEU D 29 62.88 -28.82 31.35
N ILE D 30 64.05 -28.54 30.77
CA ILE D 30 64.56 -27.17 30.68
C ILE D 30 64.80 -26.87 29.21
N GLY D 31 63.90 -26.08 28.62
CA GLY D 31 64.03 -25.69 27.22
C GLY D 31 64.01 -26.89 26.31
N SER D 32 64.98 -27.00 25.41
CA SER D 32 65.01 -28.13 24.47
C SER D 32 65.49 -29.42 25.12
N ARG D 33 66.17 -29.30 26.25
CA ARG D 33 66.87 -30.43 26.81
C ARG D 33 66.14 -31.01 28.01
N PHE D 34 66.13 -32.34 28.11
CA PHE D 34 65.81 -33.01 29.36
C PHE D 34 67.08 -33.18 30.19
N GLU D 35 66.98 -32.89 31.49
CA GLU D 35 68.16 -32.69 32.33
C GLU D 35 67.89 -33.29 33.72
N ALA D 36 68.76 -34.18 34.20
CA ALA D 36 68.66 -34.68 35.58
C ALA D 36 68.90 -33.55 36.61
N GLY D 37 68.18 -33.57 37.70
CA GLY D 37 68.47 -32.72 38.83
C GLY D 37 69.82 -33.04 39.44
N THR D 38 70.55 -32.02 39.82
CA THR D 38 71.87 -32.21 40.30
C THR D 38 72.02 -32.10 41.79
N GLU D 39 71.04 -31.56 42.46
CA GLU D 39 71.17 -31.17 43.85
C GLU D 39 70.56 -32.16 44.77
N ALA D 40 70.22 -31.73 45.97
CA ALA D 40 69.85 -32.66 47.00
C ALA D 40 68.68 -33.50 46.59
N GLU D 41 68.73 -34.76 46.95
CA GLU D 41 67.68 -35.71 46.59
C GLU D 41 66.46 -35.58 47.49
N GLU D 42 65.29 -35.78 46.91
CA GLU D 42 64.09 -35.86 47.66
C GLU D 42 63.71 -37.34 47.76
N HIS D 43 63.38 -37.79 48.96
CA HIS D 43 62.91 -39.15 49.17
C HIS D 43 61.44 -39.23 48.86
N ILE D 44 61.12 -39.75 47.68
CA ILE D 44 59.72 -39.89 47.27
C ILE D 44 59.18 -41.18 47.84
N LEU D 45 58.11 -41.05 48.62
CA LEU D 45 57.56 -42.18 49.37
C LEU D 45 56.21 -42.63 48.82
N ASN D 46 55.89 -43.91 49.04
CA ASN D 46 54.57 -44.47 48.83
C ASN D 46 53.84 -44.26 50.15
N PRO D 47 52.87 -43.32 50.18
CA PRO D 47 52.31 -42.92 51.47
C PRO D 47 51.46 -44.00 52.13
N ARG D 48 51.12 -45.05 51.37
CA ARG D 48 50.36 -46.20 51.85
C ARG D 48 51.22 -47.09 52.75
N THR D 49 52.51 -47.21 52.42
CA THR D 49 53.41 -48.12 53.14
C THR D 49 54.57 -47.39 53.84
N GLY D 50 54.82 -46.15 53.44
CA GLY D 50 55.92 -45.34 53.96
C GLY D 50 57.27 -45.81 53.43
N ALA D 51 57.20 -46.57 52.34
CA ALA D 51 58.38 -47.10 51.67
C ALA D 51 58.73 -46.24 50.46
N GLY D 52 60.03 -46.18 50.17
CA GLY D 52 60.58 -45.33 49.13
C GLY D 52 60.18 -45.82 47.75
N ILE D 53 59.77 -44.88 46.89
CA ILE D 53 59.58 -45.18 45.48
C ILE D 53 60.85 -44.83 44.72
N ILE D 54 61.21 -43.55 44.72
CA ILE D 54 62.44 -43.12 44.08
C ILE D 54 63.03 -41.93 44.82
N ASP D 55 64.33 -41.75 44.67
CA ASP D 55 65.07 -40.58 45.13
C ASP D 55 65.31 -39.67 43.94
N LEU D 56 64.82 -38.45 44.02
CA LEU D 56 64.91 -37.54 42.91
C LEU D 56 65.71 -36.27 43.29
N ALA D 57 66.83 -36.04 42.60
CA ALA D 57 67.68 -34.87 42.86
C ALA D 57 66.98 -33.59 42.41
N GLU D 58 67.15 -32.51 43.18
CA GLU D 58 66.52 -31.20 42.84
C GLU D 58 67.30 -30.43 41.77
N ALA D 59 66.61 -29.48 41.14
CA ALA D 59 67.21 -28.48 40.27
C ALA D 59 68.22 -27.65 41.03
N SER D 60 69.37 -27.42 40.41
CA SER D 60 70.34 -26.44 40.89
C SER D 60 69.84 -25.02 40.62
N HIS D 61 70.44 -24.03 41.27
CA HIS D 61 70.20 -22.63 40.96
C HIS D 61 70.42 -22.35 39.48
N ALA D 62 71.33 -23.10 38.88
CA ALA D 62 71.70 -22.89 37.50
C ALA D 62 70.58 -23.37 36.55
N GLN D 63 70.01 -24.53 36.88
CA GLN D 63 68.96 -25.16 36.08
C GLN D 63 67.68 -24.34 36.22
N ILE D 64 67.47 -23.76 37.40
CA ILE D 64 66.37 -22.83 37.61
C ILE D 64 66.59 -21.63 36.67
N ASP D 65 67.80 -21.10 36.68
CA ASP D 65 68.11 -19.97 35.83
C ASP D 65 68.02 -20.30 34.35
N ALA D 66 68.37 -21.52 34.00
CA ALA D 66 68.30 -21.96 32.61
C ALA D 66 66.84 -22.16 32.18
N ALA D 67 66.01 -22.61 33.10
CA ALA D 67 64.59 -22.81 32.81
C ALA D 67 63.92 -21.46 32.63
N VAL D 68 64.24 -20.48 33.48
CA VAL D 68 63.64 -19.15 33.30
C VAL D 68 64.11 -18.54 31.98
N ASP D 69 65.40 -18.72 31.67
CA ASP D 69 65.95 -18.20 30.43
C ASP D 69 65.31 -18.83 29.19
N ALA D 70 65.10 -20.15 29.20
CA ALA D 70 64.38 -20.77 28.09
C ALA D 70 63.02 -20.10 27.93
N ALA D 71 62.27 -20.03 29.03
CA ALA D 71 60.96 -19.37 29.00
C ALA D 71 61.02 -17.96 28.37
N GLU D 72 62.08 -17.22 28.67
CA GLU D 72 62.27 -15.87 28.13
C GLU D 72 62.39 -15.86 26.61
N ARG D 73 63.18 -16.79 26.10
CA ARG D 73 63.37 -16.94 24.66
C ARG D 73 62.09 -17.41 23.98
N ALA D 74 61.42 -18.36 24.63
CA ALA D 74 60.27 -18.97 23.99
C ALA D 74 59.13 -17.97 23.92
N PHE D 75 59.11 -17.02 24.86
CA PHE D 75 58.07 -16.00 24.91
C PHE D 75 58.03 -15.06 23.70
N VAL D 76 59.16 -14.90 23.02
CA VAL D 76 59.26 -14.00 21.86
C VAL D 76 58.34 -14.51 20.74
N GLY D 77 58.29 -15.82 20.52
CA GLY D 77 57.44 -16.43 19.49
C GLY D 77 56.05 -16.77 19.99
N TRP D 78 55.99 -17.42 21.15
CA TRP D 78 54.76 -17.93 21.68
C TRP D 78 53.75 -16.86 22.04
N SER D 79 54.24 -15.71 22.52
CA SER D 79 53.33 -14.60 22.79
C SER D 79 52.74 -14.02 21.50
N GLN D 80 53.38 -14.35 20.38
CA GLN D 80 52.95 -13.86 19.05
C GLN D 80 52.05 -14.82 18.25
N THR D 81 51.68 -15.96 18.85
CA THR D 81 50.83 -16.96 18.22
C THR D 81 49.36 -16.55 18.31
N THR D 82 48.57 -17.17 17.45
CA THR D 82 47.11 -16.96 17.41
C THR D 82 46.40 -17.82 18.46
N PRO D 83 45.18 -17.42 18.83
CA PRO D 83 44.41 -18.31 19.67
C PRO D 83 44.29 -19.67 19.01
N ALA D 84 44.05 -19.69 17.70
CA ALA D 84 43.85 -20.96 17.03
C ALA D 84 45.02 -21.91 17.23
N GLU D 85 46.25 -21.43 17.08
CA GLU D 85 47.37 -22.37 17.23
C GLU D 85 47.62 -22.81 18.67
N ARG D 86 47.38 -21.91 19.61
CA ARG D 86 47.49 -22.23 21.02
C ARG D 86 46.41 -23.21 21.45
N SER D 87 45.17 -22.92 21.05
CA SER D 87 44.03 -23.80 21.23
C SER D 87 44.31 -25.20 20.69
N ASN D 88 44.89 -25.30 19.50
CA ASN D 88 45.23 -26.59 18.94
C ASN D 88 46.22 -27.32 19.80
N ALA D 89 47.19 -26.58 20.32
CA ALA D 89 48.22 -27.16 21.18
C ALA D 89 47.60 -27.76 22.44
N LEU D 90 46.64 -27.04 23.02
CA LEU D 90 45.95 -27.55 24.20
C LEU D 90 45.20 -28.84 23.86
N LEU D 91 44.60 -28.91 22.68
CA LEU D 91 43.82 -30.07 22.29
C LEU D 91 44.70 -31.30 22.16
N LYS D 92 45.91 -31.09 21.65
CA LYS D 92 46.88 -32.15 21.50
C LYS D 92 47.41 -32.66 22.83
N ILE D 93 47.63 -31.74 23.77
CA ILE D 93 48.03 -32.11 25.14
C ILE D 93 46.94 -33.00 25.77
N ALA D 94 45.68 -32.62 25.58
CA ALA D 94 44.54 -33.46 25.98
C ALA D 94 44.56 -34.87 25.33
N ASP D 95 44.79 -34.93 24.02
CA ASP D 95 44.83 -36.20 23.35
C ASP D 95 45.92 -37.09 23.99
N ALA D 96 47.11 -36.53 24.19
CA ALA D 96 48.24 -37.27 24.76
C ALA D 96 47.95 -37.81 26.17
N ILE D 97 47.30 -37.00 27.01
CA ILE D 97 46.94 -37.49 28.34
C ILE D 97 45.91 -38.62 28.25
N GLU D 98 44.94 -38.46 27.35
CA GLU D 98 43.88 -39.45 27.13
C GLU D 98 44.44 -40.77 26.62
N LYS D 99 45.42 -40.69 25.73
CA LYS D 99 46.08 -41.88 25.20
C LYS D 99 46.74 -42.67 26.33
N GLU D 100 47.18 -41.98 27.37
CA GLU D 100 47.89 -42.63 28.46
C GLU D 100 47.17 -42.51 29.81
N ALA D 101 45.84 -42.40 29.73
CA ALA D 101 44.99 -42.17 30.89
C ALA D 101 45.27 -43.14 32.02
N ASP D 102 45.36 -44.42 31.70
CA ASP D 102 45.51 -45.45 32.71
C ASP D 102 46.81 -45.36 33.49
N GLU D 103 47.91 -45.07 32.79
CA GLU D 103 49.21 -45.10 33.47
C GLU D 103 49.41 -43.83 34.28
N PHE D 104 48.88 -42.71 33.78
CA PHE D 104 48.80 -41.54 34.65
C PHE D 104 47.98 -41.86 35.89
N ALA D 105 46.86 -42.53 35.70
CA ALA D 105 46.06 -43.01 36.84
C ALA D 105 46.91 -43.85 37.79
N ALA D 106 47.62 -44.85 37.27
CA ALA D 106 48.47 -45.72 38.10
C ALA D 106 49.56 -44.93 38.84
N LEU D 107 50.22 -44.03 38.12
CA LEU D 107 51.31 -43.27 38.69
C LEU D 107 50.86 -42.40 39.86
N GLU D 108 49.71 -41.77 39.72
CA GLU D 108 49.15 -40.87 40.73
C GLU D 108 48.63 -41.62 41.96
N ALA D 109 48.00 -42.77 41.71
CA ALA D 109 47.53 -43.63 42.78
C ALA D 109 48.73 -44.06 43.65
N LEU D 110 49.80 -44.51 43.00
CA LEU D 110 51.02 -44.91 43.71
C LEU D 110 51.71 -43.75 44.47
N ASN D 111 52.06 -42.68 43.75
CA ASN D 111 52.64 -41.47 44.35
C ASN D 111 51.80 -40.88 45.52
N CYS D 112 50.46 -40.89 45.42
CA CYS D 112 49.61 -40.15 46.38
C CYS D 112 48.77 -41.00 47.32
N GLY D 113 48.70 -42.31 47.06
CA GLY D 113 47.88 -43.21 47.87
C GLY D 113 46.38 -43.18 47.58
N LYS D 114 45.97 -42.48 46.52
CA LYS D 114 44.55 -42.37 46.13
C LYS D 114 44.03 -43.70 45.63
N PRO D 115 42.78 -44.05 46.02
CA PRO D 115 42.21 -45.32 45.54
C PRO D 115 42.08 -45.30 44.01
N ILE D 116 42.69 -46.28 43.33
CA ILE D 116 42.77 -46.29 41.86
C ILE D 116 41.50 -45.84 41.09
N ASN D 117 40.36 -46.45 41.39
CA ASN D 117 39.11 -46.10 40.72
C ASN D 117 38.74 -44.62 40.81
N ALA D 118 38.99 -44.02 41.98
CA ALA D 118 38.74 -42.59 42.18
C ALA D 118 39.54 -41.73 41.20
N VAL D 119 40.80 -42.10 40.99
CA VAL D 119 41.68 -41.40 40.06
C VAL D 119 41.21 -41.62 38.63
N LYS D 120 41.03 -42.90 38.29
CA LYS D 120 40.60 -43.29 36.95
C LYS D 120 39.29 -42.62 36.55
N ASN D 121 38.34 -42.55 37.47
CA ASN D 121 36.96 -42.13 37.16
C ASN D 121 36.66 -40.69 37.49
N ASP D 122 37.30 -40.16 38.52
CA ASP D 122 37.03 -38.76 38.89
C ASP D 122 38.10 -37.84 38.31
N GLU D 123 39.37 -38.15 38.55
CA GLU D 123 40.45 -37.21 38.26
C GLU D 123 40.82 -37.12 36.79
N LEU D 124 41.13 -38.26 36.17
CA LEU D 124 41.57 -38.25 34.80
C LEU D 124 40.54 -37.61 33.85
N PRO D 125 39.26 -38.06 33.91
CA PRO D 125 38.21 -37.37 33.17
C PRO D 125 38.28 -35.85 33.34
N ALA D 126 38.36 -35.36 34.57
CA ALA D 126 38.31 -33.92 34.83
C ALA D 126 39.56 -33.17 34.32
N ILE D 127 40.67 -33.89 34.23
CA ILE D 127 41.96 -33.33 33.81
C ILE D 127 41.95 -33.18 32.30
N ILE D 128 41.63 -34.27 31.62
CA ILE D 128 41.43 -34.25 30.18
C ILE D 128 40.42 -33.16 29.81
N ASP D 129 39.24 -33.18 30.42
CA ASP D 129 38.24 -32.15 30.15
C ASP D 129 38.80 -30.74 30.36
N CYS D 130 39.75 -30.60 31.29
CA CYS D 130 40.27 -29.28 31.64
C CYS D 130 41.12 -28.69 30.52
N TRP D 131 41.96 -29.53 29.92
CA TRP D 131 42.70 -29.12 28.73
C TRP D 131 41.81 -28.77 27.58
N ARG D 132 40.73 -29.55 27.39
CA ARG D 132 39.77 -29.29 26.32
C ARG D 132 38.95 -28.03 26.59
N PHE D 133 38.53 -27.80 27.83
CA PHE D 133 37.79 -26.53 28.08
C PHE D 133 38.61 -25.30 27.75
N PHE D 134 39.88 -25.29 28.17
CA PHE D 134 40.74 -24.12 27.90
C PHE D 134 41.07 -23.97 26.39
N ALA D 135 41.20 -25.06 25.65
CA ALA D 135 41.30 -24.91 24.20
C ALA D 135 40.17 -24.00 23.72
N GLY D 136 38.97 -24.19 24.29
CA GLY D 136 37.81 -23.43 23.90
C GLY D 136 38.01 -22.00 24.33
N ALA D 137 38.25 -21.84 25.62
CA ALA D 137 38.28 -20.54 26.26
C ALA D 137 39.26 -19.59 25.54
N VAL D 138 40.40 -20.13 25.15
CA VAL D 138 41.45 -19.41 24.43
C VAL D 138 40.95 -18.63 23.22
N ARG D 139 39.96 -19.17 22.51
CA ARG D 139 39.37 -18.56 21.34
C ARG D 139 38.06 -17.78 21.66
N ASN D 140 37.68 -17.66 22.94
CA ASN D 140 36.37 -17.03 23.27
C ASN D 140 36.45 -15.92 24.33
N LEU D 141 37.51 -15.15 24.31
CA LEU D 141 37.67 -13.98 25.18
C LEU D 141 36.82 -12.80 24.70
N HIS D 142 36.05 -12.20 25.59
CA HIS D 142 35.28 -10.99 25.24
C HIS D 142 35.86 -9.79 25.89
N ALA D 143 35.47 -8.61 25.40
CA ALA D 143 35.87 -7.32 25.96
C ALA D 143 34.86 -6.30 25.45
N PRO D 144 34.93 -5.04 25.94
CA PRO D 144 34.07 -3.97 25.41
C PRO D 144 34.30 -3.77 23.92
N ALA D 145 33.24 -3.47 23.19
CA ALA D 145 33.29 -3.46 21.75
C ALA D 145 34.16 -2.32 21.25
N ALA D 146 34.85 -2.57 20.13
CA ALA D 146 35.62 -1.51 19.43
C ALA D 146 34.67 -0.44 18.95
N GLY D 147 35.18 0.78 18.79
CA GLY D 147 34.39 1.87 18.21
C GLY D 147 34.95 3.22 18.61
N GLU D 148 34.20 4.26 18.28
CA GLU D 148 34.64 5.63 18.49
C GLU D 148 33.99 6.12 19.73
N TYR D 149 34.72 5.95 20.83
CA TYR D 149 34.24 6.46 22.08
C TYR D 149 34.55 7.92 22.27
N LEU D 150 35.67 8.38 21.69
CA LEU D 150 35.97 9.81 21.48
C LEU D 150 35.85 10.10 19.98
N PRO D 151 35.17 11.21 19.62
CA PRO D 151 35.06 11.53 18.18
C PRO D 151 36.40 11.39 17.44
N GLY D 152 36.41 10.60 16.36
CA GLY D 152 37.56 10.55 15.47
C GLY D 152 38.66 9.64 16.00
N HIS D 153 38.33 8.83 16.99
CA HIS D 153 39.31 7.91 17.56
C HIS D 153 38.71 6.54 17.68
N THR D 154 39.36 5.56 17.09
CA THR D 154 38.90 4.19 17.19
C THR D 154 39.64 3.47 18.29
N SER D 155 38.92 3.08 19.33
CA SER D 155 39.47 2.24 20.39
C SER D 155 39.07 0.79 20.23
N ILE D 157 39.88 -3.17 22.59
CA ILE D 157 40.51 -3.75 23.77
C ILE D 157 41.13 -5.12 23.39
N ARG D 158 42.37 -5.37 23.80
CA ARG D 158 43.01 -6.66 23.56
C ARG D 158 43.34 -7.36 24.89
N ARG D 159 43.37 -8.68 24.89
CA ARG D 159 43.86 -9.37 26.05
C ARG D 159 45.17 -10.02 25.64
N ASP D 160 46.28 -9.44 26.07
CA ASP D 160 47.59 -9.90 25.63
C ASP D 160 48.27 -10.67 26.75
N PRO D 161 49.30 -11.49 26.39
CA PRO D 161 50.05 -12.25 27.38
C PRO D 161 50.70 -11.33 28.41
N ILE D 162 51.02 -11.87 29.58
CA ILE D 162 51.65 -11.09 30.65
C ILE D 162 53.18 -11.17 30.66
N GLY D 163 53.75 -12.34 30.36
CA GLY D 163 55.18 -12.54 30.55
C GLY D 163 55.49 -13.95 30.97
N ILE D 164 56.50 -14.11 31.84
CA ILE D 164 56.90 -15.43 32.29
C ILE D 164 56.22 -15.77 33.60
N VAL D 165 55.62 -16.97 33.65
CA VAL D 165 54.91 -17.42 34.82
C VAL D 165 55.68 -18.49 35.59
N GLY D 166 55.91 -18.21 36.87
CA GLY D 166 56.38 -19.20 37.85
C GLY D 166 55.20 -19.82 38.57
N SER D 167 55.05 -21.15 38.46
CA SER D 167 53.87 -21.86 38.97
C SER D 167 54.26 -22.95 39.89
N ILE D 168 53.53 -23.03 40.99
CA ILE D 168 53.81 -24.00 42.02
C ILE D 168 52.51 -24.66 42.43
N ALA D 169 52.50 -25.99 42.25
CA ALA D 169 51.40 -26.91 42.58
C ALA D 169 51.63 -27.67 43.89
N PRO D 170 50.55 -27.97 44.62
CA PRO D 170 50.66 -28.77 45.82
C PRO D 170 50.56 -30.28 45.49
N TRP D 171 50.46 -31.12 46.52
CA TRP D 171 50.54 -32.57 46.37
C TRP D 171 49.19 -33.25 46.42
N ASN D 172 48.15 -32.49 46.74
CA ASN D 172 46.83 -33.05 46.88
C ASN D 172 46.22 -33.60 45.58
N TYR D 173 46.46 -32.90 44.46
CA TYR D 173 46.10 -33.36 43.12
C TYR D 173 47.19 -32.98 42.13
N PRO D 174 48.33 -33.68 42.18
CA PRO D 174 49.49 -33.27 41.37
C PRO D 174 49.13 -32.97 39.90
N LEU D 175 48.53 -33.92 39.22
CA LEU D 175 48.27 -33.79 37.78
C LEU D 175 47.16 -32.81 37.48
N ALA D 179 47.36 -29.22 35.33
CA ALA D 179 46.43 -28.80 34.30
C ALA D 179 45.88 -27.36 34.62
N TRP D 180 45.58 -27.08 35.87
CA TRP D 180 45.01 -25.77 36.24
C TRP D 180 46.03 -24.69 36.07
N LYS D 181 47.29 -25.05 36.30
CA LYS D 181 48.34 -24.04 36.29
C LYS D 181 48.81 -23.75 34.88
N LEU D 182 49.02 -24.80 34.09
CA LEU D 182 49.58 -24.70 32.76
C LEU D 182 48.60 -24.20 31.68
N ALA D 183 47.41 -24.78 31.62
CA ALA D 183 46.48 -24.52 30.53
C ALA D 183 46.12 -23.03 30.37
N PRO D 184 45.60 -22.36 31.44
CA PRO D 184 45.30 -20.94 31.20
C PRO D 184 46.56 -20.11 30.98
N ALA D 185 47.66 -20.55 31.58
CA ALA D 185 48.92 -19.80 31.48
C ALA D 185 49.42 -19.79 30.03
N ILE D 186 49.62 -21.00 29.50
CA ILE D 186 50.08 -21.23 28.14
C ILE D 186 49.03 -20.71 27.15
N GLY D 187 47.77 -20.93 27.48
CA GLY D 187 46.65 -20.45 26.71
C GLY D 187 46.68 -18.95 26.48
N GLY D 188 46.85 -18.18 27.55
CA GLY D 188 47.03 -16.73 27.41
C GLY D 188 48.29 -16.31 26.65
N GLY D 189 49.11 -17.26 26.16
CA GLY D 189 50.30 -16.90 25.38
C GLY D 189 51.55 -16.60 26.20
N ASN D 190 51.49 -16.91 27.50
CA ASN D 190 52.63 -16.83 28.41
C ASN D 190 53.52 -18.08 28.31
N THR D 191 54.71 -18.02 28.91
CA THR D 191 55.56 -19.20 28.99
C THR D 191 55.79 -19.52 30.46
N VAL D 192 56.11 -20.77 30.75
CA VAL D 192 56.00 -21.26 32.10
C VAL D 192 57.20 -22.03 32.60
N VAL D 193 57.60 -21.65 33.82
CA VAL D 193 58.46 -22.49 34.64
C VAL D 193 57.60 -23.02 35.79
N PHE D 194 57.49 -24.34 35.86
CA PHE D 194 56.53 -25.00 36.74
C PHE D 194 57.23 -25.97 37.68
N LYS D 195 56.84 -25.93 38.95
CA LYS D 195 57.37 -26.82 39.97
C LYS D 195 56.28 -27.61 40.68
N PRO D 196 56.27 -28.95 40.52
CA PRO D 196 55.33 -29.70 41.34
C PRO D 196 55.78 -29.76 42.80
N SER D 197 54.88 -30.13 43.69
CA SER D 197 55.23 -30.31 45.08
C SER D 197 56.43 -31.27 45.24
N GLU D 198 57.20 -31.11 46.32
CA GLU D 198 58.37 -31.99 46.51
C GLU D 198 58.06 -33.49 46.61
N GLN D 199 56.94 -33.84 47.23
CA GLN D 199 56.56 -35.25 47.43
C GLN D 199 55.96 -35.87 46.17
N THR D 200 55.51 -35.02 45.25
CA THR D 200 54.63 -35.46 44.18
C THR D 200 54.99 -34.97 42.75
N PRO D 201 56.26 -35.14 42.33
CA PRO D 201 56.62 -34.70 40.99
C PRO D 201 56.40 -35.76 39.91
N LEU D 202 55.98 -36.96 40.28
CA LEU D 202 56.04 -38.07 39.34
C LEU D 202 55.17 -37.85 38.11
N THR D 203 53.89 -37.54 38.30
CA THR D 203 53.03 -37.31 37.14
C THR D 203 53.44 -36.10 36.31
N ALA D 204 53.98 -35.09 36.97
CA ALA D 204 54.46 -33.88 36.28
C ALA D 204 55.66 -34.22 35.36
N LEU D 205 56.57 -35.05 35.86
CA LEU D 205 57.70 -35.45 35.02
C LEU D 205 57.31 -36.35 33.86
N LYS D 206 56.33 -37.23 34.08
CA LYS D 206 55.76 -37.99 32.95
C LYS D 206 55.14 -37.06 31.90
N LEU D 207 54.30 -36.12 32.37
CA LEU D 207 53.57 -35.28 31.45
C LEU D 207 54.55 -34.38 30.68
N ALA D 208 55.62 -34.01 31.37
CA ALA D 208 56.67 -33.19 30.81
C ALA D 208 57.21 -33.70 29.47
N ARG D 209 57.43 -35.02 29.36
CA ARG D 209 57.89 -35.65 28.12
C ARG D 209 56.89 -35.60 26.98
N LEU D 210 55.62 -35.83 27.29
CA LEU D 210 54.60 -35.69 26.29
C LEU D 210 54.51 -34.24 25.78
N ILE D 211 54.61 -33.26 26.67
CA ILE D 211 54.46 -31.86 26.27
C ILE D 211 55.60 -31.38 25.38
N ALA D 212 56.81 -31.86 25.65
CA ALA D 212 57.98 -31.44 24.89
C ALA D 212 57.83 -31.85 23.42
N ASP D 213 57.07 -32.91 23.19
CA ASP D 213 56.79 -33.37 21.82
C ASP D 213 55.70 -32.53 21.17
N ILE D 214 55.00 -31.71 21.94
CA ILE D 214 53.87 -30.97 21.39
C ILE D 214 54.16 -29.49 21.23
N LEU D 215 54.78 -28.87 22.23
CA LEU D 215 54.96 -27.41 22.26
C LEU D 215 56.28 -26.96 21.64
N PRO D 216 56.38 -25.66 21.29
CA PRO D 216 57.75 -25.22 21.04
C PRO D 216 58.64 -25.31 22.29
N GLU D 217 59.90 -25.63 22.07
CA GLU D 217 60.95 -25.53 23.06
C GLU D 217 60.78 -24.33 24.01
N GLY D 218 60.75 -24.59 25.32
CA GLY D 218 60.80 -23.52 26.33
C GLY D 218 59.47 -22.90 26.75
N VAL D 219 58.39 -23.24 26.07
CA VAL D 219 57.06 -22.73 26.42
C VAL D 219 56.64 -23.28 27.80
N VAL D 220 56.99 -24.55 28.05
CA VAL D 220 56.79 -25.17 29.34
C VAL D 220 58.09 -25.80 29.85
N ASN D 221 58.39 -25.49 31.11
CA ASN D 221 59.57 -25.98 31.78
C ASN D 221 59.21 -26.58 33.13
N VAL D 222 59.76 -27.75 33.40
CA VAL D 222 59.48 -28.41 34.67
C VAL D 222 60.74 -28.60 35.50
N ILE D 223 60.75 -28.00 36.69
CA ILE D 223 61.85 -28.18 37.63
C ILE D 223 61.30 -28.76 38.92
N THR D 224 62.12 -29.50 39.66
CA THR D 224 61.67 -30.10 40.93
C THR D 224 62.45 -29.60 42.14
N GLY D 225 61.84 -29.75 43.31
CA GLY D 225 62.54 -29.51 44.55
C GLY D 225 61.68 -28.87 45.60
N ARG D 226 62.32 -28.57 46.74
CA ARG D 226 61.64 -28.09 47.93
C ARG D 226 61.18 -26.66 47.77
N GLY D 227 60.10 -26.29 48.46
CA GLY D 227 59.61 -24.90 48.49
C GLY D 227 60.71 -23.93 48.86
N GLU D 228 61.39 -24.22 49.98
CA GLU D 228 62.42 -23.36 50.58
C GLU D 228 63.62 -23.09 49.69
N THR D 229 64.02 -24.08 48.90
CA THR D 229 65.13 -23.87 48.00
C THR D 229 64.59 -23.44 46.64
N VAL D 230 64.12 -24.40 45.87
CA VAL D 230 63.70 -24.18 44.49
C VAL D 230 62.53 -23.23 44.33
N GLY D 231 61.50 -23.40 45.14
CA GLY D 231 60.33 -22.52 45.05
C GLY D 231 60.75 -21.08 45.27
N ASN D 232 61.48 -20.88 46.38
CA ASN D 232 61.96 -19.57 46.76
C ASN D 232 62.72 -18.86 45.67
N ALA D 233 63.66 -19.56 45.06
CA ALA D 233 64.46 -19.00 43.97
C ALA D 233 63.59 -18.70 42.76
N LEU D 234 62.64 -19.57 42.46
CA LEU D 234 61.73 -19.37 41.33
C LEU D 234 60.89 -18.12 41.50
N ILE D 235 60.28 -18.00 42.67
CA ILE D 235 59.40 -16.89 42.92
C ILE D 235 60.16 -15.55 43.03
N ASN D 236 61.46 -15.62 43.29
CA ASN D 236 62.28 -14.40 43.43
C ASN D 236 63.01 -13.97 42.16
N HIS D 237 63.06 -14.84 41.16
CA HIS D 237 63.73 -14.51 39.92
C HIS D 237 63.26 -13.20 39.32
N PRO D 238 64.19 -12.33 38.89
CA PRO D 238 63.78 -11.02 38.40
C PRO D 238 63.00 -11.05 37.08
N LYS D 239 63.10 -12.15 36.33
CA LYS D 239 62.46 -12.22 35.03
C LYS D 239 61.01 -12.74 35.08
N VAL D 240 60.68 -13.44 36.16
CA VAL D 240 59.33 -13.95 36.36
C VAL D 240 58.36 -12.78 36.65
N GLY D 241 57.32 -12.62 35.83
CA GLY D 241 56.43 -11.45 35.94
C GLY D 241 55.16 -11.77 36.73
N VAL D 243 53.52 -14.91 39.47
CA VAL D 243 53.66 -16.08 40.27
C VAL D 243 52.28 -16.60 40.62
N SER D 244 52.10 -17.89 40.36
CA SER D 244 50.88 -18.56 40.74
C SER D 244 51.18 -19.71 41.67
N ILE D 245 50.52 -19.69 42.81
CA ILE D 245 50.64 -20.74 43.78
C ILE D 245 49.30 -21.12 44.37
N THR D 246 49.13 -22.43 44.54
CA THR D 246 48.10 -23.02 45.38
C THR D 246 48.84 -23.73 46.49
N GLY D 247 48.57 -23.32 47.73
CA GLY D 247 49.19 -23.91 48.94
C GLY D 247 48.46 -23.45 50.20
N ASP D 248 49.16 -23.43 51.34
CA ASP D 248 48.58 -22.94 52.59
C ASP D 248 48.74 -21.43 52.70
N ILE D 249 48.15 -20.84 53.73
CA ILE D 249 48.24 -19.39 53.94
C ILE D 249 49.67 -18.94 54.22
N ALA D 250 50.40 -19.73 55.00
CA ALA D 250 51.77 -19.40 55.34
C ALA D 250 52.62 -19.15 54.08
N THR D 251 52.54 -20.05 53.11
CA THR D 251 53.30 -19.92 51.85
C THR D 251 52.80 -18.75 50.99
N GLY D 252 51.49 -18.52 50.98
CA GLY D 252 50.91 -17.34 50.33
C GLY D 252 51.45 -16.02 50.84
N LYS D 253 51.52 -15.90 52.17
CA LYS D 253 52.09 -14.70 52.77
C LYS D 253 53.51 -14.42 52.28
N LYS D 254 54.36 -15.46 52.21
CA LYS D 254 55.77 -15.23 51.82
C LYS D 254 55.96 -15.01 50.32
N VAL D 255 55.21 -15.74 49.50
CA VAL D 255 55.05 -15.41 48.08
C VAL D 255 54.66 -13.94 47.91
N LEU D 256 53.74 -13.47 48.75
CA LEU D 256 53.36 -12.06 48.70
C LEU D 256 54.52 -11.11 49.07
N ALA D 257 55.17 -11.38 50.20
CA ALA D 257 56.42 -10.69 50.56
C ALA D 257 57.47 -10.65 49.44
N ALA D 258 57.65 -11.76 48.72
CA ALA D 258 58.62 -11.79 47.64
C ALA D 258 58.21 -10.83 46.53
N ALA D 259 56.97 -10.95 46.08
CA ALA D 259 56.44 -10.15 44.98
C ALA D 259 56.41 -8.65 45.31
N ALA D 260 56.32 -8.33 46.61
CA ALA D 260 56.30 -6.95 47.10
C ALA D 260 57.53 -6.18 46.69
N LYS D 261 58.67 -6.88 46.68
CA LYS D 261 59.95 -6.28 46.32
C LYS D 261 60.01 -5.86 44.86
N THR D 262 59.28 -6.57 44.02
CA THR D 262 59.42 -6.44 42.58
C THR D 262 58.09 -6.16 41.83
N VAL D 263 57.01 -5.98 42.59
CA VAL D 263 55.66 -5.78 42.07
C VAL D 263 55.22 -6.86 41.07
N LYS D 264 55.53 -8.12 41.36
CA LYS D 264 55.06 -9.23 40.53
C LYS D 264 53.58 -9.46 40.75
N ARG D 265 52.82 -9.72 39.69
CA ARG D 265 51.46 -10.26 39.81
C ARG D 265 51.50 -11.60 40.54
N THR D 266 50.48 -11.82 41.37
CA THR D 266 50.29 -13.05 42.07
C THR D 266 48.91 -13.64 41.80
N HIS D 267 48.87 -14.97 41.87
CA HIS D 267 47.68 -15.76 41.68
C HIS D 267 47.67 -16.79 42.77
N LEU D 268 46.90 -16.51 43.82
CA LEU D 268 46.99 -17.25 45.08
C LEU D 268 45.72 -17.99 45.40
N GLU D 269 45.85 -19.28 45.62
CA GLU D 269 44.75 -20.07 46.12
C GLU D 269 45.25 -20.77 47.37
N LEU D 270 44.79 -20.27 48.52
CA LEU D 270 45.42 -20.57 49.82
C LEU D 270 44.60 -21.39 50.83
N GLY D 271 43.69 -22.22 50.34
CA GLY D 271 42.98 -23.13 51.23
C GLY D 271 41.59 -22.65 51.65
N GLY D 272 40.87 -23.53 52.29
CA GLY D 272 39.53 -23.27 52.72
C GLY D 272 39.20 -23.87 54.04
N LYS D 273 38.10 -23.48 54.60
CA LYS D 273 37.43 -24.15 55.69
C LYS D 273 35.97 -24.07 55.35
N ALA D 274 35.49 -24.95 54.48
CA ALA D 274 34.17 -24.75 53.95
C ALA D 274 33.07 -25.02 54.94
N PRO D 275 32.26 -24.00 55.19
CA PRO D 275 31.14 -24.18 56.10
C PRO D 275 29.99 -24.90 55.39
N VAL D 276 29.27 -25.71 56.14
CA VAL D 276 28.23 -26.57 55.59
C VAL D 276 27.04 -26.30 56.46
N ILE D 277 26.12 -25.47 55.98
CA ILE D 277 25.01 -25.11 56.83
C ILE D 277 23.85 -26.06 56.59
N VAL D 278 23.50 -26.80 57.64
CA VAL D 278 22.43 -27.79 57.59
C VAL D 278 21.24 -27.26 58.42
N TYR D 279 20.22 -26.78 57.74
CA TYR D 279 18.99 -26.35 58.42
C TYR D 279 18.10 -27.52 58.81
N GLY D 280 17.14 -27.27 59.71
CA GLY D 280 16.24 -28.28 60.22
C GLY D 280 15.44 -28.99 59.16
N ASP D 281 15.06 -28.28 58.10
CA ASP D 281 14.24 -28.89 57.05
C ASP D 281 15.08 -29.51 55.92
N ALA D 282 16.35 -29.81 56.22
CA ALA D 282 17.23 -30.48 55.26
C ALA D 282 16.93 -31.96 55.12
N ASP D 283 17.39 -32.55 54.01
CA ASP D 283 17.31 -33.98 53.79
C ASP D 283 18.54 -34.65 54.42
N LEU D 284 18.37 -35.13 55.65
CA LEU D 284 19.48 -35.64 56.44
C LEU D 284 20.21 -36.86 55.89
N GLU D 285 19.52 -37.72 55.14
CA GLU D 285 20.19 -38.82 54.44
C GLU D 285 21.17 -38.29 53.42
N ALA D 286 20.73 -37.29 52.65
CA ALA D 286 21.59 -36.68 51.64
C ALA D 286 22.72 -35.86 52.28
N VAL D 287 22.41 -35.13 53.35
CA VAL D 287 23.46 -34.42 54.10
C VAL D 287 24.52 -35.41 54.58
N VAL D 288 24.09 -36.46 55.27
CA VAL D 288 25.00 -37.46 55.81
C VAL D 288 25.79 -38.14 54.70
N ASN D 289 25.12 -38.45 53.60
CA ASN D 289 25.80 -39.09 52.49
C ASN D 289 26.80 -38.14 51.81
N GLY D 290 26.42 -36.87 51.66
CA GLY D 290 27.34 -35.82 51.19
C GLY D 290 28.60 -35.62 52.06
N ILE D 291 28.41 -35.46 53.36
CA ILE D 291 29.52 -35.29 54.29
C ILE D 291 30.40 -36.54 54.38
N ARG D 292 29.81 -37.71 54.20
CA ARG D 292 30.58 -38.96 54.21
C ARG D 292 31.59 -38.97 53.08
N THR D 293 31.15 -38.56 51.89
CA THR D 293 32.03 -38.54 50.73
C THR D 293 32.98 -37.35 50.85
N PHE D 294 32.42 -36.14 50.90
CA PHE D 294 33.17 -34.91 50.67
C PHE D 294 33.86 -34.29 51.87
N GLY D 295 33.55 -34.76 53.08
CA GLY D 295 34.38 -34.41 54.24
C GLY D 295 35.69 -35.19 54.22
N TYR D 296 35.73 -36.27 53.46
CA TYR D 296 36.73 -37.31 53.64
C TYR D 296 37.42 -37.71 52.36
N TYR D 297 36.85 -37.32 51.22
CA TYR D 297 37.44 -37.62 49.92
C TYR D 297 38.85 -37.11 49.89
N ASN D 298 39.76 -37.90 49.33
CA ASN D 298 41.19 -37.57 49.27
C ASN D 298 41.83 -37.40 50.67
N ALA D 299 41.24 -38.10 51.66
CA ALA D 299 41.58 -37.97 53.08
C ALA D 299 41.42 -36.54 53.62
N GLY D 300 40.48 -35.81 53.09
CA GLY D 300 40.21 -34.48 53.57
C GLY D 300 41.26 -33.51 53.12
N GLN D 301 42.15 -33.96 52.27
CA GLN D 301 43.15 -33.09 51.73
C GLN D 301 42.61 -32.45 50.49
N ASP D 302 41.55 -31.69 50.65
CA ASP D 302 40.95 -30.96 49.57
C ASP D 302 40.61 -29.61 50.13
N CYS D 303 40.88 -28.57 49.38
CA CYS D 303 40.59 -27.20 49.78
C CYS D 303 39.09 -26.90 49.89
N THR D 304 38.27 -27.75 49.29
CA THR D 304 36.83 -27.57 49.37
C THR D 304 36.17 -28.60 50.32
N ALA D 305 36.98 -29.34 51.08
CA ALA D 305 36.40 -30.39 51.97
C ALA D 305 35.26 -29.84 52.82
N ALA D 306 34.23 -30.65 52.99
CA ALA D 306 33.08 -30.25 53.78
C ALA D 306 33.43 -30.55 55.22
N CYS D 307 34.13 -29.62 55.86
CA CYS D 307 34.81 -29.93 57.11
C CYS D 307 34.20 -29.22 58.31
N ARG D 308 33.64 -28.04 58.07
CA ARG D 308 33.10 -27.19 59.13
C ARG D 308 31.57 -27.17 59.10
N ILE D 309 30.92 -28.02 59.87
CA ILE D 309 29.47 -28.13 59.78
C ILE D 309 28.73 -27.33 60.82
N TYR D 310 27.68 -26.67 60.36
CA TYR D 310 26.79 -25.93 61.22
C TYR D 310 25.46 -26.62 61.10
N ALA D 311 24.99 -27.16 62.22
CA ALA D 311 23.75 -27.91 62.23
C ALA D 311 22.73 -27.25 63.16
N GLU D 312 21.52 -27.05 62.65
CA GLU D 312 20.42 -26.51 63.45
C GLU D 312 20.02 -27.41 64.63
N ALA D 313 19.75 -26.77 65.76
CA ALA D 313 19.46 -27.41 67.05
C ALA D 313 18.54 -28.62 66.92
N GLY D 314 17.42 -28.45 66.22
CA GLY D 314 16.40 -29.50 66.06
C GLY D 314 16.92 -30.83 65.53
N ILE D 315 17.94 -30.78 64.68
CA ILE D 315 18.48 -31.96 63.98
C ILE D 315 19.95 -32.22 64.33
N TYR D 316 20.49 -31.42 65.24
CA TYR D 316 21.88 -31.57 65.66
C TYR D 316 22.25 -32.99 66.16
N GLU D 317 21.44 -33.55 67.09
CA GLU D 317 21.72 -34.86 67.66
CA GLU D 317 21.67 -34.88 67.66
C GLU D 317 21.58 -36.01 66.64
N LYS D 318 20.54 -35.97 65.80
CA LYS D 318 20.45 -37.04 64.80
C LYS D 318 21.64 -37.00 63.84
N LEU D 319 21.94 -35.82 63.33
CA LEU D 319 23.06 -35.65 62.42
C LEU D 319 24.37 -36.21 63.00
N VAL D 320 24.73 -35.80 64.22
CA VAL D 320 25.97 -36.28 64.83
C VAL D 320 26.00 -37.82 64.80
N ALA D 321 24.95 -38.44 65.36
CA ALA D 321 24.82 -39.89 65.42
C ALA D 321 24.88 -40.57 64.05
N ASP D 322 24.02 -40.14 63.14
CA ASP D 322 23.98 -40.70 61.78
C ASP D 322 25.28 -40.51 61.03
N LEU D 323 25.89 -39.34 61.20
CA LEU D 323 27.16 -39.07 60.54
C LEU D 323 28.22 -39.99 61.12
N THR D 324 28.32 -40.00 62.45
CA THR D 324 29.28 -40.82 63.18
C THR D 324 29.27 -42.26 62.65
N SER D 325 28.09 -42.86 62.55
CA SER D 325 28.00 -44.23 62.04
C SER D 325 28.29 -44.34 60.54
N ALA D 326 27.97 -43.30 59.77
CA ALA D 326 28.31 -43.30 58.35
C ALA D 326 29.84 -43.24 58.14
N VAL D 327 30.51 -42.44 58.98
CA VAL D 327 31.93 -42.18 58.88
C VAL D 327 32.79 -43.35 59.36
N SER D 328 32.22 -44.20 60.20
CA SER D 328 32.96 -45.33 60.77
C SER D 328 33.02 -46.52 59.81
N THR D 329 32.20 -46.49 58.76
CA THR D 329 32.20 -47.57 57.79
C THR D 329 33.10 -47.25 56.59
N ILE D 330 33.69 -46.05 56.58
CA ILE D 330 34.60 -45.64 55.50
C ILE D 330 35.80 -46.58 55.40
N ARG D 331 36.05 -47.08 54.18
CA ARG D 331 37.08 -48.09 53.95
C ARG D 331 38.38 -47.48 53.42
N TYR D 332 39.49 -47.87 54.04
CA TYR D 332 40.83 -47.40 53.69
C TYR D 332 41.87 -48.44 54.13
N ASN D 333 43.02 -48.44 53.45
CA ASN D 333 44.17 -49.26 53.83
C ASN D 333 43.96 -50.76 53.51
N LEU D 334 43.09 -51.06 52.53
CA LEU D 334 42.86 -52.46 52.11
C LEU D 334 43.76 -52.84 50.92
N ASP D 335 44.04 -54.15 50.84
CA ASP D 335 44.86 -54.74 49.77
C ASP D 335 44.15 -54.69 48.42
N ASP D 336 42.84 -54.91 48.43
CA ASP D 336 42.00 -54.69 47.27
C ASP D 336 41.72 -53.19 47.18
N ASP D 337 42.53 -52.49 46.38
CA ASP D 337 42.46 -51.01 46.27
C ASP D 337 41.15 -50.51 45.68
N THR D 338 40.56 -51.35 44.83
CA THR D 338 39.22 -51.20 44.28
C THR D 338 38.19 -50.98 45.38
N GLU D 339 38.48 -51.50 46.57
CA GLU D 339 37.57 -51.45 47.72
C GLU D 339 37.80 -50.22 48.62
N ASN D 340 38.99 -49.63 48.52
CA ASN D 340 39.38 -48.46 49.34
C ASN D 340 38.63 -47.20 48.93
N GLU D 341 38.10 -46.48 49.93
CA GLU D 341 37.32 -45.26 49.64
C GLU D 341 38.15 -43.97 49.76
N ILE D 342 39.11 -43.94 50.68
CA ILE D 342 40.08 -42.85 50.80
C ILE D 342 41.46 -43.46 50.98
N GLY D 343 42.51 -42.69 50.71
CA GLY D 343 43.88 -43.14 50.95
C GLY D 343 44.51 -42.43 52.13
N PRO D 344 45.86 -42.45 52.25
CA PRO D 344 46.50 -41.87 53.42
C PRO D 344 46.74 -40.39 53.22
N LEU D 345 47.33 -39.76 54.22
CA LEU D 345 47.89 -38.43 54.07
C LEU D 345 49.21 -38.56 53.29
N ILE D 346 49.66 -37.46 52.68
CA ILE D 346 50.84 -37.51 51.83
C ILE D 346 52.08 -37.95 52.61
N SER D 347 52.18 -37.50 53.86
CA SER D 347 53.43 -37.67 54.61
C SER D 347 53.26 -37.73 56.13
N ARG D 348 54.31 -38.24 56.79
CA ARG D 348 54.37 -38.34 58.24
C ARG D 348 54.13 -36.99 58.92
N ARG D 349 54.79 -35.95 58.43
CA ARG D 349 54.56 -34.57 58.87
C ARG D 349 53.08 -34.15 58.78
N GLN D 350 52.38 -34.61 57.75
CA GLN D 350 51.01 -34.18 57.54
C GLN D 350 50.11 -34.96 58.48
N ARG D 351 50.29 -36.28 58.51
CA ARG D 351 49.57 -37.14 59.42
C ARG D 351 49.66 -36.58 60.85
N ASP D 352 50.89 -36.34 61.32
CA ASP D 352 51.12 -35.73 62.63
C ASP D 352 50.55 -34.31 62.79
N ARG D 353 50.43 -33.56 61.71
CA ARG D 353 49.89 -32.21 61.85
C ARG D 353 48.40 -32.28 62.16
N VAL D 354 47.74 -33.26 61.56
CA VAL D 354 46.31 -33.49 61.75
C VAL D 354 46.05 -34.07 63.14
N ALA D 355 46.87 -35.05 63.53
CA ALA D 355 46.72 -35.70 64.84
C ALA D 355 46.75 -34.69 65.98
N SER D 356 47.69 -33.76 65.93
CA SER D 356 47.77 -32.72 66.94
C SER D 356 46.60 -31.75 66.92
N PHE D 357 46.05 -31.48 65.74
CA PHE D 357 44.81 -30.72 65.62
C PHE D 357 43.68 -31.41 66.39
N VAL D 358 43.64 -32.74 66.24
CA VAL D 358 42.59 -33.55 66.81
C VAL D 358 42.78 -33.67 68.33
N GLU D 359 44.01 -33.95 68.77
CA GLU D 359 44.31 -34.08 70.18
C GLU D 359 44.01 -32.81 70.93
N ARG D 360 44.36 -31.65 70.36
CA ARG D 360 44.04 -30.38 71.00
C ARG D 360 42.53 -30.11 71.10
N ALA D 361 41.77 -30.57 70.11
CA ALA D 361 40.29 -30.53 70.18
C ALA D 361 39.77 -31.43 71.30
N ALA D 362 40.33 -32.64 71.44
CA ALA D 362 39.96 -33.59 72.49
C ALA D 362 40.13 -33.02 73.91
N ASP D 363 41.16 -32.20 74.14
CA ASP D 363 41.41 -31.57 75.46
C ASP D 363 40.36 -30.50 75.83
N GLN D 364 39.56 -30.07 74.87
CA GLN D 364 38.40 -29.26 75.17
C GLN D 364 37.36 -30.15 75.84
N LYS D 365 36.88 -29.73 77.01
CA LYS D 365 35.96 -30.57 77.77
C LYS D 365 34.57 -30.62 77.11
N HIS D 366 34.26 -29.55 76.37
CA HIS D 366 32.97 -29.39 75.69
C HIS D 366 32.86 -30.08 74.35
N ILE D 367 34.01 -30.42 73.77
CA ILE D 367 34.08 -31.13 72.50
C ILE D 367 34.01 -32.63 72.76
N GLU D 368 33.39 -33.36 71.85
CA GLU D 368 33.34 -34.80 71.93
C GLU D 368 33.78 -35.40 70.61
N ILE D 369 34.73 -36.33 70.70
CA ILE D 369 35.21 -37.07 69.52
C ILE D 369 34.33 -38.30 69.41
N THR D 370 33.36 -38.27 68.51
CA THR D 370 32.42 -39.39 68.39
C THR D 370 33.02 -40.62 67.72
N THR D 371 33.94 -40.42 66.78
CA THR D 371 34.60 -41.55 66.10
C THR D 371 36.02 -41.18 65.65
N GLY D 372 36.87 -42.19 65.50
CA GLY D 372 38.28 -42.01 65.12
C GLY D 372 39.07 -41.13 66.09
N GLY D 373 39.88 -40.22 65.54
CA GLY D 373 40.67 -39.29 66.35
C GLY D 373 42.06 -39.81 66.66
N ARG D 374 42.43 -40.93 66.02
CA ARG D 374 43.71 -41.59 66.23
C ARG D 374 44.35 -41.88 64.88
N THR D 375 45.62 -42.26 64.92
CA THR D 375 46.34 -42.71 63.74
C THR D 375 45.63 -43.95 63.18
N GLY D 376 45.75 -44.18 61.88
CA GLY D 376 44.96 -45.21 61.23
C GLY D 376 45.70 -46.36 60.57
N SER D 377 46.98 -46.50 60.84
CA SER D 377 47.75 -47.61 60.30
C SER D 377 49.10 -47.76 60.96
N ASP D 378 49.54 -49.02 61.11
CA ASP D 378 50.92 -49.34 61.49
C ASP D 378 51.89 -48.64 60.53
N GLU D 379 51.63 -48.88 59.25
CA GLU D 379 52.48 -48.49 58.16
C GLU D 379 51.79 -47.43 57.30
N GLY D 380 52.55 -46.48 56.79
CA GLY D 380 52.00 -45.44 55.97
C GLY D 380 51.41 -44.34 56.84
N PHE D 381 50.63 -43.45 56.23
CA PHE D 381 50.27 -42.22 56.91
C PHE D 381 48.76 -42.01 57.00
N PHE D 382 48.03 -43.11 57.13
CA PHE D 382 46.58 -43.07 57.34
C PHE D 382 46.19 -42.42 58.69
N PHE D 383 45.19 -41.55 58.65
CA PHE D 383 44.57 -41.07 59.87
C PHE D 383 43.11 -41.47 59.84
N GLN D 384 42.58 -41.88 60.99
CA GLN D 384 41.20 -42.36 61.09
C GLN D 384 40.16 -41.27 60.80
N PRO D 385 39.16 -41.58 59.95
CA PRO D 385 38.07 -40.63 59.72
C PRO D 385 37.48 -40.20 61.06
N THR D 386 37.41 -38.90 61.28
CA THR D 386 37.13 -38.39 62.61
C THR D 386 35.93 -37.46 62.58
N VAL D 387 35.11 -37.55 63.62
CA VAL D 387 34.01 -36.62 63.80
C VAL D 387 34.22 -35.90 65.11
N VAL D 388 34.14 -34.57 65.05
CA VAL D 388 34.34 -33.74 66.20
C VAL D 388 33.04 -33.05 66.51
N ALA D 389 32.35 -33.57 67.52
CA ALA D 389 31.06 -33.00 67.92
C ALA D 389 31.26 -31.90 68.95
N GLY D 390 30.29 -31.00 69.04
CA GLY D 390 30.23 -30.01 70.11
C GLY D 390 31.20 -28.86 70.00
N ALA D 391 31.77 -28.67 68.81
CA ALA D 391 32.79 -27.66 68.60
C ALA D 391 32.18 -26.27 68.55
N THR D 392 32.97 -25.26 68.88
CA THR D 392 32.48 -23.89 68.98
C THR D 392 33.15 -22.94 67.99
N GLN D 393 32.40 -21.92 67.59
CA GLN D 393 32.90 -20.75 66.86
C GLN D 393 34.26 -20.24 67.39
N GLU D 394 34.59 -20.56 68.64
CA GLU D 394 35.85 -20.13 69.27
C GLU D 394 36.97 -21.17 69.19
N ASP D 395 36.64 -22.41 68.82
CA ASP D 395 37.62 -23.49 68.84
C ASP D 395 38.62 -23.45 67.67
N GLU D 396 39.86 -23.84 67.97
CA GLU D 396 40.87 -23.98 66.95
C GLU D 396 40.32 -24.81 65.79
N ILE D 397 39.74 -25.97 66.09
CA ILE D 397 39.23 -26.89 65.07
C ILE D 397 38.19 -26.25 64.12
N VAL D 398 37.53 -25.20 64.56
CA VAL D 398 36.57 -24.52 63.71
C VAL D 398 37.29 -23.43 62.91
N ARG D 399 38.22 -22.74 63.56
CA ARG D 399 38.88 -21.54 63.06
C ARG D 399 39.98 -21.79 62.00
N ARG D 400 40.63 -22.96 62.04
CA ARG D 400 41.84 -23.24 61.25
C ARG D 400 41.73 -24.50 60.36
N GLU D 401 42.25 -24.41 59.13
CA GLU D 401 42.18 -25.54 58.17
C GLU D 401 42.99 -26.75 58.68
N VAL D 402 42.31 -27.88 58.85
CA VAL D 402 42.95 -29.13 59.32
C VAL D 402 43.53 -29.97 58.18
N PHE D 403 42.86 -29.97 57.04
CA PHE D 403 43.38 -30.63 55.84
C PHE D 403 43.70 -32.10 56.09
N GLY D 404 42.77 -32.76 56.77
CA GLY D 404 42.78 -34.18 57.07
C GLY D 404 41.37 -34.75 57.08
N PRO D 405 41.23 -36.06 57.31
CA PRO D 405 39.93 -36.69 57.23
C PRO D 405 39.18 -36.42 58.55
N VAL D 406 38.86 -35.14 58.73
CA VAL D 406 38.31 -34.62 59.98
C VAL D 406 37.21 -33.58 59.72
N VAL D 407 36.06 -33.82 60.33
CA VAL D 407 34.90 -32.96 60.17
C VAL D 407 34.47 -32.49 61.56
N SER D 408 34.10 -31.22 61.69
CA SER D 408 33.62 -30.69 62.98
C SER D 408 32.17 -30.25 62.88
N VAL D 409 31.40 -30.51 63.94
CA VAL D 409 29.98 -30.21 63.94
C VAL D 409 29.64 -29.22 65.05
N THR D 410 28.88 -28.21 64.67
CA THR D 410 28.64 -27.05 65.53
C THR D 410 27.16 -26.72 65.53
N ARG D 411 26.57 -26.67 66.73
CA ARG D 411 25.12 -26.49 66.89
C ARG D 411 24.72 -25.01 66.75
N PHE D 412 23.63 -24.74 66.05
CA PHE D 412 23.10 -23.38 66.07
C PHE D 412 21.60 -23.31 66.37
N THR D 413 21.17 -22.16 66.88
CA THR D 413 19.80 -21.94 67.37
C THR D 413 19.06 -20.97 66.47
N GLY D 414 17.76 -20.79 66.70
CA GLY D 414 16.94 -19.87 65.92
C GLY D 414 17.25 -18.39 66.19
N LYS D 415 17.82 -18.12 67.36
CA LYS D 415 18.33 -16.78 67.70
C LYS D 415 19.77 -16.57 67.19
N ASP D 416 20.28 -17.55 66.44
CA ASP D 416 21.61 -17.49 65.83
C ASP D 416 21.49 -17.36 64.31
N ASP D 417 22.35 -16.55 63.69
CA ASP D 417 22.35 -16.40 62.23
C ASP D 417 23.45 -17.27 61.63
N ALA D 418 23.09 -18.46 61.12
CA ALA D 418 24.10 -19.43 60.70
C ALA D 418 25.00 -18.92 59.58
N VAL D 419 24.44 -18.06 58.74
CA VAL D 419 25.14 -17.44 57.63
C VAL D 419 26.20 -16.49 58.17
N ALA D 420 25.81 -15.71 59.18
CA ALA D 420 26.70 -14.72 59.78
C ALA D 420 27.87 -15.42 60.45
N TRP D 421 27.56 -16.58 61.02
CA TRP D 421 28.55 -17.41 61.67
C TRP D 421 29.51 -17.98 60.68
N ALA D 422 28.97 -18.50 59.58
CA ALA D 422 29.81 -19.03 58.51
C ALA D 422 30.74 -17.95 57.99
N ASN D 423 30.22 -16.72 57.91
CA ASN D 423 31.00 -15.60 57.38
C ASN D 423 32.10 -15.07 58.31
N ASP D 424 32.03 -15.47 59.57
CA ASP D 424 33.02 -15.08 60.53
C ASP D 424 34.22 -16.05 60.46
N SER D 425 35.01 -15.86 59.42
CA SER D 425 36.14 -16.71 59.16
C SER D 425 37.16 -15.96 58.32
N ASP D 426 38.39 -16.45 58.36
CA ASP D 426 39.47 -15.91 57.56
C ASP D 426 39.43 -16.43 56.13
N TYR D 427 38.73 -17.54 55.91
CA TYR D 427 38.73 -18.22 54.62
C TYR D 427 37.49 -17.85 53.82
N GLY D 428 37.52 -18.13 52.52
CA GLY D 428 36.40 -17.75 51.68
C GLY D 428 36.37 -18.41 50.33
N LEU D 429 36.56 -19.73 50.30
CA LEU D 429 36.68 -20.48 49.06
C LEU D 429 35.38 -21.13 48.63
N ALA D 430 34.74 -21.85 49.55
CA ALA D 430 33.64 -22.74 49.20
C ALA D 430 32.73 -22.99 50.38
N SER D 431 31.51 -23.45 50.09
CA SER D 431 30.47 -23.54 51.07
C SER D 431 29.26 -24.24 50.46
N SER D 432 28.42 -24.79 51.32
CA SER D 432 27.17 -25.34 50.87
C SER D 432 26.10 -25.06 51.91
N VAL D 433 24.85 -25.14 51.48
CA VAL D 433 23.69 -24.99 52.33
C VAL D 433 22.75 -26.15 52.03
N TRP D 434 22.17 -26.70 53.07
CA TRP D 434 21.20 -27.78 52.90
C TRP D 434 19.87 -27.43 53.55
N THR D 435 18.84 -27.40 52.70
CA THR D 435 17.49 -27.06 53.06
C THR D 435 16.61 -27.40 51.84
N LYS D 436 15.38 -27.82 52.08
CA LYS D 436 14.48 -28.09 50.97
C LYS D 436 13.76 -26.80 50.60
N ASP D 437 13.80 -25.84 51.51
CA ASP D 437 13.20 -24.50 51.40
C ASP D 437 13.94 -23.54 50.42
N ILE D 438 13.28 -23.24 49.31
CA ILE D 438 13.72 -22.20 48.36
C ILE D 438 14.24 -20.94 49.03
N SER D 439 13.41 -20.42 49.92
CA SER D 439 13.62 -19.15 50.58
C SER D 439 14.95 -19.12 51.34
N LYS D 440 15.20 -20.12 52.18
CA LYS D 440 16.45 -20.17 52.94
C LYS D 440 17.69 -20.39 52.09
N ALA D 441 17.61 -21.22 51.07
CA ALA D 441 18.74 -21.42 50.16
C ALA D 441 19.18 -20.13 49.46
N ARG D 443 18.59 -17.04 50.14
CA ARG D 443 19.07 -16.01 51.06
C ARG D 443 20.49 -16.32 51.52
N ALA D 444 20.77 -17.59 51.72
CA ALA D 444 22.10 -18.01 52.12
C ALA D 444 23.07 -17.79 50.95
N ALA D 445 22.67 -18.21 49.74
CA ALA D 445 23.52 -18.07 48.55
C ALA D 445 23.89 -16.64 48.27
N SER D 446 22.94 -15.75 48.45
CA SER D 446 23.16 -14.34 48.19
C SER D 446 24.08 -13.68 49.23
N ARG D 447 23.99 -14.09 50.49
CA ARG D 447 24.78 -13.48 51.58
C ARG D 447 26.14 -14.16 51.89
N LEU D 448 26.34 -15.40 51.48
CA LEU D 448 27.59 -16.12 51.85
C LEU D 448 28.85 -15.51 51.23
N GLN D 449 29.90 -15.39 52.04
CA GLN D 449 31.12 -14.77 51.56
C GLN D 449 32.09 -15.85 51.12
N TYR D 450 31.68 -16.64 50.12
CA TYR D 450 32.52 -17.73 49.59
C TYR D 450 32.58 -17.77 48.05
N GLY D 451 33.78 -18.05 47.52
CA GLY D 451 33.95 -18.16 46.06
C GLY D 451 32.86 -19.02 45.44
N CYS D 452 32.42 -20.01 46.21
CA CYS D 452 31.47 -21.00 45.76
C CYS D 452 30.44 -21.39 46.84
N THR D 453 29.18 -21.54 46.43
CA THR D 453 28.13 -22.08 47.30
C THR D 453 27.36 -23.15 46.56
N TRP D 454 27.41 -24.40 47.02
CA TRP D 454 26.50 -25.44 46.53
C TRP D 454 25.24 -25.45 47.36
N ILE D 455 24.13 -25.86 46.75
CA ILE D 455 22.89 -26.05 47.50
C ILE D 455 22.43 -27.48 47.34
N ASN D 456 22.31 -28.15 48.47
CA ASN D 456 21.82 -29.50 48.50
C ASN D 456 22.74 -30.44 47.73
N THR D 457 24.01 -30.05 47.72
CA THR D 457 25.15 -30.89 47.37
C THR D 457 26.36 -30.17 47.94
N HIS D 458 27.56 -30.70 47.68
CA HIS D 458 28.83 -30.05 47.99
C HIS D 458 29.83 -30.54 46.95
N PHE D 459 30.95 -29.83 46.79
CA PHE D 459 32.18 -30.42 46.22
C PHE D 459 32.31 -30.42 44.71
N LEU D 461 32.66 -29.89 40.88
CA LEU D 461 33.26 -28.88 40.02
C LEU D 461 33.01 -29.19 38.58
N THR D 462 33.12 -28.16 37.77
CA THR D 462 32.89 -28.22 36.36
C THR D 462 33.76 -27.13 35.72
N ASN D 463 34.41 -27.48 34.63
CA ASN D 463 35.52 -26.71 34.10
C ASN D 463 35.18 -25.31 33.59
N GLU D 464 33.91 -25.10 33.28
CA GLU D 464 33.42 -23.80 32.81
C GLU D 464 33.25 -22.85 33.98
N PRO D 466 34.20 -21.13 37.71
CA PRO D 466 35.40 -20.65 38.40
C PRO D 466 35.55 -21.19 39.81
N HIS D 467 36.78 -21.41 40.23
CA HIS D 467 37.04 -21.86 41.59
C HIS D 467 38.07 -20.95 42.14
N GLY D 468 37.79 -20.38 43.32
CA GLY D 468 38.74 -19.44 43.89
C GLY D 468 38.07 -18.55 44.92
N GLY D 469 38.82 -18.16 45.93
CA GLY D 469 38.24 -17.66 47.15
C GLY D 469 38.20 -16.16 47.27
N ILE D 470 37.88 -15.70 48.47
CA ILE D 470 38.14 -14.32 48.89
C ILE D 470 38.80 -14.36 50.27
N LYS D 471 38.97 -13.19 50.88
CA LYS D 471 39.66 -13.06 52.17
C LYS D 471 41.03 -13.78 52.14
N GLN D 472 41.37 -14.47 53.23
CA GLN D 472 42.70 -15.11 53.29
C GLN D 472 42.86 -16.35 52.41
N SER D 473 41.78 -16.84 51.80
CA SER D 473 41.88 -17.89 50.77
C SER D 473 42.58 -17.37 49.49
N GLY D 474 42.75 -16.06 49.38
CA GLY D 474 43.39 -15.50 48.20
C GLY D 474 42.39 -15.28 47.09
N TYR D 475 42.85 -14.79 45.96
CA TYR D 475 41.95 -14.29 44.92
C TYR D 475 42.43 -14.91 43.61
N GLY D 476 41.65 -14.71 42.56
CA GLY D 476 42.07 -15.29 41.32
C GLY D 476 41.54 -16.71 41.23
N LYS D 477 41.22 -17.10 40.01
CA LYS D 477 40.37 -18.24 39.78
C LYS D 477 41.10 -19.35 39.05
N ASP D 478 40.66 -20.56 39.30
CA ASP D 478 41.02 -21.74 38.57
C ASP D 478 39.81 -22.35 37.88
N SER D 480 37.42 -22.15 34.19
CA SER D 480 36.58 -21.09 33.69
C SER D 480 37.35 -20.08 32.84
N VAL D 481 36.66 -19.24 32.10
CA VAL D 481 37.33 -18.18 31.36
C VAL D 481 38.05 -17.21 32.32
N TYR D 482 37.64 -17.15 33.59
CA TYR D 482 38.34 -16.26 34.56
C TYR D 482 39.83 -16.61 34.80
N ALA D 483 40.17 -17.88 34.85
CA ALA D 483 41.60 -18.24 35.01
C ALA D 483 42.37 -17.65 33.84
N LEU D 484 41.84 -17.83 32.64
CA LEU D 484 42.48 -17.28 31.46
C LEU D 484 42.54 -15.73 31.52
N GLU D 485 41.48 -15.07 31.97
CA GLU D 485 41.60 -13.63 32.23
C GLU D 485 42.76 -13.32 33.19
N ASP D 486 42.88 -14.07 34.28
CA ASP D 486 44.00 -13.87 35.20
C ASP D 486 45.38 -13.91 34.51
N TYR D 487 45.51 -14.65 33.42
CA TYR D 487 46.81 -14.78 32.76
C TYR D 487 46.99 -13.88 31.54
N THR D 488 46.14 -12.87 31.42
CA THR D 488 46.27 -11.99 30.28
C THR D 488 46.20 -10.52 30.75
N ALA D 489 46.81 -9.64 29.98
CA ALA D 489 46.73 -8.23 30.26
C ALA D 489 45.74 -7.60 29.30
N VAL D 490 44.80 -6.83 29.87
CA VAL D 490 43.85 -6.04 29.10
C VAL D 490 44.57 -4.83 28.56
N ARG D 491 44.52 -4.62 27.25
CA ARG D 491 45.22 -3.49 26.62
C ARG D 491 44.26 -2.65 25.84
N HIS D 492 44.35 -1.33 26.02
CA HIS D 492 43.52 -0.36 25.30
C HIS D 492 44.31 0.21 24.16
N ILE D 493 43.87 -0.03 22.92
CA ILE D 493 44.53 0.54 21.74
C ILE D 493 43.60 1.61 21.14
N ILE D 495 43.24 4.64 18.13
CA ILE D 495 43.80 5.22 16.91
C ILE D 495 43.10 6.53 16.56
N ASN D 496 43.90 7.59 16.39
CA ASN D 496 43.41 8.91 16.01
C ASN D 496 43.13 8.95 14.50
N HIS D 497 41.97 9.49 14.10
CA HIS D 497 41.63 9.60 12.67
C HIS D 497 42.17 10.84 12.06
N GLY D 498 42.63 11.79 12.90
CA GLY D 498 43.19 13.05 12.42
C GLY D 498 44.60 12.86 11.87
N ASP E 25 -32.75 -21.79 -56.56
CA ASP E 25 -33.82 -21.71 -55.59
C ASP E 25 -34.99 -21.06 -56.31
N THR E 26 -36.15 -21.65 -56.17
CA THR E 26 -37.29 -21.29 -56.99
C THR E 26 -38.57 -21.14 -56.24
N GLN E 27 -38.54 -21.44 -54.95
CA GLN E 27 -39.75 -21.57 -54.17
C GLN E 27 -40.04 -20.44 -53.22
N LEU E 28 -41.30 -20.09 -53.13
CA LEU E 28 -41.72 -19.02 -52.24
C LEU E 28 -41.71 -19.58 -50.83
N LEU E 29 -41.39 -18.72 -49.87
CA LEU E 29 -41.35 -19.10 -48.47
C LEU E 29 -42.62 -18.57 -47.80
N ILE E 30 -43.51 -19.51 -47.49
CA ILE E 30 -44.80 -19.22 -46.86
C ILE E 30 -44.85 -20.02 -45.57
N GLY E 31 -44.63 -19.32 -44.45
CA GLY E 31 -44.48 -19.94 -43.14
C GLY E 31 -43.40 -21.02 -43.17
N SER E 32 -43.76 -22.20 -42.72
CA SER E 32 -42.81 -23.27 -42.56
C SER E 32 -42.62 -24.04 -43.86
N ARG E 33 -43.17 -23.50 -44.95
CA ARG E 33 -43.30 -24.23 -46.21
C ARG E 33 -42.62 -23.57 -47.41
N PHE E 34 -41.96 -24.38 -48.20
CA PHE E 34 -41.47 -23.95 -49.49
C PHE E 34 -42.36 -24.49 -50.61
N GLU E 35 -43.21 -23.63 -51.16
CA GLU E 35 -44.04 -24.00 -52.31
C GLU E 35 -43.63 -23.24 -53.56
N ALA E 36 -43.73 -23.91 -54.70
CA ALA E 36 -43.72 -23.22 -56.00
C ALA E 36 -44.96 -22.33 -56.05
N GLY E 37 -44.89 -21.25 -56.82
CA GLY E 37 -46.05 -20.40 -57.12
C GLY E 37 -47.02 -21.07 -58.09
N THR E 38 -48.24 -20.54 -58.16
CA THR E 38 -49.36 -21.19 -58.88
C THR E 38 -49.80 -20.43 -60.13
N GLU E 39 -49.90 -19.10 -60.03
CA GLU E 39 -50.50 -18.29 -61.10
C GLU E 39 -49.54 -17.99 -62.25
N ALA E 40 -49.88 -17.01 -63.09
CA ALA E 40 -49.11 -16.70 -64.31
C ALA E 40 -47.60 -16.52 -64.07
N GLU E 41 -46.79 -17.08 -64.98
CA GLU E 41 -45.33 -17.01 -64.95
C GLU E 41 -44.74 -15.69 -65.45
N GLU E 42 -43.65 -15.28 -64.80
CA GLU E 42 -42.84 -14.13 -65.25
C GLU E 42 -41.64 -14.65 -66.01
N HIS E 43 -41.31 -14.00 -67.14
CA HIS E 43 -40.14 -14.40 -67.90
C HIS E 43 -38.96 -13.59 -67.44
N ILE E 44 -38.15 -14.17 -66.57
CA ILE E 44 -36.93 -13.54 -66.06
C ILE E 44 -35.78 -13.68 -67.07
N LEU E 45 -35.24 -12.54 -67.48
CA LEU E 45 -34.23 -12.47 -68.52
C LEU E 45 -32.83 -12.16 -68.02
N ASN E 46 -31.84 -12.50 -68.84
CA ASN E 46 -30.49 -12.00 -68.74
C ASN E 46 -30.51 -10.65 -69.46
N PRO E 47 -30.29 -9.54 -68.73
CA PRO E 47 -30.43 -8.24 -69.42
C PRO E 47 -29.25 -7.90 -70.32
N ARG E 48 -28.12 -8.59 -70.11
CA ARG E 48 -26.99 -8.47 -71.02
C ARG E 48 -27.23 -9.11 -72.39
N THR E 49 -28.09 -10.13 -72.46
CA THR E 49 -28.26 -10.88 -73.71
C THR E 49 -29.71 -10.90 -74.22
N GLY E 50 -30.63 -10.52 -73.36
CA GLY E 50 -32.05 -10.52 -73.68
C GLY E 50 -32.66 -11.91 -73.62
N ALA E 51 -31.86 -12.90 -73.22
CA ALA E 51 -32.30 -14.30 -73.29
C ALA E 51 -32.95 -14.79 -71.98
N GLY E 52 -33.56 -15.97 -72.00
CA GLY E 52 -34.30 -16.50 -70.87
C GLY E 52 -33.42 -17.16 -69.82
N ILE E 53 -33.62 -16.79 -68.55
CA ILE E 53 -32.98 -17.50 -67.43
C ILE E 53 -33.92 -18.57 -66.88
N ILE E 54 -35.11 -18.13 -66.47
CA ILE E 54 -36.11 -19.00 -65.86
C ILE E 54 -37.50 -18.35 -66.00
N ASP E 55 -38.54 -19.17 -66.10
CA ASP E 55 -39.91 -18.68 -66.02
C ASP E 55 -40.50 -19.02 -64.64
N LEU E 56 -41.04 -18.02 -63.95
CA LEU E 56 -41.40 -18.21 -62.55
C LEU E 56 -42.84 -17.87 -62.24
N ALA E 57 -43.57 -18.85 -61.76
CA ALA E 57 -44.99 -18.71 -61.51
C ALA E 57 -45.20 -17.83 -60.29
N GLU E 58 -46.11 -16.86 -60.42
CA GLU E 58 -46.50 -15.95 -59.34
C GLU E 58 -47.22 -16.66 -58.23
N ALA E 59 -47.31 -16.00 -57.09
CA ALA E 59 -48.16 -16.44 -56.01
C ALA E 59 -49.63 -16.20 -56.37
N SER E 60 -50.50 -17.07 -55.89
CA SER E 60 -51.95 -16.90 -56.02
C SER E 60 -52.45 -16.09 -54.83
N HIS E 61 -53.71 -15.67 -54.90
CA HIS E 61 -54.35 -15.00 -53.75
C HIS E 61 -54.34 -15.87 -52.52
N ALA E 62 -54.53 -17.18 -52.70
CA ALA E 62 -54.51 -18.11 -51.59
C ALA E 62 -53.15 -18.18 -50.93
N GLN E 63 -52.10 -18.02 -51.74
CA GLN E 63 -50.74 -18.03 -51.24
C GLN E 63 -50.38 -16.71 -50.54
N ILE E 64 -50.87 -15.59 -51.06
CA ILE E 64 -50.69 -14.29 -50.41
C ILE E 64 -51.36 -14.29 -49.04
N ASP E 65 -52.61 -14.73 -48.97
CA ASP E 65 -53.32 -14.91 -47.71
C ASP E 65 -52.59 -15.80 -46.70
N ALA E 66 -51.98 -16.88 -47.16
CA ALA E 66 -51.29 -17.82 -46.27
C ALA E 66 -49.96 -17.27 -45.75
N ALA E 67 -49.37 -16.33 -46.50
CA ALA E 67 -48.13 -15.72 -46.07
C ALA E 67 -48.41 -14.71 -44.98
N VAL E 68 -49.47 -13.92 -45.19
CA VAL E 68 -49.89 -12.94 -44.19
C VAL E 68 -50.35 -13.65 -42.91
N ASP E 69 -51.05 -14.77 -43.07
CA ASP E 69 -51.55 -15.51 -41.91
C ASP E 69 -50.40 -16.16 -41.14
N ALA E 70 -49.37 -16.61 -41.86
CA ALA E 70 -48.17 -17.11 -41.20
C ALA E 70 -47.42 -15.95 -40.52
N ALA E 71 -47.38 -14.79 -41.17
CA ALA E 71 -46.83 -13.59 -40.53
C ALA E 71 -47.59 -13.20 -39.25
N GLU E 72 -48.92 -13.25 -39.31
CA GLU E 72 -49.77 -12.96 -38.14
C GLU E 72 -49.51 -13.92 -36.98
N ARG E 73 -49.35 -15.18 -37.33
CA ARG E 73 -49.12 -16.27 -36.38
C ARG E 73 -47.75 -16.12 -35.71
N ALA E 74 -46.75 -15.73 -36.48
CA ALA E 74 -45.39 -15.63 -35.96
C ALA E 74 -45.24 -14.40 -35.10
N PHE E 75 -46.09 -13.39 -35.33
CA PHE E 75 -46.02 -12.12 -34.63
C PHE E 75 -46.25 -12.26 -33.13
N VAL E 76 -47.17 -13.15 -32.75
CA VAL E 76 -47.44 -13.52 -31.35
C VAL E 76 -46.14 -13.75 -30.61
N GLY E 77 -45.36 -14.76 -31.01
CA GLY E 77 -44.01 -14.99 -30.45
C GLY E 77 -43.02 -13.86 -30.67
N TRP E 78 -42.81 -13.48 -31.94
CA TRP E 78 -41.71 -12.61 -32.32
C TRP E 78 -41.71 -11.18 -31.78
N SER E 79 -42.92 -10.60 -31.68
CA SER E 79 -43.09 -9.28 -31.08
C SER E 79 -42.67 -9.26 -29.60
N GLN E 80 -42.64 -10.44 -28.96
CA GLN E 80 -42.37 -10.54 -27.54
C GLN E 80 -40.91 -10.87 -27.24
N THR E 81 -40.07 -10.92 -28.27
CA THR E 81 -38.64 -11.22 -28.09
C THR E 81 -37.88 -10.01 -27.54
N THR E 82 -36.71 -10.29 -26.95
CA THR E 82 -35.78 -9.26 -26.46
C THR E 82 -34.96 -8.64 -27.61
N PRO E 83 -34.49 -7.39 -27.42
CA PRO E 83 -33.52 -6.86 -28.37
C PRO E 83 -32.36 -7.86 -28.61
N ALA E 84 -31.84 -8.47 -27.54
CA ALA E 84 -30.71 -9.38 -27.68
C ALA E 84 -31.00 -10.53 -28.64
N GLU E 85 -32.18 -11.13 -28.50
CA GLU E 85 -32.56 -12.28 -29.34
C GLU E 85 -32.62 -11.89 -30.84
N ARG E 86 -33.27 -10.77 -31.14
CA ARG E 86 -33.45 -10.36 -32.55
C ARG E 86 -32.13 -9.96 -33.17
N SER E 87 -31.33 -9.25 -32.38
CA SER E 87 -29.99 -8.87 -32.75
C SER E 87 -29.11 -10.08 -33.13
N ASN E 88 -29.16 -11.12 -32.32
CA ASN E 88 -28.37 -12.33 -32.59
C ASN E 88 -28.83 -12.96 -33.90
N ALA E 89 -30.14 -12.88 -34.16
CA ALA E 89 -30.68 -13.35 -35.42
C ALA E 89 -30.13 -12.56 -36.62
N LEU E 90 -30.14 -11.22 -36.52
CA LEU E 90 -29.60 -10.39 -37.60
C LEU E 90 -28.12 -10.68 -37.83
N LEU E 91 -27.35 -10.82 -36.76
CA LEU E 91 -25.96 -11.29 -36.87
C LEU E 91 -25.81 -12.64 -37.55
N LYS E 92 -26.77 -13.54 -37.34
CA LYS E 92 -26.65 -14.87 -37.96
C LYS E 92 -27.01 -14.78 -39.45
N ILE E 93 -27.90 -13.85 -39.81
CA ILE E 93 -28.21 -13.62 -41.20
C ILE E 93 -27.03 -13.02 -41.99
N ALA E 94 -26.30 -12.11 -41.36
CA ALA E 94 -25.06 -11.57 -41.94
C ALA E 94 -24.04 -12.70 -42.16
N ASP E 95 -23.88 -13.55 -41.15
CA ASP E 95 -22.98 -14.68 -41.21
C ASP E 95 -23.26 -15.55 -42.44
N ALA E 96 -24.53 -15.87 -42.63
CA ALA E 96 -24.93 -16.75 -43.72
C ALA E 96 -24.66 -16.09 -45.07
N ILE E 97 -24.99 -14.81 -45.20
CA ILE E 97 -24.74 -14.09 -46.45
C ILE E 97 -23.25 -14.02 -46.81
N GLU E 98 -22.43 -13.70 -45.82
CA GLU E 98 -20.99 -13.60 -45.98
C GLU E 98 -20.41 -14.96 -46.39
N LYS E 99 -20.95 -16.03 -45.81
CA LYS E 99 -20.53 -17.42 -46.10
C LYS E 99 -20.70 -17.72 -47.60
N GLU E 100 -21.81 -17.26 -48.16
CA GLU E 100 -22.18 -17.55 -49.54
C GLU E 100 -22.08 -16.32 -50.43
N ALA E 101 -21.15 -15.41 -50.10
CA ALA E 101 -21.10 -14.04 -50.68
C ALA E 101 -20.92 -14.00 -52.20
N ASP E 102 -20.00 -14.83 -52.68
CA ASP E 102 -19.68 -14.91 -54.08
C ASP E 102 -20.85 -15.48 -54.90
N GLU E 103 -21.56 -16.45 -54.33
CA GLU E 103 -22.70 -17.06 -54.99
C GLU E 103 -23.80 -16.00 -55.12
N PHE E 104 -24.06 -15.27 -54.04
CA PHE E 104 -25.00 -14.15 -54.12
C PHE E 104 -24.56 -13.16 -55.18
N ALA E 105 -23.25 -12.89 -55.24
CA ALA E 105 -22.71 -11.93 -56.19
C ALA E 105 -22.98 -12.38 -57.63
N ALA E 106 -22.65 -13.65 -57.93
CA ALA E 106 -22.87 -14.21 -59.27
C ALA E 106 -24.36 -14.22 -59.62
N LEU E 107 -25.20 -14.53 -58.65
CA LEU E 107 -26.63 -14.59 -58.91
C LEU E 107 -27.19 -13.20 -59.29
N GLU E 108 -26.78 -12.16 -58.56
CA GLU E 108 -27.17 -10.79 -58.85
C GLU E 108 -26.57 -10.27 -60.16
N ALA E 109 -25.31 -10.65 -60.43
CA ALA E 109 -24.66 -10.29 -61.69
C ALA E 109 -25.49 -10.77 -62.86
N LEU E 110 -25.82 -12.06 -62.85
CA LEU E 110 -26.65 -12.69 -63.86
C LEU E 110 -28.01 -11.97 -64.00
N ASN E 111 -28.77 -11.88 -62.91
CA ASN E 111 -30.09 -11.21 -62.90
C ASN E 111 -30.08 -9.76 -63.44
N CYS E 112 -29.01 -9.02 -63.13
CA CYS E 112 -29.03 -7.58 -63.38
C CYS E 112 -28.03 -7.12 -64.39
N GLY E 113 -27.15 -8.03 -64.82
CA GLY E 113 -26.07 -7.69 -65.72
C GLY E 113 -25.10 -6.71 -65.12
N LYS E 114 -25.16 -6.55 -63.79
CA LYS E 114 -24.16 -5.75 -63.04
C LYS E 114 -22.81 -6.46 -63.18
N PRO E 115 -21.74 -5.70 -63.47
CA PRO E 115 -20.41 -6.30 -63.62
C PRO E 115 -20.00 -7.06 -62.34
N ILE E 116 -19.50 -8.29 -62.51
CA ILE E 116 -19.25 -9.20 -61.37
C ILE E 116 -18.46 -8.55 -60.23
N ASN E 117 -17.48 -7.69 -60.59
CA ASN E 117 -16.61 -7.08 -59.58
C ASN E 117 -17.21 -5.89 -58.81
N ALA E 118 -18.23 -5.23 -59.38
CA ALA E 118 -18.89 -4.16 -58.62
C ALA E 118 -19.82 -4.74 -57.55
N VAL E 119 -20.42 -5.88 -57.86
CA VAL E 119 -21.25 -6.60 -56.90
C VAL E 119 -20.38 -7.19 -55.77
N LYS E 120 -19.29 -7.83 -56.14
CA LYS E 120 -18.39 -8.43 -55.17
C LYS E 120 -17.75 -7.41 -54.23
N ASN E 121 -17.18 -6.35 -54.80
CA ASN E 121 -16.39 -5.39 -54.00
C ASN E 121 -17.20 -4.24 -53.36
N ASP E 122 -18.33 -3.85 -53.95
CA ASP E 122 -19.13 -2.75 -53.37
C ASP E 122 -20.44 -3.19 -52.70
N GLU E 123 -21.27 -3.97 -53.41
CA GLU E 123 -22.59 -4.36 -52.90
C GLU E 123 -22.54 -5.36 -51.72
N LEU E 124 -21.94 -6.54 -51.93
CA LEU E 124 -21.98 -7.57 -50.89
C LEU E 124 -21.47 -7.07 -49.54
N PRO E 125 -20.28 -6.45 -49.51
CA PRO E 125 -19.89 -6.06 -48.18
C PRO E 125 -20.91 -5.05 -47.61
N ALA E 126 -21.39 -4.11 -48.41
CA ALA E 126 -22.37 -3.16 -47.89
C ALA E 126 -23.61 -3.85 -47.30
N ILE E 127 -24.07 -4.91 -47.96
CA ILE E 127 -25.19 -5.73 -47.51
C ILE E 127 -24.88 -6.48 -46.21
N ILE E 128 -23.73 -7.16 -46.14
CA ILE E 128 -23.34 -7.80 -44.87
C ILE E 128 -23.28 -6.79 -43.70
N ASP E 129 -22.65 -5.66 -43.97
CA ASP E 129 -22.53 -4.61 -43.01
C ASP E 129 -23.90 -4.11 -42.56
N CYS E 130 -24.89 -4.12 -43.46
CA CYS E 130 -26.22 -3.59 -43.17
C CYS E 130 -26.91 -4.38 -42.06
N TRP E 131 -26.84 -5.70 -42.23
CA TRP E 131 -27.37 -6.63 -41.30
C TRP E 131 -26.70 -6.47 -39.97
N ARG E 132 -25.36 -6.40 -39.97
CA ARG E 132 -24.63 -6.29 -38.71
C ARG E 132 -24.95 -4.93 -38.14
N PHE E 133 -25.16 -3.92 -38.97
CA PHE E 133 -25.49 -2.61 -38.41
C PHE E 133 -26.74 -2.70 -37.57
N PHE E 134 -27.80 -3.23 -38.16
CA PHE E 134 -29.08 -3.31 -37.48
C PHE E 134 -29.09 -4.24 -36.27
N ALA E 135 -28.24 -5.26 -36.29
CA ALA E 135 -27.98 -6.04 -35.08
C ALA E 135 -27.67 -5.11 -33.92
N GLY E 136 -26.81 -4.11 -34.17
CA GLY E 136 -26.43 -3.15 -33.14
C GLY E 136 -27.57 -2.23 -32.80
N ALA E 137 -28.15 -1.63 -33.83
CA ALA E 137 -29.13 -0.56 -33.62
C ALA E 137 -30.28 -1.05 -32.74
N VAL E 138 -30.68 -2.30 -32.96
CA VAL E 138 -31.72 -3.01 -32.25
C VAL E 138 -31.56 -2.97 -30.73
N ARG E 139 -30.33 -2.86 -30.28
CA ARG E 139 -30.08 -2.88 -28.87
C ARG E 139 -29.80 -1.47 -28.36
N ASN E 140 -30.00 -0.46 -29.21
CA ASN E 140 -29.56 0.88 -28.89
C ASN E 140 -30.57 2.00 -29.12
N LEU E 141 -31.85 1.72 -28.93
CA LEU E 141 -32.84 2.76 -29.13
C LEU E 141 -32.89 3.67 -27.92
N HIS E 142 -33.15 4.95 -28.13
CA HIS E 142 -33.20 5.94 -27.05
C HIS E 142 -34.53 6.58 -27.03
N ALA E 143 -34.82 7.37 -25.99
CA ALA E 143 -36.15 7.91 -25.78
C ALA E 143 -36.04 8.86 -24.60
N PRO E 144 -37.03 9.74 -24.39
CA PRO E 144 -36.95 10.55 -23.20
C PRO E 144 -36.83 9.68 -21.96
N ALA E 145 -36.08 10.15 -20.98
CA ALA E 145 -35.77 9.38 -19.79
C ALA E 145 -37.02 9.05 -18.97
N ALA E 146 -37.02 7.90 -18.31
CA ALA E 146 -38.08 7.57 -17.36
C ALA E 146 -38.08 8.52 -16.17
N GLY E 147 -39.24 8.88 -15.66
CA GLY E 147 -39.29 9.59 -14.38
C GLY E 147 -40.64 10.11 -14.02
N GLU E 148 -40.71 10.85 -12.92
CA GLU E 148 -41.96 11.46 -12.50
C GLU E 148 -42.16 12.83 -13.15
N TYR E 149 -42.89 12.85 -14.26
CA TYR E 149 -43.22 14.10 -14.92
C TYR E 149 -44.46 14.76 -14.34
N LEU E 150 -45.42 13.93 -13.94
CA LEU E 150 -46.57 14.36 -13.15
C LEU E 150 -46.33 13.87 -11.72
N PRO E 151 -46.67 14.68 -10.70
CA PRO E 151 -46.40 14.15 -9.37
C PRO E 151 -47.15 12.84 -9.08
N GLY E 152 -46.39 11.85 -8.60
CA GLY E 152 -46.94 10.59 -8.14
C GLY E 152 -47.19 9.63 -9.28
N HIS E 153 -46.64 9.95 -10.45
CA HIS E 153 -46.81 9.10 -11.64
C HIS E 153 -45.46 8.83 -12.28
N THR E 154 -45.12 7.56 -12.51
CA THR E 154 -43.89 7.25 -13.23
C THR E 154 -44.16 7.01 -14.72
N SER E 155 -43.58 7.85 -15.57
CA SER E 155 -43.72 7.69 -17.01
C SER E 155 -42.50 7.04 -17.60
N ILE E 157 -40.96 5.54 -21.76
CA ILE E 157 -41.26 5.44 -23.18
C ILE E 157 -40.64 4.14 -23.73
N ARG E 158 -41.42 3.35 -24.47
CA ARG E 158 -40.94 2.13 -25.09
C ARG E 158 -41.02 2.28 -26.59
N ARG E 159 -40.28 1.45 -27.30
CA ARG E 159 -40.43 1.36 -28.75
C ARG E 159 -40.81 -0.04 -29.12
N ASP E 160 -42.09 -0.25 -29.41
CA ASP E 160 -42.62 -1.59 -29.62
C ASP E 160 -42.92 -1.94 -31.08
N PRO E 161 -43.19 -3.23 -31.37
CA PRO E 161 -43.44 -3.52 -32.77
C PRO E 161 -44.75 -2.91 -33.28
N ILE E 162 -44.85 -2.77 -34.60
CA ILE E 162 -46.02 -2.17 -35.23
C ILE E 162 -47.04 -3.24 -35.62
N GLY E 163 -46.56 -4.33 -36.18
CA GLY E 163 -47.46 -5.36 -36.67
C GLY E 163 -46.85 -6.14 -37.79
N ILE E 164 -47.61 -6.31 -38.86
CA ILE E 164 -47.14 -7.08 -40.00
C ILE E 164 -46.86 -6.12 -41.12
N VAL E 165 -45.68 -6.26 -41.71
CA VAL E 165 -45.20 -5.38 -42.75
C VAL E 165 -45.25 -6.10 -44.09
N GLY E 166 -45.84 -5.41 -45.07
CA GLY E 166 -45.76 -5.83 -46.48
C GLY E 166 -44.70 -5.00 -47.18
N SER E 167 -43.64 -5.66 -47.69
CA SER E 167 -42.52 -4.92 -48.30
C SER E 167 -42.32 -5.28 -49.74
N ILE E 168 -42.12 -4.27 -50.57
CA ILE E 168 -41.90 -4.42 -52.02
C ILE E 168 -40.57 -3.78 -52.40
N ALA E 169 -39.64 -4.58 -52.90
CA ALA E 169 -38.36 -4.06 -53.41
C ALA E 169 -38.44 -3.70 -54.89
N PRO E 170 -37.77 -2.59 -55.30
CA PRO E 170 -37.56 -2.31 -56.72
C PRO E 170 -36.53 -3.32 -57.28
N TRP E 171 -36.10 -3.13 -58.51
CA TRP E 171 -35.23 -4.12 -59.18
C TRP E 171 -33.80 -3.69 -59.34
N ASN E 172 -33.46 -2.44 -58.99
CA ASN E 172 -32.12 -1.91 -59.26
C ASN E 172 -30.98 -2.39 -58.32
N TYR E 173 -31.27 -2.64 -57.03
CA TYR E 173 -30.33 -3.37 -56.14
C TYR E 173 -31.09 -4.44 -55.35
N PRO E 174 -31.38 -5.59 -56.00
CA PRO E 174 -32.31 -6.55 -55.43
C PRO E 174 -32.01 -6.99 -53.98
N LEU E 175 -30.79 -7.48 -53.75
CA LEU E 175 -30.42 -8.04 -52.46
C LEU E 175 -30.25 -6.96 -51.40
N ALA E 179 -32.09 -6.32 -47.75
CA ALA E 179 -31.51 -6.06 -46.45
C ALA E 179 -32.18 -4.81 -45.84
N TRP E 180 -32.26 -3.75 -46.63
CA TRP E 180 -32.91 -2.50 -46.19
C TRP E 180 -34.34 -2.72 -45.73
N LYS E 181 -35.04 -3.66 -46.33
CA LYS E 181 -36.46 -3.82 -45.99
C LYS E 181 -36.70 -4.75 -44.82
N LEU E 182 -35.94 -5.84 -44.74
CA LEU E 182 -36.16 -6.88 -43.73
C LEU E 182 -35.49 -6.56 -42.38
N ALA E 183 -34.24 -6.12 -42.42
CA ALA E 183 -33.47 -5.95 -41.21
C ALA E 183 -34.11 -4.97 -40.20
N PRO E 184 -34.44 -3.71 -40.61
CA PRO E 184 -35.10 -2.91 -39.57
C PRO E 184 -36.50 -3.46 -39.21
N ALA E 185 -37.20 -4.06 -40.18
CA ALA E 185 -38.56 -4.49 -39.93
C ALA E 185 -38.62 -5.61 -38.89
N ILE E 186 -37.94 -6.72 -39.17
CA ILE E 186 -37.87 -7.80 -38.23
C ILE E 186 -37.04 -7.43 -36.97
N GLY E 187 -36.08 -6.53 -37.13
CA GLY E 187 -35.29 -6.11 -36.01
C GLY E 187 -36.16 -5.40 -35.01
N GLY E 188 -37.20 -4.72 -35.51
CA GLY E 188 -38.14 -4.01 -34.66
C GLY E 188 -39.22 -4.88 -34.00
N GLY E 189 -39.14 -6.19 -34.27
CA GLY E 189 -40.07 -7.12 -33.72
C GLY E 189 -41.33 -7.27 -34.55
N ASN E 190 -41.29 -6.82 -35.80
CA ASN E 190 -42.39 -7.08 -36.75
C ASN E 190 -42.17 -8.38 -37.54
N THR E 191 -43.22 -8.87 -38.19
CA THR E 191 -43.05 -9.97 -39.12
C THR E 191 -43.37 -9.46 -40.51
N VAL E 192 -42.87 -10.17 -41.51
CA VAL E 192 -42.83 -9.61 -42.85
C VAL E 192 -43.27 -10.56 -43.94
N VAL E 193 -44.05 -10.00 -44.86
CA VAL E 193 -44.25 -10.60 -46.15
C VAL E 193 -43.54 -9.74 -47.20
N PHE E 194 -42.49 -10.32 -47.77
CA PHE E 194 -41.62 -9.63 -48.70
C PHE E 194 -41.88 -10.00 -50.18
N LYS E 195 -41.83 -9.01 -51.06
CA LYS E 195 -41.94 -9.22 -52.50
C LYS E 195 -40.83 -8.51 -53.29
N PRO E 196 -39.95 -9.28 -53.96
CA PRO E 196 -39.00 -8.65 -54.87
C PRO E 196 -39.70 -8.08 -56.12
N SER E 197 -38.96 -7.33 -56.91
CA SER E 197 -39.52 -6.78 -58.15
C SER E 197 -39.80 -7.94 -59.11
N GLU E 198 -40.68 -7.72 -60.08
CA GLU E 198 -41.11 -8.83 -60.98
C GLU E 198 -39.92 -9.50 -61.66
N GLN E 199 -38.97 -8.68 -62.13
CA GLN E 199 -37.85 -9.15 -62.92
C GLN E 199 -36.57 -9.57 -62.15
N THR E 200 -36.57 -9.42 -60.83
CA THR E 200 -35.36 -9.71 -60.04
C THR E 200 -35.65 -10.44 -58.72
N PRO E 201 -36.20 -11.66 -58.78
CA PRO E 201 -36.47 -12.32 -57.50
C PRO E 201 -35.41 -13.31 -57.07
N LEU E 202 -34.44 -13.60 -57.94
CA LEU E 202 -33.56 -14.74 -57.76
C LEU E 202 -32.77 -14.70 -56.45
N THR E 203 -32.28 -13.52 -56.05
CA THR E 203 -31.48 -13.43 -54.83
C THR E 203 -32.36 -13.50 -53.60
N ALA E 204 -33.58 -12.96 -53.70
CA ALA E 204 -34.58 -13.11 -52.67
C ALA E 204 -34.89 -14.59 -52.42
N LEU E 205 -35.03 -15.36 -53.48
CA LEU E 205 -35.30 -16.78 -53.30
C LEU E 205 -34.10 -17.52 -52.68
N LYS E 206 -32.87 -17.20 -53.10
CA LYS E 206 -31.71 -17.81 -52.41
C LYS E 206 -31.67 -17.37 -50.92
N LEU E 207 -31.81 -16.07 -50.63
CA LEU E 207 -31.76 -15.59 -49.26
C LEU E 207 -32.86 -16.24 -48.43
N ALA E 208 -34.05 -16.34 -49.01
CA ALA E 208 -35.18 -16.95 -48.34
C ALA E 208 -34.82 -18.35 -47.77
N ARG E 209 -34.02 -19.11 -48.51
CA ARG E 209 -33.59 -20.43 -48.06
C ARG E 209 -32.84 -20.28 -46.74
N LEU E 210 -31.86 -19.37 -46.71
CA LEU E 210 -30.99 -19.22 -45.54
C LEU E 210 -31.74 -18.73 -44.30
N ILE E 211 -32.54 -17.69 -44.47
CA ILE E 211 -33.33 -17.11 -43.38
C ILE E 211 -34.18 -18.16 -42.68
N ALA E 212 -34.71 -19.09 -43.47
CA ALA E 212 -35.56 -20.16 -42.96
C ALA E 212 -34.89 -21.08 -41.93
N ASP E 213 -33.56 -21.15 -41.92
CA ASP E 213 -32.84 -22.00 -40.92
C ASP E 213 -32.42 -21.25 -39.65
N ILE E 214 -32.64 -19.93 -39.69
CA ILE E 214 -32.24 -19.04 -38.62
C ILE E 214 -33.49 -18.58 -37.88
N LEU E 215 -34.41 -17.95 -38.60
CA LEU E 215 -35.60 -17.35 -38.00
C LEU E 215 -36.69 -18.40 -37.73
N PRO E 216 -37.62 -18.12 -36.78
CA PRO E 216 -38.79 -19.01 -36.64
C PRO E 216 -39.71 -18.86 -37.85
N GLU E 217 -40.34 -19.95 -38.26
CA GLU E 217 -41.40 -19.97 -39.28
C GLU E 217 -42.28 -18.72 -39.30
N GLY E 218 -42.38 -18.07 -40.46
CA GLY E 218 -43.36 -17.02 -40.67
C GLY E 218 -42.98 -15.61 -40.22
N VAL E 219 -41.77 -15.42 -39.72
CA VAL E 219 -41.30 -14.08 -39.37
C VAL E 219 -40.88 -13.40 -40.67
N VAL E 220 -40.28 -14.18 -41.57
CA VAL E 220 -40.04 -13.68 -42.93
C VAL E 220 -40.76 -14.59 -43.87
N ASN E 221 -41.53 -13.99 -44.76
CA ASN E 221 -42.18 -14.72 -45.85
C ASN E 221 -41.84 -14.05 -47.15
N VAL E 222 -41.54 -14.85 -48.17
CA VAL E 222 -41.17 -14.30 -49.46
C VAL E 222 -42.14 -14.79 -50.55
N ILE E 223 -42.79 -13.85 -51.24
CA ILE E 223 -43.67 -14.17 -52.36
C ILE E 223 -43.16 -13.49 -53.62
N THR E 224 -43.55 -13.96 -54.81
CA THR E 224 -43.15 -13.27 -56.07
C THR E 224 -44.36 -12.90 -56.95
N GLY E 225 -44.18 -11.94 -57.85
CA GLY E 225 -45.22 -11.60 -58.83
C GLY E 225 -45.35 -10.14 -59.26
N ARG E 226 -46.40 -9.83 -60.01
CA ARG E 226 -46.61 -8.52 -60.60
C ARG E 226 -47.24 -7.55 -59.61
N GLY E 227 -46.84 -6.28 -59.68
CA GLY E 227 -47.40 -5.21 -58.85
C GLY E 227 -48.91 -5.16 -58.93
N GLU E 228 -49.43 -5.14 -60.16
CA GLU E 228 -50.86 -5.07 -60.38
C GLU E 228 -51.61 -6.24 -59.73
N THR E 229 -50.93 -7.38 -59.57
CA THR E 229 -51.54 -8.60 -59.04
C THR E 229 -51.20 -8.86 -57.58
N VAL E 230 -49.98 -9.36 -57.38
CA VAL E 230 -49.49 -9.78 -56.08
C VAL E 230 -49.22 -8.55 -55.21
N GLY E 231 -48.51 -7.56 -55.73
CA GLY E 231 -48.22 -6.36 -54.95
C GLY E 231 -49.49 -5.68 -54.45
N ASN E 232 -50.45 -5.52 -55.36
CA ASN E 232 -51.69 -4.86 -55.08
C ASN E 232 -52.46 -5.62 -54.02
N ALA E 233 -52.39 -6.94 -54.09
CA ALA E 233 -53.09 -7.77 -53.13
C ALA E 233 -52.47 -7.69 -51.73
N LEU E 234 -51.16 -7.56 -51.68
CA LEU E 234 -50.43 -7.51 -50.42
C LEU E 234 -50.71 -6.20 -49.71
N ILE E 235 -50.61 -5.10 -50.44
CA ILE E 235 -50.80 -3.79 -49.83
C ILE E 235 -52.24 -3.55 -49.38
N ASN E 236 -53.19 -4.28 -49.99
CA ASN E 236 -54.60 -4.11 -49.64
C ASN E 236 -55.12 -5.04 -48.57
N HIS E 237 -54.35 -6.08 -48.26
CA HIS E 237 -54.71 -6.98 -47.20
C HIS E 237 -54.87 -6.25 -45.89
N PRO E 238 -56.07 -6.36 -45.28
CA PRO E 238 -56.39 -5.55 -44.11
C PRO E 238 -55.61 -5.91 -42.85
N LYS E 239 -54.91 -7.04 -42.85
CA LYS E 239 -54.10 -7.48 -41.70
C LYS E 239 -52.71 -6.82 -41.66
N VAL E 240 -52.27 -6.32 -42.82
CA VAL E 240 -51.00 -5.63 -43.00
C VAL E 240 -51.13 -4.26 -42.38
N GLY E 241 -50.27 -3.95 -41.41
CA GLY E 241 -50.36 -2.68 -40.68
C GLY E 241 -49.53 -1.56 -41.28
N VAL E 243 -46.92 -0.62 -44.93
CA VAL E 243 -46.44 -0.95 -46.25
C VAL E 243 -45.17 -0.16 -46.48
N SER E 244 -44.12 -0.89 -46.89
CA SER E 244 -42.88 -0.26 -47.31
C SER E 244 -42.60 -0.48 -48.78
N ILE E 245 -42.33 0.60 -49.51
CA ILE E 245 -42.01 0.45 -50.93
C ILE E 245 -40.90 1.38 -51.42
N THR E 246 -40.09 0.86 -52.33
CA THR E 246 -39.10 1.68 -52.97
C THR E 246 -39.29 1.53 -54.45
N GLY E 247 -39.62 2.63 -55.13
CA GLY E 247 -39.98 2.63 -56.56
C GLY E 247 -40.19 4.04 -57.10
N ASP E 248 -41.01 4.16 -58.15
CA ASP E 248 -41.21 5.46 -58.81
C ASP E 248 -42.39 6.17 -58.19
N ILE E 249 -42.56 7.45 -58.54
CA ILE E 249 -43.59 8.28 -57.98
C ILE E 249 -44.97 7.70 -58.25
N ALA E 250 -45.18 7.23 -59.47
CA ALA E 250 -46.45 6.62 -59.85
C ALA E 250 -46.86 5.53 -58.85
N THR E 251 -45.94 4.59 -58.60
CA THR E 251 -46.22 3.43 -57.75
C THR E 251 -46.54 3.87 -56.32
N GLY E 252 -45.76 4.83 -55.81
CA GLY E 252 -46.01 5.41 -54.49
C GLY E 252 -47.40 5.99 -54.36
N LYS E 253 -47.83 6.71 -55.39
CA LYS E 253 -49.16 7.31 -55.40
C LYS E 253 -50.23 6.24 -55.29
N LYS E 254 -50.04 5.11 -55.98
CA LYS E 254 -50.95 3.99 -55.88
C LYS E 254 -50.96 3.35 -54.51
N VAL E 255 -49.78 3.23 -53.91
CA VAL E 255 -49.67 2.73 -52.55
C VAL E 255 -50.38 3.69 -51.60
N LEU E 256 -50.10 4.98 -51.74
CA LEU E 256 -50.71 6.00 -50.89
C LEU E 256 -52.24 6.04 -51.04
N ALA E 257 -52.73 5.88 -52.27
CA ALA E 257 -54.18 5.84 -52.54
C ALA E 257 -54.85 4.61 -51.94
N ALA E 258 -54.14 3.48 -51.95
CA ALA E 258 -54.63 2.24 -51.36
C ALA E 258 -54.62 2.29 -49.84
N ALA E 259 -53.56 2.84 -49.26
CA ALA E 259 -53.45 2.91 -47.80
C ALA E 259 -54.43 3.91 -47.21
N ALA E 260 -54.93 4.82 -48.04
CA ALA E 260 -55.84 5.86 -47.62
C ALA E 260 -57.17 5.27 -47.21
N LYS E 261 -57.44 4.05 -47.69
CA LYS E 261 -58.70 3.39 -47.46
C LYS E 261 -58.73 2.58 -46.16
N THR E 262 -57.57 2.18 -45.69
CA THR E 262 -57.47 1.36 -44.48
C THR E 262 -56.62 2.05 -43.41
N VAL E 263 -56.12 3.24 -43.74
CA VAL E 263 -55.32 4.04 -42.82
C VAL E 263 -54.08 3.27 -42.40
N LYS E 264 -53.40 2.67 -43.38
CA LYS E 264 -52.16 1.94 -43.14
C LYS E 264 -50.96 2.86 -43.02
N ARG E 265 -50.01 2.49 -42.16
CA ARG E 265 -48.72 3.14 -42.11
C ARG E 265 -48.01 2.89 -43.44
N THR E 266 -47.28 3.89 -43.93
CA THR E 266 -46.50 3.73 -45.15
C THR E 266 -45.13 4.32 -44.97
N HIS E 267 -44.22 3.83 -45.80
CA HIS E 267 -42.81 4.14 -45.76
C HIS E 267 -42.34 4.06 -47.19
N LEU E 268 -42.15 5.24 -47.79
CA LEU E 268 -41.91 5.42 -49.25
C LEU E 268 -40.58 6.02 -49.64
N GLU E 269 -39.92 5.41 -50.62
CA GLU E 269 -38.76 6.03 -51.27
C GLU E 269 -39.05 6.05 -52.77
N LEU E 270 -39.30 7.24 -53.31
CA LEU E 270 -39.93 7.34 -54.64
C LEU E 270 -39.04 7.89 -55.77
N GLY E 271 -37.76 8.03 -55.50
CA GLY E 271 -36.85 8.46 -56.54
C GLY E 271 -36.24 9.81 -56.26
N GLY E 272 -35.27 10.11 -57.07
CA GLY E 272 -34.49 11.27 -56.90
C GLY E 272 -34.09 11.85 -58.21
N LYS E 273 -33.69 13.09 -58.16
CA LYS E 273 -33.09 13.74 -59.27
C LYS E 273 -32.00 14.56 -58.69
N ALA E 274 -30.89 13.96 -58.33
CA ALA E 274 -29.95 14.63 -57.49
C ALA E 274 -29.26 15.79 -58.17
N PRO E 275 -29.42 16.99 -57.64
CA PRO E 275 -28.68 18.10 -58.21
C PRO E 275 -27.22 18.04 -57.73
N VAL E 276 -26.31 18.49 -58.59
CA VAL E 276 -24.88 18.49 -58.32
C VAL E 276 -24.43 19.90 -58.63
N ILE E 277 -24.13 20.68 -57.61
CA ILE E 277 -23.74 22.06 -57.84
C ILE E 277 -22.22 22.18 -57.91
N VAL E 278 -21.70 22.57 -59.08
CA VAL E 278 -20.26 22.70 -59.34
C VAL E 278 -19.90 24.17 -59.48
N TYR E 279 -19.24 24.71 -58.46
CA TYR E 279 -18.86 26.12 -58.47
C TYR E 279 -17.52 26.30 -59.20
N GLY E 280 -17.17 27.56 -59.50
CA GLY E 280 -15.97 27.89 -60.30
C GLY E 280 -14.67 27.43 -59.67
N ASP E 281 -14.67 27.32 -58.34
CA ASP E 281 -13.49 27.03 -57.58
C ASP E 281 -13.51 25.57 -57.13
N ALA E 282 -14.16 24.72 -57.91
CA ALA E 282 -14.19 23.30 -57.61
C ALA E 282 -12.99 22.60 -58.22
N ASP E 283 -12.54 21.50 -57.61
CA ASP E 283 -11.53 20.66 -58.24
C ASP E 283 -12.18 19.95 -59.42
N LEU E 284 -12.02 20.56 -60.59
CA LEU E 284 -12.70 20.15 -61.79
C LEU E 284 -12.34 18.74 -62.17
N GLU E 285 -11.07 18.37 -61.95
CA GLU E 285 -10.65 17.01 -62.23
C GLU E 285 -11.43 16.01 -61.37
N ALA E 286 -11.59 16.30 -60.08
CA ALA E 286 -12.33 15.42 -59.17
C ALA E 286 -13.84 15.41 -59.47
N VAL E 287 -14.37 16.50 -60.01
CA VAL E 287 -15.79 16.58 -60.32
C VAL E 287 -16.10 15.62 -61.48
N VAL E 288 -15.23 15.65 -62.48
CA VAL E 288 -15.33 14.82 -63.66
C VAL E 288 -15.21 13.33 -63.30
N ASN E 289 -14.28 12.96 -62.42
CA ASN E 289 -14.21 11.54 -62.06
C ASN E 289 -15.40 11.11 -61.19
N GLY E 290 -15.87 12.01 -60.35
CA GLY E 290 -17.06 11.74 -59.55
C GLY E 290 -18.28 11.46 -60.41
N ILE E 291 -18.57 12.37 -61.34
CA ILE E 291 -19.74 12.22 -62.22
C ILE E 291 -19.56 11.04 -63.18
N ARG E 292 -18.33 10.78 -63.58
CA ARG E 292 -18.07 9.64 -64.46
C ARG E 292 -18.48 8.35 -63.76
N THR E 293 -18.22 8.29 -62.47
CA THR E 293 -18.55 7.09 -61.69
C THR E 293 -20.02 7.10 -61.29
N PHE E 294 -20.44 8.18 -60.63
CA PHE E 294 -21.74 8.23 -59.94
C PHE E 294 -22.92 8.70 -60.80
N GLY E 295 -22.63 9.25 -61.99
CA GLY E 295 -23.72 9.54 -62.91
C GLY E 295 -24.12 8.28 -63.67
N TYR E 296 -23.22 7.28 -63.66
CA TYR E 296 -23.33 6.13 -64.57
C TYR E 296 -23.33 4.77 -63.89
N TYR E 297 -22.87 4.71 -62.64
CA TYR E 297 -22.88 3.45 -61.86
C TYR E 297 -24.23 2.78 -61.95
N ASN E 298 -24.22 1.48 -62.23
CA ASN E 298 -25.45 0.69 -62.26
C ASN E 298 -26.33 1.13 -63.40
N ALA E 299 -25.68 1.56 -64.49
CA ALA E 299 -26.32 2.14 -65.66
C ALA E 299 -27.27 3.27 -65.28
N GLY E 300 -26.88 4.05 -64.26
CA GLY E 300 -27.68 5.17 -63.85
C GLY E 300 -28.97 4.73 -63.16
N GLN E 301 -29.09 3.45 -62.84
CA GLN E 301 -30.31 2.98 -62.18
C GLN E 301 -30.13 3.07 -60.67
N ASP E 302 -30.14 4.31 -60.20
CA ASP E 302 -29.86 4.60 -58.82
C ASP E 302 -30.55 5.89 -58.53
N CYS E 303 -31.19 5.92 -57.37
CA CYS E 303 -32.03 7.03 -56.93
CA CYS E 303 -32.04 7.05 -57.01
C CYS E 303 -31.19 8.25 -56.54
N THR E 304 -29.91 8.01 -56.28
CA THR E 304 -28.93 9.06 -55.96
C THR E 304 -27.92 9.32 -57.11
N ALA E 305 -28.19 8.76 -58.30
CA ALA E 305 -27.37 9.05 -59.48
C ALA E 305 -27.09 10.55 -59.59
N ALA E 306 -25.85 10.87 -59.94
CA ALA E 306 -25.38 12.25 -60.06
C ALA E 306 -25.73 12.82 -61.44
N CYS E 307 -26.99 13.22 -61.60
CA CYS E 307 -27.57 13.36 -62.93
C CYS E 307 -27.96 14.77 -63.34
N ARG E 308 -28.10 15.68 -62.39
CA ARG E 308 -28.55 17.02 -62.73
C ARG E 308 -27.47 18.00 -62.31
N ILE E 309 -26.54 18.25 -63.22
CA ILE E 309 -25.39 19.08 -62.93
C ILE E 309 -25.71 20.55 -63.13
N TYR E 310 -25.32 21.36 -62.18
CA TYR E 310 -25.32 22.80 -62.34
C TYR E 310 -23.87 23.27 -62.33
N ALA E 311 -23.48 23.95 -63.39
CA ALA E 311 -22.08 24.33 -63.61
C ALA E 311 -21.99 25.84 -63.78
N GLU E 312 -21.15 26.48 -62.97
CA GLU E 312 -21.00 27.92 -63.02
C GLU E 312 -20.46 28.35 -64.39
N ALA E 313 -20.99 29.46 -64.90
CA ALA E 313 -20.57 30.07 -66.18
C ALA E 313 -19.07 29.89 -66.48
N GLY E 314 -18.23 30.39 -65.55
CA GLY E 314 -16.77 30.28 -65.60
C GLY E 314 -16.13 28.94 -65.94
N ILE E 315 -16.73 27.82 -65.56
CA ILE E 315 -16.14 26.49 -65.79
C ILE E 315 -17.02 25.57 -66.65
N TYR E 316 -18.13 26.12 -67.08
CA TYR E 316 -19.14 25.37 -67.81
C TYR E 316 -18.57 24.63 -69.03
N GLU E 317 -17.87 25.35 -69.91
CA GLU E 317 -17.35 24.75 -71.13
C GLU E 317 -16.31 23.68 -70.89
N LYS E 318 -15.39 23.93 -69.95
CA LYS E 318 -14.37 22.94 -69.72
C LYS E 318 -15.04 21.70 -69.15
N LEU E 319 -15.94 21.90 -68.18
CA LEU E 319 -16.59 20.78 -67.55
C LEU E 319 -17.25 19.90 -68.58
N VAL E 320 -17.97 20.53 -69.50
CA VAL E 320 -18.74 19.80 -70.45
C VAL E 320 -17.82 18.98 -71.35
N ALA E 321 -16.74 19.59 -71.81
CA ALA E 321 -15.80 18.93 -72.71
C ALA E 321 -15.06 17.79 -72.01
N ASP E 322 -14.57 18.07 -70.81
CA ASP E 322 -13.87 17.06 -70.00
C ASP E 322 -14.77 15.90 -69.59
N LEU E 323 -15.97 16.21 -69.13
CA LEU E 323 -16.94 15.18 -68.82
C LEU E 323 -17.25 14.32 -70.05
N THR E 324 -17.49 14.98 -71.20
CA THR E 324 -17.76 14.27 -72.45
C THR E 324 -16.66 13.28 -72.74
N SER E 325 -15.42 13.77 -72.74
CA SER E 325 -14.27 12.94 -72.97
C SER E 325 -14.23 11.73 -72.02
N ALA E 326 -14.35 12.01 -70.72
CA ALA E 326 -14.28 10.97 -69.69
C ALA E 326 -15.39 9.92 -69.83
N VAL E 327 -16.61 10.39 -70.07
CA VAL E 327 -17.76 9.51 -70.26
C VAL E 327 -17.64 8.55 -71.47
N SER E 328 -17.13 9.04 -72.59
CA SER E 328 -17.00 8.21 -73.80
C SER E 328 -16.05 7.01 -73.65
N THR E 329 -15.32 6.94 -72.53
CA THR E 329 -14.41 5.82 -72.28
C THR E 329 -15.00 4.74 -71.35
N ILE E 330 -16.22 4.96 -70.86
CA ILE E 330 -16.85 4.03 -69.90
C ILE E 330 -17.08 2.67 -70.53
N ARG E 331 -16.50 1.63 -69.95
CA ARG E 331 -16.60 0.31 -70.56
C ARG E 331 -17.85 -0.46 -70.11
N TYR E 332 -18.40 -1.27 -71.03
CA TYR E 332 -19.58 -2.11 -70.81
C TYR E 332 -19.77 -3.06 -72.00
N ASN E 333 -20.53 -4.14 -71.79
CA ASN E 333 -20.85 -5.14 -72.82
C ASN E 333 -19.61 -5.85 -73.38
N LEU E 334 -18.51 -5.83 -72.63
CA LEU E 334 -17.31 -6.59 -73.03
C LEU E 334 -17.42 -8.02 -72.55
N ASP E 335 -16.74 -8.93 -73.23
CA ASP E 335 -16.72 -10.35 -72.91
C ASP E 335 -16.04 -10.67 -71.58
N ASP E 336 -15.09 -9.83 -71.19
CA ASP E 336 -14.40 -9.98 -69.91
C ASP E 336 -15.08 -9.09 -68.87
N ASP E 337 -15.93 -9.69 -68.05
CA ASP E 337 -16.73 -8.97 -67.05
C ASP E 337 -15.86 -8.17 -66.04
N THR E 338 -14.65 -8.67 -65.75
CA THR E 338 -13.67 -7.93 -64.92
C THR E 338 -13.55 -6.51 -65.43
N GLU E 339 -13.71 -6.37 -66.75
CA GLU E 339 -13.38 -5.15 -67.48
C GLU E 339 -14.58 -4.20 -67.66
N ASN E 340 -15.79 -4.67 -67.40
CA ASN E 340 -16.99 -3.84 -67.52
C ASN E 340 -17.17 -2.89 -66.33
N GLU E 341 -17.51 -1.62 -66.61
CA GLU E 341 -17.73 -0.61 -65.55
C GLU E 341 -19.23 -0.42 -65.26
N ILE E 342 -20.04 -0.73 -66.26
CA ILE E 342 -21.46 -0.39 -66.31
C ILE E 342 -22.18 -1.56 -66.97
N GLY E 343 -23.31 -1.96 -66.36
CA GLY E 343 -24.19 -2.96 -66.93
C GLY E 343 -25.21 -2.39 -67.91
N PRO E 344 -26.19 -3.22 -68.33
CA PRO E 344 -27.31 -2.75 -69.14
C PRO E 344 -28.45 -2.31 -68.23
N LEU E 345 -29.55 -1.87 -68.83
CA LEU E 345 -30.79 -1.58 -68.09
C LEU E 345 -31.53 -2.89 -67.87
N ILE E 346 -32.48 -2.91 -66.95
CA ILE E 346 -33.12 -4.18 -66.54
C ILE E 346 -33.92 -4.89 -67.64
N SER E 347 -34.51 -4.10 -68.55
CA SER E 347 -35.47 -4.60 -69.55
C SER E 347 -35.41 -3.75 -70.82
N ARG E 348 -35.95 -4.28 -71.92
CA ARG E 348 -36.13 -3.51 -73.15
C ARG E 348 -36.94 -2.22 -72.90
N ARG E 349 -37.97 -2.35 -72.08
CA ARG E 349 -38.89 -1.30 -71.76
C ARG E 349 -38.13 -0.13 -71.13
N GLN E 350 -37.28 -0.44 -70.16
CA GLN E 350 -36.52 0.56 -69.45
C GLN E 350 -35.52 1.24 -70.38
N ARG E 351 -34.86 0.44 -71.25
CA ARG E 351 -33.94 1.01 -72.24
C ARG E 351 -34.62 2.00 -73.18
N ASP E 352 -35.81 1.65 -73.65
CA ASP E 352 -36.55 2.47 -74.61
C ASP E 352 -37.13 3.71 -73.93
N ARG E 353 -37.45 3.57 -72.65
CA ARG E 353 -37.93 4.69 -71.86
C ARG E 353 -36.82 5.74 -71.81
N VAL E 354 -35.59 5.26 -71.60
CA VAL E 354 -34.42 6.10 -71.48
C VAL E 354 -34.10 6.75 -72.83
N ALA E 355 -34.04 5.92 -73.87
CA ALA E 355 -33.84 6.33 -75.25
C ALA E 355 -34.76 7.46 -75.60
N SER E 356 -36.00 7.33 -75.17
CA SER E 356 -37.06 8.23 -75.59
C SER E 356 -37.01 9.53 -74.80
N PHE E 357 -36.48 9.48 -73.57
CA PHE E 357 -36.16 10.70 -72.83
C PHE E 357 -35.09 11.51 -73.58
N VAL E 358 -34.07 10.80 -74.08
CA VAL E 358 -32.91 11.46 -74.65
C VAL E 358 -33.30 12.09 -75.98
N GLU E 359 -34.07 11.35 -76.76
CA GLU E 359 -34.57 11.80 -78.05
C GLU E 359 -35.41 13.05 -77.92
N ARG E 360 -36.32 13.07 -76.95
CA ARG E 360 -37.12 14.26 -76.70
C ARG E 360 -36.21 15.42 -76.35
N ALA E 361 -35.16 15.13 -75.58
CA ALA E 361 -34.18 16.14 -75.20
C ALA E 361 -33.45 16.67 -76.43
N ALA E 362 -32.98 15.74 -77.27
CA ALA E 362 -32.30 16.04 -78.54
C ALA E 362 -33.10 16.93 -79.50
N ASP E 363 -34.44 16.87 -79.40
CA ASP E 363 -35.33 17.68 -80.22
C ASP E 363 -35.31 19.17 -79.86
N GLN E 364 -34.88 19.50 -78.64
CA GLN E 364 -34.81 20.89 -78.21
C GLN E 364 -33.61 21.57 -78.86
N LYS E 365 -33.87 22.71 -79.52
CA LYS E 365 -32.87 23.36 -80.35
C LYS E 365 -31.68 23.91 -79.55
N HIS E 366 -31.91 24.22 -78.27
CA HIS E 366 -30.87 24.78 -77.40
C HIS E 366 -30.00 23.74 -76.72
N ILE E 367 -30.27 22.46 -76.97
CA ILE E 367 -29.60 21.33 -76.30
C ILE E 367 -28.67 20.57 -77.23
N GLU E 368 -27.57 20.06 -76.68
CA GLU E 368 -26.61 19.30 -77.45
C GLU E 368 -26.26 18.03 -76.70
N ILE E 369 -26.41 16.89 -77.37
CA ILE E 369 -25.94 15.61 -76.85
C ILE E 369 -24.48 15.47 -77.29
N THR E 370 -23.56 15.54 -76.33
CA THR E 370 -22.14 15.58 -76.71
C THR E 370 -21.54 14.20 -76.90
N THR E 371 -22.10 13.19 -76.21
CA THR E 371 -21.68 11.78 -76.37
C THR E 371 -22.81 10.82 -76.06
N GLY E 372 -22.76 9.63 -76.67
CA GLY E 372 -23.80 8.63 -76.55
C GLY E 372 -25.09 9.06 -77.22
N GLY E 373 -26.21 8.90 -76.50
CA GLY E 373 -27.53 9.24 -77.02
C GLY E 373 -28.26 8.13 -77.76
N ARG E 374 -27.58 7.02 -78.04
CA ARG E 374 -28.20 5.88 -78.74
C ARG E 374 -28.15 4.60 -77.91
N THR E 375 -28.81 3.55 -78.39
CA THR E 375 -28.81 2.26 -77.71
C THR E 375 -27.44 1.63 -77.87
N GLY E 376 -26.99 0.89 -76.86
CA GLY E 376 -25.58 0.51 -76.79
C GLY E 376 -25.21 -0.92 -77.11
N SER E 377 -26.19 -1.71 -77.55
CA SER E 377 -25.92 -3.12 -77.83
C SER E 377 -26.81 -3.74 -78.86
N ASP E 378 -26.19 -4.66 -79.59
CA ASP E 378 -26.79 -5.64 -80.46
C ASP E 378 -27.98 -6.35 -79.84
N GLU E 379 -27.71 -7.05 -78.74
CA GLU E 379 -28.69 -7.81 -77.98
C GLU E 379 -28.62 -7.32 -76.54
N GLY E 380 -29.61 -7.66 -75.73
CA GLY E 380 -29.60 -7.16 -74.37
C GLY E 380 -29.93 -5.69 -74.36
N PHE E 381 -29.86 -5.06 -73.20
CA PHE E 381 -30.56 -3.78 -73.03
C PHE E 381 -29.63 -2.62 -72.68
N PHE E 382 -28.42 -2.64 -73.24
CA PHE E 382 -27.46 -1.56 -72.97
C PHE E 382 -27.87 -0.26 -73.63
N PHE E 383 -27.70 0.84 -72.92
CA PHE E 383 -27.80 2.17 -73.50
C PHE E 383 -26.43 2.82 -73.41
N GLN E 384 -26.07 3.63 -74.39
CA GLN E 384 -24.79 4.36 -74.37
C GLN E 384 -24.75 5.43 -73.30
N PRO E 385 -23.63 5.48 -72.54
CA PRO E 385 -23.43 6.56 -71.58
C PRO E 385 -23.60 7.91 -72.29
N THR E 386 -24.41 8.80 -71.72
CA THR E 386 -24.83 9.99 -72.42
C THR E 386 -24.58 11.27 -71.60
N VAL E 387 -24.09 12.32 -72.26
CA VAL E 387 -24.11 13.69 -71.72
C VAL E 387 -25.05 14.58 -72.52
N VAL E 388 -25.79 15.41 -71.81
CA VAL E 388 -26.77 16.29 -72.43
C VAL E 388 -26.40 17.66 -71.96
N ALA E 389 -25.87 18.49 -72.85
CA ALA E 389 -25.47 19.83 -72.43
C ALA E 389 -26.46 20.88 -72.88
N GLY E 390 -26.47 22.00 -72.20
CA GLY E 390 -27.31 23.13 -72.56
C GLY E 390 -28.72 23.10 -72.02
N ALA E 391 -29.02 22.17 -71.14
CA ALA E 391 -30.38 22.01 -70.63
C ALA E 391 -30.78 23.10 -69.63
N THR E 392 -32.04 23.50 -69.61
CA THR E 392 -32.50 24.54 -68.68
C THR E 392 -33.40 23.98 -67.56
N GLN E 393 -33.75 24.84 -66.60
CA GLN E 393 -34.68 24.53 -65.51
C GLN E 393 -36.07 24.14 -66.03
N GLU E 394 -36.38 24.50 -67.26
CA GLU E 394 -37.70 24.20 -67.81
C GLU E 394 -37.76 22.86 -68.55
N ASP E 395 -36.61 22.26 -68.82
CA ASP E 395 -36.53 21.06 -69.65
C ASP E 395 -36.92 19.77 -68.93
N GLU E 396 -37.59 18.89 -69.67
CA GLU E 396 -38.01 17.58 -69.16
C GLU E 396 -36.82 16.81 -68.59
N ILE E 397 -35.71 16.79 -69.31
CA ILE E 397 -34.52 16.10 -68.87
C ILE E 397 -34.00 16.60 -67.50
N VAL E 398 -34.39 17.81 -67.11
CA VAL E 398 -34.01 18.37 -65.79
C VAL E 398 -35.11 18.17 -64.74
N ARG E 399 -36.37 18.30 -65.16
CA ARG E 399 -37.49 18.19 -64.25
C ARG E 399 -37.82 16.76 -63.88
N ARG E 400 -37.32 15.78 -64.62
CA ARG E 400 -37.85 14.42 -64.45
C ARG E 400 -36.80 13.33 -64.48
N GLU E 401 -36.97 12.34 -63.60
CA GLU E 401 -35.98 11.30 -63.36
C GLU E 401 -35.89 10.39 -64.60
N VAL E 402 -34.66 10.14 -65.04
CA VAL E 402 -34.47 9.33 -66.24
C VAL E 402 -34.20 7.87 -65.86
N PHE E 403 -33.37 7.65 -64.85
CA PHE E 403 -33.03 6.26 -64.44
C PHE E 403 -32.27 5.51 -65.53
N GLY E 404 -31.28 6.19 -66.10
CA GLY E 404 -30.45 5.65 -67.15
C GLY E 404 -29.06 6.25 -67.14
N PRO E 405 -28.16 5.73 -68.01
CA PRO E 405 -26.79 6.19 -67.98
C PRO E 405 -26.70 7.53 -68.68
N VAL E 406 -27.30 8.55 -68.06
CA VAL E 406 -27.57 9.83 -68.70
C VAL E 406 -27.44 10.99 -67.69
N VAL E 407 -26.73 12.03 -68.10
CA VAL E 407 -26.45 13.15 -67.22
C VAL E 407 -26.69 14.44 -68.01
N SER E 408 -27.41 15.38 -67.41
CA SER E 408 -27.64 16.68 -68.06
C SER E 408 -26.83 17.74 -67.38
N VAL E 409 -26.27 18.67 -68.15
CA VAL E 409 -25.56 19.79 -67.53
C VAL E 409 -26.26 21.10 -67.80
N THR E 410 -26.39 21.92 -66.77
CA THR E 410 -27.09 23.20 -66.84
C THR E 410 -26.15 24.29 -66.38
N ARG E 411 -26.24 25.44 -67.02
CA ARG E 411 -25.36 26.58 -66.75
C ARG E 411 -26.00 27.62 -65.83
N PHE E 412 -25.24 28.10 -64.85
CA PHE E 412 -25.72 29.22 -64.04
C PHE E 412 -24.69 30.33 -63.91
N THR E 413 -25.16 31.57 -63.67
CA THR E 413 -24.30 32.74 -63.43
C THR E 413 -24.22 33.13 -61.97
N GLY E 414 -23.25 34.01 -61.68
CA GLY E 414 -23.13 34.66 -60.37
C GLY E 414 -24.36 35.47 -60.02
N LYS E 415 -25.11 35.88 -61.04
CA LYS E 415 -26.44 36.47 -60.86
C LYS E 415 -27.46 35.44 -60.32
N ASP E 416 -27.33 34.18 -60.72
CA ASP E 416 -28.27 33.13 -60.36
C ASP E 416 -27.94 32.51 -59.03
N ASP E 417 -28.96 32.17 -58.25
CA ASP E 417 -28.74 31.44 -56.98
C ASP E 417 -28.91 29.96 -57.30
N ALA E 418 -27.81 29.21 -57.28
CA ALA E 418 -27.82 27.82 -57.76
C ALA E 418 -28.53 26.89 -56.81
N VAL E 419 -28.47 27.22 -55.52
CA VAL E 419 -29.16 26.44 -54.49
C VAL E 419 -30.68 26.47 -54.71
N ALA E 420 -31.22 27.67 -54.98
CA ALA E 420 -32.66 27.83 -55.25
C ALA E 420 -33.05 27.07 -56.51
N TRP E 421 -32.16 27.05 -57.49
CA TRP E 421 -32.34 26.21 -58.69
C TRP E 421 -32.36 24.75 -58.37
N ALA E 422 -31.55 24.33 -57.42
CA ALA E 422 -31.48 22.91 -57.08
C ALA E 422 -32.75 22.55 -56.32
N ASN E 423 -33.19 23.49 -55.48
CA ASN E 423 -34.38 23.32 -54.65
C ASN E 423 -35.71 23.44 -55.42
N ASP E 424 -35.69 24.10 -56.56
CA ASP E 424 -36.93 24.22 -57.35
C ASP E 424 -37.09 22.90 -58.11
N SER E 425 -37.65 21.92 -57.40
CA SER E 425 -37.73 20.54 -57.84
C SER E 425 -38.78 19.78 -57.03
N ASP E 426 -39.29 18.70 -57.62
CA ASP E 426 -40.25 17.80 -56.96
C ASP E 426 -39.53 16.78 -56.08
N TYR E 427 -38.24 16.56 -56.35
CA TYR E 427 -37.51 15.50 -55.68
C TYR E 427 -36.72 16.08 -54.53
N GLY E 428 -36.33 15.24 -53.58
CA GLY E 428 -35.59 15.73 -52.42
C GLY E 428 -34.76 14.69 -51.70
N LEU E 429 -34.03 13.86 -52.44
CA LEU E 429 -33.35 12.66 -51.90
C LEU E 429 -31.87 12.81 -51.59
N ALA E 430 -31.09 13.16 -52.61
CA ALA E 430 -29.65 13.29 -52.51
C ALA E 430 -29.20 14.47 -53.38
N SER E 431 -28.00 14.98 -53.10
CA SER E 431 -27.49 16.19 -53.72
C SER E 431 -26.03 16.31 -53.34
N SER E 432 -25.26 17.00 -54.17
CA SER E 432 -23.87 17.30 -53.81
C SER E 432 -23.44 18.67 -54.27
N VAL E 433 -22.46 19.23 -53.56
CA VAL E 433 -21.95 20.55 -53.91
C VAL E 433 -20.43 20.49 -53.98
N TRP E 434 -19.83 21.06 -55.04
CA TRP E 434 -18.37 21.02 -55.21
C TRP E 434 -17.75 22.41 -55.25
N THR E 435 -16.82 22.63 -54.34
CA THR E 435 -16.19 23.92 -54.11
C THR E 435 -15.06 23.69 -53.09
N LYS E 436 -13.95 24.38 -53.24
CA LYS E 436 -12.90 24.35 -52.19
C LYS E 436 -13.17 25.39 -51.10
N ASP E 437 -14.18 26.23 -51.33
CA ASP E 437 -14.60 27.29 -50.43
C ASP E 437 -15.54 26.79 -49.32
N ILE E 438 -15.15 26.98 -48.08
CA ILE E 438 -15.97 26.63 -46.92
C ILE E 438 -17.31 27.38 -46.96
N SER E 439 -17.22 28.68 -47.18
CA SER E 439 -18.36 29.57 -47.18
C SER E 439 -19.50 29.03 -48.05
N LYS E 440 -19.26 28.94 -49.35
CA LYS E 440 -20.21 28.36 -50.30
C LYS E 440 -20.68 26.91 -50.01
N ALA E 441 -19.80 26.09 -49.41
CA ALA E 441 -20.17 24.72 -49.07
C ALA E 441 -21.16 24.67 -47.92
N ARG E 443 -22.97 26.97 -46.68
CA ARG E 443 -24.20 27.69 -47.01
C ARG E 443 -25.11 26.81 -47.81
N ALA E 444 -24.55 26.09 -48.79
CA ALA E 444 -25.34 25.17 -49.60
C ALA E 444 -25.86 23.99 -48.77
N ALA E 445 -25.03 23.48 -47.86
CA ALA E 445 -25.44 22.38 -46.98
C ALA E 445 -26.65 22.77 -46.11
N SER E 446 -26.67 24.01 -45.64
CA SER E 446 -27.80 24.50 -44.85
C SER E 446 -29.06 24.56 -45.64
N ARG E 447 -28.98 24.98 -46.90
CA ARG E 447 -30.18 25.47 -47.57
C ARG E 447 -30.72 24.43 -48.51
N LEU E 448 -29.93 23.42 -48.81
CA LEU E 448 -30.39 22.41 -49.75
C LEU E 448 -31.51 21.58 -49.12
N GLN E 449 -32.59 21.40 -49.88
CA GLN E 449 -33.80 20.76 -49.41
C GLN E 449 -33.74 19.33 -49.88
N TYR E 450 -32.75 18.60 -49.37
CA TYR E 450 -32.46 17.22 -49.80
C TYR E 450 -32.07 16.36 -48.61
N GLY E 451 -32.49 15.09 -48.60
CA GLY E 451 -32.25 14.19 -47.47
C GLY E 451 -30.78 14.00 -47.19
N CYS E 452 -29.99 14.22 -48.23
CA CYS E 452 -28.56 14.01 -48.11
C CYS E 452 -27.81 15.00 -48.97
N THR E 453 -26.78 15.61 -48.39
CA THR E 453 -25.86 16.47 -49.15
C THR E 453 -24.39 16.06 -48.97
N TRP E 454 -23.75 15.67 -50.07
CA TRP E 454 -22.32 15.40 -50.09
C TRP E 454 -21.60 16.65 -50.46
N ILE E 455 -20.41 16.85 -49.90
CA ILE E 455 -19.58 17.95 -50.31
C ILE E 455 -18.28 17.36 -50.83
N ASN E 456 -17.92 17.74 -52.06
CA ASN E 456 -16.72 17.29 -52.74
C ASN E 456 -16.63 15.78 -52.95
N THR E 457 -17.78 15.15 -53.01
CA THR E 457 -17.93 13.76 -53.42
C THR E 457 -19.40 13.59 -53.76
N HIS E 458 -19.85 12.36 -54.02
CA HIS E 458 -21.27 12.10 -54.23
C HIS E 458 -21.48 10.64 -53.97
N PHE E 459 -22.72 10.22 -53.72
CA PHE E 459 -23.09 8.79 -53.83
C PHE E 459 -22.80 7.95 -52.60
N LEU E 461 -22.48 6.00 -49.29
CA LEU E 461 -23.40 5.58 -48.25
C LEU E 461 -22.65 4.87 -47.14
N THR E 462 -23.19 4.92 -45.93
CA THR E 462 -22.65 4.17 -44.81
C THR E 462 -23.80 3.87 -43.86
N ASN E 463 -23.90 2.62 -43.43
CA ASN E 463 -25.08 2.12 -42.75
C ASN E 463 -25.57 2.87 -41.51
N GLU E 464 -24.70 3.67 -40.90
CA GLU E 464 -25.09 4.46 -39.76
C GLU E 464 -25.90 5.69 -40.17
N PRO E 466 -28.65 8.03 -42.32
CA PRO E 466 -29.97 7.86 -42.91
C PRO E 466 -30.01 8.22 -44.38
N HIS E 467 -30.90 7.56 -45.11
CA HIS E 467 -31.09 7.77 -46.55
C HIS E 467 -32.55 7.86 -46.81
N GLY E 468 -33.02 9.01 -47.28
CA GLY E 468 -34.45 9.18 -47.53
C GLY E 468 -34.83 10.61 -47.81
N GLY E 469 -35.89 10.78 -48.60
CA GLY E 469 -36.14 12.06 -49.24
C GLY E 469 -37.06 12.95 -48.45
N ILE E 470 -37.40 14.08 -49.04
CA ILE E 470 -38.56 14.81 -48.61
C ILE E 470 -39.29 15.10 -49.89
N LYS E 471 -40.36 15.92 -49.83
CA LYS E 471 -41.20 16.18 -50.99
C LYS E 471 -41.61 14.90 -51.73
N GLN E 472 -41.60 14.93 -53.05
CA GLN E 472 -42.15 13.80 -53.77
C GLN E 472 -41.23 12.58 -53.80
N SER E 473 -40.03 12.71 -53.23
CA SER E 473 -39.13 11.57 -53.00
C SER E 473 -39.67 10.66 -51.90
N GLY E 474 -40.68 11.13 -51.19
CA GLY E 474 -41.26 10.35 -50.11
C GLY E 474 -40.82 10.84 -48.75
N TYR E 475 -40.54 9.91 -47.86
CA TYR E 475 -40.24 10.18 -46.45
C TYR E 475 -39.89 8.84 -45.83
N GLY E 476 -39.23 8.85 -44.69
CA GLY E 476 -38.91 7.58 -44.08
C GLY E 476 -37.55 7.15 -44.57
N LYS E 477 -36.79 6.57 -43.68
CA LYS E 477 -35.38 6.39 -43.88
C LYS E 477 -35.05 4.93 -44.09
N ASP E 478 -34.10 4.70 -44.98
CA ASP E 478 -33.39 3.43 -45.05
C ASP E 478 -31.98 3.57 -44.45
N SER E 480 -29.42 3.36 -40.97
CA SER E 480 -29.37 4.11 -39.73
C SER E 480 -30.40 3.63 -38.73
N VAL E 481 -30.25 4.12 -37.49
CA VAL E 481 -31.21 3.86 -36.43
C VAL E 481 -32.61 4.35 -36.84
N TYR E 482 -32.69 5.32 -37.76
CA TYR E 482 -34.00 5.93 -38.12
C TYR E 482 -34.91 4.97 -38.87
N ALA E 483 -34.30 4.09 -39.66
CA ALA E 483 -35.08 3.07 -40.36
C ALA E 483 -35.76 2.22 -39.31
N LEU E 484 -35.03 1.92 -38.25
CA LEU E 484 -35.58 1.10 -37.19
C LEU E 484 -36.64 1.88 -36.42
N GLU E 485 -36.42 3.17 -36.23
CA GLU E 485 -37.45 4.02 -35.61
C GLU E 485 -38.75 4.02 -36.43
N ASP E 486 -38.65 4.07 -37.75
CA ASP E 486 -39.82 3.96 -38.61
C ASP E 486 -40.57 2.64 -38.46
N TYR E 487 -39.90 1.57 -38.02
CA TYR E 487 -40.57 0.29 -37.89
C TYR E 487 -41.05 -0.06 -36.49
N THR E 488 -40.95 0.89 -35.58
CA THR E 488 -41.35 0.64 -34.21
C THR E 488 -42.37 1.69 -33.81
N ALA E 489 -43.15 1.40 -32.79
CA ALA E 489 -44.14 2.34 -32.24
C ALA E 489 -43.70 2.92 -30.88
N VAL E 490 -43.70 4.24 -30.79
CA VAL E 490 -43.39 4.92 -29.54
C VAL E 490 -44.60 4.83 -28.60
N ARG E 491 -44.42 4.26 -27.41
CA ARG E 491 -45.53 4.12 -26.46
C ARG E 491 -45.18 4.78 -25.14
N HIS E 492 -46.13 5.49 -24.56
CA HIS E 492 -46.01 6.07 -23.23
C HIS E 492 -46.73 5.22 -22.21
N ILE E 493 -46.01 4.76 -21.20
CA ILE E 493 -46.60 4.00 -20.12
C ILE E 493 -46.48 4.85 -18.85
N ILE E 495 -47.45 5.00 -14.71
CA ILE E 495 -47.99 4.26 -13.57
C ILE E 495 -48.31 5.21 -12.43
N ASN E 496 -49.58 5.26 -12.04
CA ASN E 496 -50.00 6.02 -10.87
C ASN E 496 -49.60 5.34 -9.56
N HIS E 497 -48.86 6.04 -8.71
CA HIS E 497 -48.44 5.48 -7.43
C HIS E 497 -49.56 5.41 -6.43
N GLY E 498 -50.78 5.66 -6.89
CA GLY E 498 -51.99 5.47 -6.07
C GLY E 498 -52.11 6.47 -4.92
N ASP F 25 -62.56 39.41 -31.30
CA ASP F 25 -61.65 39.13 -32.42
C ASP F 25 -62.31 38.23 -33.46
N THR F 26 -62.44 38.76 -34.67
CA THR F 26 -63.37 38.20 -35.63
C THR F 26 -62.70 38.01 -37.00
N GLN F 27 -61.47 38.49 -37.09
CA GLN F 27 -60.75 38.60 -38.36
C GLN F 27 -59.75 37.46 -38.59
N LEU F 28 -59.64 37.08 -39.85
CA LEU F 28 -58.66 36.10 -40.28
C LEU F 28 -57.30 36.77 -40.38
N LEU F 29 -56.25 36.01 -40.07
CA LEU F 29 -54.90 36.49 -40.14
C LEU F 29 -54.28 35.95 -41.41
N ILE F 30 -54.09 36.85 -42.37
CA ILE F 30 -53.61 36.52 -43.70
C ILE F 30 -52.33 37.29 -44.00
N GLY F 31 -51.20 36.63 -43.76
CA GLY F 31 -49.89 37.28 -43.84
C GLY F 31 -49.84 38.53 -42.96
N SER F 32 -49.36 39.63 -43.54
CA SER F 32 -49.16 40.85 -42.77
C SER F 32 -50.46 41.57 -42.42
N ARG F 33 -51.59 41.02 -42.86
CA ARG F 33 -52.88 41.68 -42.72
C ARG F 33 -53.94 40.86 -42.03
N PHE F 34 -54.77 41.56 -41.26
CA PHE F 34 -56.02 41.02 -40.76
C PHE F 34 -57.16 41.35 -41.73
N GLU F 35 -57.87 40.33 -42.21
CA GLU F 35 -59.03 40.51 -43.09
C GLU F 35 -60.30 39.84 -42.56
N ALA F 36 -61.44 40.31 -43.02
CA ALA F 36 -62.74 39.67 -42.76
C ALA F 36 -62.96 38.54 -43.77
N GLY F 37 -63.53 37.42 -43.33
CA GLY F 37 -63.91 36.36 -44.27
C GLY F 37 -64.98 36.91 -45.19
N THR F 38 -65.02 36.48 -46.43
CA THR F 38 -65.99 37.02 -47.34
C THR F 38 -67.12 36.09 -47.78
N GLU F 39 -67.00 34.82 -47.45
CA GLU F 39 -67.91 33.80 -47.92
C GLU F 39 -68.89 33.40 -46.86
N ALA F 40 -69.45 32.21 -46.93
CA ALA F 40 -70.59 31.89 -46.10
C ALA F 40 -70.36 31.97 -44.64
N GLU F 41 -71.34 32.49 -43.94
CA GLU F 41 -71.24 32.60 -42.51
C GLU F 41 -71.59 31.36 -41.78
N GLU F 42 -70.73 31.02 -40.83
CA GLU F 42 -71.02 29.97 -39.86
C GLU F 42 -71.85 30.59 -38.77
N HIS F 43 -72.90 29.90 -38.36
CA HIS F 43 -73.68 30.36 -37.21
C HIS F 43 -73.10 29.71 -35.99
N ILE F 44 -72.27 30.46 -35.27
CA ILE F 44 -71.64 29.94 -34.06
C ILE F 44 -72.58 30.05 -32.88
N LEU F 45 -72.83 28.90 -32.27
CA LEU F 45 -73.85 28.74 -31.25
C LEU F 45 -73.27 28.63 -29.84
N ASN F 46 -73.94 29.21 -28.84
CA ASN F 46 -73.63 28.87 -27.46
C ASN F 46 -74.27 27.50 -27.24
N PRO F 47 -73.44 26.44 -27.08
CA PRO F 47 -74.01 25.08 -27.17
C PRO F 47 -74.76 24.67 -25.90
N ARG F 48 -74.68 25.51 -24.88
CA ARG F 48 -75.52 25.38 -23.69
C ARG F 48 -76.97 25.83 -23.98
N THR F 49 -77.15 27.02 -24.58
CA THR F 49 -78.50 27.64 -24.72
C THR F 49 -79.08 27.51 -26.12
N GLY F 50 -78.26 27.07 -27.07
CA GLY F 50 -78.67 26.97 -28.46
C GLY F 50 -78.75 28.30 -29.20
N ALA F 51 -78.58 29.40 -28.46
CA ALA F 51 -78.63 30.74 -29.03
C ALA F 51 -77.38 31.00 -29.89
N GLY F 52 -77.50 31.94 -30.83
CA GLY F 52 -76.36 32.39 -31.61
C GLY F 52 -75.43 33.24 -30.76
N ILE F 53 -74.13 33.12 -31.00
CA ILE F 53 -73.15 34.02 -30.40
C ILE F 53 -72.72 35.01 -31.47
N ILE F 54 -72.26 34.49 -32.60
CA ILE F 54 -71.86 35.30 -33.74
C ILE F 54 -71.99 34.52 -35.06
N ASP F 55 -72.05 35.26 -36.15
CA ASP F 55 -72.00 34.70 -37.47
C ASP F 55 -70.66 35.09 -38.06
N LEU F 56 -69.86 34.10 -38.43
CA LEU F 56 -68.53 34.36 -38.94
C LEU F 56 -68.39 33.96 -40.39
N ALA F 57 -68.13 34.96 -41.23
CA ALA F 57 -67.98 34.73 -42.66
C ALA F 57 -66.65 33.99 -42.87
N GLU F 58 -66.70 32.90 -43.63
CA GLU F 58 -65.52 32.04 -43.81
C GLU F 58 -64.60 32.52 -44.96
N ALA F 59 -63.35 32.08 -44.94
CA ALA F 59 -62.37 32.46 -45.97
C ALA F 59 -62.83 32.14 -47.40
N SER F 60 -62.60 33.07 -48.33
CA SER F 60 -62.75 32.78 -49.75
C SER F 60 -61.56 31.99 -50.27
N HIS F 61 -61.66 31.49 -51.50
CA HIS F 61 -60.55 30.79 -52.15
C HIS F 61 -59.37 31.68 -52.36
N ALA F 62 -59.63 32.94 -52.70
CA ALA F 62 -58.55 33.93 -52.83
C ALA F 62 -57.81 34.16 -51.50
N GLN F 63 -58.53 34.11 -50.39
CA GLN F 63 -57.92 34.31 -49.09
C GLN F 63 -57.11 33.09 -48.67
N ILE F 64 -57.61 31.90 -49.01
CA ILE F 64 -56.88 30.67 -48.74
C ILE F 64 -55.52 30.71 -49.48
N ASP F 65 -55.55 31.10 -50.76
CA ASP F 65 -54.35 31.23 -51.57
C ASP F 65 -53.41 32.29 -51.03
N ALA F 66 -53.95 33.45 -50.70
CA ALA F 66 -53.16 34.50 -50.07
C ALA F 66 -52.50 34.04 -48.76
N ALA F 67 -53.25 33.33 -47.92
CA ALA F 67 -52.69 32.77 -46.69
C ALA F 67 -51.54 31.80 -46.98
N VAL F 68 -51.71 30.96 -48.00
CA VAL F 68 -50.67 29.99 -48.33
C VAL F 68 -49.50 30.72 -48.98
N ASP F 69 -49.80 31.73 -49.80
CA ASP F 69 -48.74 32.53 -50.40
C ASP F 69 -47.95 33.31 -49.33
N ALA F 70 -48.62 33.78 -48.29
CA ALA F 70 -47.91 34.45 -47.18
C ALA F 70 -47.03 33.46 -46.40
N ALA F 71 -47.54 32.25 -46.19
CA ALA F 71 -46.74 31.18 -45.57
C ALA F 71 -45.49 30.85 -46.36
N GLU F 72 -45.63 30.69 -47.67
CA GLU F 72 -44.47 30.54 -48.59
C GLU F 72 -43.45 31.69 -48.55
N ARG F 73 -43.90 32.93 -48.65
CA ARG F 73 -43.02 34.09 -48.54
C ARG F 73 -42.28 34.09 -47.20
N ALA F 74 -43.01 33.89 -46.10
CA ALA F 74 -42.38 33.98 -44.78
C ALA F 74 -41.44 32.82 -44.47
N PHE F 75 -41.57 31.72 -45.20
CA PHE F 75 -40.76 30.52 -44.95
C PHE F 75 -39.28 30.74 -45.24
N VAL F 76 -39.01 31.60 -46.22
CA VAL F 76 -37.65 31.93 -46.66
C VAL F 76 -36.80 32.35 -45.46
N GLY F 77 -37.24 33.35 -44.70
CA GLY F 77 -36.52 33.82 -43.53
C GLY F 77 -36.76 32.96 -42.30
N TRP F 78 -37.97 32.47 -42.17
CA TRP F 78 -38.31 31.69 -40.98
C TRP F 78 -37.63 30.34 -40.91
N SER F 79 -37.43 29.69 -42.05
CA SER F 79 -36.65 28.43 -42.06
C SER F 79 -35.16 28.61 -41.75
N GLN F 80 -34.69 29.87 -41.67
CA GLN F 80 -33.27 30.19 -41.49
C GLN F 80 -32.98 30.74 -40.09
N THR F 81 -34.02 30.87 -39.29
CA THR F 81 -33.84 31.26 -37.90
C THR F 81 -33.13 30.18 -37.10
N THR F 82 -32.52 30.61 -35.99
CA THR F 82 -31.92 29.70 -35.03
C THR F 82 -32.98 29.10 -34.10
N PRO F 83 -32.67 27.93 -33.50
CA PRO F 83 -33.54 27.43 -32.45
C PRO F 83 -33.86 28.46 -31.35
N ALA F 84 -32.86 29.22 -30.91
CA ALA F 84 -32.99 30.17 -29.81
C ALA F 84 -34.02 31.24 -30.19
N GLU F 85 -33.93 31.77 -31.40
CA GLU F 85 -34.90 32.71 -31.96
C GLU F 85 -36.33 32.16 -31.92
N ARG F 86 -36.51 30.93 -32.42
CA ARG F 86 -37.80 30.28 -32.47
C ARG F 86 -38.25 29.98 -31.06
N SER F 87 -37.31 29.61 -30.21
CA SER F 87 -37.61 29.28 -28.83
C SER F 87 -38.15 30.49 -28.08
N ASN F 88 -37.53 31.65 -28.26
CA ASN F 88 -37.96 32.85 -27.55
C ASN F 88 -39.34 33.29 -28.05
N ALA F 89 -39.64 33.00 -29.32
CA ALA F 89 -40.95 33.34 -29.88
C ALA F 89 -42.00 32.53 -29.17
N LEU F 90 -41.74 31.23 -29.01
CA LEU F 90 -42.64 30.36 -28.29
C LEU F 90 -42.87 30.82 -26.84
N LEU F 91 -41.81 31.12 -26.12
CA LEU F 91 -41.93 31.74 -24.78
C LEU F 91 -42.79 33.02 -24.81
N LYS F 92 -42.66 33.84 -25.85
CA LYS F 92 -43.46 35.06 -25.87
C LYS F 92 -44.95 34.79 -25.99
N ILE F 93 -45.27 33.78 -26.80
CA ILE F 93 -46.63 33.33 -27.03
C ILE F 93 -47.26 32.82 -25.73
N ALA F 94 -46.57 31.91 -25.05
CA ALA F 94 -46.96 31.47 -23.70
C ALA F 94 -47.22 32.64 -22.71
N ASP F 95 -46.31 33.61 -22.65
CA ASP F 95 -46.48 34.78 -21.81
C ASP F 95 -47.80 35.50 -22.15
N ALA F 96 -48.09 35.59 -23.45
CA ALA F 96 -49.22 36.43 -23.93
C ALA F 96 -50.54 35.80 -23.55
N ILE F 97 -50.57 34.47 -23.69
CA ILE F 97 -51.70 33.62 -23.33
C ILE F 97 -51.92 33.74 -21.83
N GLU F 98 -50.83 33.61 -21.06
CA GLU F 98 -50.83 33.75 -19.61
C GLU F 98 -51.39 35.08 -19.11
N LYS F 99 -51.01 36.18 -19.76
CA LYS F 99 -51.48 37.52 -19.39
C LYS F 99 -52.98 37.64 -19.56
N GLU F 100 -53.55 36.81 -20.44
CA GLU F 100 -54.94 36.95 -20.85
C GLU F 100 -55.68 35.64 -20.57
N ALA F 101 -55.12 34.81 -19.69
CA ALA F 101 -55.61 33.45 -19.42
C ALA F 101 -57.08 33.41 -19.02
N ASP F 102 -57.48 34.32 -18.13
CA ASP F 102 -58.88 34.47 -17.74
C ASP F 102 -59.83 34.69 -18.91
N GLU F 103 -59.45 35.56 -19.83
CA GLU F 103 -60.29 35.87 -20.98
C GLU F 103 -60.33 34.71 -21.98
N PHE F 104 -59.19 34.05 -22.17
CA PHE F 104 -59.18 32.87 -23.04
C PHE F 104 -60.14 31.84 -22.44
N ALA F 105 -60.08 31.64 -21.13
CA ALA F 105 -60.89 30.61 -20.50
C ALA F 105 -62.39 30.88 -20.68
N ALA F 106 -62.82 32.09 -20.34
CA ALA F 106 -64.24 32.46 -20.44
C ALA F 106 -64.72 32.36 -21.86
N LEU F 107 -63.86 32.69 -22.82
CA LEU F 107 -64.24 32.59 -24.23
C LEU F 107 -64.35 31.13 -24.71
N GLU F 108 -63.52 30.26 -24.15
CA GLU F 108 -63.57 28.84 -24.51
C GLU F 108 -64.79 28.16 -23.87
N ALA F 109 -65.20 28.64 -22.70
CA ALA F 109 -66.37 28.10 -22.00
C ALA F 109 -67.63 28.41 -22.77
N LEU F 110 -67.74 29.67 -23.19
CA LEU F 110 -68.83 30.18 -24.01
C LEU F 110 -68.92 29.37 -25.29
N ASN F 111 -67.80 29.28 -26.01
CA ASN F 111 -67.76 28.58 -27.29
C ASN F 111 -68.16 27.11 -27.20
N CYS F 112 -67.74 26.44 -26.13
CA CYS F 112 -67.81 24.97 -26.04
C CYS F 112 -68.71 24.45 -24.93
N GLY F 113 -69.20 25.36 -24.08
CA GLY F 113 -69.96 24.98 -22.90
C GLY F 113 -69.20 24.17 -21.84
N LYS F 114 -67.87 24.18 -21.88
CA LYS F 114 -67.08 23.57 -20.80
C LYS F 114 -67.27 24.40 -19.56
N PRO F 115 -67.50 23.76 -18.40
CA PRO F 115 -67.64 24.52 -17.14
C PRO F 115 -66.39 25.34 -16.86
N ILE F 116 -66.58 26.60 -16.49
CA ILE F 116 -65.52 27.61 -16.45
C ILE F 116 -64.25 27.18 -15.69
N ASN F 117 -64.41 26.46 -14.59
CA ASN F 117 -63.27 26.06 -13.75
C ASN F 117 -62.43 24.93 -14.33
N ALA F 118 -63.07 23.98 -15.03
CA ALA F 118 -62.31 22.97 -15.74
C ALA F 118 -61.40 23.64 -16.78
N VAL F 119 -61.89 24.69 -17.44
CA VAL F 119 -61.08 25.40 -18.42
C VAL F 119 -59.99 26.18 -17.70
N LYS F 120 -60.35 26.79 -16.58
CA LYS F 120 -59.46 27.72 -15.90
C LYS F 120 -58.31 26.95 -15.25
N ASN F 121 -58.58 25.74 -14.78
CA ASN F 121 -57.63 25.02 -13.93
C ASN F 121 -57.03 23.81 -14.60
N ASP F 122 -57.71 23.27 -15.59
CA ASP F 122 -57.16 22.15 -16.36
C ASP F 122 -56.53 22.61 -17.67
N GLU F 123 -57.33 23.23 -18.55
CA GLU F 123 -56.88 23.47 -19.93
C GLU F 123 -55.83 24.56 -20.07
N LEU F 124 -56.11 25.77 -19.56
CA LEU F 124 -55.14 26.87 -19.67
C LEU F 124 -53.69 26.57 -19.17
N PRO F 125 -53.53 26.16 -17.89
CA PRO F 125 -52.18 25.84 -17.47
C PRO F 125 -51.51 24.78 -18.35
N ALA F 126 -52.24 23.77 -18.78
CA ALA F 126 -51.70 22.82 -19.73
C ALA F 126 -51.34 23.47 -21.08
N ILE F 127 -52.17 24.39 -21.55
CA ILE F 127 -51.93 25.05 -22.83
C ILE F 127 -50.65 25.89 -22.76
N ILE F 128 -50.57 26.71 -21.71
CA ILE F 128 -49.42 27.57 -21.46
C ILE F 128 -48.19 26.69 -21.25
N ASP F 129 -48.36 25.56 -20.56
CA ASP F 129 -47.24 24.68 -20.35
C ASP F 129 -46.73 24.11 -21.66
N CYS F 130 -47.65 23.90 -22.59
CA CYS F 130 -47.32 23.29 -23.85
C CYS F 130 -46.40 24.21 -24.67
N TRP F 131 -46.77 25.48 -24.74
CA TRP F 131 -45.95 26.43 -25.47
C TRP F 131 -44.58 26.47 -24.85
N ARG F 132 -44.51 26.48 -23.50
CA ARG F 132 -43.22 26.51 -22.83
C ARG F 132 -42.45 25.22 -23.06
N PHE F 133 -43.11 24.07 -23.02
CA PHE F 133 -42.38 22.83 -23.25
C PHE F 133 -41.69 22.88 -24.60
N PHE F 134 -42.42 23.33 -25.61
CA PHE F 134 -41.89 23.25 -26.97
C PHE F 134 -40.72 24.20 -27.20
N ALA F 135 -40.79 25.38 -26.58
CA ALA F 135 -39.65 26.30 -26.55
C ALA F 135 -38.38 25.59 -26.07
N GLY F 136 -38.53 24.74 -25.06
CA GLY F 136 -37.45 23.89 -24.67
C GLY F 136 -37.10 22.82 -25.69
N ALA F 137 -38.11 22.18 -26.28
CA ALA F 137 -37.82 21.03 -27.13
C ALA F 137 -37.06 21.48 -28.38
N VAL F 138 -37.41 22.68 -28.86
CA VAL F 138 -36.75 23.29 -30.02
C VAL F 138 -35.23 23.38 -29.96
N ARG F 139 -34.69 23.56 -28.74
CA ARG F 139 -33.25 23.67 -28.53
C ARG F 139 -32.63 22.37 -28.06
N ASN F 140 -33.32 21.25 -28.23
CA ASN F 140 -32.86 20.03 -27.58
C ASN F 140 -33.04 18.78 -28.45
N LEU F 141 -33.02 18.94 -29.77
CA LEU F 141 -33.09 17.80 -30.68
C LEU F 141 -31.75 17.04 -30.71
N HIS F 142 -31.82 15.72 -30.80
CA HIS F 142 -30.66 14.83 -30.80
C HIS F 142 -30.66 14.05 -32.07
N ALA F 143 -29.53 13.39 -32.38
CA ALA F 143 -29.35 12.64 -33.63
C ALA F 143 -28.05 11.85 -33.46
N PRO F 144 -27.79 10.85 -34.34
CA PRO F 144 -26.48 10.15 -34.19
C PRO F 144 -25.35 11.18 -34.21
N ALA F 145 -24.25 10.91 -33.53
CA ALA F 145 -23.19 11.91 -33.41
C ALA F 145 -22.48 12.13 -34.75
N ALA F 146 -21.87 13.32 -34.90
CA ALA F 146 -21.00 13.58 -36.05
C ALA F 146 -19.70 12.82 -35.95
N GLY F 147 -19.03 12.63 -37.09
CA GLY F 147 -17.72 11.97 -37.08
C GLY F 147 -17.42 11.34 -38.41
N GLU F 148 -16.34 10.57 -38.45
CA GLU F 148 -15.97 9.93 -39.70
C GLU F 148 -16.44 8.49 -39.68
N TYR F 149 -17.62 8.26 -40.25
CA TYR F 149 -18.10 6.89 -40.33
C TYR F 149 -17.46 6.16 -41.50
N LEU F 150 -17.08 6.93 -42.52
CA LEU F 150 -16.33 6.45 -43.65
C LEU F 150 -15.00 7.18 -43.58
N PRO F 151 -13.86 6.49 -43.85
CA PRO F 151 -12.56 7.13 -43.72
C PRO F 151 -12.49 8.39 -44.57
N GLY F 152 -11.99 9.47 -43.99
CA GLY F 152 -11.79 10.73 -44.71
C GLY F 152 -13.04 11.55 -45.01
N HIS F 153 -14.18 11.19 -44.42
CA HIS F 153 -15.44 11.90 -44.66
C HIS F 153 -16.09 12.23 -43.35
N THR F 154 -16.43 13.50 -43.12
CA THR F 154 -17.09 13.90 -41.88
C THR F 154 -18.59 14.00 -42.12
N SER F 155 -19.35 13.21 -41.35
CA SER F 155 -20.79 13.19 -41.46
C SER F 155 -21.43 13.88 -40.27
N ILE F 157 -25.74 15.06 -38.79
CA ILE F 157 -27.19 14.95 -38.99
C ILE F 157 -27.85 16.22 -38.49
N ARG F 158 -28.66 16.81 -39.35
CA ARG F 158 -29.36 18.03 -39.07
C ARG F 158 -30.82 17.63 -39.04
N ARG F 159 -31.66 18.40 -38.35
CA ARG F 159 -33.10 18.25 -38.53
C ARG F 159 -33.62 19.61 -38.92
N ASP F 160 -34.10 19.70 -40.16
CA ASP F 160 -34.47 20.97 -40.74
C ASP F 160 -35.97 21.10 -40.97
N PRO F 161 -36.42 22.31 -41.30
CA PRO F 161 -37.83 22.50 -41.54
C PRO F 161 -38.30 21.71 -42.77
N ILE F 162 -39.58 21.37 -42.80
CA ILE F 162 -40.15 20.68 -43.95
C ILE F 162 -40.72 21.65 -45.00
N GLY F 163 -41.55 22.60 -44.57
CA GLY F 163 -42.19 23.51 -45.50
C GLY F 163 -43.42 24.17 -44.91
N ILE F 164 -44.46 24.29 -45.73
CA ILE F 164 -45.73 24.88 -45.33
C ILE F 164 -46.63 23.78 -44.79
N VAL F 165 -47.15 23.98 -43.58
CA VAL F 165 -48.06 23.02 -42.96
C VAL F 165 -49.49 23.56 -43.07
N GLY F 166 -50.40 22.75 -43.62
CA GLY F 166 -51.85 23.00 -43.43
C GLY F 166 -52.34 22.23 -42.21
N SER F 167 -52.93 22.94 -41.26
CA SER F 167 -53.36 22.33 -39.99
C SER F 167 -54.83 22.58 -39.72
N ILE F 168 -55.49 21.53 -39.26
CA ILE F 168 -56.90 21.60 -38.98
C ILE F 168 -57.15 21.02 -37.61
N ALA F 169 -57.89 21.79 -36.81
CA ALA F 169 -58.21 21.41 -35.46
C ALA F 169 -59.66 21.00 -35.34
N PRO F 170 -59.95 20.01 -34.46
CA PRO F 170 -61.30 19.64 -34.07
C PRO F 170 -61.86 20.61 -33.03
N TRP F 171 -63.10 20.40 -32.63
CA TRP F 171 -63.83 21.33 -31.78
C TRP F 171 -63.76 21.01 -30.31
N ASN F 172 -63.23 19.83 -29.97
CA ASN F 172 -63.27 19.36 -28.58
C ASN F 172 -62.37 20.08 -27.60
N TYR F 173 -61.19 20.48 -28.04
CA TYR F 173 -60.37 21.44 -27.26
C TYR F 173 -59.75 22.49 -28.20
N PRO F 174 -60.56 23.47 -28.64
CA PRO F 174 -60.07 24.42 -29.65
C PRO F 174 -58.65 24.97 -29.37
N LEU F 175 -58.48 25.65 -28.24
CA LEU F 175 -57.23 26.34 -27.95
C LEU F 175 -56.04 25.43 -27.71
N ALA F 179 -52.47 24.86 -29.83
CA ALA F 179 -51.14 24.71 -29.26
C ALA F 179 -50.47 23.47 -29.83
N TRP F 180 -51.10 22.30 -29.69
CA TRP F 180 -50.51 21.07 -30.27
C TRP F 180 -50.17 21.26 -31.72
N LYS F 181 -51.06 21.86 -32.51
CA LYS F 181 -50.77 22.02 -33.94
C LYS F 181 -49.65 23.01 -34.30
N LEU F 182 -49.71 24.25 -33.77
CA LEU F 182 -48.78 25.35 -34.07
C LEU F 182 -47.37 25.26 -33.46
N ALA F 183 -47.29 25.02 -32.15
CA ALA F 183 -46.02 25.11 -31.43
C ALA F 183 -44.95 24.28 -32.07
N PRO F 184 -45.17 22.96 -32.25
CA PRO F 184 -44.10 22.16 -32.88
C PRO F 184 -43.89 22.50 -34.37
N ALA F 185 -44.93 22.91 -35.08
CA ALA F 185 -44.77 23.19 -36.51
C ALA F 185 -43.90 24.40 -36.75
N ILE F 186 -44.23 25.49 -36.06
CA ILE F 186 -43.51 26.75 -36.02
C ILE F 186 -42.13 26.49 -35.45
N GLY F 187 -42.08 25.83 -34.30
CA GLY F 187 -40.83 25.53 -33.64
C GLY F 187 -39.81 24.79 -34.49
N GLY F 188 -40.26 23.88 -35.35
CA GLY F 188 -39.36 23.18 -36.25
C GLY F 188 -38.96 24.03 -37.44
N GLY F 189 -39.47 25.26 -37.49
CA GLY F 189 -39.10 26.21 -38.53
C GLY F 189 -39.97 26.13 -39.78
N ASN F 190 -41.08 25.40 -39.67
CA ASN F 190 -42.08 25.46 -40.73
C ASN F 190 -42.96 26.71 -40.61
N THR F 191 -43.69 27.03 -41.67
CA THR F 191 -44.76 28.02 -41.58
C THR F 191 -46.08 27.29 -41.77
N VAL F 192 -47.15 27.94 -41.34
CA VAL F 192 -48.40 27.26 -41.03
C VAL F 192 -49.64 28.05 -41.51
N VAL F 193 -50.54 27.34 -42.20
CA VAL F 193 -51.90 27.87 -42.36
C VAL F 193 -52.83 26.97 -41.51
N PHE F 194 -53.50 27.61 -40.56
CA PHE F 194 -54.28 26.91 -39.57
C PHE F 194 -55.76 27.24 -39.72
N LYS F 195 -56.60 26.22 -39.55
CA LYS F 195 -58.03 26.39 -39.56
C LYS F 195 -58.60 25.71 -38.32
N PRO F 196 -59.26 26.49 -37.45
CA PRO F 196 -59.96 25.83 -36.36
C PRO F 196 -61.26 25.19 -36.89
N SER F 197 -61.94 24.45 -36.02
CA SER F 197 -63.16 23.77 -36.40
C SER F 197 -64.26 24.80 -36.70
N GLU F 198 -65.21 24.43 -37.55
CA GLU F 198 -66.19 25.39 -38.04
C GLU F 198 -66.91 26.15 -36.93
N GLN F 199 -67.28 25.41 -35.88
CA GLN F 199 -68.12 25.96 -34.81
C GLN F 199 -67.35 26.61 -33.66
N THR F 200 -66.05 26.34 -33.58
CA THR F 200 -65.20 26.78 -32.48
C THR F 200 -63.95 27.57 -32.92
N PRO F 201 -64.15 28.67 -33.66
CA PRO F 201 -62.97 29.42 -34.10
C PRO F 201 -62.59 30.59 -33.21
N LEU F 202 -63.33 30.81 -32.13
CA LEU F 202 -63.21 32.07 -31.41
C LEU F 202 -61.87 32.20 -30.69
N THR F 203 -61.45 31.20 -29.94
CA THR F 203 -60.15 31.33 -29.28
C THR F 203 -58.97 31.47 -30.25
N ALA F 204 -59.06 30.80 -31.41
CA ALA F 204 -58.04 30.89 -32.46
C ALA F 204 -57.93 32.32 -33.03
N LEU F 205 -59.06 32.99 -33.22
CA LEU F 205 -59.04 34.37 -33.72
C LEU F 205 -58.47 35.36 -32.71
N LYS F 206 -58.84 35.19 -31.45
CA LYS F 206 -58.22 35.90 -30.34
C LYS F 206 -56.69 35.71 -30.22
N LEU F 207 -56.21 34.49 -30.43
CA LEU F 207 -54.80 34.19 -30.28
C LEU F 207 -54.01 34.71 -31.50
N ALA F 208 -54.60 34.62 -32.69
CA ALA F 208 -53.94 35.10 -33.89
C ALA F 208 -53.58 36.59 -33.79
N ARG F 209 -54.42 37.37 -33.10
CA ARG F 209 -54.11 38.76 -32.83
C ARG F 209 -52.84 38.88 -31.98
N LEU F 210 -52.75 38.10 -30.91
CA LEU F 210 -51.55 38.14 -30.10
C LEU F 210 -50.29 37.64 -30.82
N ILE F 211 -50.43 36.56 -31.58
CA ILE F 211 -49.32 35.99 -32.36
C ILE F 211 -48.82 36.97 -33.46
N ALA F 212 -49.73 37.75 -34.05
CA ALA F 212 -49.34 38.69 -35.11
C ALA F 212 -48.42 39.79 -34.59
N ASP F 213 -48.52 40.08 -33.29
CA ASP F 213 -47.62 41.06 -32.71
C ASP F 213 -46.27 40.45 -32.32
N ILE F 214 -46.13 39.14 -32.50
CA ILE F 214 -44.97 38.44 -31.98
C ILE F 214 -44.14 37.83 -33.10
N LEU F 215 -44.76 37.08 -34.02
CA LEU F 215 -44.03 36.38 -35.07
C LEU F 215 -43.93 37.30 -36.28
N PRO F 216 -43.01 36.98 -37.19
CA PRO F 216 -43.00 37.70 -38.46
C PRO F 216 -44.31 37.49 -39.23
N GLU F 217 -44.63 38.40 -40.14
CA GLU F 217 -45.85 38.23 -40.92
C GLU F 217 -45.75 36.92 -41.72
N GLY F 218 -46.85 36.20 -41.81
CA GLY F 218 -46.85 35.01 -42.66
C GLY F 218 -46.42 33.70 -42.03
N VAL F 219 -45.73 33.74 -40.88
CA VAL F 219 -45.30 32.49 -40.20
C VAL F 219 -46.52 31.71 -39.70
N VAL F 220 -47.46 32.41 -39.09
CA VAL F 220 -48.76 31.79 -38.80
C VAL F 220 -49.85 32.52 -39.55
N ASN F 221 -50.74 31.75 -40.16
CA ASN F 221 -51.94 32.32 -40.78
C ASN F 221 -53.16 31.56 -40.32
N VAL F 222 -54.26 32.28 -40.09
CA VAL F 222 -55.47 31.66 -39.56
C VAL F 222 -56.67 31.93 -40.44
N ILE F 223 -57.24 30.85 -40.96
CA ILE F 223 -58.44 30.92 -41.77
C ILE F 223 -59.52 30.13 -41.06
N THR F 224 -60.77 30.38 -41.44
CA THR F 224 -61.91 29.70 -40.84
C THR F 224 -62.86 29.15 -41.91
N GLY F 225 -63.70 28.21 -41.51
CA GLY F 225 -64.80 27.76 -42.35
C GLY F 225 -65.04 26.26 -42.36
N ARG F 226 -65.95 25.84 -43.24
CA ARG F 226 -66.38 24.46 -43.30
C ARG F 226 -65.26 23.55 -43.76
N GLY F 227 -65.21 22.35 -43.19
CA GLY F 227 -64.28 21.33 -43.64
C GLY F 227 -64.45 20.95 -45.10
N GLU F 228 -65.69 20.95 -45.61
CA GLU F 228 -66.01 20.50 -46.99
C GLU F 228 -65.56 21.50 -48.06
N THR F 229 -65.44 22.77 -47.67
CA THR F 229 -65.01 23.83 -48.57
C THR F 229 -63.59 24.34 -48.23
N VAL F 230 -63.50 25.17 -47.21
CA VAL F 230 -62.23 25.74 -46.74
C VAL F 230 -61.17 24.68 -46.39
N GLY F 231 -61.55 23.67 -45.61
CA GLY F 231 -60.62 22.61 -45.23
C GLY F 231 -60.10 21.86 -46.44
N ASN F 232 -61.01 21.50 -47.31
CA ASN F 232 -60.71 20.83 -48.56
C ASN F 232 -59.77 21.61 -49.48
N ALA F 233 -59.93 22.93 -49.56
CA ALA F 233 -59.05 23.73 -50.42
C ALA F 233 -57.65 23.83 -49.82
N LEU F 234 -57.56 23.74 -48.49
CA LEU F 234 -56.27 23.85 -47.81
C LEU F 234 -55.43 22.58 -47.93
N ILE F 235 -56.04 21.42 -47.69
CA ILE F 235 -55.32 20.15 -47.82
C ILE F 235 -55.00 19.77 -49.27
N ASN F 236 -55.60 20.48 -50.24
CA ASN F 236 -55.35 20.18 -51.65
C ASN F 236 -54.50 21.22 -52.36
N HIS F 237 -53.99 22.18 -51.61
CA HIS F 237 -53.18 23.20 -52.21
C HIS F 237 -51.80 22.70 -52.61
N PRO F 238 -51.39 23.01 -53.85
CA PRO F 238 -50.09 22.57 -54.38
C PRO F 238 -48.89 22.94 -53.50
N LYS F 239 -48.91 24.09 -52.85
CA LYS F 239 -47.75 24.55 -52.08
C LYS F 239 -47.67 23.99 -50.65
N VAL F 240 -48.72 23.32 -50.19
CA VAL F 240 -48.79 22.73 -48.85
C VAL F 240 -48.08 21.37 -48.84
N GLY F 241 -46.99 21.28 -48.09
CA GLY F 241 -46.12 20.09 -48.14
C GLY F 241 -46.44 19.07 -47.07
N VAL F 243 -49.71 17.94 -44.17
CA VAL F 243 -51.00 18.21 -43.57
C VAL F 243 -51.18 17.55 -42.22
N SER F 244 -51.65 18.33 -41.26
CA SER F 244 -51.96 17.79 -39.94
C SER F 244 -53.40 18.00 -39.55
N ILE F 245 -54.02 16.91 -39.09
CA ILE F 245 -55.42 16.95 -38.70
C ILE F 245 -55.68 16.01 -37.53
N THR F 246 -56.49 16.47 -36.58
CA THR F 246 -57.08 15.63 -35.54
C THR F 246 -58.58 15.72 -35.76
N GLY F 247 -59.18 14.58 -36.07
CA GLY F 247 -60.61 14.48 -36.29
C GLY F 247 -60.99 13.01 -36.23
N ASP F 248 -61.97 12.62 -37.04
CA ASP F 248 -62.52 11.26 -37.04
C ASP F 248 -62.02 10.52 -38.25
N ILE F 249 -62.14 9.19 -38.24
CA ILE F 249 -61.47 8.35 -39.24
C ILE F 249 -61.86 8.75 -40.64
N ALA F 250 -63.12 9.09 -40.84
CA ALA F 250 -63.61 9.51 -42.16
C ALA F 250 -62.77 10.68 -42.70
N THR F 251 -62.57 11.69 -41.87
CA THR F 251 -61.79 12.86 -42.26
C THR F 251 -60.36 12.46 -42.58
N GLY F 252 -59.77 11.66 -41.70
CA GLY F 252 -58.46 11.08 -41.95
C GLY F 252 -58.42 10.42 -43.30
N LYS F 253 -59.47 9.67 -43.63
CA LYS F 253 -59.45 8.91 -44.89
C LYS F 253 -59.49 9.80 -46.13
N LYS F 254 -60.17 10.94 -46.03
CA LYS F 254 -60.15 11.89 -47.13
C LYS F 254 -58.89 12.77 -47.14
N VAL F 255 -58.36 13.13 -45.97
CA VAL F 255 -57.03 13.75 -45.93
C VAL F 255 -55.98 12.85 -46.59
N LEU F 256 -56.00 11.58 -46.23
CA LEU F 256 -55.05 10.62 -46.81
C LEU F 256 -55.29 10.46 -48.30
N ALA F 257 -56.54 10.44 -48.74
CA ALA F 257 -56.82 10.27 -50.16
C ALA F 257 -56.34 11.43 -51.00
N ALA F 258 -56.44 12.63 -50.45
CA ALA F 258 -55.95 13.88 -51.05
C ALA F 258 -54.43 13.94 -51.16
N ALA F 259 -53.74 13.45 -50.13
CA ALA F 259 -52.29 13.56 -50.04
C ALA F 259 -51.58 12.62 -51.01
N ALA F 260 -52.25 11.52 -51.32
CA ALA F 260 -51.85 10.53 -52.31
C ALA F 260 -51.60 11.14 -53.67
N LYS F 261 -52.26 12.28 -53.93
CA LYS F 261 -52.23 12.93 -55.24
C LYS F 261 -50.96 13.72 -55.41
N THR F 262 -50.30 14.02 -54.30
CA THR F 262 -49.12 14.91 -54.30
C THR F 262 -47.93 14.35 -53.49
N VAL F 263 -48.12 13.16 -52.94
CA VAL F 263 -47.20 12.61 -51.93
C VAL F 263 -46.92 13.58 -50.77
N LYS F 264 -47.95 14.32 -50.31
CA LYS F 264 -47.83 15.17 -49.11
C LYS F 264 -47.57 14.37 -47.82
N ARG F 265 -46.80 14.94 -46.88
CA ARG F 265 -46.66 14.36 -45.56
C ARG F 265 -47.95 14.53 -44.80
N THR F 266 -48.26 13.56 -43.95
CA THR F 266 -49.46 13.61 -43.13
C THR F 266 -49.11 13.31 -41.68
N HIS F 267 -49.83 14.00 -40.80
CA HIS F 267 -49.75 13.85 -39.36
C HIS F 267 -51.18 13.74 -38.90
N LEU F 268 -51.59 12.54 -38.52
CA LEU F 268 -52.97 12.17 -38.29
C LEU F 268 -53.28 11.59 -36.91
N GLU F 269 -54.37 12.07 -36.32
CA GLU F 269 -54.88 11.52 -35.08
C GLU F 269 -56.38 11.39 -35.27
N LEU F 270 -56.85 10.14 -35.30
CA LEU F 270 -58.21 9.85 -35.77
C LEU F 270 -59.13 9.23 -34.71
N GLY F 271 -58.84 9.54 -33.45
CA GLY F 271 -59.71 9.11 -32.38
C GLY F 271 -59.37 7.73 -31.87
N GLY F 272 -60.14 7.32 -30.86
CA GLY F 272 -59.83 6.11 -30.13
C GLY F 272 -61.00 5.49 -29.43
N LYS F 273 -60.76 4.30 -28.94
CA LYS F 273 -61.73 3.58 -28.15
C LYS F 273 -60.94 2.97 -27.01
N ALA F 274 -60.61 3.80 -26.02
CA ALA F 274 -59.68 3.39 -24.98
C ALA F 274 -60.22 2.22 -24.17
N PRO F 275 -59.51 1.09 -24.19
CA PRO F 275 -59.85 -0.05 -23.36
C PRO F 275 -59.44 0.20 -21.93
N VAL F 276 -60.32 -0.13 -20.99
CA VAL F 276 -60.03 0.02 -19.58
C VAL F 276 -60.14 -1.36 -18.97
N ILE F 277 -59.00 -2.01 -18.73
CA ILE F 277 -59.00 -3.35 -18.16
C ILE F 277 -59.03 -3.33 -16.62
N VAL F 278 -60.10 -3.86 -16.05
CA VAL F 278 -60.22 -3.94 -14.59
C VAL F 278 -60.14 -5.40 -14.18
N TYR F 279 -59.06 -5.76 -13.51
CA TYR F 279 -58.90 -7.14 -13.04
C TYR F 279 -59.57 -7.31 -11.68
N GLY F 280 -59.71 -8.57 -11.24
CA GLY F 280 -60.31 -8.97 -9.96
C GLY F 280 -59.87 -8.21 -8.73
N ASP F 281 -58.59 -7.84 -8.67
CA ASP F 281 -58.00 -7.18 -7.50
C ASP F 281 -57.84 -5.66 -7.58
N ALA F 282 -58.70 -4.99 -8.35
CA ALA F 282 -58.58 -3.55 -8.54
C ALA F 282 -59.17 -2.79 -7.37
N ASP F 283 -58.61 -1.62 -7.06
CA ASP F 283 -59.27 -0.66 -6.18
C ASP F 283 -60.52 -0.13 -6.88
N LEU F 284 -61.67 -0.65 -6.50
CA LEU F 284 -62.90 -0.42 -7.23
C LEU F 284 -63.51 0.97 -7.02
N GLU F 285 -63.26 1.60 -5.87
CA GLU F 285 -63.66 2.99 -5.64
C GLU F 285 -62.85 3.91 -6.57
N ALA F 286 -61.52 3.69 -6.59
CA ALA F 286 -60.61 4.36 -7.54
C ALA F 286 -61.07 4.16 -8.98
N VAL F 287 -61.27 2.91 -9.39
CA VAL F 287 -61.76 2.59 -10.74
C VAL F 287 -63.02 3.39 -11.11
N VAL F 288 -64.04 3.29 -10.26
CA VAL F 288 -65.32 3.98 -10.50
C VAL F 288 -65.08 5.48 -10.65
N ASN F 289 -64.31 6.05 -9.73
CA ASN F 289 -63.97 7.45 -9.80
C ASN F 289 -63.22 7.87 -11.05
N GLY F 290 -62.26 7.05 -11.47
CA GLY F 290 -61.55 7.28 -12.71
C GLY F 290 -62.53 7.30 -13.87
N ILE F 291 -63.35 6.25 -13.99
CA ILE F 291 -64.28 6.18 -15.11
C ILE F 291 -65.32 7.32 -15.06
N ARG F 292 -65.76 7.66 -13.84
CA ARG F 292 -66.72 8.76 -13.66
C ARG F 292 -66.17 10.08 -14.18
N THR F 293 -64.88 10.32 -13.92
CA THR F 293 -64.19 11.53 -14.36
C THR F 293 -63.83 11.41 -15.83
N PHE F 294 -63.03 10.40 -16.15
CA PHE F 294 -62.30 10.34 -17.43
C PHE F 294 -63.08 9.66 -18.55
N GLY F 295 -64.24 9.10 -18.25
CA GLY F 295 -65.12 8.55 -19.29
C GLY F 295 -66.09 9.61 -19.75
N TYR F 296 -66.20 10.68 -18.95
CA TYR F 296 -67.25 11.68 -19.11
C TYR F 296 -66.75 13.11 -19.19
N TYR F 297 -65.49 13.33 -18.82
CA TYR F 297 -64.85 14.65 -18.97
C TYR F 297 -65.07 15.16 -20.39
N ASN F 298 -65.28 16.48 -20.51
CA ASN F 298 -65.53 17.14 -21.81
C ASN F 298 -66.73 16.54 -22.55
N ALA F 299 -67.67 16.00 -21.78
CA ALA F 299 -68.82 15.23 -22.26
C ALA F 299 -68.43 13.99 -23.08
N GLY F 300 -67.31 13.35 -22.71
CA GLY F 300 -66.79 12.20 -23.46
C GLY F 300 -66.32 12.54 -24.86
N GLN F 301 -66.26 13.84 -25.15
CA GLN F 301 -65.74 14.37 -26.42
C GLN F 301 -64.22 14.48 -26.31
N ASP F 302 -63.56 13.32 -26.37
CA ASP F 302 -62.15 13.21 -26.08
C ASP F 302 -61.68 11.86 -26.60
N CYS F 303 -60.68 11.92 -27.47
CA CYS F 303 -60.02 10.74 -28.04
C CYS F 303 -59.52 9.69 -27.01
N THR F 304 -59.24 10.13 -25.78
CA THR F 304 -58.70 9.25 -24.73
C THR F 304 -59.72 8.78 -23.65
N ALA F 305 -61.02 9.01 -23.87
CA ALA F 305 -62.07 8.72 -22.87
C ALA F 305 -62.06 7.27 -22.40
N ALA F 306 -62.25 7.08 -21.10
CA ALA F 306 -62.35 5.74 -20.51
C ALA F 306 -63.73 5.15 -20.83
N CYS F 307 -63.84 4.48 -21.97
CA CYS F 307 -65.17 4.19 -22.48
C CYS F 307 -65.38 2.76 -22.97
N ARG F 308 -64.32 1.98 -23.09
CA ARG F 308 -64.50 0.57 -23.45
C ARG F 308 -63.94 -0.35 -22.37
N ILE F 309 -64.83 -0.80 -21.47
CA ILE F 309 -64.41 -1.44 -20.22
C ILE F 309 -64.47 -2.95 -20.24
N TYR F 310 -63.35 -3.56 -19.83
CA TYR F 310 -63.24 -5.00 -19.68
C TYR F 310 -63.05 -5.26 -18.20
N ALA F 311 -63.94 -6.07 -17.63
CA ALA F 311 -64.00 -6.26 -16.20
C ALA F 311 -64.09 -7.73 -15.85
N GLU F 312 -63.22 -8.17 -14.94
CA GLU F 312 -63.14 -9.58 -14.60
C GLU F 312 -64.40 -10.04 -13.92
N ALA F 313 -64.76 -11.30 -14.19
CA ALA F 313 -65.99 -11.91 -13.71
C ALA F 313 -66.33 -11.60 -12.25
N GLY F 314 -65.35 -11.70 -11.36
CA GLY F 314 -65.60 -11.59 -9.91
C GLY F 314 -66.05 -10.22 -9.43
N ILE F 315 -65.90 -9.19 -10.25
CA ILE F 315 -66.29 -7.85 -9.83
C ILE F 315 -67.31 -7.19 -10.76
N TYR F 316 -67.57 -7.85 -11.88
CA TYR F 316 -68.42 -7.30 -12.94
C TYR F 316 -69.69 -6.63 -12.42
N GLU F 317 -70.46 -7.36 -11.63
CA GLU F 317 -71.77 -6.90 -11.13
C GLU F 317 -71.59 -5.67 -10.25
N LYS F 318 -70.76 -5.82 -9.22
CA LYS F 318 -70.38 -4.74 -8.31
C LYS F 318 -69.88 -3.50 -9.06
N LEU F 319 -69.06 -3.70 -10.10
CA LEU F 319 -68.51 -2.57 -10.87
C LEU F 319 -69.61 -1.86 -11.65
N VAL F 320 -70.40 -2.63 -12.40
CA VAL F 320 -71.50 -2.08 -13.15
C VAL F 320 -72.40 -1.25 -12.23
N ALA F 321 -72.79 -1.86 -11.11
CA ALA F 321 -73.66 -1.23 -10.13
C ALA F 321 -73.08 0.06 -9.53
N ASP F 322 -71.85 -0.03 -9.04
CA ASP F 322 -71.18 1.11 -8.39
C ASP F 322 -70.89 2.27 -9.33
N LEU F 323 -70.72 1.94 -10.61
CA LEU F 323 -70.53 2.95 -11.65
C LEU F 323 -71.85 3.65 -11.98
N THR F 324 -72.88 2.87 -12.27
CA THR F 324 -74.22 3.38 -12.49
C THR F 324 -74.60 4.42 -11.43
N SER F 325 -74.24 4.13 -10.18
CA SER F 325 -74.64 4.96 -9.04
C SER F 325 -73.87 6.29 -8.98
N ALA F 326 -72.57 6.24 -9.25
CA ALA F 326 -71.72 7.44 -9.31
C ALA F 326 -71.92 8.28 -10.58
N VAL F 327 -72.22 7.61 -11.70
CA VAL F 327 -72.47 8.30 -12.97
C VAL F 327 -73.77 9.12 -12.92
N SER F 328 -74.79 8.60 -12.25
CA SER F 328 -76.08 9.28 -12.12
C SER F 328 -76.01 10.59 -11.31
N THR F 329 -74.92 10.82 -10.59
CA THR F 329 -74.74 12.07 -9.83
C THR F 329 -73.92 13.15 -10.57
N ILE F 330 -73.44 12.83 -11.78
CA ILE F 330 -72.65 13.79 -12.58
C ILE F 330 -73.48 15.04 -12.85
N ARG F 331 -72.92 16.18 -12.46
CA ARG F 331 -73.64 17.44 -12.55
C ARG F 331 -73.29 18.14 -13.87
N TYR F 332 -74.34 18.63 -14.54
CA TYR F 332 -74.24 19.28 -15.84
C TYR F 332 -75.47 20.18 -16.06
N ASN F 333 -75.33 21.23 -16.85
CA ASN F 333 -76.41 22.18 -17.20
C ASN F 333 -77.04 22.88 -16.00
N LEU F 334 -76.20 23.27 -15.04
CA LEU F 334 -76.67 24.02 -13.88
C LEU F 334 -76.54 25.53 -14.09
N ASP F 335 -77.42 26.29 -13.43
CA ASP F 335 -77.36 27.75 -13.43
C ASP F 335 -75.99 28.26 -12.99
N ASP F 336 -75.32 27.49 -12.12
CA ASP F 336 -74.05 27.90 -11.54
C ASP F 336 -72.90 27.09 -12.14
N ASP F 337 -72.33 27.64 -13.22
CA ASP F 337 -71.25 26.99 -13.98
C ASP F 337 -70.11 26.44 -13.10
N THR F 338 -69.92 27.09 -11.95
CA THR F 338 -69.14 26.59 -10.79
C THR F 338 -69.36 25.11 -10.45
N GLU F 339 -70.63 24.69 -10.42
CA GLU F 339 -71.01 23.36 -9.94
C GLU F 339 -71.15 22.32 -11.07
N ASN F 340 -70.99 22.76 -12.31
CA ASN F 340 -71.02 21.86 -13.46
C ASN F 340 -69.72 21.06 -13.62
N GLU F 341 -69.88 19.75 -13.81
CA GLU F 341 -68.74 18.85 -13.99
C GLU F 341 -68.46 18.58 -15.48
N ILE F 342 -69.53 18.48 -16.27
CA ILE F 342 -69.40 18.34 -17.73
C ILE F 342 -70.38 19.25 -18.47
N GLY F 343 -70.01 19.57 -19.71
CA GLY F 343 -70.86 20.35 -20.60
C GLY F 343 -71.63 19.49 -21.58
N PRO F 344 -72.18 20.13 -22.64
CA PRO F 344 -73.00 19.47 -23.65
C PRO F 344 -72.16 18.91 -24.79
N LEU F 345 -72.81 18.34 -25.79
CA LEU F 345 -72.13 18.08 -27.05
C LEU F 345 -72.05 19.37 -27.87
N ILE F 346 -71.22 19.38 -28.91
CA ILE F 346 -70.92 20.62 -29.63
C ILE F 346 -72.12 21.19 -30.42
N SER F 347 -72.89 20.30 -31.03
CA SER F 347 -73.97 20.69 -31.93
C SER F 347 -75.16 19.73 -31.80
N ARG F 348 -76.26 20.06 -32.49
CA ARG F 348 -77.41 19.17 -32.64
C ARG F 348 -77.02 17.84 -33.29
N ARG F 349 -76.26 17.92 -34.39
CA ARG F 349 -75.77 16.73 -35.11
C ARG F 349 -74.95 15.77 -34.26
N GLN F 350 -74.11 16.30 -33.37
CA GLN F 350 -73.32 15.44 -32.49
C GLN F 350 -74.19 14.76 -31.42
N ARG F 351 -75.13 15.49 -30.81
CA ARG F 351 -76.07 14.90 -29.84
C ARG F 351 -76.99 13.85 -30.45
N ASP F 352 -77.39 14.06 -31.71
CA ASP F 352 -78.23 13.10 -32.42
C ASP F 352 -77.44 11.89 -32.94
N ARG F 353 -76.14 12.08 -33.12
CA ARG F 353 -75.22 10.99 -33.49
C ARG F 353 -74.97 10.07 -32.30
N VAL F 354 -74.88 10.66 -31.11
CA VAL F 354 -74.68 9.94 -29.86
C VAL F 354 -75.93 9.15 -29.45
N ALA F 355 -77.09 9.81 -29.46
CA ALA F 355 -78.37 9.18 -29.12
C ALA F 355 -78.65 7.98 -30.02
N SER F 356 -78.26 8.11 -31.28
CA SER F 356 -78.33 7.04 -32.26
C SER F 356 -77.53 5.81 -31.80
N PHE F 357 -76.24 6.01 -31.50
CA PHE F 357 -75.39 4.95 -30.97
C PHE F 357 -76.05 4.28 -29.76
N VAL F 358 -76.65 5.10 -28.91
CA VAL F 358 -77.34 4.59 -27.72
C VAL F 358 -78.58 3.81 -28.14
N GLU F 359 -79.35 4.35 -29.08
CA GLU F 359 -80.57 3.67 -29.56
C GLU F 359 -80.23 2.26 -30.04
N ARG F 360 -79.24 2.16 -30.93
CA ARG F 360 -78.86 0.87 -31.51
C ARG F 360 -78.35 -0.14 -30.48
N ALA F 361 -77.72 0.38 -29.43
CA ALA F 361 -77.20 -0.44 -28.33
C ALA F 361 -78.28 -1.09 -27.46
N ALA F 362 -79.36 -0.37 -27.20
CA ALA F 362 -80.47 -0.87 -26.36
C ALA F 362 -81.32 -1.93 -27.06
N ASP F 363 -81.34 -1.90 -28.40
CA ASP F 363 -82.09 -2.87 -29.21
C ASP F 363 -81.46 -4.25 -29.19
N GLN F 364 -80.34 -4.40 -28.50
CA GLN F 364 -79.69 -5.69 -28.37
C GLN F 364 -80.18 -6.46 -27.14
N LYS F 365 -80.37 -7.76 -27.34
CA LYS F 365 -80.85 -8.68 -26.30
C LYS F 365 -80.05 -8.53 -25.01
N HIS F 366 -78.75 -8.85 -25.08
CA HIS F 366 -77.87 -9.02 -23.92
C HIS F 366 -77.51 -7.73 -23.23
N ILE F 367 -77.83 -6.61 -23.88
CA ILE F 367 -77.41 -5.29 -23.40
C ILE F 367 -78.43 -4.66 -22.45
N GLU F 368 -77.93 -4.13 -21.33
CA GLU F 368 -78.71 -3.33 -20.40
C GLU F 368 -78.11 -1.94 -20.26
N ILE F 369 -78.87 -0.90 -20.60
CA ILE F 369 -78.48 0.48 -20.27
C ILE F 369 -78.91 0.78 -18.83
N THR F 370 -77.96 1.11 -17.96
CA THR F 370 -78.26 1.17 -16.52
C THR F 370 -78.56 2.57 -15.97
N THR F 371 -77.97 3.61 -16.52
CA THR F 371 -78.40 4.98 -16.22
C THR F 371 -78.36 5.86 -17.47
N GLY F 372 -79.21 6.88 -17.48
CA GLY F 372 -79.37 7.76 -18.63
C GLY F 372 -79.62 6.96 -19.91
N GLY F 373 -79.23 7.54 -21.04
CA GLY F 373 -79.41 6.91 -22.34
C GLY F 373 -80.32 7.70 -23.25
N ARG F 374 -80.46 9.00 -22.98
CA ARG F 374 -81.33 9.90 -23.76
C ARG F 374 -80.90 11.36 -23.50
N THR F 375 -81.43 12.29 -24.30
CA THR F 375 -81.04 13.71 -24.23
C THR F 375 -81.25 14.32 -22.85
N GLY F 376 -80.29 15.13 -22.42
CA GLY F 376 -80.24 15.65 -21.04
C GLY F 376 -80.75 17.06 -20.83
N SER F 377 -81.28 17.68 -21.89
CA SER F 377 -81.87 19.02 -21.80
C SER F 377 -82.89 19.28 -22.91
N ASP F 378 -83.67 20.34 -22.74
CA ASP F 378 -84.57 20.82 -23.80
C ASP F 378 -83.79 21.73 -24.76
N GLU F 379 -83.16 22.76 -24.18
CA GLU F 379 -82.35 23.72 -24.93
C GLU F 379 -80.89 23.29 -24.94
N GLY F 380 -80.18 23.60 -26.01
CA GLY F 380 -78.79 23.20 -26.16
C GLY F 380 -78.64 21.71 -26.40
N PHE F 381 -77.41 21.22 -26.35
CA PHE F 381 -77.11 19.89 -26.86
C PHE F 381 -76.50 18.95 -25.82
N PHE F 382 -77.01 19.03 -24.59
CA PHE F 382 -76.63 18.09 -23.53
C PHE F 382 -77.14 16.67 -23.79
N PHE F 383 -76.33 15.71 -23.41
CA PHE F 383 -76.73 14.32 -23.39
C PHE F 383 -76.47 13.76 -22.00
N GLN F 384 -77.30 12.81 -21.59
CA GLN F 384 -77.24 12.23 -20.26
C GLN F 384 -76.03 11.29 -20.11
N PRO F 385 -75.30 11.41 -18.98
CA PRO F 385 -74.24 10.44 -18.71
C PRO F 385 -74.80 9.02 -18.69
N THR F 386 -74.19 8.12 -19.45
CA THR F 386 -74.81 6.84 -19.80
C THR F 386 -73.87 5.65 -19.59
N VAL F 387 -74.40 4.58 -19.02
CA VAL F 387 -73.67 3.32 -18.81
C VAL F 387 -74.37 2.23 -19.62
N VAL F 388 -73.59 1.24 -20.06
CA VAL F 388 -74.10 0.18 -20.92
C VAL F 388 -73.45 -1.15 -20.54
N ALA F 389 -74.22 -2.04 -19.91
CA ALA F 389 -73.72 -3.35 -19.46
C ALA F 389 -74.04 -4.52 -20.42
N GLY F 390 -73.16 -5.52 -20.42
CA GLY F 390 -73.43 -6.77 -21.13
C GLY F 390 -72.97 -6.76 -22.58
N ALA F 391 -72.25 -5.71 -22.97
CA ALA F 391 -71.67 -5.61 -24.30
C ALA F 391 -70.68 -6.73 -24.60
N THR F 392 -70.59 -7.11 -25.88
CA THR F 392 -69.69 -8.18 -26.34
C THR F 392 -68.68 -7.57 -27.32
N GLN F 393 -67.63 -8.32 -27.64
CA GLN F 393 -66.65 -7.91 -28.67
C GLN F 393 -67.32 -7.64 -30.02
N GLU F 394 -68.37 -8.41 -30.32
CA GLU F 394 -69.10 -8.29 -31.60
C GLU F 394 -69.94 -7.02 -31.64
N ASP F 395 -70.21 -6.44 -30.47
CA ASP F 395 -71.10 -5.28 -30.37
C ASP F 395 -70.54 -3.98 -30.94
N GLU F 396 -71.42 -3.29 -31.68
CA GLU F 396 -71.21 -1.94 -32.20
C GLU F 396 -70.73 -0.90 -31.16
N ILE F 397 -71.16 -1.05 -29.91
CA ILE F 397 -70.77 -0.14 -28.82
C ILE F 397 -69.33 -0.35 -28.34
N VAL F 398 -68.78 -1.54 -28.62
CA VAL F 398 -67.39 -1.84 -28.30
C VAL F 398 -66.51 -1.50 -29.49
N ARG F 399 -67.00 -1.80 -30.70
CA ARG F 399 -66.21 -1.68 -31.93
C ARG F 399 -65.92 -0.23 -32.38
N ARG F 400 -66.91 0.66 -32.26
CA ARG F 400 -66.82 1.98 -32.89
C ARG F 400 -66.82 3.15 -31.87
N GLU F 401 -66.02 4.18 -32.15
CA GLU F 401 -65.91 5.39 -31.31
C GLU F 401 -67.26 6.08 -31.16
N VAL F 402 -67.62 6.41 -29.93
CA VAL F 402 -68.88 7.08 -29.63
C VAL F 402 -68.73 8.60 -29.55
N PHE F 403 -67.70 9.08 -28.84
CA PHE F 403 -67.45 10.53 -28.69
C PHE F 403 -68.66 11.25 -28.06
N GLY F 404 -69.09 10.70 -26.91
CA GLY F 404 -70.18 11.24 -26.11
C GLY F 404 -70.02 10.76 -24.67
N PRO F 405 -70.94 11.19 -23.77
CA PRO F 405 -70.86 10.81 -22.35
C PRO F 405 -71.36 9.38 -22.14
N VAL F 406 -70.55 8.40 -22.59
CA VAL F 406 -71.03 7.02 -22.78
C VAL F 406 -69.91 5.99 -22.60
N VAL F 407 -70.18 5.04 -21.71
CA VAL F 407 -69.23 4.02 -21.28
C VAL F 407 -69.91 2.66 -21.34
N SER F 408 -69.21 1.63 -21.83
CA SER F 408 -69.76 0.27 -21.92
C SER F 408 -68.96 -0.72 -21.07
N VAL F 409 -69.61 -1.73 -20.49
CA VAL F 409 -68.88 -2.74 -19.70
C VAL F 409 -69.02 -4.15 -20.29
N THR F 410 -67.89 -4.87 -20.34
CA THR F 410 -67.81 -6.22 -20.92
C THR F 410 -67.15 -7.18 -19.94
N ARG F 411 -67.75 -8.35 -19.71
CA ARG F 411 -67.20 -9.32 -18.78
C ARG F 411 -66.18 -10.19 -19.47
N PHE F 412 -65.07 -10.46 -18.80
CA PHE F 412 -64.11 -11.51 -19.22
C PHE F 412 -63.82 -12.45 -18.05
N THR F 413 -63.58 -13.72 -18.38
CA THR F 413 -63.38 -14.77 -17.38
C THR F 413 -61.90 -15.13 -17.30
N GLY F 414 -61.57 -16.06 -16.40
CA GLY F 414 -60.18 -16.50 -16.23
C GLY F 414 -59.70 -17.33 -17.40
N LYS F 415 -60.65 -17.73 -18.25
CA LYS F 415 -60.35 -18.44 -19.49
C LYS F 415 -60.04 -17.46 -20.64
N ASP F 416 -59.99 -16.17 -20.30
CA ASP F 416 -59.89 -15.14 -21.32
C ASP F 416 -58.69 -14.25 -21.14
N ASP F 417 -58.12 -13.83 -22.25
CA ASP F 417 -56.96 -12.96 -22.21
C ASP F 417 -57.41 -11.52 -22.49
N ALA F 418 -57.69 -10.80 -21.42
CA ALA F 418 -58.28 -9.47 -21.50
C ALA F 418 -57.49 -8.63 -22.44
N VAL F 419 -56.17 -8.79 -22.41
CA VAL F 419 -55.31 -7.94 -23.21
C VAL F 419 -55.49 -8.25 -24.67
N ALA F 420 -55.56 -9.54 -25.02
CA ALA F 420 -55.75 -9.94 -26.42
C ALA F 420 -57.06 -9.38 -26.99
N TRP F 421 -58.11 -9.40 -26.17
CA TRP F 421 -59.39 -8.80 -26.50
C TRP F 421 -59.23 -7.34 -26.78
N ALA F 422 -58.62 -6.62 -25.85
CA ALA F 422 -58.29 -5.20 -26.02
C ALA F 422 -57.56 -4.93 -27.33
N ASN F 423 -56.55 -5.76 -27.63
CA ASN F 423 -55.76 -5.59 -28.84
C ASN F 423 -56.57 -5.83 -30.12
N ASP F 424 -57.58 -6.68 -30.01
CA ASP F 424 -58.42 -7.05 -31.13
C ASP F 424 -59.34 -5.88 -31.50
N SER F 425 -58.78 -4.88 -32.19
CA SER F 425 -59.47 -3.60 -32.33
C SER F 425 -58.88 -2.77 -33.46
N ASP F 426 -59.70 -1.88 -34.04
CA ASP F 426 -59.25 -0.99 -35.12
C ASP F 426 -58.46 0.22 -34.60
N TYR F 427 -58.66 0.52 -33.31
CA TYR F 427 -58.08 1.71 -32.71
C TYR F 427 -56.77 1.35 -31.98
N GLY F 428 -55.96 2.36 -31.65
CA GLY F 428 -54.70 2.15 -30.95
C GLY F 428 -54.13 3.37 -30.24
N LEU F 429 -54.99 4.25 -29.75
CA LEU F 429 -54.52 5.51 -29.15
C LEU F 429 -54.10 5.41 -27.68
N ALA F 430 -55.06 5.10 -26.80
CA ALA F 430 -54.88 5.14 -25.36
C ALA F 430 -55.54 3.92 -24.72
N SER F 431 -55.19 3.66 -23.46
CA SER F 431 -55.65 2.48 -22.77
C SER F 431 -55.30 2.62 -21.31
N SER F 432 -56.07 1.97 -20.42
CA SER F 432 -55.62 1.85 -19.02
C SER F 432 -55.85 0.50 -18.40
N VAL F 433 -55.07 0.21 -17.36
CA VAL F 433 -55.15 -1.05 -16.63
C VAL F 433 -55.29 -0.81 -15.13
N TRP F 434 -56.18 -1.56 -14.47
CA TRP F 434 -56.40 -1.39 -13.03
C TRP F 434 -56.24 -2.68 -12.30
N THR F 435 -55.33 -2.69 -11.34
CA THR F 435 -55.02 -3.84 -10.53
C THR F 435 -54.03 -3.36 -9.49
N LYS F 436 -54.01 -4.01 -8.33
CA LYS F 436 -53.02 -3.70 -7.32
C LYS F 436 -51.84 -4.66 -7.45
N ASP F 437 -51.93 -5.61 -8.37
CA ASP F 437 -50.84 -6.53 -8.62
C ASP F 437 -49.89 -5.95 -9.66
N ILE F 438 -48.67 -5.66 -9.21
CA ILE F 438 -47.65 -5.06 -10.04
C ILE F 438 -47.29 -5.98 -11.20
N SER F 439 -47.22 -7.27 -10.90
CA SER F 439 -46.87 -8.26 -11.88
C SER F 439 -47.83 -8.15 -13.08
N LYS F 440 -49.12 -8.27 -12.81
CA LYS F 440 -50.15 -8.31 -13.84
C LYS F 440 -50.20 -7.01 -14.63
N ALA F 441 -49.92 -5.89 -13.96
CA ALA F 441 -49.91 -4.56 -14.57
C ALA F 441 -48.81 -4.42 -15.65
N ARG F 443 -47.25 -6.84 -17.14
CA ARG F 443 -47.51 -7.77 -18.27
C ARG F 443 -48.43 -7.12 -19.29
N ALA F 444 -49.58 -6.66 -18.82
CA ALA F 444 -50.53 -5.92 -19.65
C ALA F 444 -49.86 -4.75 -20.39
N ALA F 445 -49.14 -3.89 -19.65
CA ALA F 445 -48.50 -2.68 -20.22
C ALA F 445 -47.49 -3.03 -21.31
N SER F 446 -46.86 -4.18 -21.13
CA SER F 446 -45.88 -4.67 -22.07
C SER F 446 -46.53 -5.04 -23.39
N ARG F 447 -47.77 -5.53 -23.33
CA ARG F 447 -48.42 -6.18 -24.47
C ARG F 447 -49.52 -5.35 -25.13
N LEU F 448 -49.95 -4.26 -24.50
CA LEU F 448 -51.03 -3.45 -25.10
C LEU F 448 -50.56 -2.72 -26.37
N GLN F 449 -51.34 -2.82 -27.43
CA GLN F 449 -50.99 -2.21 -28.71
C GLN F 449 -51.73 -0.87 -28.77
N TYR F 450 -51.36 0.02 -27.85
CA TYR F 450 -51.99 1.34 -27.71
C TYR F 450 -50.91 2.33 -27.47
N GLY F 451 -51.03 3.48 -28.15
CA GLY F 451 -50.03 4.53 -28.05
C GLY F 451 -49.67 4.80 -26.59
N CYS F 452 -50.65 4.67 -25.71
CA CYS F 452 -50.43 5.06 -24.35
C CYS F 452 -51.14 4.10 -23.41
N THR F 453 -50.50 3.77 -22.28
CA THR F 453 -51.13 2.92 -21.27
C THR F 453 -50.98 3.45 -19.85
N TRP F 454 -52.09 3.81 -19.21
CA TRP F 454 -52.05 4.24 -17.81
C TRP F 454 -52.28 3.07 -16.92
N ILE F 455 -51.68 3.12 -15.74
CA ILE F 455 -51.95 2.12 -14.73
C ILE F 455 -52.51 2.76 -13.49
N ASN F 456 -53.60 2.19 -13.01
CA ASN F 456 -54.37 2.74 -11.90
C ASN F 456 -54.61 4.22 -12.03
N THR F 457 -54.69 4.64 -13.29
CA THR F 457 -55.29 5.91 -13.63
C THR F 457 -55.71 5.87 -15.07
N HIS F 458 -56.20 7.00 -15.56
CA HIS F 458 -56.52 7.17 -16.97
C HIS F 458 -56.40 8.63 -17.27
N PHE F 459 -56.28 8.97 -18.55
CA PHE F 459 -56.55 10.32 -19.04
C PHE F 459 -55.41 11.31 -18.86
N LEU F 461 -52.32 13.57 -18.93
CA LEU F 461 -51.32 13.96 -19.92
C LEU F 461 -50.27 14.88 -19.32
N THR F 462 -49.10 14.90 -19.94
CA THR F 462 -48.03 15.78 -19.52
C THR F 462 -47.28 16.19 -20.80
N ASN F 463 -46.95 17.47 -20.96
CA ASN F 463 -46.44 17.93 -22.28
C ASN F 463 -45.14 17.25 -22.80
N GLU F 464 -44.43 16.55 -21.92
CA GLU F 464 -43.18 15.87 -22.28
C GLU F 464 -43.39 14.48 -22.86
N PRO F 466 -45.53 11.75 -25.36
CA PRO F 466 -46.25 11.74 -26.63
C PRO F 466 -47.61 11.17 -26.50
N HIS F 467 -48.52 11.75 -27.27
CA HIS F 467 -49.88 11.27 -27.43
C HIS F 467 -50.10 11.07 -28.90
N GLY F 468 -50.43 9.84 -29.27
CA GLY F 468 -50.54 9.46 -30.68
C GLY F 468 -50.76 7.95 -30.72
N GLY F 469 -51.41 7.46 -31.77
CA GLY F 469 -51.82 6.06 -31.76
C GLY F 469 -51.21 5.20 -32.81
N ILE F 470 -51.77 4.01 -32.95
CA ILE F 470 -51.42 3.10 -34.05
C ILE F 470 -52.69 2.59 -34.67
N LYS F 471 -52.55 1.69 -35.64
CA LYS F 471 -53.67 1.19 -36.41
C LYS F 471 -54.50 2.36 -36.96
N GLN F 472 -55.82 2.32 -36.82
CA GLN F 472 -56.64 3.36 -37.45
C GLN F 472 -56.82 4.64 -36.61
N SER F 473 -56.18 4.69 -35.45
CA SER F 473 -56.06 5.94 -34.69
C SER F 473 -55.09 6.90 -35.37
N GLY F 474 -54.31 6.37 -36.30
CA GLY F 474 -53.36 7.19 -37.04
C GLY F 474 -51.98 6.94 -36.50
N TYR F 475 -51.04 7.84 -36.81
CA TYR F 475 -49.63 7.74 -36.36
C TYR F 475 -49.18 9.18 -36.07
N GLY F 476 -47.97 9.34 -35.58
CA GLY F 476 -47.53 10.69 -35.29
C GLY F 476 -48.03 11.18 -33.96
N LYS F 477 -47.24 12.01 -33.30
CA LYS F 477 -47.48 12.34 -31.92
C LYS F 477 -47.80 13.80 -31.75
N ASP F 478 -48.51 14.10 -30.68
CA ASP F 478 -48.73 15.43 -30.18
C ASP F 478 -48.13 15.53 -28.80
N SER F 480 -44.47 16.41 -26.58
CA SER F 480 -43.19 15.73 -26.54
C SER F 480 -42.22 16.15 -27.66
N VAL F 481 -41.01 15.66 -27.57
CA VAL F 481 -40.02 15.93 -28.59
C VAL F 481 -40.47 15.32 -29.92
N TYR F 482 -41.29 14.27 -29.83
CA TYR F 482 -41.61 13.45 -31.01
C TYR F 482 -42.50 14.19 -31.97
N ALA F 483 -43.34 15.05 -31.43
CA ALA F 483 -44.16 15.94 -32.23
C ALA F 483 -43.22 16.80 -33.09
N LEU F 484 -42.25 17.43 -32.43
CA LEU F 484 -41.27 18.24 -33.15
C LEU F 484 -40.48 17.41 -34.16
N GLU F 485 -40.20 16.16 -33.83
CA GLU F 485 -39.58 15.30 -34.83
C GLU F 485 -40.50 15.09 -36.02
N ASP F 486 -41.81 15.04 -35.78
CA ASP F 486 -42.72 14.86 -36.91
C ASP F 486 -42.68 16.05 -37.86
N TYR F 487 -42.30 17.23 -37.38
CA TYR F 487 -42.32 18.41 -38.20
C TYR F 487 -40.95 18.83 -38.70
N THR F 488 -39.97 17.95 -38.59
CA THR F 488 -38.65 18.31 -39.12
C THR F 488 -38.15 17.16 -39.98
N ALA F 489 -37.30 17.48 -40.95
CA ALA F 489 -36.69 16.50 -41.83
C ALA F 489 -35.26 16.15 -41.39
N VAL F 490 -34.99 14.86 -41.21
CA VAL F 490 -33.65 14.41 -40.87
C VAL F 490 -32.80 14.54 -42.14
N ARG F 491 -31.68 15.25 -42.04
CA ARG F 491 -30.73 15.42 -43.16
C ARG F 491 -29.31 14.98 -42.81
N HIS F 492 -28.76 14.15 -43.69
CA HIS F 492 -27.38 13.70 -43.62
C HIS F 492 -26.46 14.57 -44.43
N ILE F 493 -25.51 15.22 -43.76
CA ILE F 493 -24.47 15.97 -44.47
C ILE F 493 -23.12 15.25 -44.36
N ILE F 495 -19.05 15.42 -45.64
CA ILE F 495 -18.01 16.26 -46.22
C ILE F 495 -16.76 15.44 -46.47
N ASN F 496 -16.26 15.45 -47.67
CA ASN F 496 -15.06 14.72 -48.05
C ASN F 496 -13.82 15.52 -47.82
N HIS F 497 -12.80 14.94 -47.27
CA HIS F 497 -11.65 15.66 -46.82
C HIS F 497 -10.63 15.86 -47.86
N GLY F 498 -11.00 15.56 -49.09
CA GLY F 498 -10.29 16.01 -50.25
C GLY F 498 -9.52 14.89 -50.86
N ASP G 25 -26.41 45.23 -2.16
CA ASP G 25 -26.78 43.87 -1.71
C ASP G 25 -25.62 43.08 -1.12
N THR G 26 -25.64 42.91 0.18
CA THR G 26 -24.43 42.61 0.88
C THR G 26 -24.55 41.46 1.89
N GLN G 27 -25.75 40.88 2.05
CA GLN G 27 -25.97 39.78 3.00
C GLN G 27 -25.87 38.39 2.35
N LEU G 28 -25.63 37.39 3.18
CA LEU G 28 -25.50 36.00 2.70
C LEU G 28 -26.85 35.29 2.71
N LEU G 29 -27.07 34.39 1.76
CA LEU G 29 -28.28 33.60 1.72
C LEU G 29 -28.07 32.23 2.35
N ILE G 30 -28.61 32.03 3.55
CA ILE G 30 -28.51 30.74 4.27
C ILE G 30 -29.91 30.25 4.66
N GLY G 31 -30.48 29.36 3.85
CA GLY G 31 -31.86 28.91 4.03
C GLY G 31 -32.82 30.07 3.93
N SER G 32 -33.63 30.30 4.97
CA SER G 32 -34.65 31.36 4.92
C SER G 32 -34.13 32.70 5.41
N ARG G 33 -32.83 32.74 5.74
CA ARG G 33 -32.25 33.88 6.44
C ARG G 33 -31.20 34.60 5.58
N PHE G 34 -31.34 35.92 5.50
CA PHE G 34 -30.27 36.80 5.02
C PHE G 34 -29.44 37.33 6.18
N GLU G 35 -28.18 36.91 6.23
CA GLU G 35 -27.26 37.23 7.33
C GLU G 35 -25.98 37.88 6.83
N ALA G 36 -25.45 38.83 7.61
CA ALA G 36 -24.07 39.27 7.44
C ALA G 36 -23.12 38.11 7.80
N GLY G 37 -21.99 38.00 7.09
CA GLY G 37 -20.90 37.12 7.53
C GLY G 37 -20.34 37.51 8.91
N THR G 38 -19.77 36.53 9.61
CA THR G 38 -19.19 36.74 10.94
C THR G 38 -17.70 37.07 10.77
N GLU G 39 -17.02 36.31 9.92
CA GLU G 39 -15.57 36.31 9.90
C GLU G 39 -14.88 37.51 9.24
N ALA G 40 -13.60 37.31 8.93
CA ALA G 40 -12.71 38.32 8.36
C ALA G 40 -13.23 38.96 7.08
N GLU G 41 -13.10 40.28 7.00
CA GLU G 41 -13.53 41.03 5.83
C GLU G 41 -12.55 40.93 4.64
N GLU G 42 -13.12 40.79 3.45
CA GLU G 42 -12.38 40.93 2.23
C GLU G 42 -12.56 42.35 1.75
N HIS G 43 -11.48 42.98 1.31
CA HIS G 43 -11.56 44.34 0.77
C HIS G 43 -11.74 44.23 -0.71
N ILE G 44 -12.99 44.38 -1.13
CA ILE G 44 -13.36 44.30 -2.54
C ILE G 44 -13.05 45.63 -3.26
N LEU G 45 -12.17 45.55 -4.26
CA LEU G 45 -11.61 46.73 -4.90
C LEU G 45 -12.21 46.98 -6.28
N ASN G 46 -12.35 48.25 -6.65
CA ASN G 46 -12.57 48.63 -8.04
C ASN G 46 -11.24 48.44 -8.76
N PRO G 47 -11.14 47.44 -9.67
CA PRO G 47 -9.83 47.12 -10.26
C PRO G 47 -9.30 48.15 -11.27
N ARG G 48 -10.16 49.05 -11.71
CA ARG G 48 -9.73 50.13 -12.60
C ARG G 48 -8.87 51.19 -11.87
N THR G 49 -9.16 51.42 -10.59
CA THR G 49 -8.56 52.52 -9.85
C THR G 49 -7.77 52.03 -8.66
N GLY G 50 -8.10 50.81 -8.20
CA GLY G 50 -7.56 50.29 -6.94
C GLY G 50 -8.26 50.79 -5.68
N ALA G 51 -9.26 51.66 -5.85
CA ALA G 51 -10.09 52.17 -4.75
C ALA G 51 -11.00 51.06 -4.18
N GLY G 52 -11.39 51.20 -2.91
CA GLY G 52 -12.27 50.20 -2.27
C GLY G 52 -13.73 50.35 -2.65
N ILE G 53 -14.43 49.22 -2.77
CA ILE G 53 -15.89 49.25 -3.04
C ILE G 53 -16.67 49.01 -1.73
N ILE G 54 -16.58 47.80 -1.21
CA ILE G 54 -17.01 47.50 0.13
C ILE G 54 -16.04 46.54 0.78
N ASP G 55 -16.14 46.47 2.10
CA ASP G 55 -15.53 45.41 2.85
C ASP G 55 -16.62 44.42 3.17
N LEU G 56 -16.34 43.15 2.92
CA LEU G 56 -17.38 42.15 3.04
C LEU G 56 -16.96 40.95 3.90
N ALA G 57 -17.72 40.72 4.95
CA ALA G 57 -17.40 39.69 5.93
C ALA G 57 -17.63 38.28 5.38
N GLU G 58 -16.68 37.40 5.67
CA GLU G 58 -16.73 36.00 5.31
C GLU G 58 -17.73 35.20 6.12
N ALA G 59 -18.24 34.12 5.52
CA ALA G 59 -19.00 33.10 6.23
C ALA G 59 -18.15 32.45 7.33
N SER G 60 -18.68 32.38 8.56
CA SER G 60 -18.05 31.59 9.63
C SER G 60 -18.21 30.09 9.40
N HIS G 61 -17.48 29.30 10.17
CA HIS G 61 -17.63 27.85 10.11
C HIS G 61 -19.06 27.45 10.38
N ALA G 62 -19.68 28.07 11.39
CA ALA G 62 -21.09 27.82 11.71
C ALA G 62 -22.02 28.23 10.57
N GLN G 63 -21.67 29.28 9.85
CA GLN G 63 -22.48 29.72 8.72
C GLN G 63 -22.37 28.77 7.53
N ILE G 64 -21.20 28.17 7.34
CA ILE G 64 -21.07 27.18 6.29
C ILE G 64 -21.92 25.96 6.61
N ASP G 65 -21.90 25.52 7.86
CA ASP G 65 -22.62 24.31 8.22
C ASP G 65 -24.12 24.49 8.14
N ALA G 66 -24.60 25.69 8.49
CA ALA G 66 -26.01 26.02 8.36
C ALA G 66 -26.45 26.10 6.89
N ALA G 67 -25.59 26.59 6.00
CA ALA G 67 -25.83 26.54 4.54
C ALA G 67 -25.99 25.09 4.05
N VAL G 68 -25.01 24.25 4.37
CA VAL G 68 -25.06 22.86 3.94
C VAL G 68 -26.27 22.18 4.57
N ASP G 69 -26.49 22.43 5.87
CA ASP G 69 -27.64 21.87 6.58
C ASP G 69 -28.95 22.35 5.96
N ALA G 70 -28.98 23.57 5.43
CA ALA G 70 -30.21 24.05 4.78
C ALA G 70 -30.40 23.38 3.41
N ALA G 71 -29.29 23.10 2.71
CA ALA G 71 -29.34 22.38 1.45
C ALA G 71 -29.81 20.96 1.69
N GLU G 72 -29.38 20.36 2.80
CA GLU G 72 -29.81 19.00 3.17
C GLU G 72 -31.33 18.91 3.40
N ARG G 73 -31.86 19.84 4.19
CA ARG G 73 -33.29 19.92 4.43
C ARG G 73 -34.10 20.16 3.15
N ALA G 74 -33.61 21.07 2.31
CA ALA G 74 -34.34 21.43 1.09
C ALA G 74 -34.31 20.30 0.06
N PHE G 75 -33.26 19.50 0.10
CA PHE G 75 -33.13 18.37 -0.80
C PHE G 75 -34.33 17.44 -0.78
N VAL G 76 -34.78 17.06 0.42
CA VAL G 76 -35.92 16.12 0.59
C VAL G 76 -37.08 16.48 -0.35
N GLY G 77 -37.47 17.75 -0.35
CA GLY G 77 -38.57 18.22 -1.17
C GLY G 77 -38.16 18.59 -2.59
N TRP G 78 -37.00 19.22 -2.75
CA TRP G 78 -36.57 19.63 -4.09
C TRP G 78 -36.30 18.46 -5.01
N SER G 79 -35.63 17.43 -4.49
CA SER G 79 -35.25 16.27 -5.34
C SER G 79 -36.45 15.47 -5.85
N GLN G 80 -37.66 15.83 -5.41
CA GLN G 80 -38.86 15.08 -5.74
C GLN G 80 -39.79 15.92 -6.61
N THR G 81 -39.35 17.13 -6.96
CA THR G 81 -40.09 17.97 -7.92
C THR G 81 -39.98 17.41 -9.32
N THR G 82 -40.98 17.73 -10.13
CA THR G 82 -41.03 17.36 -11.54
C THR G 82 -40.14 18.25 -12.40
N PRO G 83 -39.65 17.71 -13.53
CA PRO G 83 -38.91 18.59 -14.43
C PRO G 83 -39.66 19.92 -14.67
N ALA G 84 -40.99 19.85 -14.77
CA ALA G 84 -41.80 20.99 -15.13
C ALA G 84 -41.69 22.08 -14.06
N GLU G 85 -41.78 21.67 -12.79
CA GLU G 85 -41.65 22.59 -11.66
C GLU G 85 -40.28 23.25 -11.56
N ARG G 86 -39.24 22.47 -11.79
CA ARG G 86 -37.90 23.01 -11.77
C ARG G 86 -37.70 23.91 -12.97
N SER G 87 -38.15 23.46 -14.15
CA SER G 87 -38.12 24.28 -15.36
C SER G 87 -38.80 25.66 -15.19
N ASN G 88 -39.98 25.71 -14.60
CA ASN G 88 -40.67 26.99 -14.41
C ASN G 88 -39.93 27.96 -13.48
N ALA G 89 -39.13 27.41 -12.56
CA ALA G 89 -38.35 28.17 -11.61
C ALA G 89 -37.23 28.87 -12.36
N LEU G 90 -36.51 28.09 -13.17
CA LEU G 90 -35.48 28.64 -14.04
C LEU G 90 -35.96 29.77 -14.94
N LEU G 91 -37.14 29.63 -15.54
CA LEU G 91 -37.72 30.73 -16.34
C LEU G 91 -38.01 31.96 -15.46
N LYS G 92 -38.48 31.76 -14.24
CA LYS G 92 -38.70 32.87 -13.31
C LYS G 92 -37.38 33.59 -12.97
N ILE G 93 -36.32 32.81 -12.80
CA ILE G 93 -35.01 33.35 -12.52
C ILE G 93 -34.52 34.18 -13.72
N ALA G 94 -34.56 33.58 -14.91
CA ALA G 94 -34.24 34.31 -16.14
C ALA G 94 -35.06 35.60 -16.21
N ASP G 95 -36.37 35.50 -16.04
CA ASP G 95 -37.25 36.69 -15.99
C ASP G 95 -36.76 37.74 -15.01
N ALA G 96 -36.32 37.30 -13.83
CA ALA G 96 -35.94 38.27 -12.77
C ALA G 96 -34.65 39.03 -13.14
N ILE G 97 -33.70 38.27 -13.66
CA ILE G 97 -32.45 38.82 -14.12
C ILE G 97 -32.68 39.81 -15.27
N GLU G 98 -33.55 39.45 -16.20
CA GLU G 98 -33.84 40.25 -17.38
C GLU G 98 -34.42 41.58 -16.93
N LYS G 99 -35.32 41.52 -15.96
CA LYS G 99 -35.99 42.68 -15.43
C LYS G 99 -35.00 43.67 -14.80
N GLU G 100 -33.81 43.19 -14.42
CA GLU G 100 -32.79 44.02 -13.75
C GLU G 100 -31.43 44.03 -14.45
N ALA G 101 -31.45 43.73 -15.75
CA ALA G 101 -30.24 43.51 -16.56
C ALA G 101 -29.23 44.66 -16.48
N ASP G 102 -29.72 45.88 -16.71
CA ASP G 102 -28.91 47.09 -16.63
C ASP G 102 -28.25 47.31 -15.26
N GLU G 103 -29.02 47.14 -14.19
CA GLU G 103 -28.51 47.12 -12.81
C GLU G 103 -27.39 46.04 -12.63
N PHE G 104 -27.63 44.81 -13.04
CA PHE G 104 -26.61 43.77 -12.92
C PHE G 104 -25.34 44.09 -13.72
N ALA G 105 -25.53 44.53 -14.96
CA ALA G 105 -24.42 44.92 -15.82
C ALA G 105 -23.57 46.02 -15.16
N ALA G 106 -24.23 47.02 -14.56
CA ALA G 106 -23.53 48.09 -13.88
C ALA G 106 -22.63 47.56 -12.76
N LEU G 107 -23.21 46.77 -11.86
CA LEU G 107 -22.49 46.18 -10.73
C LEU G 107 -21.30 45.28 -11.14
N GLU G 108 -21.51 44.50 -12.20
CA GLU G 108 -20.46 43.57 -12.67
C GLU G 108 -19.33 44.37 -13.36
N ALA G 109 -19.70 45.46 -14.03
CA ALA G 109 -18.74 46.37 -14.65
C ALA G 109 -17.88 47.03 -13.58
N LEU G 110 -18.53 47.61 -12.56
CA LEU G 110 -17.81 48.12 -11.40
C LEU G 110 -16.93 47.07 -10.73
N ASN G 111 -17.48 45.89 -10.45
CA ASN G 111 -16.71 44.88 -9.71
C ASN G 111 -15.47 44.47 -10.46
N CYS G 112 -15.59 44.32 -11.77
CA CYS G 112 -14.59 43.64 -12.58
C CYS G 112 -13.86 44.54 -13.56
N GLY G 113 -14.34 45.77 -13.73
CA GLY G 113 -13.74 46.68 -14.68
C GLY G 113 -14.05 46.39 -16.14
N LYS G 114 -14.99 45.49 -16.41
CA LYS G 114 -15.42 45.22 -17.79
C LYS G 114 -16.08 46.45 -18.34
N PRO G 115 -15.73 46.83 -19.58
CA PRO G 115 -16.45 47.96 -20.22
C PRO G 115 -17.97 47.77 -20.15
N ILE G 116 -18.71 48.83 -19.79
CA ILE G 116 -20.15 48.76 -19.53
C ILE G 116 -20.92 48.08 -20.67
N ASN G 117 -20.57 48.39 -21.91
CA ASN G 117 -21.39 47.93 -23.04
C ASN G 117 -21.16 46.47 -23.42
N ALA G 118 -19.95 45.96 -23.21
CA ALA G 118 -19.66 44.54 -23.41
C ALA G 118 -20.48 43.65 -22.46
N VAL G 119 -20.59 44.08 -21.20
CA VAL G 119 -21.44 43.41 -20.22
C VAL G 119 -22.93 43.46 -20.63
N LYS G 120 -23.42 44.63 -21.04
CA LYS G 120 -24.81 44.85 -21.44
C LYS G 120 -25.24 44.10 -22.70
N ASN G 121 -24.36 43.98 -23.67
CA ASN G 121 -24.70 43.41 -24.97
C ASN G 121 -24.17 42.00 -25.15
N ASP G 122 -23.07 41.67 -24.49
CA ASP G 122 -22.59 40.32 -24.64
C ASP G 122 -22.95 39.46 -23.45
N GLU G 123 -22.69 39.92 -22.22
CA GLU G 123 -22.79 39.02 -21.07
C GLU G 123 -24.22 38.79 -20.57
N LEU G 124 -24.95 39.86 -20.28
CA LEU G 124 -26.31 39.70 -19.77
C LEU G 124 -27.20 38.86 -20.71
N PRO G 125 -27.25 39.20 -22.02
CA PRO G 125 -28.11 38.35 -22.85
C PRO G 125 -27.71 36.89 -22.85
N ALA G 126 -26.42 36.61 -22.78
CA ALA G 126 -25.96 35.24 -22.74
C ALA G 126 -26.44 34.56 -21.46
N ILE G 127 -26.33 35.28 -20.36
CA ILE G 127 -26.70 34.81 -19.03
C ILE G 127 -28.19 34.48 -18.97
N ILE G 128 -29.03 35.43 -19.35
CA ILE G 128 -30.49 35.25 -19.40
C ILE G 128 -30.83 34.05 -20.31
N ASP G 129 -30.20 34.02 -21.46
CA ASP G 129 -30.36 32.88 -22.35
C ASP G 129 -29.97 31.53 -21.72
N CYS G 130 -29.04 31.55 -20.78
CA CYS G 130 -28.49 30.30 -20.24
C CYS G 130 -29.53 29.67 -19.34
N TRP G 131 -30.07 30.50 -18.45
CA TRP G 131 -31.16 30.06 -17.61
C TRP G 131 -32.34 29.57 -18.41
N ARG G 132 -32.68 30.28 -19.48
CA ARG G 132 -33.82 29.87 -20.30
C ARG G 132 -33.44 28.58 -21.00
N PHE G 133 -32.20 28.45 -21.45
CA PHE G 133 -31.81 27.18 -22.09
C PHE G 133 -32.01 26.01 -21.17
N PHE G 134 -31.57 26.14 -19.91
CA PHE G 134 -31.63 25.00 -18.98
C PHE G 134 -33.04 24.58 -18.58
N ALA G 135 -33.90 25.59 -18.49
CA ALA G 135 -35.33 25.39 -18.31
C ALA G 135 -35.91 24.40 -19.34
N GLY G 136 -35.40 24.43 -20.56
CA GLY G 136 -35.84 23.49 -21.59
C GLY G 136 -35.07 22.18 -21.50
N ALA G 137 -33.78 22.24 -21.20
CA ALA G 137 -32.97 20.99 -21.14
C ALA G 137 -33.49 20.07 -20.02
N VAL G 138 -33.93 20.69 -18.94
CA VAL G 138 -34.47 20.00 -17.79
C VAL G 138 -35.61 19.04 -18.14
N ARG G 139 -36.35 19.34 -19.22
CA ARG G 139 -37.51 18.58 -19.61
C ARG G 139 -37.21 17.74 -20.83
N ASN G 140 -35.94 17.64 -21.22
CA ASN G 140 -35.60 16.97 -22.48
C ASN G 140 -34.39 16.07 -22.42
N LEU G 141 -34.29 15.35 -21.31
CA LEU G 141 -33.23 14.36 -21.08
C LEU G 141 -33.61 13.02 -21.73
N HIS G 142 -32.66 12.36 -22.35
CA HIS G 142 -32.92 11.10 -23.03
C HIS G 142 -32.11 10.03 -22.39
N ALA G 143 -32.41 8.77 -22.72
CA ALA G 143 -31.75 7.61 -22.16
C ALA G 143 -32.20 6.46 -23.03
N PRO G 144 -31.59 5.26 -22.85
CA PRO G 144 -32.12 4.11 -23.56
C PRO G 144 -33.59 3.82 -23.26
N ALA G 145 -34.29 3.36 -24.28
CA ALA G 145 -35.72 3.18 -24.20
C ALA G 145 -36.07 2.06 -23.23
N ALA G 146 -37.19 2.26 -22.53
CA ALA G 146 -37.70 1.24 -21.64
C ALA G 146 -38.23 0.05 -22.44
N GLY G 147 -38.19 -1.15 -21.84
CA GLY G 147 -38.57 -2.35 -22.56
C GLY G 147 -38.01 -3.57 -21.90
N GLU G 148 -38.32 -4.73 -22.46
CA GLU G 148 -37.89 -6.01 -21.89
C GLU G 148 -36.60 -6.45 -22.49
N TYR G 149 -35.50 -6.10 -21.84
CA TYR G 149 -34.20 -6.46 -22.40
C TYR G 149 -33.79 -7.86 -21.99
N LEU G 150 -34.37 -8.33 -20.89
CA LEU G 150 -34.49 -9.78 -20.72
C LEU G 150 -35.90 -10.17 -20.35
N PRO G 151 -36.30 -11.43 -20.69
CA PRO G 151 -37.70 -11.84 -20.70
C PRO G 151 -38.39 -11.62 -19.35
N GLY G 152 -39.61 -11.11 -19.39
CA GLY G 152 -40.39 -10.89 -18.15
C GLY G 152 -39.78 -9.89 -17.18
N HIS G 153 -38.88 -9.07 -17.70
CA HIS G 153 -38.25 -8.02 -16.94
C HIS G 153 -38.33 -6.71 -17.70
N THR G 154 -39.09 -5.74 -17.18
CA THR G 154 -39.19 -4.41 -17.78
C THR G 154 -38.20 -3.47 -17.12
N SER G 155 -37.32 -2.93 -17.97
CA SER G 155 -36.28 -2.03 -17.54
C SER G 155 -36.62 -0.64 -18.00
N ILE G 157 -34.70 3.56 -17.62
CA ILE G 157 -33.55 4.33 -17.17
C ILE G 157 -34.02 5.72 -16.73
N ARG G 158 -33.60 6.17 -15.55
CA ARG G 158 -33.97 7.50 -15.00
C ARG G 158 -32.70 8.32 -14.81
N ARG G 159 -32.83 9.65 -14.83
CA ARG G 159 -31.76 10.57 -14.43
C ARG G 159 -32.19 11.33 -13.20
N ASP G 160 -31.69 10.90 -12.05
CA ASP G 160 -32.12 11.38 -10.74
C ASP G 160 -31.12 12.38 -10.17
N PRO G 161 -31.52 13.17 -9.16
CA PRO G 161 -30.58 14.11 -8.53
C PRO G 161 -29.44 13.35 -7.88
N ILE G 162 -28.31 14.03 -7.68
CA ILE G 162 -27.16 13.44 -7.02
C ILE G 162 -27.15 13.77 -5.53
N GLY G 163 -27.40 15.03 -5.21
CA GLY G 163 -27.34 15.38 -3.81
C GLY G 163 -27.05 16.84 -3.61
N ILE G 164 -26.17 17.12 -2.64
CA ILE G 164 -25.84 18.48 -2.28
C ILE G 164 -24.58 18.91 -2.98
N VAL G 165 -24.63 20.06 -3.67
CA VAL G 165 -23.54 20.53 -4.51
C VAL G 165 -22.89 21.74 -3.87
N GLY G 166 -21.56 21.67 -3.74
CA GLY G 166 -20.72 22.82 -3.38
C GLY G 166 -20.13 23.32 -4.68
N SER G 167 -20.49 24.55 -5.07
CA SER G 167 -19.94 25.16 -6.31
C SER G 167 -19.21 26.46 -6.04
N ILE G 168 -18.08 26.61 -6.71
CA ILE G 168 -17.20 27.75 -6.56
C ILE G 168 -16.92 28.34 -7.93
N ALA G 169 -17.10 29.65 -8.01
CA ALA G 169 -16.94 30.38 -9.25
C ALA G 169 -15.57 31.07 -9.26
N PRO G 170 -15.04 31.37 -10.45
CA PRO G 170 -13.89 32.24 -10.64
C PRO G 170 -14.35 33.71 -10.69
N TRP G 171 -13.38 34.63 -10.81
CA TRP G 171 -13.63 36.07 -10.76
CA TRP G 171 -13.70 36.07 -10.76
C TRP G 171 -13.86 36.68 -12.13
N ASN G 172 -13.55 35.92 -13.18
CA ASN G 172 -13.58 36.50 -14.52
C ASN G 172 -14.96 36.78 -15.09
N TYR G 173 -15.88 35.85 -14.87
CA TYR G 173 -17.27 36.10 -15.25
C TYR G 173 -18.25 35.80 -14.10
N PRO G 174 -18.31 36.70 -13.10
CA PRO G 174 -18.99 36.27 -11.86
C PRO G 174 -20.43 35.83 -12.11
N LEU G 175 -21.23 36.67 -12.74
CA LEU G 175 -22.66 36.35 -12.93
C LEU G 175 -22.93 35.18 -13.88
N ALA G 179 -24.61 31.36 -13.24
CA ALA G 179 -25.63 30.76 -14.06
C ALA G 179 -25.16 29.34 -14.48
N TRP G 180 -23.91 29.23 -14.89
CA TRP G 180 -23.35 27.95 -15.37
C TRP G 180 -23.37 26.95 -14.29
N LYS G 181 -23.21 27.43 -13.07
CA LYS G 181 -23.09 26.52 -11.95
C LYS G 181 -24.44 26.13 -11.36
N LEU G 182 -25.28 27.11 -11.06
CA LEU G 182 -26.58 26.88 -10.45
C LEU G 182 -27.64 26.23 -11.36
N ALA G 183 -27.85 26.79 -12.55
CA ALA G 183 -28.87 26.28 -13.48
C ALA G 183 -28.86 24.77 -13.72
N PRO G 184 -27.74 24.19 -14.21
CA PRO G 184 -27.83 22.73 -14.36
C PRO G 184 -27.96 22.01 -13.03
N ALA G 185 -27.44 22.62 -11.97
CA ALA G 185 -27.36 21.90 -10.70
C ALA G 185 -28.72 21.85 -10.03
N ILE G 186 -29.36 23.00 -9.88
CA ILE G 186 -30.69 23.00 -9.31
C ILE G 186 -31.66 22.40 -10.33
N GLY G 187 -31.43 22.68 -11.60
CA GLY G 187 -32.20 22.03 -12.65
C GLY G 187 -32.23 20.52 -12.61
N GLY G 188 -31.18 19.89 -12.10
CA GLY G 188 -31.15 18.41 -12.02
C GLY G 188 -31.78 17.91 -10.72
N GLY G 189 -32.30 18.85 -9.93
CA GLY G 189 -32.95 18.52 -8.69
C GLY G 189 -32.02 18.46 -7.48
N ASN G 190 -30.78 18.91 -7.64
CA ASN G 190 -29.85 19.04 -6.52
C ASN G 190 -30.08 20.35 -5.77
N THR G 191 -29.53 20.45 -4.56
CA THR G 191 -29.50 21.70 -3.82
C THR G 191 -28.06 22.18 -3.78
N VAL G 192 -27.89 23.47 -3.51
CA VAL G 192 -26.59 24.10 -3.76
C VAL G 192 -26.12 25.05 -2.69
N VAL G 193 -24.85 24.89 -2.35
CA VAL G 193 -24.13 25.90 -1.60
C VAL G 193 -23.09 26.43 -2.56
N PHE G 194 -23.23 27.73 -2.85
CA PHE G 194 -22.45 28.41 -3.87
C PHE G 194 -21.57 29.48 -3.26
N LYS G 195 -20.30 29.45 -3.66
CA LYS G 195 -19.35 30.47 -3.22
C LYS G 195 -18.81 31.26 -4.40
N PRO G 196 -19.20 32.55 -4.50
CA PRO G 196 -18.52 33.37 -5.50
C PRO G 196 -17.04 33.51 -5.13
N SER G 197 -16.25 33.98 -6.08
CA SER G 197 -14.84 34.29 -5.86
C SER G 197 -14.72 35.44 -4.85
N GLU G 198 -13.66 35.42 -4.05
CA GLU G 198 -13.50 36.42 -2.98
C GLU G 198 -13.48 37.86 -3.50
N GLN G 199 -12.95 38.07 -4.70
CA GLN G 199 -12.85 39.40 -5.30
C GLN G 199 -14.19 39.87 -5.89
N THR G 200 -15.00 38.93 -6.37
CA THR G 200 -16.22 39.24 -7.15
C THR G 200 -17.52 38.64 -6.60
N PRO G 201 -17.87 38.95 -5.36
CA PRO G 201 -19.13 38.38 -4.86
C PRO G 201 -20.38 39.23 -5.11
N LEU G 202 -20.23 40.43 -5.66
CA LEU G 202 -21.36 41.39 -5.64
C LEU G 202 -22.59 40.99 -6.46
N THR G 203 -22.40 40.42 -7.64
CA THR G 203 -23.56 40.11 -8.48
C THR G 203 -24.28 38.89 -7.91
N ALA G 204 -23.51 37.98 -7.32
CA ALA G 204 -24.06 36.78 -6.66
C ALA G 204 -24.93 37.16 -5.47
N LEU G 205 -24.51 38.15 -4.70
CA LEU G 205 -25.30 38.51 -3.55
C LEU G 205 -26.57 39.19 -4.00
N LYS G 206 -26.49 39.89 -5.14
CA LYS G 206 -27.68 40.54 -5.68
C LYS G 206 -28.62 39.49 -6.22
N LEU G 207 -28.08 38.48 -6.94
CA LEU G 207 -28.88 37.39 -7.47
C LEU G 207 -29.53 36.57 -6.35
N ALA G 208 -28.81 36.39 -5.24
CA ALA G 208 -29.33 35.62 -4.11
C ALA G 208 -30.64 36.21 -3.58
N ARG G 209 -30.73 37.53 -3.55
CA ARG G 209 -31.97 38.21 -3.16
C ARG G 209 -33.10 37.83 -4.08
N LEU G 210 -32.84 37.86 -5.40
CA LEU G 210 -33.88 37.60 -6.40
C LEU G 210 -34.33 36.17 -6.37
N ILE G 211 -33.37 35.29 -6.09
CA ILE G 211 -33.63 33.87 -6.05
C ILE G 211 -34.45 33.46 -4.83
N ALA G 212 -34.25 34.14 -3.70
CA ALA G 212 -34.94 33.78 -2.46
C ALA G 212 -36.44 33.96 -2.59
N ASP G 213 -36.87 34.89 -3.45
CA ASP G 213 -38.29 35.11 -3.70
C ASP G 213 -38.91 34.07 -4.64
N ILE G 214 -38.09 33.25 -5.30
CA ILE G 214 -38.56 32.33 -6.33
C ILE G 214 -38.46 30.87 -5.91
N LEU G 215 -37.29 30.48 -5.42
CA LEU G 215 -37.05 29.09 -5.03
C LEU G 215 -37.49 28.78 -3.59
N PRO G 216 -37.79 27.50 -3.29
CA PRO G 216 -37.97 27.15 -1.87
C PRO G 216 -36.68 27.38 -1.08
N GLU G 217 -36.84 27.85 0.16
CA GLU G 217 -35.76 27.94 1.14
C GLU G 217 -34.70 26.77 1.11
N GLY G 218 -33.44 27.11 0.91
CA GLY G 218 -32.33 26.16 1.03
C GLY G 218 -31.93 25.43 -0.24
N VAL G 219 -32.70 25.61 -1.31
CA VAL G 219 -32.37 25.05 -2.63
C VAL G 219 -31.05 25.65 -3.08
N VAL G 220 -30.95 26.98 -2.98
CA VAL G 220 -29.70 27.68 -3.28
C VAL G 220 -29.23 28.46 -2.08
N ASN G 221 -27.99 28.24 -1.68
CA ASN G 221 -27.42 29.05 -0.62
C ASN G 221 -26.18 29.73 -1.15
N VAL G 222 -25.98 30.98 -0.76
CA VAL G 222 -24.82 31.75 -1.22
C VAL G 222 -24.04 32.25 -0.02
N ILE G 223 -22.79 31.82 0.05
CA ILE G 223 -21.86 32.25 1.07
C ILE G 223 -20.62 32.83 0.41
N THR G 224 -19.86 33.61 1.17
CA THR G 224 -18.68 34.28 0.61
C THR G 224 -17.41 33.97 1.42
N GLY G 225 -16.26 34.04 0.75
CA GLY G 225 -14.95 33.97 1.40
C GLY G 225 -13.81 33.52 0.50
N ARG G 226 -12.63 33.35 1.08
CA ARG G 226 -11.47 32.86 0.34
C ARG G 226 -11.62 31.37 0.01
N GLY G 227 -10.87 30.93 -1.01
CA GLY G 227 -10.85 29.53 -1.39
C GLY G 227 -10.07 28.71 -0.38
N GLU G 228 -9.01 29.26 0.14
CA GLU G 228 -8.25 28.62 1.18
C GLU G 228 -9.04 28.42 2.47
N THR G 229 -9.97 29.29 2.81
CA THR G 229 -10.75 29.07 4.00
C THR G 229 -12.14 28.49 3.79
N VAL G 230 -13.08 29.33 3.38
CA VAL G 230 -14.44 28.92 3.19
C VAL G 230 -14.54 27.91 2.08
N GLY G 231 -13.72 28.10 1.08
CA GLY G 231 -13.67 27.15 -0.03
C GLY G 231 -13.34 25.73 0.40
N ASN G 232 -12.31 25.59 1.24
CA ASN G 232 -11.83 24.29 1.70
C ASN G 232 -12.79 23.58 2.61
N ALA G 233 -13.41 24.34 3.52
CA ALA G 233 -14.38 23.73 4.44
C ALA G 233 -15.57 23.19 3.65
N LEU G 234 -15.97 23.93 2.62
CA LEU G 234 -17.07 23.54 1.76
C LEU G 234 -16.79 22.24 1.01
N ILE G 235 -15.65 22.16 0.32
CA ILE G 235 -15.36 20.93 -0.43
C ILE G 235 -15.16 19.71 0.47
N ASN G 236 -14.74 19.95 1.73
CA ASN G 236 -14.39 18.87 2.64
C ASN G 236 -15.54 18.44 3.55
N HIS G 237 -16.67 19.15 3.45
CA HIS G 237 -17.84 18.85 4.26
C HIS G 237 -18.42 17.49 3.95
N PRO G 238 -18.62 16.65 4.97
CA PRO G 238 -19.06 15.27 4.73
C PRO G 238 -20.42 15.17 4.07
N LYS G 239 -21.28 16.17 4.22
CA LYS G 239 -22.62 16.10 3.63
C LYS G 239 -22.66 16.49 2.16
N VAL G 240 -21.64 17.23 1.69
CA VAL G 240 -21.52 17.67 0.30
C VAL G 240 -21.14 16.49 -0.56
N GLY G 241 -21.94 16.20 -1.59
CA GLY G 241 -21.76 14.98 -2.40
C GLY G 241 -20.97 15.23 -3.68
N VAL G 243 -18.61 18.35 -5.90
CA VAL G 243 -17.88 19.62 -5.91
C VAL G 243 -17.68 20.04 -7.35
N SER G 244 -18.08 21.28 -7.63
CA SER G 244 -17.90 21.85 -8.94
C SER G 244 -17.09 23.14 -8.88
N ILE G 245 -15.94 23.14 -9.56
CA ILE G 245 -15.09 24.31 -9.61
C ILE G 245 -14.61 24.65 -11.01
N THR G 246 -14.53 25.97 -11.25
CA THR G 246 -13.87 26.57 -12.39
C THR G 246 -12.80 27.46 -11.77
N GLY G 247 -11.60 27.40 -12.32
CA GLY G 247 -10.43 27.99 -11.73
C GLY G 247 -9.18 27.47 -12.44
N ASP G 248 -8.05 27.49 -11.74
CA ASP G 248 -6.77 27.16 -12.37
C ASP G 248 -6.31 25.76 -12.00
N ILE G 249 -5.30 25.27 -12.70
CA ILE G 249 -4.89 23.89 -12.51
C ILE G 249 -4.54 23.68 -11.04
N ALA G 250 -3.72 24.57 -10.49
CA ALA G 250 -3.30 24.46 -9.09
C ALA G 250 -4.51 24.19 -8.18
N THR G 251 -5.56 24.98 -8.35
CA THR G 251 -6.74 24.90 -7.51
C THR G 251 -7.44 23.55 -7.70
N GLY G 252 -7.65 23.17 -8.95
CA GLY G 252 -8.25 21.90 -9.30
C GLY G 252 -7.48 20.71 -8.76
N LYS G 253 -6.16 20.79 -8.70
CA LYS G 253 -5.41 19.72 -8.04
C LYS G 253 -5.75 19.62 -6.54
N LYS G 254 -5.96 20.76 -5.89
CA LYS G 254 -6.31 20.80 -4.47
C LYS G 254 -7.67 20.15 -4.25
N VAL G 255 -8.62 20.52 -5.10
CA VAL G 255 -9.96 20.01 -5.01
C VAL G 255 -9.98 18.49 -5.19
N LEU G 256 -9.32 18.00 -6.22
CA LEU G 256 -9.17 16.56 -6.40
C LEU G 256 -8.53 15.85 -5.19
N ALA G 257 -7.39 16.34 -4.74
CA ALA G 257 -6.71 15.75 -3.58
C ALA G 257 -7.63 15.71 -2.38
N ALA G 258 -8.47 16.74 -2.21
CA ALA G 258 -9.43 16.74 -1.11
C ALA G 258 -10.57 15.74 -1.33
N ALA G 259 -11.10 15.69 -2.54
CA ALA G 259 -12.19 14.78 -2.87
C ALA G 259 -11.76 13.33 -2.77
N ALA G 260 -10.46 13.09 -2.92
CA ALA G 260 -9.89 11.73 -2.80
C ALA G 260 -10.22 11.12 -1.47
N LYS G 261 -10.24 11.95 -0.43
CA LYS G 261 -10.44 11.45 0.94
C LYS G 261 -11.81 10.81 1.12
N THR G 262 -12.83 11.29 0.40
CA THR G 262 -14.18 10.71 0.56
C THR G 262 -14.90 10.30 -0.72
N VAL G 263 -14.21 10.32 -1.86
CA VAL G 263 -14.78 9.85 -3.15
C VAL G 263 -15.93 10.75 -3.62
N LYS G 264 -15.77 12.05 -3.39
CA LYS G 264 -16.71 13.05 -3.83
C LYS G 264 -16.61 13.25 -5.33
N ARG G 265 -17.74 13.15 -6.02
CA ARG G 265 -17.84 13.52 -7.42
C ARG G 265 -17.33 14.95 -7.59
N THR G 266 -16.61 15.17 -8.68
CA THR G 266 -15.99 16.43 -9.00
C THR G 266 -16.37 16.83 -10.42
N HIS G 267 -16.48 18.12 -10.64
CA HIS G 267 -16.79 18.70 -11.93
C HIS G 267 -15.84 19.85 -12.08
N LEU G 268 -14.93 19.74 -13.04
CA LEU G 268 -13.76 20.60 -13.08
C LEU G 268 -13.49 21.26 -14.42
N GLU G 269 -13.34 22.57 -14.39
CA GLU G 269 -12.83 23.29 -15.55
C GLU G 269 -11.65 24.17 -15.11
N LEU G 270 -10.48 23.84 -15.63
CA LEU G 270 -9.20 24.24 -15.02
C LEU G 270 -8.28 25.10 -15.87
N GLY G 271 -8.77 25.54 -17.03
CA GLY G 271 -7.99 26.45 -17.83
C GLY G 271 -7.74 25.97 -19.23
N GLY G 272 -7.27 26.88 -20.04
CA GLY G 272 -6.95 26.59 -21.40
C GLY G 272 -5.77 27.33 -21.93
N LYS G 273 -5.21 26.80 -23.00
CA LYS G 273 -4.19 27.45 -23.79
C LYS G 273 -4.56 27.25 -25.23
N ALA G 274 -5.52 27.99 -25.71
CA ALA G 274 -6.12 27.68 -26.96
C ALA G 274 -5.23 27.95 -28.14
N PRO G 275 -4.99 26.93 -28.91
CA PRO G 275 -4.15 27.11 -30.07
C PRO G 275 -4.97 27.62 -31.22
N VAL G 276 -4.38 28.55 -31.99
CA VAL G 276 -4.99 29.09 -33.17
C VAL G 276 -4.10 28.72 -34.32
N ILE G 277 -4.53 27.79 -35.17
CA ILE G 277 -3.69 27.37 -36.29
C ILE G 277 -4.06 28.17 -37.50
N VAL G 278 -3.09 28.88 -38.04
CA VAL G 278 -3.32 29.74 -39.19
C VAL G 278 -2.52 29.23 -40.36
N TYR G 279 -3.19 28.60 -41.31
CA TYR G 279 -2.51 28.15 -42.50
C TYR G 279 -2.29 29.28 -43.49
N GLY G 280 -1.49 28.98 -44.53
CA GLY G 280 -1.03 29.98 -45.52
C GLY G 280 -2.13 30.58 -46.36
N ASP G 281 -3.22 29.84 -46.53
CA ASP G 281 -4.35 30.31 -47.33
C ASP G 281 -5.47 30.89 -46.47
N ALA G 282 -5.13 31.40 -45.29
CA ALA G 282 -6.14 32.00 -44.43
C ALA G 282 -6.49 33.41 -44.89
N ASP G 283 -7.72 33.85 -44.60
CA ASP G 283 -8.06 35.26 -44.71
C ASP G 283 -7.42 36.00 -43.54
N LEU G 284 -6.20 36.43 -43.81
CA LEU G 284 -5.34 37.06 -42.85
C LEU G 284 -5.97 38.23 -42.14
N GLU G 285 -6.71 39.07 -42.86
CA GLU G 285 -7.39 40.22 -42.26
C GLU G 285 -8.41 39.81 -41.19
N ALA G 286 -9.16 38.74 -41.48
CA ALA G 286 -10.15 38.18 -40.55
C ALA G 286 -9.46 37.52 -39.36
N VAL G 287 -8.30 36.89 -39.60
CA VAL G 287 -7.50 36.27 -38.53
C VAL G 287 -7.14 37.33 -37.52
N VAL G 288 -6.57 38.42 -38.03
CA VAL G 288 -6.09 39.50 -37.21
C VAL G 288 -7.23 40.14 -36.41
N ASN G 289 -8.40 40.29 -37.03
CA ASN G 289 -9.51 40.83 -36.27
C ASN G 289 -9.99 39.84 -35.20
N GLY G 290 -10.03 38.56 -35.56
CA GLY G 290 -10.33 37.49 -34.62
C GLY G 290 -9.48 37.59 -33.37
N ILE G 291 -8.17 37.70 -33.56
CA ILE G 291 -7.23 37.69 -32.43
C ILE G 291 -7.25 39.04 -31.70
N ARG G 292 -7.35 40.14 -32.42
CA ARG G 292 -7.53 41.44 -31.78
C ARG G 292 -8.65 41.38 -30.71
N THR G 293 -9.77 40.75 -31.06
CA THR G 293 -10.90 40.70 -30.15
C THR G 293 -10.75 39.60 -29.11
N PHE G 294 -10.46 38.37 -29.59
CA PHE G 294 -10.58 37.14 -28.82
C PHE G 294 -9.30 36.70 -28.08
N GLY G 295 -8.19 37.38 -28.35
CA GLY G 295 -7.00 37.23 -27.52
C GLY G 295 -7.07 38.17 -26.33
N TYR G 296 -7.94 39.17 -26.42
CA TYR G 296 -7.88 40.30 -25.47
C TYR G 296 -9.20 40.63 -24.81
N TYR G 297 -10.28 40.02 -25.28
CA TYR G 297 -11.56 40.21 -24.63
C TYR G 297 -11.41 39.85 -23.15
N ASN G 298 -12.06 40.64 -22.29
CA ASN G 298 -12.02 40.47 -20.84
C ASN G 298 -10.58 40.48 -20.30
N ALA G 299 -9.74 41.21 -21.05
CA ALA G 299 -8.33 41.43 -20.76
C ALA G 299 -7.62 40.10 -20.75
N GLY G 300 -8.03 39.23 -21.65
CA GLY G 300 -7.51 37.86 -21.73
C GLY G 300 -7.79 37.00 -20.50
N GLN G 301 -8.70 37.46 -19.64
CA GLN G 301 -9.05 36.70 -18.43
C GLN G 301 -10.18 35.69 -18.75
N ASP G 302 -9.85 34.72 -19.58
CA ASP G 302 -10.84 33.88 -20.21
C ASP G 302 -10.15 32.59 -20.62
N CYS G 303 -10.81 31.48 -20.32
CA CYS G 303 -10.23 30.14 -20.47
C CYS G 303 -10.19 29.70 -21.96
N THR G 304 -10.86 30.43 -22.84
CA THR G 304 -10.91 30.13 -24.28
C THR G 304 -10.15 31.17 -25.10
N ALA G 305 -9.52 32.11 -24.40
CA ALA G 305 -8.71 33.19 -24.99
C ALA G 305 -7.85 32.69 -26.18
N ALA G 306 -7.78 33.47 -27.24
CA ALA G 306 -7.06 33.09 -28.46
C ALA G 306 -5.60 33.46 -28.30
N CYS G 307 -4.89 32.63 -27.60
CA CYS G 307 -3.65 33.07 -27.02
C CYS G 307 -2.41 32.33 -27.52
N ARG G 308 -2.56 31.18 -28.16
CA ARG G 308 -1.38 30.45 -28.62
C ARG G 308 -1.41 30.22 -30.12
N ILE G 309 -0.85 31.16 -30.86
CA ILE G 309 -0.96 31.17 -32.30
C ILE G 309 0.14 30.38 -32.99
N TYR G 310 -0.26 29.52 -33.92
CA TYR G 310 0.67 28.81 -34.79
C TYR G 310 0.48 29.37 -36.20
N ALA G 311 1.54 29.92 -36.78
CA ALA G 311 1.40 30.58 -38.07
C ALA G 311 2.28 29.95 -39.13
N GLU G 312 1.64 29.57 -40.22
CA GLU G 312 2.32 29.06 -41.41
C GLU G 312 3.48 29.96 -41.80
N ALA G 313 4.59 29.32 -42.16
CA ALA G 313 5.86 29.99 -42.45
C ALA G 313 5.75 31.10 -43.50
N GLY G 314 5.03 30.84 -44.59
CA GLY G 314 4.76 31.84 -45.62
C GLY G 314 4.02 33.11 -45.19
N ILE G 315 3.23 33.04 -44.11
CA ILE G 315 2.47 34.25 -43.65
C ILE G 315 2.84 34.76 -42.26
N TYR G 316 3.83 34.12 -41.65
CA TYR G 316 4.24 34.44 -40.27
C TYR G 316 4.58 35.91 -40.07
N GLU G 317 5.41 36.46 -40.96
CA GLU G 317 5.89 37.85 -40.91
C GLU G 317 4.77 38.90 -40.95
N LYS G 318 3.86 38.78 -41.91
CA LYS G 318 2.75 39.72 -42.06
C LYS G 318 1.76 39.61 -40.91
N LEU G 319 1.48 38.37 -40.49
CA LEU G 319 0.59 38.14 -39.36
C LEU G 319 1.13 38.89 -38.15
N VAL G 320 2.37 38.61 -37.79
CA VAL G 320 2.96 39.29 -36.66
C VAL G 320 2.85 40.82 -36.80
N ALA G 321 3.30 41.36 -37.93
CA ALA G 321 3.29 42.79 -38.21
C ALA G 321 1.89 43.41 -38.12
N ASP G 322 0.91 42.81 -38.81
CA ASP G 322 -0.49 43.28 -38.81
C ASP G 322 -1.16 43.12 -37.43
N LEU G 323 -0.85 42.04 -36.74
CA LEU G 323 -1.37 41.81 -35.38
C LEU G 323 -0.84 42.82 -34.37
N THR G 324 0.44 43.14 -34.48
CA THR G 324 1.10 44.08 -33.60
C THR G 324 0.43 45.43 -33.76
N SER G 325 0.28 45.81 -35.02
CA SER G 325 -0.40 47.03 -35.39
C SER G 325 -1.82 47.12 -34.78
N ALA G 326 -2.63 46.06 -34.95
CA ALA G 326 -4.03 46.08 -34.51
C ALA G 326 -4.14 46.07 -32.99
N VAL G 327 -3.33 45.23 -32.35
CA VAL G 327 -3.30 45.16 -30.88
C VAL G 327 -2.96 46.50 -30.19
N SER G 328 -2.13 47.32 -30.84
CA SER G 328 -1.71 48.58 -30.26
C SER G 328 -2.78 49.67 -30.30
N THR G 329 -3.91 49.42 -30.98
CA THR G 329 -5.03 50.41 -31.02
C THR G 329 -6.12 50.07 -30.00
N ILE G 330 -6.05 48.87 -29.42
CA ILE G 330 -6.98 48.42 -28.37
C ILE G 330 -7.13 49.44 -27.26
N ARG G 331 -8.34 49.97 -27.11
CA ARG G 331 -8.61 51.00 -26.13
C ARG G 331 -8.91 50.41 -24.75
N TYR G 332 -8.31 51.02 -23.73
CA TYR G 332 -8.57 50.66 -22.34
C TYR G 332 -8.31 51.87 -21.41
N ASN G 333 -8.87 51.82 -20.21
CA ASN G 333 -8.67 52.87 -19.17
C ASN G 333 -9.12 54.30 -19.53
N LEU G 334 -9.92 54.42 -20.57
CA LEU G 334 -10.49 55.70 -20.96
C LEU G 334 -11.61 56.11 -20.01
N ASP G 335 -11.82 57.42 -19.86
CA ASP G 335 -12.90 57.97 -19.01
C ASP G 335 -14.27 57.59 -19.55
N ASP G 336 -14.42 57.64 -20.87
CA ASP G 336 -15.68 57.33 -21.52
C ASP G 336 -15.77 55.81 -21.68
N ASP G 337 -16.31 55.16 -20.65
CA ASP G 337 -16.35 53.70 -20.60
C ASP G 337 -16.94 53.05 -21.86
N THR G 338 -17.82 53.76 -22.55
CA THR G 338 -18.37 53.25 -23.82
C THR G 338 -17.33 53.16 -24.94
N GLU G 339 -16.20 53.86 -24.78
CA GLU G 339 -15.07 53.72 -25.70
C GLU G 339 -14.02 52.65 -25.30
N ASN G 340 -14.13 52.07 -24.12
CA ASN G 340 -13.19 51.05 -23.69
C ASN G 340 -13.48 49.71 -24.34
N GLU G 341 -12.44 49.02 -24.79
CA GLU G 341 -12.64 47.69 -25.37
C GLU G 341 -12.36 46.57 -24.37
N ILE G 342 -11.38 46.78 -23.49
CA ILE G 342 -11.06 45.81 -22.43
C ILE G 342 -10.83 46.52 -21.10
N GLY G 343 -11.10 45.82 -19.99
CA GLY G 343 -10.86 46.39 -18.67
C GLY G 343 -9.53 45.90 -18.14
N PRO G 344 -9.28 46.07 -16.82
CA PRO G 344 -8.05 45.65 -16.16
C PRO G 344 -8.06 44.17 -15.79
N LEU G 345 -6.97 43.68 -15.23
CA LEU G 345 -6.99 42.38 -14.58
C LEU G 345 -7.61 42.57 -13.20
N ILE G 346 -7.92 41.46 -12.51
CA ILE G 346 -8.74 41.55 -11.30
C ILE G 346 -8.08 42.23 -10.08
N SER G 347 -6.76 42.06 -9.96
CA SER G 347 -6.02 42.42 -8.75
C SER G 347 -4.57 42.67 -9.06
N ARG G 348 -3.90 43.37 -8.13
CA ARG G 348 -2.46 43.58 -8.19
C ARG G 348 -1.69 42.26 -8.39
N ARG G 349 -2.10 41.21 -7.68
CA ARG G 349 -1.43 39.91 -7.76
C ARG G 349 -1.55 39.27 -9.13
N GLN G 350 -2.73 39.33 -9.72
CA GLN G 350 -2.91 38.88 -11.10
C GLN G 350 -2.05 39.67 -12.10
N ARG G 351 -2.13 40.99 -12.02
CA ARG G 351 -1.35 41.86 -12.89
C ARG G 351 0.15 41.59 -12.79
N ASP G 352 0.63 41.30 -11.58
CA ASP G 352 2.03 40.94 -11.35
C ASP G 352 2.40 39.64 -12.03
N ARG G 353 1.52 38.64 -11.90
CA ARG G 353 1.73 37.33 -12.48
C ARG G 353 1.91 37.42 -13.98
N VAL G 354 1.00 38.17 -14.62
CA VAL G 354 1.07 38.36 -16.07
C VAL G 354 2.41 39.00 -16.42
N ALA G 355 2.75 40.08 -15.71
CA ALA G 355 3.98 40.82 -15.97
C ALA G 355 5.22 39.93 -15.96
N SER G 356 5.28 39.01 -15.01
CA SER G 356 6.50 38.25 -14.83
C SER G 356 6.57 37.14 -15.86
N PHE G 357 5.40 36.64 -16.29
CA PHE G 357 5.33 35.72 -17.44
C PHE G 357 5.98 36.37 -18.65
N VAL G 358 5.58 37.61 -18.92
CA VAL G 358 6.02 38.33 -20.11
C VAL G 358 7.51 38.60 -20.02
N GLU G 359 7.94 39.18 -18.90
CA GLU G 359 9.37 39.36 -18.64
C GLU G 359 10.17 38.10 -18.87
N ARG G 360 9.69 36.99 -18.32
CA ARG G 360 10.38 35.70 -18.51
C ARG G 360 10.53 35.33 -20.00
N ALA G 361 9.53 35.68 -20.80
CA ALA G 361 9.58 35.44 -22.25
C ALA G 361 10.47 36.43 -23.01
N ALA G 362 10.37 37.72 -22.68
CA ALA G 362 11.28 38.75 -23.23
C ALA G 362 12.77 38.49 -22.96
N ASP G 363 13.06 37.76 -21.89
CA ASP G 363 14.42 37.36 -21.51
C ASP G 363 14.99 36.35 -22.49
N GLN G 364 14.09 35.69 -23.21
CA GLN G 364 14.46 34.73 -24.23
C GLN G 364 14.93 35.49 -25.45
N LYS G 365 16.15 35.16 -25.88
CA LYS G 365 16.82 35.85 -26.99
C LYS G 365 16.06 35.74 -28.32
N HIS G 366 15.33 34.63 -28.51
CA HIS G 366 14.58 34.40 -29.74
C HIS G 366 13.20 34.97 -29.67
N ILE G 367 12.85 35.57 -28.55
CA ILE G 367 11.50 36.09 -28.39
C ILE G 367 11.49 37.61 -28.46
N GLU G 368 10.57 38.15 -29.25
CA GLU G 368 10.42 39.59 -29.34
C GLU G 368 9.02 40.03 -28.88
N ILE G 369 8.96 41.03 -28.02
CA ILE G 369 7.72 41.65 -27.68
C ILE G 369 7.55 42.81 -28.60
N THR G 370 6.63 42.67 -29.51
CA THR G 370 6.45 43.64 -30.59
C THR G 370 5.57 44.82 -30.19
N THR G 371 4.71 44.60 -29.20
CA THR G 371 3.92 45.69 -28.63
C THR G 371 3.47 45.32 -27.22
N GLY G 372 3.27 46.35 -26.39
CA GLY G 372 2.88 46.18 -25.00
C GLY G 372 3.98 45.54 -24.16
N GLY G 373 3.58 44.75 -23.17
CA GLY G 373 4.53 43.96 -22.37
C GLY G 373 4.85 44.55 -21.02
N ARG G 374 4.19 45.66 -20.69
CA ARG G 374 4.41 46.33 -19.40
C ARG G 374 3.06 46.70 -18.77
N THR G 375 3.11 47.22 -17.55
CA THR G 375 1.93 47.61 -16.80
C THR G 375 1.21 48.75 -17.54
N GLY G 376 -0.10 48.83 -17.40
CA GLY G 376 -0.88 49.70 -18.31
C GLY G 376 -1.56 50.90 -17.69
N SER G 377 -1.47 51.01 -16.36
CA SER G 377 -2.09 52.13 -15.67
C SER G 377 -1.33 52.57 -14.42
N ASP G 378 -1.33 53.89 -14.20
CA ASP G 378 -0.83 54.49 -12.96
C ASP G 378 -1.52 53.91 -11.74
N GLU G 379 -2.84 53.79 -11.79
CA GLU G 379 -3.61 53.18 -10.70
C GLU G 379 -4.45 52.04 -11.27
N GLY G 380 -4.83 51.10 -10.41
CA GLY G 380 -5.63 49.97 -10.83
C GLY G 380 -4.72 48.92 -11.42
N PHE G 381 -5.26 48.03 -12.24
CA PHE G 381 -4.49 46.84 -12.61
C PHE G 381 -4.52 46.54 -14.09
N PHE G 382 -4.55 47.60 -14.91
CA PHE G 382 -4.47 47.43 -16.35
C PHE G 382 -3.11 46.89 -16.78
N PHE G 383 -3.11 45.91 -17.66
CA PHE G 383 -1.87 45.44 -18.27
C PHE G 383 -1.97 45.65 -19.77
N GLN G 384 -0.86 46.04 -20.39
CA GLN G 384 -0.88 46.41 -21.80
C GLN G 384 -1.13 45.21 -22.70
N PRO G 385 -2.03 45.40 -23.69
CA PRO G 385 -2.25 44.35 -24.66
C PRO G 385 -0.91 44.10 -25.32
N THR G 386 -0.52 42.83 -25.32
CA THR G 386 0.83 42.43 -25.68
C THR G 386 0.85 41.37 -26.79
N VAL G 387 1.88 41.42 -27.64
CA VAL G 387 2.15 40.41 -28.68
C VAL G 387 3.57 39.86 -28.46
N VAL G 388 3.71 38.56 -28.36
CA VAL G 388 5.01 37.93 -28.10
C VAL G 388 5.35 37.07 -29.31
N ALA G 389 6.33 37.49 -30.10
CA ALA G 389 6.64 36.79 -31.35
C ALA G 389 7.94 35.99 -31.27
N GLY G 390 7.97 34.86 -31.97
CA GLY G 390 9.19 34.03 -32.03
C GLY G 390 9.19 32.86 -31.07
N ALA G 391 8.12 32.72 -30.29
CA ALA G 391 8.04 31.71 -29.23
C ALA G 391 8.07 30.30 -29.80
N THR G 392 8.69 29.36 -29.10
CA THR G 392 8.68 27.99 -29.58
C THR G 392 7.89 27.05 -28.62
N GLN G 393 7.62 25.82 -29.08
CA GLN G 393 6.93 24.75 -28.32
C GLN G 393 7.48 24.57 -26.91
N GLU G 394 8.75 24.95 -26.71
CA GLU G 394 9.47 24.71 -25.46
C GLU G 394 9.34 25.86 -24.48
N ASP G 395 8.96 27.03 -24.99
CA ASP G 395 8.93 28.21 -24.14
C ASP G 395 7.78 28.17 -23.12
N GLU G 396 8.04 28.71 -21.93
CA GLU G 396 7.02 28.76 -20.90
C GLU G 396 5.78 29.45 -21.42
N ILE G 397 5.95 30.46 -22.26
CA ILE G 397 4.83 31.28 -22.73
C ILE G 397 3.86 30.50 -23.65
N VAL G 398 4.37 29.46 -24.30
CA VAL G 398 3.54 28.59 -25.14
C VAL G 398 2.96 27.46 -24.28
N ARG G 399 3.67 27.11 -23.20
CA ARG G 399 3.37 25.93 -22.39
C ARG G 399 2.29 26.16 -21.31
N ARG G 400 2.25 27.39 -20.77
CA ARG G 400 1.49 27.72 -19.56
C ARG G 400 0.40 28.76 -19.76
N GLU G 401 -0.74 28.56 -19.11
CA GLU G 401 -1.83 29.53 -19.15
C GLU G 401 -1.40 30.85 -18.50
N VAL G 402 -1.44 31.92 -19.29
CA VAL G 402 -1.07 33.23 -18.81
C VAL G 402 -2.25 34.00 -18.21
N PHE G 403 -3.41 33.98 -18.87
CA PHE G 403 -4.61 34.64 -18.33
C PHE G 403 -4.46 36.17 -18.24
N GLY G 404 -3.94 36.75 -19.31
CA GLY G 404 -3.83 38.20 -19.42
C GLY G 404 -3.94 38.59 -20.87
N PRO G 405 -3.90 39.89 -21.16
CA PRO G 405 -4.05 40.40 -22.51
C PRO G 405 -2.75 40.24 -23.29
N VAL G 406 -2.39 38.99 -23.55
CA VAL G 406 -1.08 38.58 -24.07
C VAL G 406 -1.26 37.43 -25.05
N VAL G 407 -0.72 37.57 -26.25
CA VAL G 407 -0.84 36.53 -27.26
C VAL G 407 0.55 36.19 -27.80
N SER G 408 0.85 34.91 -28.00
CA SER G 408 2.13 34.54 -28.56
C SER G 408 1.98 33.97 -29.96
N VAL G 409 2.97 34.23 -30.82
CA VAL G 409 2.96 33.70 -32.18
C VAL G 409 4.17 32.81 -32.40
N THR G 410 3.93 31.63 -32.98
CA THR G 410 4.93 30.57 -33.19
C THR G 410 4.90 30.12 -34.64
N ARG G 411 6.05 29.90 -35.25
CA ARG G 411 6.08 29.58 -36.67
C ARG G 411 6.11 28.07 -36.88
N PHE G 412 5.45 27.60 -37.93
CA PHE G 412 5.61 26.24 -38.43
C PHE G 412 5.82 26.29 -39.95
N THR G 413 6.39 25.23 -40.50
CA THR G 413 6.83 25.19 -41.89
C THR G 413 6.20 23.97 -42.52
N GLY G 414 6.58 23.66 -43.75
CA GLY G 414 6.02 22.49 -44.44
C GLY G 414 6.40 21.13 -43.85
N LYS G 415 7.50 21.07 -43.11
CA LYS G 415 7.91 19.80 -42.51
C LYS G 415 7.21 19.49 -41.18
N ASP G 416 6.43 20.45 -40.69
CA ASP G 416 5.79 20.34 -39.39
C ASP G 416 4.33 19.95 -39.47
N ASP G 417 3.88 19.18 -38.49
CA ASP G 417 2.47 18.86 -38.33
C ASP G 417 1.84 19.79 -37.31
N ALA G 418 1.33 20.93 -37.78
CA ALA G 418 0.77 21.96 -36.91
C ALA G 418 -0.23 21.38 -35.91
N VAL G 419 -0.98 20.37 -36.34
CA VAL G 419 -1.98 19.77 -35.48
C VAL G 419 -1.35 18.98 -34.31
N ALA G 420 -0.28 18.23 -34.60
CA ALA G 420 0.44 17.49 -33.57
C ALA G 420 1.07 18.44 -32.55
N TRP G 421 1.50 19.59 -33.05
CA TRP G 421 2.05 20.66 -32.20
C TRP G 421 1.00 21.21 -31.30
N ALA G 422 -0.16 21.55 -31.85
CA ALA G 422 -1.28 21.98 -31.00
C ALA G 422 -1.66 20.91 -29.94
N ASN G 423 -1.70 19.64 -30.34
CA ASN G 423 -2.09 18.53 -29.46
C ASN G 423 -1.06 18.23 -28.36
N ASP G 424 0.17 18.65 -28.58
CA ASP G 424 1.23 18.42 -27.62
C ASP G 424 1.13 19.49 -26.52
N SER G 425 0.19 19.27 -25.62
CA SER G 425 -0.12 20.27 -24.62
C SER G 425 -0.77 19.61 -23.41
N ASP G 426 -0.69 20.24 -22.25
CA ASP G 426 -1.43 19.79 -21.06
C ASP G 426 -2.92 20.20 -21.10
N TYR G 427 -3.28 21.17 -21.95
CA TYR G 427 -4.62 21.72 -22.01
C TYR G 427 -5.43 21.07 -23.14
N GLY G 428 -6.76 21.20 -23.07
CA GLY G 428 -7.68 20.61 -24.07
C GLY G 428 -9.05 21.27 -24.08
N LEU G 429 -9.14 22.54 -23.75
CA LEU G 429 -10.43 23.20 -23.68
C LEU G 429 -11.01 23.63 -25.06
N ALA G 430 -10.27 24.43 -25.81
CA ALA G 430 -10.79 25.13 -26.97
C ALA G 430 -9.65 25.33 -27.91
N SER G 431 -9.97 25.64 -29.17
CA SER G 431 -8.99 25.79 -30.21
C SER G 431 -9.63 26.36 -31.43
N SER G 432 -8.83 26.70 -32.43
CA SER G 432 -9.41 27.18 -33.67
C SER G 432 -8.46 27.12 -34.83
N VAL G 433 -9.02 27.07 -36.02
CA VAL G 433 -8.23 26.82 -37.22
C VAL G 433 -8.65 27.80 -38.28
N TRP G 434 -7.70 28.37 -39.02
CA TRP G 434 -8.04 29.33 -40.05
C TRP G 434 -7.42 28.97 -41.37
N THR G 435 -8.29 28.88 -42.37
CA THR G 435 -7.96 28.48 -43.73
C THR G 435 -9.19 28.73 -44.61
N LYS G 436 -9.02 28.94 -45.91
CA LYS G 436 -10.16 28.99 -46.85
C LYS G 436 -10.37 27.61 -47.48
N ASP G 437 -9.52 26.66 -47.13
CA ASP G 437 -9.57 25.30 -47.65
C ASP G 437 -10.37 24.33 -46.75
N ILE G 438 -11.59 24.04 -47.16
CA ILE G 438 -12.48 23.12 -46.44
C ILE G 438 -11.73 21.83 -46.04
N SER G 439 -11.03 21.22 -46.98
CA SER G 439 -10.27 20.02 -46.68
C SER G 439 -9.29 20.15 -45.50
N LYS G 440 -8.35 21.10 -45.54
CA LYS G 440 -7.49 21.36 -44.34
C LYS G 440 -8.27 21.62 -43.05
N ALA G 441 -9.39 22.33 -43.16
CA ALA G 441 -10.22 22.62 -41.99
C ALA G 441 -10.82 21.35 -41.35
N ARG G 443 -9.86 18.18 -41.72
CA ARG G 443 -8.79 17.33 -41.20
CA ARG G 443 -8.80 17.32 -41.20
C ARG G 443 -8.38 17.75 -39.79
N ALA G 444 -8.13 19.04 -39.61
CA ALA G 444 -7.66 19.52 -38.32
C ALA G 444 -8.77 19.47 -37.25
N ALA G 445 -10.00 19.81 -37.64
CA ALA G 445 -11.14 19.73 -36.73
C ALA G 445 -11.28 18.30 -36.24
N SER G 446 -11.02 17.33 -37.12
CA SER G 446 -11.21 15.96 -36.71
C SER G 446 -10.09 15.42 -35.82
N ARG G 447 -8.87 15.93 -35.99
CA ARG G 447 -7.71 15.46 -35.19
C ARG G 447 -7.38 16.29 -33.93
N LEU G 448 -7.90 17.49 -33.82
CA LEU G 448 -7.58 18.30 -32.68
C LEU G 448 -8.07 17.71 -31.38
N GLN G 449 -7.26 17.82 -30.36
CA GLN G 449 -7.60 17.29 -29.06
C GLN G 449 -8.14 18.35 -28.14
N TYR G 450 -9.25 18.93 -28.48
CA TYR G 450 -9.77 20.04 -27.74
C TYR G 450 -11.26 19.95 -27.59
N GLY G 451 -11.78 20.32 -26.44
CA GLY G 451 -13.21 20.24 -26.19
C GLY G 451 -13.97 20.91 -27.30
N CYS G 452 -13.34 21.91 -27.93
CA CYS G 452 -14.02 22.67 -28.95
C CYS G 452 -13.07 23.20 -29.99
N THR G 453 -13.50 23.25 -31.24
CA THR G 453 -12.67 23.78 -32.34
C THR G 453 -13.56 24.70 -33.19
N TRP G 454 -13.21 25.97 -33.27
CA TRP G 454 -13.85 26.84 -34.21
C TRP G 454 -13.08 26.82 -35.49
N ILE G 455 -13.80 26.98 -36.58
CA ILE G 455 -13.19 27.15 -37.84
C ILE G 455 -13.53 28.51 -38.42
N ASN G 456 -12.47 29.27 -38.68
CA ASN G 456 -12.58 30.61 -39.25
C ASN G 456 -13.35 31.54 -38.31
N THR G 457 -13.34 31.22 -37.03
CA THR G 457 -13.69 32.18 -35.99
C THR G 457 -13.07 31.67 -34.70
N HIS G 458 -13.39 32.32 -33.58
CA HIS G 458 -12.95 31.85 -32.26
C HIS G 458 -13.92 32.35 -31.25
N PHE G 459 -13.97 31.71 -30.08
CA PHE G 459 -14.60 32.35 -28.91
C PHE G 459 -16.12 32.26 -28.86
N LEU G 461 -19.76 31.20 -28.36
CA LEU G 461 -20.48 30.26 -27.51
C LEU G 461 -21.96 30.33 -27.78
N THR G 462 -22.62 29.20 -27.57
CA THR G 462 -24.08 29.12 -27.69
C THR G 462 -24.51 28.12 -26.64
N ASN G 463 -25.54 28.46 -25.90
CA ASN G 463 -25.90 27.71 -24.71
C ASN G 463 -26.31 26.25 -24.93
N GLU G 464 -26.68 25.93 -26.16
CA GLU G 464 -26.95 24.56 -26.57
C GLU G 464 -25.68 23.71 -26.68
N PRO G 466 -21.87 22.27 -25.70
CA PRO G 466 -20.98 22.02 -24.55
C PRO G 466 -19.64 22.73 -24.63
N HIS G 467 -19.18 23.19 -23.47
CA HIS G 467 -17.88 23.84 -23.30
C HIS G 467 -17.18 23.13 -22.19
N GLY G 468 -16.03 22.52 -22.49
CA GLY G 468 -15.32 21.71 -21.47
C GLY G 468 -14.15 20.93 -22.04
N GLY G 469 -13.10 20.72 -21.25
CA GLY G 469 -11.83 20.18 -21.78
C GLY G 469 -11.58 18.70 -21.64
N ILE G 470 -10.40 18.26 -22.09
CA ILE G 470 -9.81 17.00 -21.68
C ILE G 470 -8.43 17.33 -21.11
N LYS G 471 -7.65 16.29 -20.83
CA LYS G 471 -6.35 16.44 -20.23
C LYS G 471 -6.46 17.35 -19.02
N GLN G 472 -5.50 18.25 -18.84
CA GLN G 472 -5.41 19.00 -17.60
C GLN G 472 -6.42 20.13 -17.49
N SER G 473 -7.20 20.37 -18.55
CA SER G 473 -8.30 21.36 -18.51
C SER G 473 -9.46 20.87 -17.67
N GLY G 474 -9.41 19.62 -17.24
CA GLY G 474 -10.47 19.01 -16.43
C GLY G 474 -11.48 18.38 -17.36
N TYR G 475 -12.54 17.82 -16.80
CA TYR G 475 -13.55 17.14 -17.60
C TYR G 475 -14.94 17.76 -17.31
N GLY G 476 -15.96 17.32 -18.03
CA GLY G 476 -17.28 17.77 -17.68
C GLY G 476 -17.59 19.15 -18.24
N LYS G 477 -18.85 19.34 -18.55
CA LYS G 477 -19.23 20.40 -19.47
C LYS G 477 -19.97 21.52 -18.78
N ASP G 478 -19.90 22.70 -19.37
CA ASP G 478 -20.78 23.79 -19.00
C ASP G 478 -21.63 24.20 -20.22
N SER G 480 -25.34 23.44 -22.47
CA SER G 480 -25.88 22.28 -23.16
C SER G 480 -26.42 21.23 -22.21
N VAL G 481 -27.01 20.19 -22.80
CA VAL G 481 -27.57 19.07 -22.07
C VAL G 481 -26.52 18.33 -21.24
N TYR G 482 -25.27 18.29 -21.70
CA TYR G 482 -24.21 17.54 -20.99
C TYR G 482 -23.94 18.07 -19.58
N ALA G 483 -24.17 19.37 -19.40
CA ALA G 483 -23.97 19.98 -18.08
C ALA G 483 -24.96 19.33 -17.11
N LEU G 484 -26.17 19.12 -17.59
CA LEU G 484 -27.23 18.62 -16.73
C LEU G 484 -27.02 17.16 -16.53
N GLU G 485 -26.48 16.50 -17.55
CA GLU G 485 -26.13 15.11 -17.41
C GLU G 485 -25.06 14.99 -16.33
N ASP G 486 -24.09 15.90 -16.32
CA ASP G 486 -23.10 15.88 -15.23
C ASP G 486 -23.72 15.99 -13.83
N TYR G 487 -24.90 16.62 -13.71
CA TYR G 487 -25.50 16.82 -12.38
C TYR G 487 -26.64 15.85 -12.05
N THR G 488 -26.71 14.73 -12.77
CA THR G 488 -27.73 13.75 -12.55
C THR G 488 -27.08 12.36 -12.53
N ALA G 489 -27.77 11.42 -11.88
CA ALA G 489 -27.28 10.05 -11.75
C ALA G 489 -28.15 9.13 -12.59
N VAL G 490 -27.53 8.37 -13.48
CA VAL G 490 -28.26 7.43 -14.31
C VAL G 490 -28.58 6.27 -13.37
N ARG G 491 -29.86 5.92 -13.31
CA ARG G 491 -30.31 4.76 -12.53
C ARG G 491 -31.08 3.83 -13.48
N HIS G 492 -30.92 2.53 -13.25
CA HIS G 492 -31.60 1.46 -13.97
C HIS G 492 -32.64 0.82 -13.05
N ILE G 493 -33.90 0.84 -13.48
CA ILE G 493 -34.96 0.22 -12.68
C ILE G 493 -35.39 -0.98 -13.47
N ILE G 495 -38.11 -4.35 -13.30
CA ILE G 495 -39.27 -4.90 -12.60
C ILE G 495 -39.56 -6.28 -13.16
N ASN G 496 -39.49 -7.29 -12.29
CA ASN G 496 -39.76 -8.67 -12.66
C ASN G 496 -41.26 -8.91 -12.80
N HIS G 497 -41.70 -9.30 -14.00
CA HIS G 497 -43.05 -9.78 -14.22
C HIS G 497 -43.22 -11.09 -13.54
N ASP H 25 -0.88 -20.25 -20.86
CA ASP H 25 -0.50 -18.89 -21.29
C ASP H 25 0.00 -18.10 -20.09
N THR H 26 1.22 -17.58 -20.23
CA THR H 26 2.02 -17.10 -19.10
C THR H 26 2.70 -15.76 -19.41
N GLN H 27 2.58 -15.35 -20.68
CA GLN H 27 3.33 -14.23 -21.26
C GLN H 27 2.54 -12.91 -21.26
N LEU H 28 3.22 -11.81 -20.93
CA LEU H 28 2.61 -10.47 -21.01
C LEU H 28 2.56 -10.01 -22.46
N LEU H 29 1.51 -9.25 -22.80
CA LEU H 29 1.39 -8.68 -24.13
C LEU H 29 1.84 -7.25 -24.04
N ILE H 30 2.97 -6.97 -24.68
CA ILE H 30 3.57 -5.66 -24.61
C ILE H 30 3.85 -5.23 -26.04
N GLY H 31 2.99 -4.38 -26.58
CA GLY H 31 3.06 -4.02 -27.98
C GLY H 31 3.06 -5.29 -28.81
N SER H 32 4.02 -5.39 -29.72
CA SER H 32 4.06 -6.54 -30.60
C SER H 32 4.82 -7.73 -30.00
N ARG H 33 5.03 -7.69 -28.70
CA ARG H 33 5.87 -8.66 -27.98
C ARG H 33 5.12 -9.41 -26.86
N PHE H 34 5.18 -10.74 -26.93
CA PHE H 34 4.81 -11.61 -25.82
C PHE H 34 6.10 -12.00 -25.10
N GLU H 35 6.14 -11.73 -23.80
CA GLU H 35 7.30 -12.01 -22.96
C GLU H 35 6.91 -12.13 -21.51
N ALA H 36 7.61 -13.01 -20.81
CA ALA H 36 7.44 -13.18 -19.37
C ALA H 36 7.79 -11.92 -18.57
N GLY H 37 7.08 -11.73 -17.48
CA GLY H 37 7.49 -10.78 -16.46
C GLY H 37 8.89 -11.13 -15.95
N THR H 38 9.63 -10.10 -15.50
CA THR H 38 11.03 -10.28 -15.04
C THR H 38 11.24 -9.95 -13.54
N GLU H 39 10.17 -9.69 -12.82
CA GLU H 39 10.25 -9.36 -11.38
C GLU H 39 9.63 -10.44 -10.51
N ALA H 40 9.35 -10.11 -9.26
CA ALA H 40 8.87 -11.08 -8.26
C ALA H 40 7.68 -11.92 -8.74
N GLU H 41 7.70 -13.20 -8.38
CA GLU H 41 6.61 -14.10 -8.71
C GLU H 41 5.40 -13.94 -7.78
N GLU H 42 4.20 -14.03 -8.33
CA GLU H 42 3.01 -14.27 -7.52
C GLU H 42 2.76 -15.79 -7.54
N HIS H 43 2.43 -16.31 -6.36
CA HIS H 43 1.99 -17.68 -6.20
C HIS H 43 0.53 -17.79 -6.50
N ILE H 44 0.19 -18.17 -7.71
CA ILE H 44 -1.21 -18.37 -8.07
C ILE H 44 -1.72 -19.68 -7.54
N LEU H 45 -2.82 -19.59 -6.78
CA LEU H 45 -3.34 -20.70 -5.99
C LEU H 45 -4.68 -21.20 -6.52
N ASN H 46 -4.92 -22.50 -6.36
CA ASN H 46 -6.26 -23.06 -6.51
C ASN H 46 -7.02 -22.80 -5.21
N PRO H 47 -8.09 -22.00 -5.26
CA PRO H 47 -8.72 -21.58 -4.00
C PRO H 47 -9.58 -22.67 -3.36
N ARG H 48 -9.89 -23.71 -4.12
CA ARG H 48 -10.64 -24.83 -3.57
C ARG H 48 -9.76 -25.64 -2.61
N THR H 49 -8.46 -25.74 -2.92
CA THR H 49 -7.59 -26.65 -2.21
C THR H 49 -6.41 -25.96 -1.54
N GLY H 50 -6.19 -24.69 -1.89
CA GLY H 50 -5.05 -23.92 -1.42
C GLY H 50 -3.72 -24.30 -2.05
N ALA H 51 -3.76 -25.19 -3.04
CA ALA H 51 -2.54 -25.66 -3.70
C ALA H 51 -2.16 -24.73 -4.84
N GLY H 52 -0.86 -24.72 -5.17
CA GLY H 52 -0.34 -23.87 -6.24
C GLY H 52 -0.71 -24.36 -7.61
N ILE H 53 -1.11 -23.43 -8.48
CA ILE H 53 -1.35 -23.72 -9.90
C ILE H 53 -0.05 -23.38 -10.64
N ILE H 54 0.46 -22.18 -10.38
CA ILE H 54 1.66 -21.70 -11.05
C ILE H 54 2.24 -20.47 -10.35
N ASP H 55 3.52 -20.25 -10.59
CA ASP H 55 4.20 -19.05 -10.13
C ASP H 55 4.39 -18.08 -11.30
N LEU H 56 3.94 -16.84 -11.14
CA LEU H 56 3.98 -15.90 -12.26
C LEU H 56 4.67 -14.57 -11.97
N ALA H 57 5.69 -14.29 -12.78
CA ALA H 57 6.54 -13.13 -12.61
C ALA H 57 5.79 -11.84 -12.95
N GLU H 58 6.10 -10.79 -12.20
CA GLU H 58 5.48 -9.49 -12.38
C GLU H 58 6.23 -8.68 -13.40
N ALA H 59 5.51 -7.77 -14.03
CA ALA H 59 6.12 -6.79 -14.93
C ALA H 59 7.17 -5.94 -14.20
N SER H 60 8.24 -5.61 -14.92
CA SER H 60 9.25 -4.71 -14.44
C SER H 60 8.81 -3.30 -14.76
N HIS H 61 9.47 -2.30 -14.19
CA HIS H 61 9.18 -0.91 -14.52
C HIS H 61 9.41 -0.65 -15.98
N ALA H 62 10.46 -1.27 -16.52
CA ALA H 62 10.80 -1.15 -17.92
C ALA H 62 9.66 -1.67 -18.78
N GLN H 63 9.06 -2.78 -18.35
CA GLN H 63 8.05 -3.46 -19.13
C GLN H 63 6.73 -2.72 -19.07
N ILE H 64 6.49 -2.06 -17.94
CA ILE H 64 5.34 -1.19 -17.81
C ILE H 64 5.51 -0.02 -18.78
N ASP H 65 6.70 0.57 -18.81
CA ASP H 65 6.95 1.73 -19.69
C ASP H 65 6.82 1.41 -21.19
N ALA H 66 7.22 0.20 -21.58
CA ALA H 66 7.12 -0.27 -22.97
C ALA H 66 5.67 -0.50 -23.39
N ALA H 67 4.86 -1.00 -22.47
CA ALA H 67 3.42 -1.17 -22.66
C ALA H 67 2.72 0.14 -22.95
N VAL H 68 3.03 1.15 -22.14
CA VAL H 68 2.39 2.44 -22.25
C VAL H 68 2.86 3.10 -23.52
N ASP H 69 4.16 3.00 -23.78
CA ASP H 69 4.74 3.49 -25.02
C ASP H 69 4.10 2.83 -26.26
N ALA H 70 3.76 1.55 -26.16
CA ALA H 70 3.14 0.85 -27.26
C ALA H 70 1.70 1.38 -27.41
N ALA H 71 1.03 1.55 -26.28
CA ALA H 71 -0.28 2.21 -26.27
C ALA H 71 -0.24 3.58 -26.95
N GLU H 72 0.77 4.38 -26.62
CA GLU H 72 0.96 5.69 -27.27
C GLU H 72 1.17 5.55 -28.77
N ARG H 73 2.08 4.68 -29.18
CA ARG H 73 2.37 4.39 -30.59
C ARG H 73 1.08 3.99 -31.37
N ALA H 74 0.25 3.16 -30.73
CA ALA H 74 -0.98 2.67 -31.33
C ALA H 74 -2.10 3.70 -31.36
N PHE H 75 -2.08 4.64 -30.42
CA PHE H 75 -3.14 5.64 -30.37
C PHE H 75 -3.27 6.32 -31.72
N VAL H 76 -2.14 6.58 -32.36
CA VAL H 76 -2.09 7.40 -33.57
C VAL H 76 -3.03 6.84 -34.64
N GLY H 77 -2.83 5.57 -35.01
CA GLY H 77 -3.73 4.86 -35.91
C GLY H 77 -5.10 4.65 -35.30
N TRP H 78 -5.16 3.95 -34.17
CA TRP H 78 -6.43 3.49 -33.58
C TRP H 78 -7.48 4.54 -33.39
N SER H 79 -7.05 5.72 -32.97
CA SER H 79 -7.98 6.78 -32.66
C SER H 79 -8.61 7.39 -33.89
N GLN H 80 -8.07 7.09 -35.08
CA GLN H 80 -8.57 7.59 -36.36
C GLN H 80 -9.43 6.56 -37.14
N THR H 81 -9.54 5.34 -36.62
CA THR H 81 -10.38 4.30 -37.24
C THR H 81 -11.85 4.71 -37.11
N THR H 82 -12.68 4.18 -38.00
CA THR H 82 -14.10 4.47 -38.04
C THR H 82 -14.84 3.59 -37.05
N PRO H 83 -16.05 3.99 -36.69
CA PRO H 83 -16.78 3.11 -35.77
C PRO H 83 -16.90 1.69 -36.30
N ALA H 84 -17.14 1.56 -37.60
CA ALA H 84 -17.33 0.28 -38.25
C ALA H 84 -16.10 -0.63 -38.15
N GLU H 85 -14.90 -0.05 -38.22
CA GLU H 85 -13.67 -0.84 -38.12
C GLU H 85 -13.58 -1.33 -36.69
N ARG H 86 -13.91 -0.48 -35.73
CA ARG H 86 -13.79 -0.91 -34.34
C ARG H 86 -14.86 -1.94 -33.97
N SER H 87 -16.08 -1.70 -34.41
CA SER H 87 -17.14 -2.67 -34.32
C SER H 87 -16.74 -4.07 -34.83
N ASN H 88 -16.18 -4.16 -36.03
CA ASN H 88 -15.80 -5.48 -36.55
C ASN H 88 -14.78 -6.13 -35.68
N ALA H 89 -13.87 -5.33 -35.14
CA ALA H 89 -12.85 -5.81 -34.22
C ALA H 89 -13.48 -6.45 -32.98
N LEU H 90 -14.49 -5.80 -32.44
CA LEU H 90 -15.17 -6.30 -31.26
C LEU H 90 -16.01 -7.56 -31.50
N LEU H 91 -16.55 -7.70 -32.71
CA LEU H 91 -17.24 -8.92 -33.11
C LEU H 91 -16.26 -10.06 -33.34
N LYS H 92 -15.03 -9.75 -33.75
CA LYS H 92 -14.05 -10.82 -33.92
C LYS H 92 -13.59 -11.32 -32.56
N ILE H 93 -13.36 -10.40 -31.62
CA ILE H 93 -13.02 -10.80 -30.27
C ILE H 93 -14.15 -11.61 -29.66
N ALA H 94 -15.39 -11.15 -29.81
CA ALA H 94 -16.54 -11.99 -29.44
C ALA H 94 -16.39 -13.45 -29.96
N ASP H 95 -16.28 -13.61 -31.29
CA ASP H 95 -16.16 -14.95 -31.95
C ASP H 95 -15.05 -15.81 -31.38
N ALA H 96 -13.92 -15.19 -31.05
CA ALA H 96 -12.73 -15.93 -30.62
C ALA H 96 -13.02 -16.59 -29.28
N ILE H 97 -13.59 -15.79 -28.38
CA ILE H 97 -13.97 -16.22 -27.05
C ILE H 97 -15.03 -17.31 -27.17
N GLU H 98 -15.98 -17.13 -28.08
CA GLU H 98 -17.05 -18.09 -28.32
C GLU H 98 -16.50 -19.45 -28.68
N LYS H 99 -15.56 -19.51 -29.61
CA LYS H 99 -15.06 -20.82 -30.06
C LYS H 99 -14.13 -21.52 -29.06
N GLU H 100 -13.81 -20.86 -27.95
CA GLU H 100 -13.00 -21.47 -26.89
C GLU H 100 -13.67 -21.43 -25.51
N ALA H 101 -14.99 -21.33 -25.54
CA ALA H 101 -15.82 -21.07 -24.35
C ALA H 101 -15.58 -22.06 -23.22
N ASP H 102 -15.49 -23.35 -23.54
CA ASP H 102 -15.22 -24.32 -22.50
C ASP H 102 -13.83 -24.13 -21.84
N GLU H 103 -12.80 -23.97 -22.67
CA GLU H 103 -11.44 -23.65 -22.21
C GLU H 103 -11.37 -22.42 -21.28
N PHE H 104 -12.07 -21.35 -21.64
CA PHE H 104 -12.01 -20.18 -20.78
C PHE H 104 -12.72 -20.46 -19.49
N ALA H 105 -13.87 -21.13 -19.62
CA ALA H 105 -14.71 -21.43 -18.47
C ALA H 105 -13.93 -22.25 -17.50
N ALA H 106 -13.26 -23.29 -18.01
CA ALA H 106 -12.54 -24.21 -17.16
C ALA H 106 -11.43 -23.47 -16.45
N LEU H 107 -10.70 -22.64 -17.19
CA LEU H 107 -9.57 -21.95 -16.59
C LEU H 107 -10.00 -21.00 -15.45
N GLU H 108 -11.12 -20.29 -15.65
CA GLU H 108 -11.70 -19.41 -14.64
C GLU H 108 -12.23 -20.20 -13.44
N ALA H 109 -12.93 -21.31 -13.73
CA ALA H 109 -13.35 -22.23 -12.68
C ALA H 109 -12.14 -22.62 -11.83
N LEU H 110 -11.08 -23.10 -12.50
CA LEU H 110 -9.83 -23.47 -11.81
C LEU H 110 -9.21 -22.30 -11.00
N ASN H 111 -8.93 -21.17 -11.64
CA ASN H 111 -8.31 -20.02 -10.95
C ASN H 111 -9.13 -19.39 -9.79
N CYS H 112 -10.47 -19.49 -9.82
CA CYS H 112 -11.29 -18.83 -8.79
C CYS H 112 -12.13 -19.76 -7.95
N GLY H 113 -12.12 -21.04 -8.31
CA GLY H 113 -12.93 -22.02 -7.60
C GLY H 113 -14.41 -21.89 -7.86
N LYS H 114 -14.78 -21.11 -8.88
CA LYS H 114 -16.17 -21.02 -9.35
C LYS H 114 -16.69 -22.41 -9.82
N PRO H 115 -17.93 -22.77 -9.45
CA PRO H 115 -18.49 -24.04 -9.94
C PRO H 115 -18.61 -24.03 -11.47
N ILE H 116 -18.15 -25.12 -12.11
CA ILE H 116 -18.00 -25.13 -13.58
C ILE H 116 -19.25 -24.72 -14.37
N ASN H 117 -20.42 -25.20 -13.96
CA ASN H 117 -21.64 -24.90 -14.72
C ASN H 117 -22.09 -23.46 -14.56
N ALA H 118 -21.72 -22.85 -13.44
CA ALA H 118 -22.00 -21.42 -13.25
C ALA H 118 -21.18 -20.62 -14.26
N VAL H 119 -19.91 -20.97 -14.42
CA VAL H 119 -19.06 -20.25 -15.36
C VAL H 119 -19.58 -20.42 -16.78
N LYS H 120 -19.72 -21.69 -17.18
CA LYS H 120 -20.28 -22.07 -18.48
C LYS H 120 -21.64 -21.45 -18.79
N ASN H 121 -22.57 -21.48 -17.85
CA ASN H 121 -23.96 -21.06 -18.14
C ASN H 121 -24.26 -19.58 -17.87
N ASP H 122 -23.58 -18.99 -16.89
CA ASP H 122 -23.85 -17.60 -16.52
C ASP H 122 -22.82 -16.63 -17.10
N GLU H 123 -21.52 -16.88 -16.85
CA GLU H 123 -20.49 -15.90 -17.18
C GLU H 123 -20.16 -15.87 -18.67
N LEU H 124 -19.78 -17.03 -19.22
CA LEU H 124 -19.35 -17.04 -20.60
C LEU H 124 -20.35 -16.41 -21.56
N PRO H 125 -21.62 -16.88 -21.55
CA PRO H 125 -22.53 -16.28 -22.51
C PRO H 125 -22.65 -14.79 -22.25
N ALA H 126 -22.62 -14.36 -21.00
CA ALA H 126 -22.69 -12.91 -20.71
C ALA H 126 -21.46 -12.16 -21.26
N ILE H 127 -20.30 -12.82 -21.23
CA ILE H 127 -19.06 -12.18 -21.67
C ILE H 127 -19.08 -12.01 -23.20
N ILE H 128 -19.42 -13.08 -23.90
CA ILE H 128 -19.49 -13.05 -25.34
C ILE H 128 -20.51 -11.99 -25.76
N ASP H 129 -21.70 -12.04 -25.16
CA ASP H 129 -22.73 -11.05 -25.43
C ASP H 129 -22.25 -9.61 -25.17
N CYS H 130 -21.26 -9.45 -24.29
CA CYS H 130 -20.82 -8.11 -23.89
C CYS H 130 -20.01 -7.41 -25.00
N TRP H 131 -19.05 -8.14 -25.53
CA TRP H 131 -18.29 -7.77 -26.71
C TRP H 131 -19.17 -7.47 -27.89
N ARG H 132 -20.23 -8.27 -28.06
CA ARG H 132 -21.19 -8.06 -29.14
C ARG H 132 -22.04 -6.84 -28.85
N PHE H 133 -22.41 -6.62 -27.58
CA PHE H 133 -23.20 -5.42 -27.29
C PHE H 133 -22.46 -4.17 -27.73
N PHE H 134 -21.21 -4.04 -27.30
CA PHE H 134 -20.40 -2.83 -27.59
C PHE H 134 -20.04 -2.66 -29.04
N ALA H 135 -19.89 -3.76 -29.77
CA ALA H 135 -19.80 -3.73 -31.22
C ALA H 135 -20.96 -2.93 -31.81
N GLY H 136 -22.15 -3.13 -31.26
CA GLY H 136 -23.31 -2.32 -31.60
C GLY H 136 -23.23 -0.89 -31.07
N ALA H 137 -22.90 -0.73 -29.80
CA ALA H 137 -22.99 0.63 -29.20
C ALA H 137 -22.03 1.62 -29.86
N VAL H 138 -20.91 1.08 -30.31
CA VAL H 138 -19.89 1.84 -30.98
C VAL H 138 -20.39 2.57 -32.23
N ARG H 139 -21.31 1.95 -32.98
CA ARG H 139 -21.87 2.56 -34.19
C ARG H 139 -23.15 3.31 -33.88
N ASN H 140 -23.44 3.56 -32.60
CA ASN H 140 -24.76 4.05 -32.24
C ASN H 140 -24.77 5.18 -31.18
N LEU H 141 -23.77 6.04 -31.22
CA LEU H 141 -23.66 7.17 -30.32
C LEU H 141 -24.52 8.36 -30.76
N HIS H 142 -25.38 8.85 -29.88
CA HIS H 142 -26.17 10.05 -30.21
C HIS H 142 -25.57 11.26 -29.58
N ALA H 143 -26.01 12.42 -30.02
CA ALA H 143 -25.61 13.70 -29.45
C ALA H 143 -26.59 14.75 -30.00
N PRO H 144 -26.50 16.01 -29.52
CA PRO H 144 -27.39 17.01 -30.08
C PRO H 144 -27.12 17.22 -31.57
N ALA H 145 -28.19 17.46 -32.32
CA ALA H 145 -28.13 17.57 -33.76
C ALA H 145 -27.27 18.76 -34.26
N ALA H 146 -26.65 18.58 -35.42
CA ALA H 146 -25.94 19.65 -36.11
C ALA H 146 -26.92 20.69 -36.58
N GLY H 147 -26.45 21.91 -36.74
CA GLY H 147 -27.25 22.99 -37.27
C GLY H 147 -26.68 24.34 -36.92
N GLU H 148 -27.42 25.37 -37.24
CA GLU H 148 -26.98 26.72 -37.01
C GLU H 148 -27.62 27.25 -35.73
N TYR H 149 -26.92 27.01 -34.62
CA TYR H 149 -27.30 27.53 -33.34
C TYR H 149 -26.98 29.01 -33.20
N LEU H 150 -25.83 29.43 -33.71
CA LEU H 150 -25.54 30.85 -33.99
C LEU H 150 -25.66 31.13 -35.50
N PRO H 151 -26.23 32.29 -35.89
CA PRO H 151 -26.45 32.60 -37.29
C PRO H 151 -25.14 32.56 -38.06
N GLY H 152 -25.17 31.89 -39.21
CA GLY H 152 -23.99 31.74 -40.07
C GLY H 152 -22.94 30.81 -39.48
N HIS H 153 -23.26 30.02 -38.45
CA HIS H 153 -22.27 29.05 -37.90
C HIS H 153 -22.89 27.69 -37.80
N THR H 154 -22.31 26.68 -38.43
CA THR H 154 -22.78 25.30 -38.28
C THR H 154 -22.04 24.59 -37.16
N SER H 155 -22.75 24.16 -36.13
CA SER H 155 -22.14 23.35 -35.07
C SER H 155 -22.46 21.88 -35.25
N ILE H 157 -21.63 17.98 -32.87
CA ILE H 157 -21.04 17.36 -31.70
C ILE H 157 -20.51 16.00 -32.13
N ARG H 158 -19.26 15.74 -31.77
CA ARG H 158 -18.59 14.47 -32.00
C ARG H 158 -18.26 13.89 -30.64
N ARG H 159 -17.99 12.60 -30.61
CA ARG H 159 -17.51 11.96 -29.42
C ARG H 159 -16.24 11.21 -29.80
N ASP H 160 -15.10 11.76 -29.40
CA ASP H 160 -13.80 11.30 -29.85
C ASP H 160 -13.07 10.53 -28.75
N PRO H 161 -11.95 9.87 -29.10
CA PRO H 161 -11.25 9.11 -28.07
C PRO H 161 -10.55 10.02 -27.07
N ILE H 162 -10.28 9.49 -25.87
CA ILE H 162 -9.65 10.25 -24.78
C ILE H 162 -8.13 10.17 -24.81
N GLY H 163 -7.59 8.96 -24.99
CA GLY H 163 -6.15 8.74 -24.92
C GLY H 163 -5.81 7.31 -24.55
N ILE H 164 -4.77 7.17 -23.72
CA ILE H 164 -4.35 5.91 -23.17
C ILE H 164 -5.02 5.68 -21.82
N VAL H 165 -5.61 4.50 -21.70
CA VAL H 165 -6.35 4.14 -20.50
C VAL H 165 -5.56 3.06 -19.74
N GLY H 166 -5.38 3.28 -18.43
CA GLY H 166 -4.81 2.26 -17.54
C GLY H 166 -5.95 1.53 -16.83
N SER H 167 -6.11 0.22 -17.07
CA SER H 167 -7.25 -0.51 -16.50
C SER H 167 -6.82 -1.57 -15.54
N ILE H 168 -7.51 -1.62 -14.41
CA ILE H 168 -7.18 -2.58 -13.36
C ILE H 168 -8.42 -3.38 -12.95
N ALA H 169 -8.33 -4.70 -13.11
CA ALA H 169 -9.47 -5.57 -12.83
C ALA H 169 -9.35 -6.26 -11.46
N PRO H 170 -10.49 -6.47 -10.77
CA PRO H 170 -10.52 -7.21 -9.49
C PRO H 170 -10.53 -8.71 -9.77
N TRP H 171 -10.57 -9.52 -8.73
CA TRP H 171 -10.41 -10.97 -8.87
C TRP H 171 -11.71 -11.73 -8.88
N ASN H 172 -12.84 -11.06 -8.65
CA ASN H 172 -14.12 -11.75 -8.49
C ASN H 172 -14.77 -12.30 -9.76
N TYR H 173 -14.63 -11.57 -10.86
CA TYR H 173 -15.07 -12.00 -12.19
C TYR H 173 -13.98 -11.63 -13.23
N PRO H 174 -12.79 -12.25 -13.12
CA PRO H 174 -11.61 -11.85 -13.88
C PRO H 174 -11.89 -11.57 -15.35
N LEU H 175 -12.50 -12.55 -16.03
CA LEU H 175 -12.73 -12.48 -17.48
C LEU H 175 -13.83 -11.52 -17.87
N ALA H 179 -13.75 -7.87 -20.08
CA ALA H 179 -14.68 -7.39 -21.09
C ALA H 179 -15.27 -6.00 -20.72
N TRP H 180 -15.66 -5.82 -19.46
CA TRP H 180 -16.22 -4.51 -19.06
C TRP H 180 -15.21 -3.43 -19.27
N LYS H 181 -13.93 -3.77 -19.10
CA LYS H 181 -12.86 -2.77 -19.13
C LYS H 181 -12.38 -2.49 -20.54
N LEU H 182 -12.09 -3.55 -21.28
CA LEU H 182 -11.54 -3.38 -22.62
C LEU H 182 -12.56 -2.93 -23.66
N ALA H 183 -13.74 -3.52 -23.69
CA ALA H 183 -14.64 -3.33 -24.86
C ALA H 183 -15.08 -1.87 -25.08
N PRO H 184 -15.58 -1.16 -24.03
CA PRO H 184 -15.83 0.27 -24.30
C PRO H 184 -14.54 1.11 -24.48
N ALA H 185 -13.46 0.74 -23.78
CA ALA H 185 -12.26 1.59 -23.84
C ALA H 185 -11.73 1.64 -25.27
N ILE H 186 -11.44 0.49 -25.86
CA ILE H 186 -10.98 0.44 -27.24
C ILE H 186 -12.11 0.70 -28.22
N GLY H 187 -13.31 0.34 -27.83
CA GLY H 187 -14.46 0.69 -28.65
C GLY H 187 -14.46 2.18 -28.94
N GLY H 188 -14.17 2.99 -27.92
CA GLY H 188 -14.11 4.44 -28.08
C GLY H 188 -12.90 4.97 -28.83
N GLY H 189 -12.02 4.07 -29.27
CA GLY H 189 -10.87 4.50 -30.02
C GLY H 189 -9.72 4.86 -29.09
N ASN H 190 -9.83 4.43 -27.83
CA ASN H 190 -8.71 4.49 -26.91
C ASN H 190 -7.79 3.29 -27.06
N THR H 191 -6.55 3.41 -26.57
CA THR H 191 -5.69 2.24 -26.38
C THR H 191 -5.50 2.02 -24.88
N VAL H 192 -5.19 0.78 -24.52
CA VAL H 192 -5.32 0.29 -23.16
C VAL H 192 -4.12 -0.51 -22.72
N VAL H 193 -3.72 -0.25 -21.47
CA VAL H 193 -2.78 -1.09 -20.74
C VAL H 193 -3.60 -1.68 -19.58
N PHE H 194 -3.80 -2.99 -19.62
CA PHE H 194 -4.69 -3.66 -18.69
C PHE H 194 -3.87 -4.50 -17.71
N LYS H 195 -4.33 -4.54 -16.46
CA LYS H 195 -3.73 -5.38 -15.43
C LYS H 195 -4.80 -6.19 -14.71
N PRO H 196 -4.75 -7.52 -14.83
CA PRO H 196 -5.67 -8.30 -14.01
C PRO H 196 -5.23 -8.28 -12.55
N SER H 197 -6.08 -8.78 -11.67
CA SER H 197 -5.72 -8.82 -10.29
C SER H 197 -4.63 -9.83 -10.13
N GLU H 198 -3.83 -9.70 -9.08
CA GLU H 198 -2.61 -10.50 -9.00
C GLU H 198 -2.86 -11.97 -8.78
N GLN H 199 -4.00 -12.34 -8.19
CA GLN H 199 -4.31 -13.76 -8.02
C GLN H 199 -5.04 -14.41 -9.22
N THR H 200 -5.63 -13.58 -10.06
CA THR H 200 -6.41 -14.09 -11.18
C THR H 200 -5.94 -13.60 -12.56
N PRO H 201 -4.66 -13.77 -12.89
CA PRO H 201 -4.34 -13.26 -14.21
C PRO H 201 -4.58 -14.26 -15.37
N LEU H 202 -4.76 -15.55 -15.07
CA LEU H 202 -4.69 -16.57 -16.12
C LEU H 202 -5.64 -16.39 -17.31
N THR H 203 -6.92 -16.10 -17.06
CA THR H 203 -7.85 -15.99 -18.18
C THR H 203 -7.55 -14.78 -19.04
N ALA H 204 -6.93 -13.77 -18.43
CA ALA H 204 -6.43 -12.58 -19.13
C ALA H 204 -5.19 -12.85 -20.03
N LEU H 205 -4.29 -13.69 -19.56
CA LEU H 205 -3.09 -14.01 -20.35
C LEU H 205 -3.49 -14.83 -21.57
N LYS H 206 -4.31 -15.86 -21.36
CA LYS H 206 -5.01 -16.54 -22.45
C LYS H 206 -5.78 -15.59 -23.44
N LEU H 207 -6.67 -14.72 -22.94
CA LEU H 207 -7.42 -13.89 -23.87
C LEU H 207 -6.45 -13.02 -24.67
N ALA H 208 -5.38 -12.55 -24.01
CA ALA H 208 -4.44 -11.60 -24.60
C ALA H 208 -3.90 -12.18 -25.89
N ARG H 209 -3.55 -13.47 -25.86
CA ARG H 209 -3.03 -14.14 -27.03
C ARG H 209 -4.01 -14.02 -28.19
N LEU H 210 -5.29 -14.26 -27.92
CA LEU H 210 -6.30 -14.19 -28.97
C LEU H 210 -6.47 -12.77 -29.52
N ILE H 211 -6.48 -11.78 -28.62
CA ILE H 211 -6.62 -10.37 -29.00
C ILE H 211 -5.49 -9.88 -29.93
N ALA H 212 -4.25 -10.28 -29.61
CA ALA H 212 -3.07 -9.91 -30.41
C ALA H 212 -3.23 -10.27 -31.88
N ASP H 213 -3.97 -11.36 -32.13
CA ASP H 213 -4.25 -11.84 -33.49
C ASP H 213 -5.27 -10.97 -34.22
N ILE H 214 -6.01 -10.14 -33.48
CA ILE H 214 -7.16 -9.45 -34.05
C ILE H 214 -6.91 -7.96 -34.20
N LEU H 215 -6.42 -7.34 -33.11
CA LEU H 215 -6.17 -5.91 -33.10
C LEU H 215 -4.78 -5.55 -33.64
N PRO H 216 -4.59 -4.28 -34.04
CA PRO H 216 -3.23 -3.78 -34.28
C PRO H 216 -2.42 -3.82 -32.97
N GLU H 217 -1.11 -4.03 -33.07
CA GLU H 217 -0.27 -4.12 -31.88
C GLU H 217 -0.32 -2.81 -31.05
N GLY H 218 -0.20 -2.95 -29.74
CA GLY H 218 -0.26 -1.78 -28.85
C GLY H 218 -1.64 -1.26 -28.45
N VAL H 219 -2.70 -1.59 -29.20
CA VAL H 219 -4.07 -1.14 -28.86
C VAL H 219 -4.47 -1.69 -27.48
N VAL H 220 -4.30 -3.00 -27.34
CA VAL H 220 -4.46 -3.67 -26.04
C VAL H 220 -3.11 -4.19 -25.59
N ASN H 221 -2.74 -3.85 -24.35
CA ASN H 221 -1.56 -4.40 -23.68
C ASN H 221 -1.95 -5.01 -22.34
N VAL H 222 -1.25 -6.08 -21.95
CA VAL H 222 -1.59 -6.83 -20.74
C VAL H 222 -0.33 -7.11 -19.93
N ILE H 223 -0.31 -6.55 -18.72
CA ILE H 223 0.82 -6.71 -17.81
C ILE H 223 0.25 -7.26 -16.52
N THR H 224 1.09 -7.99 -15.79
CA THR H 224 0.67 -8.57 -14.51
C THR H 224 1.42 -7.98 -13.32
N GLY H 225 0.91 -8.21 -12.10
CA GLY H 225 1.64 -7.84 -10.89
C GLY H 225 0.78 -7.29 -9.76
N ARG H 226 1.45 -6.87 -8.68
CA ARG H 226 0.77 -6.38 -7.46
C ARG H 226 0.25 -4.94 -7.65
N GLY H 227 -0.86 -4.64 -7.05
CA GLY H 227 -1.34 -3.27 -7.06
C GLY H 227 -0.41 -2.34 -6.37
N GLU H 228 0.14 -2.74 -5.26
CA GLU H 228 1.06 -1.92 -4.52
C GLU H 228 2.27 -1.66 -5.36
N THR H 229 2.55 -2.52 -6.31
CA THR H 229 3.68 -2.28 -7.17
C THR H 229 3.35 -1.88 -8.58
N VAL H 230 2.95 -2.85 -9.39
CA VAL H 230 2.74 -2.59 -10.78
C VAL H 230 1.56 -1.69 -11.04
N GLY H 231 0.50 -1.99 -10.35
CA GLY H 231 -0.71 -1.21 -10.38
C GLY H 231 -0.40 0.24 -10.10
N ASN H 232 0.42 0.44 -9.07
CA ASN H 232 0.76 1.78 -8.65
C ASN H 232 1.52 2.53 -9.73
N ALA H 233 2.38 1.80 -10.44
CA ALA H 233 3.25 2.42 -11.41
C ALA H 233 2.43 2.86 -12.62
N LEU H 234 1.47 2.03 -13.00
CA LEU H 234 0.58 2.31 -14.12
C LEU H 234 -0.30 3.54 -13.85
N ILE H 235 -0.91 3.61 -12.68
CA ILE H 235 -1.82 4.70 -12.40
C ILE H 235 -1.08 6.03 -12.26
N ASN H 236 0.25 5.97 -12.18
CA ASN H 236 1.04 7.18 -11.96
C ASN H 236 1.84 7.55 -13.20
N HIS H 237 1.75 6.72 -14.21
CA HIS H 237 2.47 7.00 -15.43
C HIS H 237 1.98 8.27 -16.07
N PRO H 238 2.90 9.17 -16.46
CA PRO H 238 2.47 10.50 -16.95
C PRO H 238 1.72 10.50 -18.29
N LYS H 239 1.88 9.43 -19.08
CA LYS H 239 1.26 9.33 -20.40
C LYS H 239 -0.15 8.73 -20.35
N VAL H 240 -0.52 8.10 -19.23
CA VAL H 240 -1.88 7.55 -19.07
C VAL H 240 -2.86 8.72 -18.82
N GLY H 241 -3.97 8.78 -19.57
CA GLY H 241 -4.94 9.89 -19.41
C GLY H 241 -6.18 9.55 -18.57
N VAL H 243 -7.75 6.37 -15.79
CA VAL H 243 -7.61 5.17 -14.99
C VAL H 243 -8.98 4.55 -14.71
N SER H 244 -9.14 3.28 -15.08
CA SER H 244 -10.35 2.54 -14.70
C SER H 244 -9.97 1.50 -13.69
N ILE H 245 -10.70 1.44 -12.58
CA ILE H 245 -10.43 0.46 -11.55
C ILE H 245 -11.76 0.01 -11.00
N THR H 246 -11.91 -1.31 -10.84
CA THR H 246 -12.95 -1.82 -9.98
C THR H 246 -12.26 -2.48 -8.80
N GLY H 247 -12.66 -2.12 -7.59
CA GLY H 247 -12.11 -2.69 -6.36
C GLY H 247 -12.80 -2.19 -5.10
N ASP H 248 -12.05 -2.13 -4.00
CA ASP H 248 -12.58 -1.65 -2.73
C ASP H 248 -12.46 -0.15 -2.68
N ILE H 249 -13.07 0.46 -1.66
CA ILE H 249 -12.95 1.88 -1.40
C ILE H 249 -11.49 2.31 -1.17
N ALA H 250 -10.72 1.52 -0.44
CA ALA H 250 -9.29 1.84 -0.20
C ALA H 250 -8.48 2.09 -1.49
N THR H 251 -8.67 1.21 -2.46
CA THR H 251 -7.92 1.28 -3.70
C THR H 251 -8.42 2.46 -4.54
N GLY H 252 -9.72 2.69 -4.45
CA GLY H 252 -10.36 3.84 -5.04
C GLY H 252 -9.77 5.13 -4.53
N LYS H 253 -9.69 5.30 -3.22
CA LYS H 253 -9.19 6.58 -2.69
C LYS H 253 -7.77 6.75 -3.19
N LYS H 254 -7.02 5.65 -3.18
CA LYS H 254 -5.64 5.63 -3.66
C LYS H 254 -5.54 6.10 -5.10
N VAL H 255 -6.40 5.57 -5.97
CA VAL H 255 -6.43 6.00 -7.36
C VAL H 255 -6.78 7.50 -7.43
N LEU H 256 -7.80 7.92 -6.70
CA LEU H 256 -8.10 9.36 -6.67
C LEU H 256 -6.89 10.17 -6.23
N ALA H 257 -6.21 9.74 -5.16
CA ALA H 257 -5.04 10.47 -4.67
C ALA H 257 -3.97 10.65 -5.75
N ALA H 258 -3.70 9.59 -6.52
CA ALA H 258 -2.69 9.69 -7.59
C ALA H 258 -3.16 10.50 -8.80
N ALA H 259 -4.45 10.39 -9.16
CA ALA H 259 -4.97 11.15 -10.29
C ALA H 259 -4.96 12.66 -10.05
N ALA H 260 -4.94 13.05 -8.78
CA ALA H 260 -4.99 14.46 -8.37
C ALA H 260 -3.71 15.16 -8.71
N LYS H 261 -2.61 14.42 -8.74
CA LYS H 261 -1.30 14.99 -9.07
C LYS H 261 -1.24 15.40 -10.54
N THR H 262 -1.99 14.71 -11.38
CA THR H 262 -1.91 14.92 -12.82
C THR H 262 -3.25 15.30 -13.51
N VAL H 263 -4.36 15.36 -12.77
CA VAL H 263 -5.70 15.59 -13.34
C VAL H 263 -6.13 14.51 -14.35
N LYS H 264 -5.77 13.25 -14.05
CA LYS H 264 -6.23 12.12 -14.82
C LYS H 264 -7.73 11.92 -14.68
N ARG H 265 -8.40 11.56 -15.77
CA ARG H 265 -9.77 11.07 -15.72
C ARG H 265 -9.80 9.73 -14.97
N THR H 266 -10.79 9.59 -14.09
CA THR H 266 -10.97 8.34 -13.36
C THR H 266 -12.35 7.78 -13.59
N HIS H 267 -12.41 6.45 -13.62
CA HIS H 267 -13.63 5.69 -13.78
C HIS H 267 -13.61 4.57 -12.74
N LEU H 268 -14.41 4.74 -11.70
CA LEU H 268 -14.31 3.95 -10.44
C LEU H 268 -15.55 3.15 -10.10
N GLU H 269 -15.36 1.86 -9.85
CA GLU H 269 -16.41 1.05 -9.28
C GLU H 269 -15.90 0.37 -8.01
N LEU H 270 -16.40 0.84 -6.87
CA LEU H 270 -15.79 0.52 -5.58
C LEU H 270 -16.62 -0.27 -4.55
N GLY H 271 -17.59 -1.05 -5.00
CA GLY H 271 -18.30 -1.93 -4.08
C GLY H 271 -19.68 -1.47 -3.70
N GLY H 272 -20.43 -2.37 -3.13
CA GLY H 272 -21.80 -2.16 -2.74
C GLY H 272 -22.10 -2.71 -1.38
N LYS H 273 -23.24 -2.32 -0.86
CA LYS H 273 -23.90 -3.00 0.21
C LYS H 273 -25.33 -2.93 -0.16
N ALA H 274 -25.79 -3.80 -1.03
CA ALA H 274 -27.10 -3.63 -1.59
C ALA H 274 -28.21 -3.97 -0.61
N PRO H 275 -29.05 -3.00 -0.35
CA PRO H 275 -30.16 -3.20 0.55
C PRO H 275 -31.28 -3.98 -0.16
N VAL H 276 -31.93 -4.84 0.60
CA VAL H 276 -33.02 -5.64 0.08
C VAL H 276 -34.20 -5.32 0.95
N ILE H 277 -35.12 -4.50 0.43
CA ILE H 277 -36.25 -4.08 1.25
C ILE H 277 -37.41 -5.04 1.08
N VAL H 278 -37.79 -5.72 2.16
CA VAL H 278 -38.80 -6.75 2.07
C VAL H 278 -40.03 -6.36 2.87
N TYR H 279 -41.11 -6.07 2.16
CA TYR H 279 -42.32 -5.62 2.80
C TYR H 279 -43.20 -6.77 3.24
N GLY H 280 -44.14 -6.46 4.13
CA GLY H 280 -45.15 -7.40 4.63
C GLY H 280 -45.87 -8.18 3.56
N ASP H 281 -46.15 -7.55 2.42
CA ASP H 281 -46.91 -8.21 1.36
C ASP H 281 -46.03 -8.76 0.24
N ALA H 282 -44.77 -9.08 0.55
CA ALA H 282 -43.87 -9.67 -0.43
C ALA H 282 -44.19 -11.14 -0.61
N ASP H 283 -43.97 -11.67 -1.80
CA ASP H 283 -43.92 -13.14 -1.95
C ASP H 283 -42.68 -13.70 -1.24
N LEU H 284 -42.88 -14.25 -0.05
CA LEU H 284 -41.77 -14.74 0.78
C LEU H 284 -41.01 -15.94 0.22
N GLU H 285 -41.68 -16.82 -0.52
CA GLU H 285 -40.98 -17.94 -1.14
C GLU H 285 -39.97 -17.42 -2.16
N ALA H 286 -40.38 -16.44 -2.96
CA ALA H 286 -39.50 -15.83 -3.98
C ALA H 286 -38.39 -15.02 -3.32
N VAL H 287 -38.72 -14.27 -2.26
CA VAL H 287 -37.73 -13.50 -1.52
C VAL H 287 -36.61 -14.41 -0.98
N VAL H 288 -37.00 -15.49 -0.32
CA VAL H 288 -36.05 -16.43 0.30
C VAL H 288 -35.21 -17.15 -0.74
N ASN H 289 -35.80 -17.44 -1.90
CA ASN H 289 -35.06 -18.08 -2.99
C ASN H 289 -34.07 -17.12 -3.69
N GLY H 290 -34.48 -15.86 -3.85
CA GLY H 290 -33.60 -14.84 -4.40
C GLY H 290 -32.42 -14.53 -3.50
N ILE H 291 -32.64 -14.48 -2.19
CA ILE H 291 -31.55 -14.23 -1.26
C ILE H 291 -30.62 -15.44 -1.19
N ARG H 292 -31.19 -16.64 -1.20
CA ARG H 292 -30.40 -17.89 -1.21
C ARG H 292 -29.37 -17.85 -2.33
N THR H 293 -29.85 -17.46 -3.52
CA THR H 293 -29.04 -17.43 -4.71
C THR H 293 -28.12 -16.22 -4.68
N PHE H 294 -28.70 -15.04 -4.60
CA PHE H 294 -27.97 -13.83 -4.88
C PHE H 294 -27.22 -13.22 -3.70
N GLY H 295 -27.54 -13.64 -2.48
CA GLY H 295 -26.73 -13.23 -1.32
C GLY H 295 -25.41 -13.99 -1.28
N TYR H 296 -25.38 -15.15 -1.96
CA TYR H 296 -24.32 -16.16 -1.78
C TYR H 296 -23.64 -16.57 -3.08
N TYR H 297 -24.19 -16.15 -4.21
CA TYR H 297 -23.59 -16.45 -5.51
C TYR H 297 -22.14 -15.96 -5.54
N ASN H 298 -21.24 -16.82 -6.05
CA ASN H 298 -19.83 -16.48 -6.15
C ASN H 298 -19.19 -16.28 -4.78
N ALA H 299 -19.75 -16.98 -3.79
CA ALA H 299 -19.38 -16.83 -2.38
C ALA H 299 -19.62 -15.39 -1.87
N GLY H 300 -20.60 -14.70 -2.47
CA GLY H 300 -20.88 -13.34 -2.05
C GLY H 300 -19.80 -12.35 -2.41
N GLN H 301 -18.86 -12.79 -3.25
CA GLN H 301 -17.86 -11.88 -3.82
C GLN H 301 -18.46 -11.21 -5.04
N ASP H 302 -19.42 -10.34 -4.76
CA ASP H 302 -20.14 -9.63 -5.79
C ASP H 302 -20.49 -8.27 -5.26
N CYS H 303 -20.21 -7.26 -6.06
CA CYS H 303 -20.47 -5.89 -5.74
C CYS H 303 -21.97 -5.66 -5.56
N THR H 304 -22.79 -6.55 -6.14
CA THR H 304 -24.25 -6.44 -6.02
C THR H 304 -24.91 -7.50 -5.09
N ALA H 305 -24.08 -8.27 -4.38
CA ALA H 305 -24.62 -9.31 -3.47
C ALA H 305 -25.79 -8.76 -2.66
N ALA H 306 -26.83 -9.57 -2.53
CA ALA H 306 -28.04 -9.21 -1.80
C ALA H 306 -27.80 -9.43 -0.30
N CYS H 307 -27.08 -8.53 0.34
CA CYS H 307 -26.48 -8.83 1.64
C CYS H 307 -27.09 -8.12 2.84
N ARG H 308 -27.87 -7.05 2.60
CA ARG H 308 -28.41 -6.22 3.67
C ARG H 308 -29.92 -6.26 3.61
N ILE H 309 -30.53 -7.19 4.32
CA ILE H 309 -31.98 -7.35 4.19
C ILE H 309 -32.69 -6.49 5.22
N TYR H 310 -33.63 -5.67 4.77
CA TYR H 310 -34.53 -5.00 5.68
C TYR H 310 -35.86 -5.72 5.59
N ALA H 311 -36.38 -6.15 6.73
CA ALA H 311 -37.61 -6.95 6.77
C ALA H 311 -38.68 -6.35 7.68
N GLU H 312 -39.90 -6.22 7.13
CA GLU H 312 -41.02 -5.64 7.88
C GLU H 312 -41.39 -6.46 9.13
N ALA H 313 -41.59 -5.77 10.25
CA ALA H 313 -41.88 -6.42 11.54
C ALA H 313 -42.71 -7.68 11.37
N GLY H 314 -43.83 -7.57 10.67
CA GLY H 314 -44.80 -8.66 10.50
C GLY H 314 -44.33 -9.95 9.83
N ILE H 315 -43.19 -9.90 9.14
CA ILE H 315 -42.67 -11.07 8.45
C ILE H 315 -41.23 -11.38 8.85
N TYR H 316 -40.68 -10.50 9.70
CA TYR H 316 -39.30 -10.62 10.13
C TYR H 316 -38.91 -12.04 10.59
N GLU H 317 -39.69 -12.59 11.55
CA GLU H 317 -39.43 -13.93 12.12
C GLU H 317 -39.53 -15.06 11.10
N LYS H 318 -40.63 -15.10 10.36
CA LYS H 318 -40.77 -16.09 9.31
C LYS H 318 -39.62 -15.95 8.30
N LEU H 319 -39.31 -14.72 7.89
CA LEU H 319 -38.25 -14.53 6.89
C LEU H 319 -36.92 -15.11 7.37
N VAL H 320 -36.49 -14.68 8.56
CA VAL H 320 -35.26 -15.16 9.17
C VAL H 320 -35.20 -16.68 9.23
N ALA H 321 -36.28 -17.31 9.70
CA ALA H 321 -36.32 -18.75 9.88
C ALA H 321 -36.26 -19.50 8.55
N ASP H 322 -37.03 -19.04 7.57
CA ASP H 322 -37.03 -19.63 6.24
C ASP H 322 -35.72 -19.43 5.49
N LEU H 323 -35.18 -18.22 5.56
CA LEU H 323 -33.92 -17.95 4.91
C LEU H 323 -32.83 -18.86 5.52
N THR H 324 -32.75 -18.86 6.86
CA THR H 324 -31.86 -19.74 7.61
C THR H 324 -31.95 -21.17 7.11
N SER H 325 -33.15 -21.72 7.14
CA SER H 325 -33.40 -23.05 6.60
C SER H 325 -32.84 -23.23 5.17
N ALA H 326 -33.10 -22.26 4.28
CA ALA H 326 -32.70 -22.37 2.86
C ALA H 326 -31.20 -22.28 2.65
N VAL H 327 -30.57 -21.40 3.43
CA VAL H 327 -29.14 -21.15 3.36
C VAL H 327 -28.32 -22.36 3.82
N SER H 328 -28.86 -23.13 4.76
CA SER H 328 -28.17 -24.29 5.34
C SER H 328 -27.90 -25.40 4.33
N THR H 329 -28.72 -25.48 3.29
CA THR H 329 -28.63 -26.56 2.29
C THR H 329 -27.75 -26.19 1.11
N ILE H 330 -27.25 -24.94 1.06
CA ILE H 330 -26.35 -24.51 -0.02
C ILE H 330 -25.13 -25.41 -0.12
N ARG H 331 -24.93 -26.02 -1.29
CA ARG H 331 -23.85 -27.00 -1.50
C ARG H 331 -22.57 -26.33 -2.03
N TYR H 332 -21.44 -26.74 -1.46
CA TYR H 332 -20.13 -26.26 -1.86
C TYR H 332 -19.05 -27.30 -1.51
N ASN H 333 -17.95 -27.29 -2.25
CA ASN H 333 -16.75 -28.05 -1.90
C ASN H 333 -16.90 -29.58 -2.04
N LEU H 334 -17.72 -29.97 -3.01
CA LEU H 334 -17.93 -31.39 -3.32
C LEU H 334 -17.04 -31.76 -4.51
N ASP H 335 -16.61 -33.02 -4.55
CA ASP H 335 -15.72 -33.52 -5.63
C ASP H 335 -16.37 -33.51 -7.02
N ASP H 336 -17.69 -33.52 -7.05
CA ASP H 336 -18.44 -33.40 -8.30
C ASP H 336 -18.84 -31.93 -8.48
N ASP H 337 -18.02 -31.18 -9.20
CA ASP H 337 -18.21 -29.73 -9.31
C ASP H 337 -19.61 -29.32 -9.84
N THR H 338 -20.19 -30.17 -10.68
CA THR H 338 -21.57 -30.09 -11.14
C THR H 338 -22.60 -29.79 -10.05
N GLU H 339 -22.30 -30.25 -8.83
CA GLU H 339 -23.24 -30.24 -7.71
C GLU H 339 -23.01 -29.01 -6.81
N ASN H 340 -21.85 -28.37 -6.97
CA ASN H 340 -21.49 -27.19 -6.21
C ASN H 340 -22.28 -26.00 -6.69
N GLU H 341 -22.83 -25.24 -5.74
CA GLU H 341 -23.58 -24.04 -6.08
C GLU H 341 -22.74 -22.79 -5.88
N ILE H 342 -21.87 -22.80 -4.86
CA ILE H 342 -20.93 -21.69 -4.64
C ILE H 342 -19.50 -22.22 -4.45
N GLY H 343 -18.51 -21.35 -4.65
CA GLY H 343 -17.09 -21.74 -4.55
C GLY H 343 -16.44 -21.10 -3.33
N PRO H 344 -15.10 -21.14 -3.26
CA PRO H 344 -14.44 -20.55 -2.10
C PRO H 344 -14.25 -19.03 -2.22
N LEU H 345 -13.72 -18.42 -1.17
CA LEU H 345 -13.14 -17.09 -1.30
C LEU H 345 -11.85 -17.27 -2.08
N ILE H 346 -11.34 -16.17 -2.62
CA ILE H 346 -10.16 -16.19 -3.47
C ILE H 346 -8.88 -16.54 -2.70
N SER H 347 -8.79 -16.11 -1.44
CA SER H 347 -7.54 -16.22 -0.69
C SER H 347 -7.79 -16.42 0.79
N ARG H 348 -6.71 -16.78 1.50
CA ARG H 348 -6.73 -16.88 2.96
C ARG H 348 -6.97 -15.54 3.65
N ARG H 349 -6.28 -14.51 3.20
CA ARG H 349 -6.50 -13.15 3.71
C ARG H 349 -7.98 -12.74 3.58
N GLN H 350 -8.61 -13.05 2.44
CA GLN H 350 -10.00 -12.69 2.24
C GLN H 350 -10.91 -13.54 3.13
N ARG H 351 -10.61 -14.82 3.27
CA ARG H 351 -11.39 -15.65 4.18
C ARG H 351 -11.33 -15.13 5.62
N ASP H 352 -10.11 -14.78 6.06
CA ASP H 352 -9.89 -14.22 7.39
C ASP H 352 -10.66 -12.93 7.59
N ARG H 353 -10.68 -12.09 6.57
CA ARG H 353 -11.40 -10.83 6.65
C ARG H 353 -12.90 -11.06 6.89
N VAL H 354 -13.47 -12.02 6.16
CA VAL H 354 -14.87 -12.38 6.32
C VAL H 354 -15.09 -12.96 7.74
N ALA H 355 -14.25 -13.90 8.13
CA ALA H 355 -14.24 -14.46 9.48
C ALA H 355 -14.25 -13.37 10.56
N SER H 356 -13.43 -12.33 10.40
CA SER H 356 -13.40 -11.24 11.38
C SER H 356 -14.70 -10.44 11.47
N PHE H 357 -15.25 -10.08 10.31
CA PHE H 357 -16.52 -9.36 10.24
C PHE H 357 -17.60 -10.10 10.99
N VAL H 358 -17.75 -11.39 10.70
CA VAL H 358 -18.76 -12.24 11.31
C VAL H 358 -18.58 -12.33 12.84
N GLU H 359 -17.34 -12.51 13.28
CA GLU H 359 -17.03 -12.66 14.68
C GLU H 359 -17.48 -11.44 15.43
N ARG H 360 -17.12 -10.27 14.91
CA ARG H 360 -17.45 -9.04 15.59
C ARG H 360 -18.95 -8.88 15.64
N ALA H 361 -19.63 -9.38 14.60
CA ALA H 361 -21.09 -9.45 14.64
C ALA H 361 -21.60 -10.38 15.74
N ALA H 362 -20.97 -11.55 15.88
CA ALA H 362 -21.38 -12.57 16.83
C ALA H 362 -21.23 -12.11 18.29
N ASP H 363 -20.22 -11.29 18.56
CA ASP H 363 -20.03 -10.69 19.90
C ASP H 363 -21.17 -9.72 20.28
N GLN H 364 -22.06 -9.44 19.36
CA GLN H 364 -23.11 -8.49 19.63
C GLN H 364 -24.25 -9.25 20.29
N LYS H 365 -24.60 -8.85 21.52
CA LYS H 365 -25.63 -9.53 22.30
C LYS H 365 -26.96 -9.69 21.57
N HIS H 366 -27.40 -8.60 20.94
CA HIS H 366 -28.66 -8.56 20.20
C HIS H 366 -28.62 -9.26 18.88
N ILE H 367 -27.44 -9.71 18.46
CA ILE H 367 -27.31 -10.38 17.17
C ILE H 367 -27.28 -11.89 17.33
N GLU H 368 -27.89 -12.59 16.37
CA GLU H 368 -27.90 -14.04 16.36
C GLU H 368 -27.41 -14.58 15.01
N ILE H 369 -26.37 -15.41 15.06
CA ILE H 369 -25.91 -16.17 13.90
C ILE H 369 -26.77 -17.43 13.84
N THR H 370 -27.64 -17.51 12.84
CA THR H 370 -28.63 -18.57 12.80
C THR H 370 -28.12 -19.82 12.08
N THR H 371 -27.16 -19.64 11.18
CA THR H 371 -26.53 -20.74 10.43
C THR H 371 -25.19 -20.23 9.90
N GLY H 372 -24.24 -21.16 9.76
CA GLY H 372 -22.88 -20.83 9.33
C GLY H 372 -22.08 -20.06 10.36
N GLY H 373 -21.21 -19.16 9.88
CA GLY H 373 -20.41 -18.29 10.74
C GLY H 373 -19.00 -18.75 11.02
N ARG H 374 -18.64 -19.93 10.53
CA ARG H 374 -17.31 -20.53 10.74
C ARG H 374 -16.74 -20.81 9.37
N THR H 375 -15.44 -21.11 9.29
CA THR H 375 -14.81 -21.50 8.00
C THR H 375 -15.36 -22.85 7.52
N GLY H 376 -15.44 -23.02 6.21
CA GLY H 376 -16.14 -24.17 5.63
C GLY H 376 -15.30 -25.29 5.03
N SER H 377 -13.98 -25.23 5.22
CA SER H 377 -13.07 -26.28 4.72
C SER H 377 -11.75 -26.38 5.49
N ASP H 378 -11.20 -27.59 5.53
CA ASP H 378 -9.83 -27.81 6.00
C ASP H 378 -8.84 -27.15 5.06
N GLU H 379 -8.95 -27.49 3.79
CA GLU H 379 -8.11 -26.91 2.76
C GLU H 379 -8.87 -25.88 1.96
N GLY H 380 -8.14 -24.94 1.37
CA GLY H 380 -8.77 -23.93 0.55
C GLY H 380 -9.46 -22.90 1.42
N PHE H 381 -10.27 -22.06 0.80
CA PHE H 381 -10.71 -20.88 1.51
C PHE H 381 -12.23 -20.74 1.48
N PHE H 382 -12.91 -21.86 1.69
CA PHE H 382 -14.36 -21.87 1.83
C PHE H 382 -14.77 -21.28 3.16
N PHE H 383 -15.84 -20.50 3.13
CA PHE H 383 -16.46 -20.01 4.34
C PHE H 383 -17.90 -20.46 4.24
N GLN H 384 -18.48 -20.83 5.39
CA GLN H 384 -19.86 -21.31 5.47
C GLN H 384 -20.87 -20.17 5.22
N PRO H 385 -21.92 -20.44 4.42
CA PRO H 385 -22.94 -19.42 4.19
C PRO H 385 -23.62 -19.02 5.50
N THR H 386 -23.65 -17.73 5.78
CA THR H 386 -23.99 -17.27 7.11
C THR H 386 -25.20 -16.35 7.08
N VAL H 387 -26.03 -16.46 8.11
CA VAL H 387 -27.14 -15.52 8.29
C VAL H 387 -27.01 -14.81 9.63
N VAL H 388 -27.00 -13.48 9.58
CA VAL H 388 -26.81 -12.67 10.76
C VAL H 388 -28.13 -11.96 11.03
N ALA H 389 -28.81 -12.35 12.11
CA ALA H 389 -30.15 -11.82 12.42
C ALA H 389 -30.05 -10.77 13.49
N GLY H 390 -31.00 -9.83 13.50
CA GLY H 390 -31.08 -8.83 14.57
C GLY H 390 -30.14 -7.66 14.44
N ALA H 391 -29.45 -7.57 13.32
CA ALA H 391 -28.52 -6.49 13.06
C ALA H 391 -29.26 -5.15 13.01
N THR H 392 -28.61 -4.11 13.48
CA THR H 392 -29.18 -2.75 13.41
C THR H 392 -28.38 -1.82 12.47
N GLN H 393 -28.95 -0.65 12.22
CA GLN H 393 -28.34 0.40 11.40
C GLN H 393 -26.95 0.83 11.90
N GLU H 394 -26.69 0.55 13.17
CA GLU H 394 -25.45 0.97 13.83
C GLU H 394 -24.33 -0.07 13.77
N ASP H 395 -24.66 -1.31 13.41
CA ASP H 395 -23.65 -2.37 13.43
C ASP H 395 -22.79 -2.39 12.17
N GLU H 396 -21.52 -2.71 12.37
CA GLU H 396 -20.54 -2.86 11.30
C GLU H 396 -21.07 -3.69 10.14
N ILE H 397 -21.69 -4.83 10.45
CA ILE H 397 -22.10 -5.79 9.45
C ILE H 397 -23.12 -5.17 8.50
N VAL H 398 -23.80 -4.14 8.99
CA VAL H 398 -24.79 -3.45 8.19
C VAL H 398 -24.16 -2.29 7.41
N ARG H 399 -23.22 -1.59 8.04
CA ARG H 399 -22.61 -0.38 7.49
C ARG H 399 -21.47 -0.63 6.51
N ARG H 400 -20.78 -1.77 6.64
CA ARG H 400 -19.53 -2.06 5.89
C ARG H 400 -19.57 -3.32 5.02
N GLU H 401 -19.03 -3.24 3.80
CA GLU H 401 -19.01 -4.36 2.82
C GLU H 401 -18.18 -5.57 3.29
N VAL H 402 -18.79 -6.76 3.28
CA VAL H 402 -18.12 -7.97 3.79
C VAL H 402 -17.45 -8.73 2.66
N PHE H 403 -18.14 -8.84 1.53
CA PHE H 403 -17.57 -9.51 0.36
C PHE H 403 -17.34 -10.99 0.63
N GLY H 404 -18.40 -11.62 1.14
CA GLY H 404 -18.35 -13.01 1.59
C GLY H 404 -19.75 -13.63 1.62
N PRO H 405 -19.82 -14.93 1.91
CA PRO H 405 -21.14 -15.54 1.82
C PRO H 405 -21.93 -15.26 3.10
N VAL H 406 -22.28 -13.99 3.27
CA VAL H 406 -22.83 -13.49 4.51
C VAL H 406 -23.94 -12.47 4.23
N VAL H 407 -25.09 -12.70 4.85
CA VAL H 407 -26.26 -11.85 4.72
C VAL H 407 -26.73 -11.36 6.10
N SER H 408 -27.16 -10.11 6.19
CA SER H 408 -27.64 -9.59 7.47
C SER H 408 -29.11 -9.21 7.37
N VAL H 409 -29.85 -9.44 8.45
CA VAL H 409 -31.29 -9.15 8.43
C VAL H 409 -31.67 -8.16 9.52
N THR H 410 -32.36 -7.09 9.10
CA THR H 410 -32.68 -5.97 9.97
C THR H 410 -34.18 -5.74 9.99
N ARG H 411 -34.76 -5.73 11.19
CA ARG H 411 -36.21 -5.57 11.36
C ARG H 411 -36.58 -4.08 11.24
N PHE H 412 -37.66 -3.77 10.53
CA PHE H 412 -38.20 -2.39 10.58
C PHE H 412 -39.70 -2.34 10.88
N THR H 413 -40.16 -1.27 11.55
CA THR H 413 -41.58 -1.16 11.94
C THR H 413 -42.35 -0.14 11.10
N GLY H 414 -43.64 0.01 11.39
CA GLY H 414 -44.52 0.93 10.66
C GLY H 414 -44.17 2.39 10.89
N LYS H 415 -43.59 2.68 12.06
CA LYS H 415 -43.04 4.00 12.39
C LYS H 415 -41.64 4.23 11.79
N ASP H 416 -41.26 3.37 10.85
CA ASP H 416 -39.94 3.41 10.23
C ASP H 416 -40.06 3.53 8.73
N ASP H 417 -39.18 4.34 8.15
CA ASP H 417 -39.11 4.52 6.70
C ASP H 417 -37.94 3.70 6.19
N ALA H 418 -38.24 2.53 5.64
CA ALA H 418 -37.23 1.57 5.22
C ALA H 418 -36.34 2.11 4.10
N VAL H 419 -36.90 3.01 3.30
CA VAL H 419 -36.16 3.62 2.18
C VAL H 419 -35.14 4.58 2.77
N ALA H 420 -35.55 5.37 3.76
CA ALA H 420 -34.62 6.24 4.47
C ALA H 420 -33.46 5.42 5.00
N TRP H 421 -33.76 4.33 5.67
CA TRP H 421 -32.76 3.41 6.21
C TRP H 421 -31.85 2.89 5.15
N ALA H 422 -32.40 2.53 4.01
CA ALA H 422 -31.60 1.99 2.92
C ALA H 422 -30.62 3.05 2.41
N ASN H 423 -31.10 4.29 2.27
CA ASN H 423 -30.27 5.40 1.77
C ASN H 423 -29.22 5.89 2.76
N ASP H 424 -29.37 5.54 4.03
CA ASP H 424 -28.39 5.91 5.04
C ASP H 424 -27.20 4.95 5.00
N SER H 425 -26.41 5.09 3.96
CA SER H 425 -25.28 4.25 3.71
C SER H 425 -24.26 5.04 2.91
N ASP H 426 -23.01 4.57 2.92
CA ASP H 426 -21.93 5.16 2.12
C ASP H 426 -21.92 4.64 0.68
N TYR H 427 -22.74 3.64 0.42
CA TYR H 427 -22.72 2.91 -0.84
C TYR H 427 -23.94 3.28 -1.68
N GLY H 428 -23.81 3.14 -3.00
CA GLY H 428 -24.90 3.55 -3.87
C GLY H 428 -25.04 2.77 -5.17
N LEU H 429 -24.74 1.48 -5.15
CA LEU H 429 -24.65 0.70 -6.39
C LEU H 429 -25.95 0.00 -6.85
N ALA H 430 -26.52 -0.84 -5.99
CA ALA H 430 -27.60 -1.74 -6.37
C ALA H 430 -28.53 -1.99 -5.19
N SER H 431 -29.78 -2.29 -5.49
CA SER H 431 -30.78 -2.44 -4.46
C SER H 431 -31.93 -3.23 -5.01
N SER H 432 -32.73 -3.81 -4.13
CA SER H 432 -33.98 -4.38 -4.58
C SER H 432 -35.08 -4.15 -3.57
N VAL H 433 -36.30 -4.21 -4.07
CA VAL H 433 -37.49 -4.07 -3.25
C VAL H 433 -38.45 -5.20 -3.56
N TRP H 434 -38.97 -5.85 -2.50
CA TRP H 434 -39.94 -6.93 -2.69
C TRP H 434 -41.27 -6.61 -2.08
N THR H 435 -42.30 -6.70 -2.94
CA THR H 435 -43.65 -6.31 -2.58
C THR H 435 -44.61 -6.58 -3.77
N LYS H 436 -45.87 -6.82 -3.46
CA LYS H 436 -46.89 -7.00 -4.47
C LYS H 436 -47.58 -5.68 -4.77
N ASP H 437 -47.49 -4.73 -3.83
CA ASP H 437 -48.04 -3.38 -3.93
C ASP H 437 -47.28 -2.46 -4.93
N ILE H 438 -47.91 -2.17 -6.08
CA ILE H 438 -47.44 -1.14 -7.03
C ILE H 438 -47.06 0.16 -6.32
N SER H 439 -47.94 0.63 -5.45
CA SER H 439 -47.73 1.88 -4.76
C SER H 439 -46.37 1.95 -4.02
N LYS H 440 -46.09 0.95 -3.19
CA LYS H 440 -44.82 0.93 -2.44
C LYS H 440 -43.60 0.63 -3.30
N ALA H 441 -43.75 -0.16 -4.36
CA ALA H 441 -42.64 -0.46 -5.26
C ALA H 441 -42.16 0.78 -6.03
N ARG H 443 -42.72 3.79 -5.35
CA ARG H 443 -42.24 4.81 -4.43
C ARG H 443 -40.81 4.54 -4.04
N ALA H 444 -40.49 3.27 -3.82
CA ALA H 444 -39.15 2.90 -3.43
C ALA H 444 -38.18 3.10 -4.59
N ALA H 445 -38.58 2.67 -5.79
CA ALA H 445 -37.78 2.80 -7.01
C ALA H 445 -37.50 4.26 -7.32
N SER H 446 -38.46 5.11 -7.07
CA SER H 446 -38.26 6.55 -7.27
C SER H 446 -37.27 7.20 -6.29
N ARG H 447 -37.27 6.80 -5.02
CA ARG H 447 -36.49 7.50 -3.97
C ARG H 447 -35.16 6.81 -3.64
N LEU H 448 -34.97 5.58 -4.06
CA LEU H 448 -33.74 4.87 -3.69
C LEU H 448 -32.54 5.52 -4.32
N GLN H 449 -31.52 5.70 -3.49
CA GLN H 449 -30.29 6.35 -3.91
C GLN H 449 -29.30 5.30 -4.32
N TYR H 450 -29.67 4.50 -5.34
CA TYR H 450 -28.83 3.41 -5.85
C TYR H 450 -28.74 3.41 -7.40
N GLY H 451 -27.64 2.91 -7.94
CA GLY H 451 -27.43 2.98 -9.37
C GLY H 451 -28.49 2.16 -10.06
N CYS H 452 -28.96 1.16 -9.33
CA CYS H 452 -29.84 0.15 -9.85
C CYS H 452 -30.80 -0.32 -8.76
N THR H 453 -32.08 -0.42 -9.10
CA THR H 453 -33.08 -0.96 -8.18
C THR H 453 -33.88 -2.01 -8.91
N TRP H 454 -33.83 -3.25 -8.41
CA TRP H 454 -34.73 -4.31 -8.91
C TRP H 454 -36.02 -4.41 -8.11
N ILE H 455 -37.13 -4.73 -8.79
CA ILE H 455 -38.36 -5.00 -8.11
C ILE H 455 -38.74 -6.46 -8.28
N ASN H 456 -38.91 -7.14 -7.13
CA ASN H 456 -39.29 -8.54 -7.07
C ASN H 456 -38.32 -9.49 -7.80
N THR H 457 -37.07 -9.04 -7.88
CA THR H 457 -35.91 -9.89 -8.15
C THR H 457 -34.68 -9.18 -7.63
N HIS H 458 -33.51 -9.73 -7.94
CA HIS H 458 -32.26 -9.10 -7.58
C HIS H 458 -31.18 -9.54 -8.55
N PHE H 459 -30.06 -8.82 -8.63
CA PHE H 459 -28.86 -9.38 -9.22
C PHE H 459 -28.82 -9.40 -10.75
N LEU H 461 -28.46 -8.73 -14.45
CA LEU H 461 -27.77 -7.76 -15.29
C LEU H 461 -28.05 -8.06 -16.74
N THR H 462 -27.80 -7.07 -17.58
CA THR H 462 -28.11 -7.17 -18.98
C THR H 462 -27.31 -6.09 -19.70
N ASN H 463 -26.58 -6.54 -20.71
CA ASN H 463 -25.53 -5.72 -21.31
C ASN H 463 -25.88 -4.37 -21.90
N GLU H 464 -27.15 -4.16 -22.19
CA GLU H 464 -27.68 -2.85 -22.61
C GLU H 464 -27.95 -1.89 -21.46
N PRO H 466 -26.96 -0.10 -17.73
CA PRO H 466 -25.73 0.32 -17.06
C PRO H 466 -25.67 -0.14 -15.63
N HIS H 467 -24.45 -0.28 -15.15
CA HIS H 467 -24.15 -0.75 -13.83
C HIS H 467 -23.17 0.23 -13.26
N GLY H 468 -23.54 0.92 -12.19
CA GLY H 468 -22.62 1.91 -11.62
C GLY H 468 -23.27 2.73 -10.53
N GLY H 469 -22.46 3.25 -9.60
CA GLY H 469 -22.98 3.72 -8.34
C GLY H 469 -23.06 5.21 -8.13
N ILE H 470 -23.36 5.55 -6.91
CA ILE H 470 -23.15 6.86 -6.38
C ILE H 470 -22.53 6.76 -5.02
N LYS H 471 -22.30 7.92 -4.47
CA LYS H 471 -21.64 8.01 -3.22
C LYS H 471 -20.30 7.31 -3.31
N GLN H 472 -19.97 6.49 -2.36
CA GLN H 472 -18.65 5.96 -2.30
C GLN H 472 -18.52 4.70 -3.11
N SER H 473 -19.59 4.30 -3.73
CA SER H 473 -19.52 3.20 -4.72
C SER H 473 -18.82 3.71 -5.99
N GLY H 474 -18.55 5.02 -5.98
CA GLY H 474 -17.79 5.64 -7.04
C GLY H 474 -18.78 6.01 -8.11
N TYR H 475 -18.31 6.13 -9.33
CA TYR H 475 -19.15 6.69 -10.37
C TYR H 475 -18.70 6.11 -11.71
N GLY H 476 -19.54 6.19 -12.71
CA GLY H 476 -19.11 5.67 -13.99
C GLY H 476 -19.74 4.32 -14.19
N LYS H 477 -20.21 4.11 -15.41
CA LYS H 477 -21.06 2.99 -15.69
C LYS H 477 -20.28 1.87 -16.39
N ASP H 478 -20.60 0.64 -16.07
CA ASP H 478 -20.20 -0.51 -16.88
C ASP H 478 -21.39 -1.11 -17.62
N SER H 480 -23.70 -1.10 -21.30
CA SER H 480 -24.56 -0.04 -21.84
C SER H 480 -23.77 1.01 -22.61
N VAL H 481 -24.49 1.75 -23.44
CA VAL H 481 -23.87 2.85 -24.17
C VAL H 481 -23.21 3.80 -23.17
N TYR H 482 -23.64 3.79 -21.92
CA TYR H 482 -23.04 4.72 -20.96
C TYR H 482 -21.57 4.54 -20.68
N ALA H 483 -21.10 3.29 -20.77
CA ALA H 483 -19.73 2.97 -20.44
C ALA H 483 -18.90 3.49 -21.56
N LEU H 484 -19.45 3.41 -22.75
CA LEU H 484 -18.76 3.91 -23.91
C LEU H 484 -18.79 5.44 -23.96
N GLU H 485 -19.81 6.06 -23.39
CA GLU H 485 -19.76 7.52 -23.21
C GLU H 485 -18.66 7.92 -22.21
N ASP H 486 -18.34 7.04 -21.25
CA ASP H 486 -17.29 7.36 -20.27
C ASP H 486 -15.89 7.39 -20.90
N TYR H 487 -15.70 6.60 -21.96
CA TYR H 487 -14.41 6.52 -22.65
C TYR H 487 -14.31 7.40 -23.90
N THR H 488 -15.26 8.30 -24.10
CA THR H 488 -15.14 9.18 -25.23
C THR H 488 -15.25 10.59 -24.71
N ALA H 489 -14.75 11.53 -25.51
CA ALA H 489 -14.79 12.94 -25.20
C ALA H 489 -15.74 13.61 -26.17
N VAL H 490 -16.61 14.45 -25.61
CA VAL H 490 -17.56 15.21 -26.39
C VAL H 490 -16.86 16.45 -26.93
N ARG H 491 -16.93 16.69 -28.23
CA ARG H 491 -16.27 17.85 -28.83
C ARG H 491 -17.25 18.67 -29.64
N HIS H 492 -17.17 19.98 -29.51
CA HIS H 492 -17.98 20.88 -30.30
C HIS H 492 -17.16 21.44 -31.43
N ILE H 493 -17.62 21.26 -32.67
CA ILE H 493 -16.96 21.85 -33.85
C ILE H 493 -17.94 22.87 -34.40
N ILE H 495 -18.31 25.90 -37.38
CA ILE H 495 -17.74 26.42 -38.61
C ILE H 495 -18.40 27.75 -38.97
N ASN H 496 -17.61 28.81 -39.09
CA ASN H 496 -18.12 30.11 -39.47
C ASN H 496 -18.33 30.09 -40.97
N HIS H 497 -19.53 30.44 -41.43
CA HIS H 497 -19.84 30.54 -42.86
C HIS H 497 -19.20 31.74 -43.49
N GLY H 498 -19.09 32.81 -42.70
CA GLY H 498 -18.54 34.10 -43.17
C GLY H 498 -17.05 34.01 -43.35
#